data_6VV5
#
_entry.id   6VV5
#
_cell.length_a   1.00
_cell.length_b   1.00
_cell.length_c   1.00
_cell.angle_alpha   90.00
_cell.angle_beta   90.00
_cell.angle_gamma   90.00
#
_symmetry.space_group_name_H-M   'P 1'
#
loop_
_entity.id
_entity.type
_entity.pdbx_description
1 polymer 'Spike glycoprotein'
2 branched alpha-D-mannopyranose-(1-2)-alpha-D-mannopyranose-(1-3)-[2-acetamido-2-deoxy-beta-D-glucopyranose-(1-2)-[alpha-D-mannopyranose-(1-6)]alpha-D-mannopyranose-(1-6)]beta-D-mannopyranose-(1-4)-2-acetamido-2-deoxy-beta-D-glucopyranose-(1-4)-2-acetamido-2-deoxy-beta-D-glucopyranose
3 branched 2-acetamido-2-deoxy-beta-D-glucopyranose-(1-4)-2-acetamido-2-deoxy-beta-D-glucopyranose
4 branched beta-D-mannopyranose-(1-4)-2-acetamido-2-deoxy-beta-D-glucopyranose-(1-4)-2-acetamido-2-deoxy-beta-D-glucopyranose
5 non-polymer 2-acetamido-2-deoxy-beta-D-glucopyranose
6 non-polymer 'PALMITOLEIC ACID'
#
_entity_poly.entity_id   1
_entity_poly.type   'polypeptide(L)'
_entity_poly.pdbx_seq_one_letter_code
;LPQDVTRCSANTNFRRFFSKFNVQAPAVVVLGGYLPIGENQGVNSTWYCAGQHPTASGVHGIFVSHIRGGHGFEIGISQE
PFDPSGYQLYLHKATNGNTNATARLRICQFPSIKTLGPTANNDVTTGRNCLFNKAIPAHMSEHSVVGITWDNDRVTVFSD
KIYYFYFKNDWSRVATKCYNSGGCAMQYVYEPTYYMLNVTSAGEDGISYQPCTANCIGYAANVFATEPNGHIPEGFSFNN
WFLLSNDSTLVHGKVVSNQPLLVNCLLAIPKIYGLGQFFSFNQTIDGVCNGAAVQRAPEALRFNINDISVILAEGSIVLH
TALGTNFSFVCSNSSNPHLATFAIPLGATQVPYYCFLKVDTYNSTVYKFLAVLPPTVREIVITKYGDVYVNGFGYLHLGL
LDAVTINFTGHGTDDDVSGFWTIASTNFVDALIEVQGTAIQRILYCDDPVSQLKCSQVAFDLDDGFYTISSRNLLSHEQP
ISFVTLPSFNDHSFVNITVSASFGGHSGANLIASDTTINGFSSFCVDTRQFTISLFYNVTNSYGYVSKSQDSNCPFTLQS
VNDYLSFSKFCVSTSLLASACTIDLFGYPEFGSGVKFTSLYFQFTKGELITGTPKPFEGVTDVSFMTLDVCTKYTIYGFK
GEGIITLTNSSFLAGVYYTSDSGQLLAFKNVTSGAVYSVTPCSFSEQAAYVDDDIVGVISSLSSSTFNSTRELPGFFYHS
NDGSNCTEPVLVYSNIGVCKSGSIGYVPSQSGQVKIAPTVTGNISIPTNFSMSIRTEYLQLYNTPVSVDCATYVCNGNSR
CKQLLTQYTAACKTIESALQLSARLESVEVNSMLTISDEALQLATISSFNGDGYNFTNVLGVSVYDPASGRVVQKRSFIE
DLLFNKVVTNGLGTVDEDYKRCSNGRSVADLVCAQYYSGVMVLPGVVDAEKLHMYSASLIGGMVLGGFTSAAALPFSYAV
QARLNYLALQTDVLQRNQQLLAESFNSAIGNITSAFESVKEAISQTSKGLNTVAHALTKVQEVVNSQGAALTQLTVQLQH
NFQAISSSIDDIYSRLDILSADAQVDRLITGRLSALNAFVAQTLTKYTEVQASRKLAQQKVNECVKSQSQRYGFCGGDGE
HIFSLVQAAPQGLLFLHTVLVPSDFVDVIAIAGLCVNDEIALTLREPGLVLFTHELQNHTATEYFVSSRRMFEPRKPTVS
DFVQIESCVVTYVNLTRDQLPDVIPDYIDVNKTLDEILASLPNRTGPSLPLDVFNATYLNLTGEIADLEQRSESLRNTTE
ELQSLIYNINNTLVDLEWLNRVETGSGYIPEAPRDGQAYVRKDGEWVLLSTFLENLYFQGGHHHHHHAWSHPQFEK
;
_entity_poly.pdbx_strand_id   A,B,C
#
loop_
_chem_comp.id
_chem_comp.type
_chem_comp.name
_chem_comp.formula
BMA D-saccharide, beta linking beta-D-mannopyranose 'C6 H12 O6'
MAN D-saccharide, alpha linking alpha-D-mannopyranose 'C6 H12 O6'
NAG D-saccharide, beta linking 2-acetamido-2-deoxy-beta-D-glucopyranose 'C8 H15 N O6'
PAM non-polymer 'PALMITOLEIC ACID' 'C16 H30 O2'
#
# COMPACT_ATOMS: atom_id res chain seq x y z
N ASN A 13 28.87 13.35 -59.11
CA ASN A 13 27.68 12.51 -59.28
C ASN A 13 27.74 11.36 -58.31
N PHE A 14 28.48 10.31 -58.66
CA PHE A 14 28.58 9.20 -57.74
C PHE A 14 29.38 9.60 -56.55
N ARG A 15 30.42 10.41 -56.74
CA ARG A 15 31.18 10.83 -55.57
C ARG A 15 30.33 11.73 -54.69
N ARG A 16 29.46 12.54 -55.28
CA ARG A 16 28.61 13.39 -54.46
C ARG A 16 27.65 12.53 -53.64
N PHE A 17 27.14 11.46 -54.26
CA PHE A 17 26.27 10.51 -53.57
C PHE A 17 26.99 9.75 -52.47
N PHE A 18 28.16 9.21 -52.79
CA PHE A 18 28.82 8.23 -51.89
C PHE A 18 29.42 8.94 -50.68
N SER A 19 29.66 10.25 -50.80
CA SER A 19 30.17 11.03 -49.65
C SER A 19 29.12 11.11 -48.55
N LYS A 20 27.83 11.00 -48.91
CA LYS A 20 26.74 11.17 -47.92
C LYS A 20 26.86 10.13 -46.81
N PHE A 21 27.17 8.87 -47.15
CA PHE A 21 27.42 7.88 -46.08
C PHE A 21 28.87 8.10 -45.69
N ASN A 22 29.11 8.90 -44.66
CA ASN A 22 30.51 9.26 -44.33
C ASN A 22 31.27 7.99 -43.95
N VAL A 23 32.43 7.76 -44.56
CA VAL A 23 33.29 6.62 -44.15
C VAL A 23 34.60 7.29 -43.72
N GLN A 24 35.10 7.01 -42.52
CA GLN A 24 36.28 7.74 -42.00
C GLN A 24 37.53 7.49 -42.88
N ALA A 25 38.57 8.29 -42.63
CA ALA A 25 39.62 8.71 -43.58
C ALA A 25 40.31 7.53 -44.28
N PRO A 26 40.78 6.46 -43.62
CA PRO A 26 41.42 5.37 -44.32
C PRO A 26 40.59 4.10 -44.25
N ALA A 27 39.84 3.77 -45.31
CA ALA A 27 38.96 2.60 -45.24
C ALA A 27 38.61 2.05 -46.60
N VAL A 28 38.27 0.75 -46.67
CA VAL A 28 37.74 0.17 -47.93
C VAL A 28 36.46 -0.53 -47.52
N VAL A 29 35.31 -0.12 -48.08
CA VAL A 29 34.01 -0.70 -47.64
C VAL A 29 33.19 -0.98 -48.90
N VAL A 30 32.39 -2.04 -48.87
CA VAL A 30 31.47 -2.32 -50.00
C VAL A 30 30.09 -1.78 -49.61
N LEU A 31 29.54 -0.86 -50.41
CA LEU A 31 28.19 -0.30 -50.12
C LEU A 31 27.23 -0.79 -51.20
N GLY A 32 26.04 -1.27 -50.82
CA GLY A 32 25.14 -1.83 -51.78
C GLY A 32 23.72 -1.74 -51.34
N GLY A 33 22.86 -2.23 -52.20
CA GLY A 33 21.43 -2.16 -51.97
C GLY A 33 20.79 -1.57 -53.19
N TYR A 34 19.57 -1.07 -53.05
CA TYR A 34 18.84 -0.55 -54.20
C TYR A 34 19.26 0.89 -54.48
N LEU A 35 20.51 1.02 -54.87
CA LEU A 35 21.22 2.26 -55.12
C LEU A 35 21.00 2.69 -56.56
N PRO A 36 21.09 3.99 -56.86
CA PRO A 36 20.94 4.57 -58.18
C PRO A 36 22.15 4.15 -58.98
N ILE A 37 22.01 4.12 -60.29
CA ILE A 37 23.12 3.75 -61.15
C ILE A 37 22.84 4.08 -62.60
N VAL A 59 9.22 -1.38 -56.87
CA VAL A 59 10.46 -0.55 -56.94
C VAL A 59 10.99 -0.36 -55.52
N HIS A 60 11.99 -1.16 -55.14
CA HIS A 60 12.56 -1.10 -53.77
C HIS A 60 13.20 0.27 -53.54
N GLY A 61 13.85 0.82 -54.56
CA GLY A 61 14.48 2.14 -54.43
C GLY A 61 13.92 3.17 -55.40
N ILE A 62 13.62 4.38 -54.93
CA ILE A 62 13.15 5.46 -55.83
C ILE A 62 14.00 6.71 -55.54
N PHE A 63 14.68 7.23 -56.58
CA PHE A 63 15.59 8.39 -56.42
C PHE A 63 15.20 9.46 -57.45
N VAL A 64 15.64 10.72 -57.22
CA VAL A 64 15.31 11.85 -58.06
C VAL A 64 16.47 12.78 -58.35
N SER A 65 16.57 13.17 -59.62
CA SER A 65 17.58 14.10 -60.06
C SER A 65 16.96 15.22 -60.90
N GLY A 72 7.90 22.07 -57.08
CA GLY A 72 7.80 20.99 -56.11
C GLY A 72 8.04 19.61 -56.70
N PHE A 73 8.63 18.75 -55.89
CA PHE A 73 8.92 17.36 -56.23
C PHE A 73 8.48 16.47 -55.08
N GLU A 74 8.04 15.25 -55.36
CA GLU A 74 7.65 14.36 -54.26
C GLU A 74 7.88 12.88 -54.50
N ILE A 75 7.99 12.16 -53.40
CA ILE A 75 8.06 10.70 -53.33
C ILE A 75 6.97 10.11 -52.45
N GLY A 76 6.22 9.13 -52.96
CA GLY A 76 5.20 8.43 -52.17
C GLY A 76 5.37 6.89 -52.24
N ILE A 77 5.54 6.26 -51.07
CA ILE A 77 5.76 4.82 -51.02
C ILE A 77 4.65 4.13 -50.24
N SER A 78 4.06 3.12 -50.85
CA SER A 78 2.95 2.41 -50.22
C SER A 78 2.99 0.89 -50.34
N GLN A 79 2.15 0.25 -49.52
CA GLN A 79 1.97 -1.19 -49.49
C GLN A 79 1.28 -1.67 -50.76
N PRO A 84 -2.54 -0.53 -44.80
CA PRO A 84 -3.22 0.67 -44.35
C PRO A 84 -3.19 0.78 -42.84
N SER A 85 -2.88 -0.32 -42.16
CA SER A 85 -2.79 -0.28 -40.71
C SER A 85 -1.43 0.22 -40.23
N GLY A 86 -0.44 0.08 -41.09
CA GLY A 86 0.91 0.48 -40.75
C GLY A 86 1.25 1.84 -41.33
N TYR A 87 2.52 2.06 -41.53
CA TYR A 87 2.97 3.35 -42.00
C TYR A 87 3.32 3.32 -43.47
N GLN A 88 3.07 4.44 -44.12
CA GLN A 88 3.41 4.64 -45.52
C GLN A 88 4.20 5.94 -45.57
N LEU A 89 5.03 6.09 -46.59
CA LEU A 89 5.92 7.26 -46.62
C LEU A 89 5.63 8.28 -47.67
N TYR A 90 5.70 9.54 -47.26
CA TYR A 90 5.64 10.65 -48.19
C TYR A 90 6.76 11.66 -47.93
N LEU A 91 7.37 12.15 -49.00
CA LEU A 91 8.40 13.19 -48.90
C LEU A 91 8.15 14.30 -49.90
N HIS A 92 8.25 15.56 -49.46
CA HIS A 92 8.08 16.68 -50.41
C HIS A 92 9.10 17.80 -50.24
N LYS A 93 9.64 18.26 -51.37
CA LYS A 93 10.65 19.33 -51.37
C LYS A 93 10.41 20.25 -52.56
N ALA A 94 11.00 21.44 -52.55
CA ALA A 94 10.85 22.31 -53.73
C ALA A 94 12.07 23.17 -53.94
N THR A 95 12.26 23.57 -55.20
CA THR A 95 13.36 24.45 -55.58
C THR A 95 12.82 25.69 -56.28
N THR A 102 15.22 21.81 -48.68
CA THR A 102 14.83 21.06 -47.50
C THR A 102 13.53 20.32 -47.77
N ALA A 103 13.49 19.07 -47.36
CA ALA A 103 12.33 18.24 -47.62
C ALA A 103 11.54 17.95 -46.37
N ARG A 104 10.23 17.83 -46.49
CA ARG A 104 9.47 17.40 -45.33
C ARG A 104 9.26 15.90 -45.45
N LEU A 105 9.72 15.15 -44.47
CA LEU A 105 9.56 13.69 -44.49
C LEU A 105 8.51 13.27 -43.51
N ARG A 106 7.51 12.57 -44.02
CA ARG A 106 6.43 12.09 -43.21
C ARG A 106 6.19 10.61 -43.37
N ILE A 107 6.42 9.87 -42.31
CA ILE A 107 6.17 8.45 -42.32
C ILE A 107 5.01 8.32 -41.37
N CYS A 108 3.83 8.04 -41.91
CA CYS A 108 2.62 8.15 -41.09
C CYS A 108 1.53 7.19 -41.52
N GLN A 109 0.50 7.09 -40.69
CA GLN A 109 -0.64 6.25 -41.01
C GLN A 109 -1.60 7.07 -41.87
N PHE A 110 -1.18 7.30 -43.12
CA PHE A 110 -1.91 8.11 -44.08
C PHE A 110 -3.13 7.38 -44.64
N PRO A 111 -4.27 8.06 -44.83
CA PRO A 111 -5.48 7.54 -45.45
C PRO A 111 -5.28 7.42 -46.94
N SER A 112 -6.05 6.58 -47.59
CA SER A 112 -6.02 6.47 -49.04
C SER A 112 -4.61 6.59 -49.60
N ASN A 129 -0.73 7.78 -35.49
CA ASN A 129 -0.23 9.09 -35.97
C ASN A 129 0.99 8.87 -36.89
N CYS A 130 2.11 9.51 -36.57
CA CYS A 130 3.31 9.39 -37.37
C CYS A 130 4.43 8.67 -36.67
N LEU A 131 5.25 8.00 -37.47
CA LEU A 131 6.44 7.33 -37.00
C LEU A 131 7.52 8.39 -36.99
N PHE A 132 7.46 9.26 -38.01
CA PHE A 132 8.38 10.37 -38.17
C PHE A 132 7.74 11.52 -38.94
N ASN A 133 7.88 12.74 -38.44
CA ASN A 133 7.35 13.89 -39.17
C ASN A 133 8.20 15.13 -38.92
N LYS A 134 9.19 15.36 -39.80
CA LYS A 134 10.16 16.45 -39.62
C LYS A 134 10.78 16.92 -40.93
N ALA A 135 11.40 18.09 -40.90
CA ALA A 135 12.14 18.57 -42.04
C ALA A 135 13.55 17.96 -42.05
N ILE A 136 14.03 17.63 -43.24
CA ILE A 136 15.35 17.10 -43.51
C ILE A 136 16.10 17.92 -44.59
N PRO A 137 17.34 18.39 -44.37
CA PRO A 137 18.12 19.15 -45.34
C PRO A 137 18.15 18.41 -46.67
N ALA A 138 18.07 19.16 -47.75
CA ALA A 138 18.00 18.57 -49.08
C ALA A 138 18.48 19.54 -50.14
N HIS A 139 18.82 19.01 -51.31
CA HIS A 139 19.16 19.85 -52.45
C HIS A 139 18.21 19.56 -53.60
N VAL A 145 22.12 13.29 -55.73
CA VAL A 145 20.70 13.01 -55.82
C VAL A 145 20.06 12.79 -54.46
N VAL A 146 18.73 12.73 -54.48
CA VAL A 146 17.92 12.50 -53.29
C VAL A 146 17.02 11.28 -53.47
N GLY A 147 16.91 10.45 -52.44
CA GLY A 147 16.19 9.17 -52.65
C GLY A 147 15.90 8.39 -51.38
N ILE A 148 14.99 7.43 -51.47
CA ILE A 148 14.67 6.55 -50.31
C ILE A 148 14.84 5.09 -50.73
N THR A 149 15.59 4.29 -49.97
CA THR A 149 15.69 2.84 -50.27
C THR A 149 15.21 2.07 -49.04
N TRP A 150 14.31 1.10 -49.26
CA TRP A 150 13.78 0.30 -48.13
C TRP A 150 13.87 -1.20 -48.44
N ASP A 151 14.50 -1.97 -47.56
CA ASP A 151 14.54 -3.45 -47.72
C ASP A 151 14.38 -4.08 -46.33
N ASN A 152 13.75 -5.26 -46.25
CA ASN A 152 13.50 -5.92 -44.94
C ASN A 152 12.72 -4.97 -44.02
N ASP A 153 13.20 -4.76 -42.80
CA ASP A 153 12.51 -3.88 -41.82
C ASP A 153 13.33 -2.61 -41.55
N ARG A 154 14.06 -2.13 -42.55
CA ARG A 154 14.70 -0.83 -42.53
C ARG A 154 14.48 0.03 -43.77
N VAL A 155 14.22 1.30 -43.49
CA VAL A 155 14.04 2.34 -44.49
C VAL A 155 15.19 3.32 -44.42
N THR A 156 15.82 3.56 -45.55
CA THR A 156 16.94 4.48 -45.56
C THR A 156 16.62 5.69 -46.40
N VAL A 157 16.77 6.86 -45.81
CA VAL A 157 16.49 8.11 -46.50
C VAL A 157 17.80 8.80 -46.83
N PHE A 158 17.97 9.09 -48.11
CA PHE A 158 19.20 9.67 -48.63
C PHE A 158 18.96 11.11 -49.00
N SER A 159 19.23 12.03 -48.10
CA SER A 159 19.00 13.45 -48.33
C SER A 159 20.00 14.13 -47.45
N ASP A 160 21.13 14.50 -48.02
CA ASP A 160 22.27 14.93 -47.22
C ASP A 160 22.55 13.73 -46.31
N LYS A 161 22.65 13.93 -45.00
CA LYS A 161 22.88 12.84 -44.05
C LYS A 161 21.97 11.65 -44.31
N ILE A 162 22.52 10.45 -44.22
CA ILE A 162 21.71 9.27 -44.46
C ILE A 162 20.97 8.92 -43.18
N TYR A 163 19.65 8.82 -43.25
CA TYR A 163 18.85 8.54 -42.07
C TYR A 163 18.36 7.11 -42.08
N TYR A 164 18.44 6.46 -40.93
CA TYR A 164 17.98 5.08 -40.85
C TYR A 164 16.77 4.93 -39.95
N PHE A 165 15.71 4.37 -40.50
CA PHE A 165 14.48 4.16 -39.77
C PHE A 165 14.22 2.68 -39.62
N TYR A 166 14.02 2.24 -38.40
CA TYR A 166 13.78 0.84 -38.15
C TYR A 166 12.33 0.57 -37.84
N PHE A 167 11.68 -0.15 -38.74
CA PHE A 167 10.26 -0.45 -38.63
C PHE A 167 9.86 -1.60 -39.53
N LYS A 168 8.98 -2.46 -39.04
CA LYS A 168 8.49 -3.57 -39.84
C LYS A 168 7.48 -3.13 -40.90
N ASN A 169 8.01 -2.52 -41.96
CA ASN A 169 7.23 -2.00 -43.08
C ASN A 169 6.99 -3.06 -44.12
N ASP A 170 5.95 -2.85 -44.92
CA ASP A 170 5.67 -3.71 -46.05
C ASP A 170 5.30 -2.83 -47.22
N TRP A 171 6.27 -2.67 -48.12
CA TRP A 171 6.16 -1.79 -49.31
C TRP A 171 6.45 -2.59 -50.58
N SER A 172 5.68 -2.37 -51.66
CA SER A 172 5.94 -3.06 -52.95
C SER A 172 6.04 -2.06 -54.11
N ARG A 173 5.32 -0.93 -54.04
CA ARG A 173 5.30 0.01 -55.19
C ARG A 173 5.51 1.45 -54.70
N VAL A 174 6.02 2.33 -55.57
CA VAL A 174 6.31 3.74 -55.18
C VAL A 174 5.77 4.67 -56.28
N ALA A 175 5.23 5.84 -55.90
CA ALA A 175 4.74 6.83 -56.88
C ALA A 175 5.09 8.26 -56.43
N THR A 176 5.23 9.18 -57.37
CA THR A 176 5.62 10.58 -57.04
C THR A 176 4.37 11.48 -56.98
N ALA A 185 14.83 13.71 -63.88
CA ALA A 185 14.78 12.28 -64.15
C ALA A 185 14.56 11.45 -62.89
N MET A 186 13.86 10.34 -63.06
CA MET A 186 13.63 9.43 -61.94
C MET A 186 14.22 8.05 -62.15
N GLN A 187 14.77 7.49 -61.08
CA GLN A 187 15.26 6.13 -61.12
C GLN A 187 14.48 5.25 -60.18
N TYR A 188 13.85 4.25 -60.75
CA TYR A 188 13.05 3.32 -59.98
C TYR A 188 13.87 2.01 -59.98
N VAL A 189 14.33 1.60 -58.79
CA VAL A 189 15.26 0.48 -58.64
C VAL A 189 14.69 -0.77 -57.95
N TYR A 190 14.72 -1.89 -58.66
CA TYR A 190 14.19 -3.16 -58.16
C TYR A 190 15.24 -4.25 -57.92
N GLU A 191 16.50 -3.96 -58.21
CA GLU A 191 17.58 -4.93 -58.10
C GLU A 191 18.78 -4.23 -57.47
N PRO A 192 19.36 -4.78 -56.40
CA PRO A 192 20.46 -4.20 -55.66
C PRO A 192 21.77 -4.32 -56.40
N THR A 193 22.70 -3.43 -56.11
CA THR A 193 24.04 -3.55 -56.65
C THR A 193 25.07 -3.33 -55.57
N TYR A 194 26.34 -3.53 -55.93
CA TYR A 194 27.44 -3.33 -54.98
C TYR A 194 28.63 -2.57 -55.55
N TYR A 195 29.20 -1.70 -54.72
CA TYR A 195 30.39 -0.91 -55.03
C TYR A 195 31.43 -1.01 -53.95
N MET A 196 32.68 -1.01 -54.33
CA MET A 196 33.72 -0.97 -53.35
C MET A 196 34.27 0.43 -53.31
N LEU A 197 34.24 0.98 -52.12
CA LEU A 197 34.67 2.33 -51.93
C LEU A 197 36.00 2.41 -51.29
N ASN A 198 36.84 3.20 -51.91
CA ASN A 198 38.17 3.45 -51.38
C ASN A 198 38.28 4.88 -50.92
N VAL A 199 38.30 5.04 -49.62
CA VAL A 199 38.32 6.33 -49.00
C VAL A 199 39.64 6.51 -48.32
N THR A 200 40.41 7.49 -48.76
CA THR A 200 41.72 7.72 -48.20
C THR A 200 41.80 9.19 -47.91
N SER A 201 40.90 9.87 -48.61
CA SER A 201 40.83 11.33 -48.66
C SER A 201 40.05 12.01 -47.54
N ALA A 202 39.19 11.27 -46.83
CA ALA A 202 38.41 11.86 -45.74
C ALA A 202 37.66 13.12 -46.19
N GLY A 203 37.00 13.04 -47.33
CA GLY A 203 36.24 14.14 -47.90
C GLY A 203 35.40 13.61 -49.04
N GLU A 204 34.81 14.50 -49.83
CA GLU A 204 33.94 14.07 -50.92
C GLU A 204 34.70 13.49 -52.09
N ASP A 205 35.99 13.78 -52.14
CA ASP A 205 36.80 13.30 -53.24
C ASP A 205 37.27 11.88 -52.92
N GLY A 206 36.33 10.93 -52.96
CA GLY A 206 36.62 9.54 -52.64
C GLY A 206 37.51 9.06 -53.76
N ILE A 207 38.35 8.07 -53.51
CA ILE A 207 39.24 7.66 -54.57
C ILE A 207 38.48 6.88 -55.61
N SER A 208 37.65 5.98 -55.14
CA SER A 208 36.89 5.18 -56.07
C SER A 208 35.60 4.64 -55.50
N TYR A 209 34.74 4.25 -56.43
CA TYR A 209 33.51 3.54 -56.23
C TYR A 209 33.55 2.44 -57.30
N GLN A 210 34.45 1.52 -57.09
CA GLN A 210 34.77 0.49 -58.05
C GLN A 210 33.66 -0.52 -58.08
N PRO A 211 33.19 -1.03 -59.22
CA PRO A 211 32.19 -2.06 -59.21
C PRO A 211 32.71 -3.18 -58.34
N CYS A 212 31.87 -3.72 -57.49
CA CYS A 212 32.30 -4.82 -56.63
C CYS A 212 32.17 -6.12 -57.38
N THR A 213 33.25 -6.90 -57.43
CA THR A 213 33.23 -8.14 -58.22
C THR A 213 33.20 -9.46 -57.44
N ALA A 214 33.49 -9.46 -56.14
CA ALA A 214 33.51 -10.73 -55.43
C ALA A 214 33.16 -10.58 -53.97
N ASN A 215 32.41 -11.57 -53.47
CA ASN A 215 32.03 -11.66 -52.06
C ASN A 215 31.41 -10.35 -51.61
N CYS A 216 30.64 -9.73 -52.49
CA CYS A 216 30.15 -8.42 -52.19
C CYS A 216 29.17 -8.38 -51.05
N ILE A 217 28.33 -9.39 -50.95
CA ILE A 217 27.33 -9.39 -49.92
C ILE A 217 27.99 -9.57 -48.58
N GLY A 218 28.89 -10.53 -48.50
CA GLY A 218 29.56 -10.83 -47.26
C GLY A 218 30.44 -9.68 -46.81
N TYR A 219 31.15 -9.07 -47.75
CA TYR A 219 32.05 -8.01 -47.37
C TYR A 219 31.21 -6.88 -46.82
N ALA A 220 30.16 -6.50 -47.56
CA ALA A 220 29.32 -5.38 -47.15
C ALA A 220 28.65 -5.60 -45.79
N ALA A 221 28.23 -6.84 -45.54
CA ALA A 221 27.59 -7.19 -44.29
C ALA A 221 28.53 -7.20 -43.09
N ASN A 222 29.80 -7.54 -43.29
CA ASN A 222 30.70 -7.66 -42.15
C ASN A 222 31.74 -6.56 -41.98
N VAL A 223 32.08 -5.82 -43.03
CA VAL A 223 33.13 -4.82 -42.92
C VAL A 223 32.65 -3.38 -42.90
N PHE A 224 33.08 -2.65 -41.88
CA PHE A 224 32.74 -1.24 -41.74
C PHE A 224 33.95 -0.43 -41.34
N ALA A 225 33.91 0.87 -41.62
CA ALA A 225 34.96 1.78 -41.17
C ALA A 225 34.63 2.23 -39.77
N THR A 226 35.62 2.35 -38.91
CA THR A 226 35.43 2.81 -37.54
C THR A 226 35.35 4.34 -37.45
N GLU A 227 34.45 4.88 -36.60
CA GLU A 227 34.35 6.33 -36.39
C GLU A 227 35.46 6.81 -35.44
N PRO A 228 35.86 8.09 -35.44
CA PRO A 228 36.93 8.65 -34.61
C PRO A 228 36.83 8.38 -33.13
N ASN A 229 35.64 8.24 -32.62
CA ASN A 229 35.43 7.98 -31.22
C ASN A 229 35.29 6.52 -30.86
N GLY A 230 35.53 5.65 -31.83
CA GLY A 230 35.45 4.21 -31.67
C GLY A 230 34.04 3.69 -31.90
N HIS A 231 33.12 4.53 -32.27
CA HIS A 231 31.79 4.02 -32.46
C HIS A 231 31.69 3.23 -33.75
N ILE A 232 30.82 2.23 -33.71
CA ILE A 232 30.45 1.47 -34.88
C ILE A 232 29.45 2.35 -35.59
N PRO A 233 29.61 2.67 -36.86
CA PRO A 233 28.77 3.60 -37.56
C PRO A 233 27.35 3.13 -37.65
N GLU A 234 26.45 4.08 -37.56
CA GLU A 234 25.05 3.79 -37.68
C GLU A 234 24.80 3.22 -39.04
N GLY A 235 23.99 2.18 -39.08
CA GLY A 235 23.63 1.53 -40.33
C GLY A 235 24.30 0.18 -40.45
N PHE A 236 25.32 -0.07 -39.63
CA PHE A 236 25.96 -1.37 -39.66
C PHE A 236 24.94 -2.42 -39.26
N SER A 237 24.95 -3.53 -39.99
CA SER A 237 24.04 -4.63 -39.78
C SER A 237 24.34 -5.56 -38.62
N PHE A 238 25.55 -5.53 -38.07
CA PHE A 238 25.87 -6.44 -36.99
C PHE A 238 25.57 -7.88 -37.38
N ASN A 239 25.91 -8.22 -38.63
CA ASN A 239 25.62 -9.52 -39.19
C ASN A 239 26.02 -10.69 -38.33
N ASN A 240 27.25 -10.71 -37.87
CA ASN A 240 27.70 -11.79 -37.02
C ASN A 240 28.01 -11.31 -35.64
N TRP A 241 27.45 -10.18 -35.22
CA TRP A 241 27.75 -9.68 -33.89
C TRP A 241 26.71 -10.14 -32.91
N PHE A 242 27.15 -10.62 -31.77
CA PHE A 242 26.21 -11.08 -30.78
C PHE A 242 26.37 -10.35 -29.47
N LEU A 243 25.27 -10.30 -28.71
CA LEU A 243 25.39 -9.84 -27.34
C LEU A 243 25.97 -10.98 -26.60
N LEU A 244 26.89 -10.66 -25.71
CA LEU A 244 27.63 -11.71 -24.97
C LEU A 244 26.90 -11.93 -23.65
N SER A 245 26.26 -13.09 -23.49
CA SER A 245 25.50 -13.40 -22.24
C SER A 245 25.95 -14.75 -21.71
N ASN A 246 26.35 -14.80 -20.44
CA ASN A 246 26.82 -16.06 -19.82
C ASN A 246 25.66 -17.04 -19.76
N ASP A 247 24.46 -16.54 -19.50
CA ASP A 247 23.27 -17.42 -19.37
C ASP A 247 22.06 -16.77 -20.04
N SER A 248 21.18 -17.57 -20.65
CA SER A 248 19.92 -17.06 -21.25
C SER A 248 20.19 -16.40 -22.60
N THR A 249 19.14 -15.93 -23.27
CA THR A 249 19.32 -15.14 -24.51
C THR A 249 18.19 -14.11 -24.54
N LEU A 250 18.46 -12.82 -24.79
CA LEU A 250 17.34 -11.85 -24.90
C LEU A 250 16.80 -11.98 -26.32
N VAL A 251 15.62 -12.58 -26.45
CA VAL A 251 15.06 -12.80 -27.78
C VAL A 251 14.53 -11.51 -28.34
N HIS A 252 13.82 -10.76 -27.50
CA HIS A 252 13.27 -9.52 -27.95
C HIS A 252 13.18 -8.50 -26.84
N GLY A 253 13.51 -7.26 -27.17
CA GLY A 253 13.39 -6.16 -26.24
C GLY A 253 14.56 -5.21 -26.30
N LYS A 254 14.55 -4.19 -25.46
CA LYS A 254 15.62 -3.20 -25.44
C LYS A 254 16.37 -3.35 -24.15
N VAL A 255 17.68 -3.44 -24.26
CA VAL A 255 18.50 -3.61 -23.08
C VAL A 255 19.63 -2.62 -22.98
N VAL A 256 19.92 -2.16 -21.77
CA VAL A 256 21.08 -1.33 -21.60
C VAL A 256 22.08 -2.24 -20.93
N SER A 257 23.24 -2.40 -21.53
CA SER A 257 24.21 -3.33 -20.99
C SER A 257 25.62 -2.95 -21.30
N ASN A 258 26.56 -3.54 -20.57
CA ASN A 258 27.97 -3.31 -20.77
C ASN A 258 28.55 -4.40 -21.66
N GLN A 259 28.88 -4.02 -22.89
CA GLN A 259 29.33 -4.96 -23.92
C GLN A 259 30.57 -4.45 -24.63
N PRO A 260 31.45 -5.34 -25.17
CA PRO A 260 32.66 -5.01 -25.89
C PRO A 260 32.39 -4.56 -27.32
N LEU A 261 31.66 -3.45 -27.41
CA LEU A 261 31.19 -2.80 -28.63
C LEU A 261 31.94 -1.56 -29.08
N LEU A 262 32.90 -1.06 -28.33
CA LEU A 262 33.59 0.15 -28.75
C LEU A 262 34.81 -0.28 -29.51
N VAL A 263 34.96 0.15 -30.75
CA VAL A 263 36.04 -0.35 -31.57
C VAL A 263 37.27 0.52 -31.58
N ASN A 264 38.40 -0.09 -31.20
CA ASN A 264 39.72 0.59 -31.23
C ASN A 264 40.31 0.40 -32.62
N CYS A 265 40.10 -0.78 -33.19
CA CYS A 265 40.68 -1.15 -34.48
C CYS A 265 40.01 -2.33 -35.12
N LEU A 266 39.63 -2.18 -36.36
CA LEU A 266 39.05 -3.27 -37.10
C LEU A 266 39.92 -3.66 -38.26
N LEU A 267 40.33 -4.92 -38.29
CA LEU A 267 41.15 -5.42 -39.37
C LEU A 267 40.27 -6.20 -40.34
N ALA A 268 40.04 -5.63 -41.51
CA ALA A 268 39.15 -6.27 -42.48
C ALA A 268 39.92 -7.25 -43.31
N ILE A 269 39.29 -8.37 -43.61
CA ILE A 269 39.85 -9.44 -44.43
C ILE A 269 41.32 -9.58 -44.05
N PRO A 270 41.63 -9.99 -42.82
CA PRO A 270 42.97 -10.06 -42.31
C PRO A 270 43.74 -11.19 -42.93
N LYS A 271 45.04 -11.01 -42.99
CA LYS A 271 45.95 -12.06 -43.41
C LYS A 271 46.94 -12.15 -42.28
N ILE A 272 47.01 -13.30 -41.65
CA ILE A 272 47.83 -13.45 -40.47
C ILE A 272 49.16 -14.15 -40.71
N TYR A 273 49.13 -15.30 -41.37
CA TYR A 273 50.35 -16.05 -41.62
C TYR A 273 51.29 -16.04 -40.41
N GLN A 277 50.03 -13.86 -35.98
CA GLN A 277 50.00 -12.60 -35.25
C GLN A 277 49.66 -12.76 -33.80
N PHE A 278 50.46 -12.08 -32.99
CA PHE A 278 50.28 -12.07 -31.56
C PHE A 278 49.45 -10.86 -31.18
N PHE A 279 48.30 -11.10 -30.58
CA PHE A 279 47.41 -10.03 -30.17
C PHE A 279 47.46 -9.87 -28.67
N SER A 280 48.12 -8.83 -28.22
CA SER A 280 48.32 -8.58 -26.80
C SER A 280 47.17 -7.82 -26.19
N PHE A 281 46.89 -8.03 -24.91
CA PHE A 281 45.87 -7.24 -24.24
C PHE A 281 46.50 -6.10 -23.45
N ASN A 282 47.81 -5.94 -23.59
CA ASN A 282 48.52 -4.87 -22.91
C ASN A 282 48.90 -3.75 -23.88
N GLN A 283 48.99 -4.06 -25.17
CA GLN A 283 49.37 -3.10 -26.20
C GLN A 283 48.24 -2.97 -27.22
N THR A 284 48.43 -2.11 -28.22
CA THR A 284 47.45 -1.99 -29.28
C THR A 284 47.65 -3.16 -30.22
N ILE A 285 46.70 -3.42 -31.12
CA ILE A 285 46.92 -4.53 -32.05
C ILE A 285 47.56 -4.02 -33.31
N ASP A 286 48.57 -4.73 -33.77
CA ASP A 286 49.24 -4.37 -35.00
C ASP A 286 48.34 -4.64 -36.18
N GLY A 287 48.51 -3.87 -37.24
CA GLY A 287 47.76 -4.12 -38.46
C GLY A 287 47.22 -2.83 -39.01
N VAL A 288 46.55 -2.92 -40.14
CA VAL A 288 46.00 -1.73 -40.74
C VAL A 288 44.53 -1.69 -40.45
N CYS A 289 44.14 -0.70 -39.67
CA CYS A 289 42.77 -0.56 -39.21
C CYS A 289 41.94 0.03 -40.31
N ASN A 290 40.69 -0.39 -40.41
CA ASN A 290 39.80 0.12 -41.41
C ASN A 290 39.06 1.33 -40.84
N GLY A 291 39.43 2.50 -41.31
CA GLY A 291 38.93 3.78 -40.84
C GLY A 291 39.71 4.31 -39.67
N ALA A 292 39.00 4.84 -38.69
CA ALA A 292 39.65 5.44 -37.55
C ALA A 292 40.27 4.38 -36.68
N ALA A 293 41.22 4.78 -35.87
CA ALA A 293 41.79 3.86 -34.93
C ALA A 293 42.08 4.59 -33.66
N VAL A 294 41.98 3.87 -32.58
CA VAL A 294 42.22 4.40 -31.25
C VAL A 294 43.41 3.70 -30.63
N GLN A 295 44.33 4.45 -30.07
CA GLN A 295 45.51 3.83 -29.50
C GLN A 295 45.30 3.32 -28.09
N ARG A 296 44.55 2.23 -28.02
CA ARG A 296 44.22 1.56 -26.76
C ARG A 296 44.39 0.06 -26.88
N ALA A 297 44.77 -0.57 -25.79
CA ALA A 297 44.83 -2.01 -25.75
C ALA A 297 43.39 -2.51 -25.73
N PRO A 298 43.07 -3.69 -26.31
CA PRO A 298 41.79 -4.33 -26.27
C PRO A 298 41.45 -4.87 -24.91
N GLU A 299 40.17 -4.92 -24.63
CA GLU A 299 39.66 -5.58 -23.46
C GLU A 299 39.13 -6.89 -23.96
N ALA A 300 38.81 -6.88 -25.26
CA ALA A 300 38.32 -8.07 -25.92
C ALA A 300 38.70 -8.09 -27.39
N LEU A 301 38.86 -9.30 -27.91
CA LEU A 301 39.10 -9.51 -29.31
C LEU A 301 37.93 -10.24 -29.91
N ARG A 302 37.29 -9.59 -30.86
CA ARG A 302 36.11 -10.13 -31.50
C ARG A 302 36.45 -10.68 -32.87
N PHE A 303 36.22 -11.96 -33.07
CA PHE A 303 36.53 -12.64 -34.31
C PHE A 303 35.29 -13.02 -35.10
N ASN A 304 35.11 -12.39 -36.25
CA ASN A 304 33.97 -12.59 -37.14
C ASN A 304 34.37 -13.57 -38.23
N ILE A 305 33.87 -14.80 -38.14
CA ILE A 305 34.29 -15.93 -38.98
C ILE A 305 33.66 -16.04 -40.35
N ASN A 306 34.51 -16.25 -41.36
CA ASN A 306 34.06 -16.45 -42.73
C ASN A 306 34.02 -17.93 -43.06
N ASP A 307 35.11 -18.63 -42.73
CA ASP A 307 35.21 -20.05 -42.99
C ASP A 307 36.02 -20.72 -41.91
N ILE A 308 35.33 -21.37 -40.99
CA ILE A 308 35.99 -21.97 -39.83
C ILE A 308 37.00 -23.06 -40.17
N SER A 309 36.93 -23.65 -41.37
CA SER A 309 37.84 -24.73 -41.70
C SER A 309 39.28 -24.25 -41.80
N VAL A 310 39.45 -22.94 -41.92
CA VAL A 310 40.76 -22.34 -41.99
C VAL A 310 41.51 -22.53 -40.68
N ILE A 311 40.79 -22.43 -39.57
CA ILE A 311 41.36 -22.55 -38.26
C ILE A 311 41.39 -24.03 -37.85
N LEU A 312 40.33 -24.77 -38.20
CA LEU A 312 40.28 -26.18 -37.81
C LEU A 312 41.40 -26.94 -38.50
N ALA A 313 41.68 -26.59 -39.76
CA ALA A 313 42.73 -27.23 -40.52
C ALA A 313 44.07 -27.00 -39.86
N SER A 316 44.96 -22.19 -35.78
CA SER A 316 45.36 -22.35 -34.40
C SER A 316 45.14 -21.10 -33.57
N ILE A 317 44.42 -21.27 -32.47
CA ILE A 317 44.18 -20.20 -31.52
C ILE A 317 44.73 -20.55 -30.15
N VAL A 318 45.63 -19.71 -29.64
CA VAL A 318 46.22 -19.98 -28.34
C VAL A 318 45.97 -18.86 -27.35
N LEU A 319 45.45 -19.21 -26.20
CA LEU A 319 45.21 -18.22 -25.17
C LEU A 319 46.36 -18.31 -24.18
N HIS A 320 47.07 -17.17 -24.03
CA HIS A 320 48.29 -17.13 -23.19
C HIS A 320 47.95 -16.52 -21.82
N THR A 321 47.89 -17.35 -20.79
CA THR A 321 47.49 -16.86 -19.48
C THR A 321 48.58 -16.14 -18.76
N ALA A 322 48.15 -15.39 -17.76
CA ALA A 322 48.98 -14.58 -16.88
C ALA A 322 50.00 -15.39 -16.11
N LEU A 323 49.68 -16.62 -15.77
CA LEU A 323 50.61 -17.43 -15.00
C LEU A 323 51.49 -18.30 -15.88
N GLY A 324 51.41 -18.15 -17.20
CA GLY A 324 52.24 -18.94 -18.10
C GLY A 324 51.66 -20.23 -18.69
N THR A 325 50.36 -20.49 -18.56
CA THR A 325 49.81 -21.70 -19.16
C THR A 325 49.25 -21.36 -20.54
N ASN A 326 49.58 -22.17 -21.53
CA ASN A 326 49.15 -21.98 -22.91
C ASN A 326 47.96 -22.87 -23.27
N PHE A 327 46.84 -22.25 -23.53
CA PHE A 327 45.63 -22.98 -23.86
C PHE A 327 45.37 -22.99 -25.35
N SER A 328 45.47 -24.16 -25.98
CA SER A 328 45.34 -24.25 -27.43
C SER A 328 44.12 -25.00 -27.89
N PHE A 329 43.37 -24.42 -28.81
CA PHE A 329 42.19 -25.12 -29.28
C PHE A 329 42.50 -26.08 -30.42
N VAL A 330 42.25 -27.36 -30.16
CA VAL A 330 42.55 -28.40 -31.10
C VAL A 330 41.31 -29.10 -31.57
N CYS A 331 41.02 -29.01 -32.85
CA CYS A 331 39.82 -29.64 -33.34
C CYS A 331 40.14 -30.67 -34.40
N SER A 332 39.43 -31.78 -34.37
CA SER A 332 39.68 -32.80 -35.36
C SER A 332 38.48 -33.63 -35.78
N ASN A 333 38.47 -33.94 -37.07
CA ASN A 333 37.47 -34.76 -37.73
C ASN A 333 38.05 -36.10 -38.14
N SER A 334 37.64 -37.14 -37.44
CA SER A 334 38.07 -38.51 -37.69
C SER A 334 39.57 -38.74 -37.69
N SER A 335 40.28 -38.11 -36.77
CA SER A 335 41.72 -38.30 -36.62
C SER A 335 42.13 -37.98 -35.20
N ASN A 336 42.55 -39.00 -34.44
CA ASN A 336 42.86 -38.74 -33.04
C ASN A 336 44.11 -39.43 -32.48
N PRO A 337 45.31 -39.30 -33.09
CA PRO A 337 46.54 -39.98 -32.66
C PRO A 337 46.90 -39.80 -31.19
N HIS A 338 46.60 -38.63 -30.66
CA HIS A 338 46.89 -38.27 -29.28
C HIS A 338 45.66 -37.87 -28.50
N LEU A 339 44.49 -37.95 -29.13
CA LEU A 339 43.27 -37.50 -28.50
C LEU A 339 42.43 -38.67 -28.01
N ALA A 340 42.47 -39.78 -28.75
CA ALA A 340 41.68 -40.92 -28.38
C ALA A 340 42.25 -41.51 -27.10
N THR A 341 41.38 -41.94 -26.20
CA THR A 341 41.84 -42.57 -24.99
C THR A 341 43.06 -41.86 -24.42
N PRO A 352 32.29 -34.64 -38.64
CA PRO A 352 32.09 -33.94 -37.39
C PRO A 352 33.40 -33.64 -36.71
N TYR A 353 33.55 -32.41 -36.26
CA TYR A 353 34.75 -32.04 -35.53
C TYR A 353 34.51 -32.05 -34.06
N TYR A 354 35.50 -32.51 -33.32
CA TYR A 354 35.47 -32.52 -31.88
C TYR A 354 36.57 -31.63 -31.40
N CYS A 355 36.27 -30.74 -30.47
CA CYS A 355 37.29 -29.83 -30.00
C CYS A 355 37.72 -30.07 -28.58
N PHE A 356 39.03 -30.11 -28.44
CA PHE A 356 39.74 -30.35 -27.20
C PHE A 356 40.56 -29.14 -26.84
N LEU A 357 40.70 -28.89 -25.56
CA LEU A 357 41.50 -27.80 -25.14
C LEU A 357 42.82 -28.31 -24.65
N LYS A 358 43.90 -27.97 -25.34
CA LYS A 358 45.17 -28.46 -24.93
C LYS A 358 45.66 -27.56 -23.85
N VAL A 359 45.91 -28.12 -22.71
CA VAL A 359 46.37 -27.29 -21.63
C VAL A 359 47.84 -27.59 -21.49
N ASP A 360 48.66 -26.64 -21.96
CA ASP A 360 50.12 -26.83 -22.09
C ASP A 360 50.82 -25.96 -21.03
N THR A 361 51.36 -26.60 -20.00
CA THR A 361 52.10 -25.89 -18.96
C THR A 361 53.54 -26.33 -19.03
N TYR A 362 54.40 -25.74 -18.25
CA TYR A 362 55.81 -26.05 -18.45
C TYR A 362 56.19 -27.49 -18.14
N ASN A 363 55.49 -28.14 -17.23
CA ASN A 363 55.81 -29.52 -16.92
C ASN A 363 54.71 -30.52 -17.31
N SER A 364 53.76 -30.12 -18.17
CA SER A 364 52.67 -31.06 -18.53
C SER A 364 51.77 -30.66 -19.71
N THR A 365 51.40 -31.62 -20.55
CA THR A 365 50.43 -31.33 -21.60
C THR A 365 49.30 -32.32 -21.59
N VAL A 366 48.06 -31.83 -21.46
CA VAL A 366 46.90 -32.71 -21.46
C VAL A 366 45.82 -32.22 -22.41
N TYR A 367 44.92 -33.10 -22.83
CA TYR A 367 43.81 -32.65 -23.65
C TYR A 367 42.48 -32.83 -22.98
N LYS A 368 41.79 -31.73 -22.75
CA LYS A 368 40.49 -31.80 -22.12
C LYS A 368 39.42 -31.70 -23.19
N PHE A 369 38.46 -32.60 -23.20
CA PHE A 369 37.43 -32.46 -24.22
C PHE A 369 36.49 -31.35 -23.84
N LEU A 370 36.21 -30.44 -24.78
CA LEU A 370 35.27 -29.38 -24.46
C LEU A 370 33.91 -29.56 -25.08
N ALA A 371 33.88 -29.76 -26.39
CA ALA A 371 32.60 -29.81 -27.08
C ALA A 371 32.67 -30.41 -28.45
N VAL A 372 31.52 -30.87 -28.91
CA VAL A 372 31.43 -31.23 -30.31
C VAL A 372 31.26 -29.87 -30.99
N LEU A 373 32.01 -29.59 -32.04
CA LEU A 373 31.93 -28.29 -32.68
C LEU A 373 30.53 -28.03 -33.25
N PRO A 374 29.84 -26.92 -32.94
CA PRO A 374 28.54 -26.59 -33.50
C PRO A 374 28.72 -26.52 -35.00
N PRO A 375 27.76 -26.96 -35.82
CA PRO A 375 27.83 -26.93 -37.27
C PRO A 375 28.21 -25.58 -37.82
N THR A 376 27.70 -24.52 -37.19
CA THR A 376 28.03 -23.19 -37.63
C THR A 376 28.49 -22.31 -36.48
N VAL A 377 29.63 -21.72 -36.68
CA VAL A 377 30.17 -20.79 -35.71
C VAL A 377 30.37 -19.49 -36.44
N ARG A 378 29.76 -18.43 -35.95
CA ARG A 378 29.87 -17.15 -36.60
C ARG A 378 30.78 -16.22 -35.84
N GLU A 379 30.75 -16.32 -34.53
CA GLU A 379 31.56 -15.39 -33.76
C GLU A 379 32.22 -15.95 -32.54
N ILE A 380 33.49 -15.61 -32.37
CA ILE A 380 34.20 -15.95 -31.17
C ILE A 380 34.72 -14.71 -30.47
N VAL A 381 34.41 -14.54 -29.20
CA VAL A 381 34.94 -13.39 -28.48
C VAL A 381 35.79 -13.82 -27.33
N ILE A 382 37.01 -13.34 -27.34
CA ILE A 382 37.95 -13.68 -26.28
C ILE A 382 38.23 -12.44 -25.47
N THR A 383 37.96 -12.47 -24.17
CA THR A 383 38.19 -11.27 -23.39
C THR A 383 39.51 -11.38 -22.66
N LYS A 384 39.96 -10.24 -22.14
CA LYS A 384 41.16 -10.10 -21.27
C LYS A 384 41.01 -10.93 -20.00
N TYR A 385 39.78 -11.08 -19.51
CA TYR A 385 39.54 -11.81 -18.23
C TYR A 385 39.41 -13.30 -18.54
N GLY A 386 39.50 -13.67 -19.82
CA GLY A 386 39.51 -15.10 -20.19
C GLY A 386 38.20 -15.65 -20.72
N ASP A 387 37.10 -14.92 -20.61
CA ASP A 387 35.81 -15.52 -21.03
C ASP A 387 35.86 -15.73 -22.54
N VAL A 388 35.48 -16.92 -23.02
CA VAL A 388 35.45 -17.20 -24.48
C VAL A 388 34.00 -17.46 -24.86
N TYR A 389 33.45 -16.67 -25.78
CA TYR A 389 32.03 -16.80 -26.15
C TYR A 389 31.95 -17.23 -27.61
N VAL A 390 31.27 -18.34 -27.89
CA VAL A 390 31.06 -18.76 -29.30
C VAL A 390 29.56 -18.62 -29.56
N ASN A 391 29.14 -17.68 -30.41
CA ASN A 391 27.71 -17.42 -30.71
C ASN A 391 27.00 -16.87 -29.48
N GLY A 392 27.72 -16.18 -28.60
CA GLY A 392 27.15 -15.40 -27.49
C GLY A 392 26.80 -16.19 -26.24
N PHE A 393 27.42 -17.35 -25.99
CA PHE A 393 27.00 -18.17 -24.83
C PHE A 393 28.03 -18.27 -23.70
N GLY A 394 29.18 -17.60 -23.77
CA GLY A 394 30.11 -17.65 -22.63
C GLY A 394 30.47 -19.07 -22.24
N TYR A 395 30.88 -19.89 -23.19
CA TYR A 395 31.10 -21.32 -22.91
C TYR A 395 32.24 -21.60 -21.93
N LEU A 396 33.39 -20.97 -22.11
CA LEU A 396 34.56 -21.32 -21.26
C LEU A 396 35.12 -20.08 -20.57
N HIS A 397 35.36 -20.16 -19.26
CA HIS A 397 35.98 -19.04 -18.54
C HIS A 397 37.34 -19.52 -18.02
N LEU A 398 38.43 -18.87 -18.40
CA LEU A 398 39.79 -19.30 -17.99
C LEU A 398 40.35 -18.25 -17.02
N GLY A 399 41.66 -18.24 -16.75
CA GLY A 399 42.18 -17.19 -15.90
C GLY A 399 42.53 -15.99 -16.77
N LEU A 400 43.14 -14.98 -16.20
CA LEU A 400 43.41 -13.76 -16.95
C LEU A 400 44.37 -14.02 -18.08
N LEU A 401 44.15 -13.35 -19.21
CA LEU A 401 45.01 -13.54 -20.37
C LEU A 401 45.91 -12.35 -20.63
N ASP A 402 47.11 -12.64 -21.13
CA ASP A 402 47.99 -11.58 -21.56
C ASP A 402 47.87 -11.38 -23.03
N ALA A 403 47.61 -12.48 -23.74
CA ALA A 403 47.58 -12.42 -25.20
C ALA A 403 46.88 -13.58 -25.84
N VAL A 404 46.51 -13.40 -27.09
CA VAL A 404 45.98 -14.45 -27.94
C VAL A 404 46.83 -14.60 -29.20
N THR A 405 47.27 -15.81 -29.51
CA THR A 405 48.03 -16.00 -30.74
C THR A 405 47.17 -16.62 -31.80
N ILE A 406 47.16 -16.01 -32.97
CA ILE A 406 46.40 -16.53 -34.10
C ILE A 406 47.35 -17.01 -35.17
N ASN A 407 47.16 -18.24 -35.64
CA ASN A 407 48.04 -18.74 -36.69
C ASN A 407 47.36 -19.66 -37.72
N PHE A 408 47.26 -19.14 -38.93
CA PHE A 408 46.68 -19.84 -40.06
C PHE A 408 47.28 -19.24 -41.30
N THR A 409 47.17 -19.92 -42.43
CA THR A 409 47.65 -19.38 -43.69
C THR A 409 47.21 -17.92 -43.86
N GLY A 419 40.38 -16.43 -43.17
CA GLY A 419 39.37 -17.27 -42.57
C GLY A 419 38.36 -16.43 -41.83
N PHE A 420 38.76 -15.20 -41.55
CA PHE A 420 37.90 -14.27 -40.83
C PHE A 420 37.46 -13.15 -41.73
N TRP A 421 36.28 -12.61 -41.47
CA TRP A 421 35.85 -11.42 -42.17
C TRP A 421 36.55 -10.26 -41.55
N THR A 422 36.51 -10.25 -40.21
CA THR A 422 37.13 -9.18 -39.46
C THR A 422 37.70 -9.69 -38.15
N ILE A 423 38.71 -8.98 -37.67
CA ILE A 423 39.20 -9.14 -36.32
C ILE A 423 39.15 -7.79 -35.69
N ALA A 424 38.53 -7.64 -34.54
CA ALA A 424 38.51 -6.30 -33.99
C ALA A 424 38.88 -6.24 -32.54
N SER A 425 39.58 -5.18 -32.24
CA SER A 425 39.97 -4.82 -30.90
C SER A 425 38.94 -3.91 -30.33
N THR A 426 38.27 -4.35 -29.27
CA THR A 426 37.21 -3.53 -28.70
C THR A 426 37.34 -3.37 -27.20
N ASN A 427 36.55 -2.44 -26.67
CA ASN A 427 36.47 -2.12 -25.25
C ASN A 427 35.03 -2.17 -24.76
N PHE A 428 34.86 -2.38 -23.47
CA PHE A 428 33.54 -2.49 -22.88
C PHE A 428 32.91 -1.17 -22.54
N VAL A 429 31.75 -0.94 -23.11
CA VAL A 429 31.01 0.29 -22.88
C VAL A 429 29.55 0.05 -22.64
N ASP A 430 28.91 0.97 -21.91
CA ASP A 430 27.48 0.84 -21.76
C ASP A 430 26.84 1.25 -23.05
N ALA A 431 25.85 0.49 -23.47
CA ALA A 431 25.14 0.82 -24.68
C ALA A 431 23.71 0.32 -24.62
N LEU A 432 22.87 0.97 -25.39
CA LEU A 432 21.47 0.58 -25.52
C LEU A 432 21.34 -0.20 -26.81
N ILE A 433 20.92 -1.45 -26.69
CA ILE A 433 20.83 -2.35 -27.83
C ILE A 433 19.43 -2.86 -28.06
N GLU A 434 18.93 -2.77 -29.30
CA GLU A 434 17.62 -3.32 -29.55
C GLU A 434 17.84 -4.71 -30.07
N VAL A 435 17.12 -5.66 -29.51
CA VAL A 435 17.27 -7.03 -29.91
C VAL A 435 16.01 -7.60 -30.51
N GLN A 436 16.16 -8.21 -31.67
CA GLN A 436 15.03 -8.82 -32.35
C GLN A 436 15.34 -10.20 -32.87
N GLY A 437 14.75 -11.23 -32.26
CA GLY A 437 15.00 -12.59 -32.73
C GLY A 437 16.40 -12.96 -32.38
N THR A 438 16.89 -12.38 -31.28
CA THR A 438 18.24 -12.47 -30.74
C THR A 438 19.28 -11.65 -31.53
N ALA A 439 18.89 -11.09 -32.68
CA ALA A 439 19.82 -10.30 -33.49
C ALA A 439 19.96 -8.89 -32.95
N ILE A 440 21.12 -8.30 -33.18
CA ILE A 440 21.40 -6.92 -32.83
C ILE A 440 21.06 -5.90 -33.90
N GLN A 441 20.42 -4.82 -33.47
CA GLN A 441 20.15 -3.69 -34.33
C GLN A 441 20.17 -2.40 -33.51
N ARG A 442 20.38 -1.28 -34.18
CA ARG A 442 20.25 0.03 -33.52
C ARG A 442 21.07 0.24 -32.26
N ILE A 443 22.37 0.04 -32.28
CA ILE A 443 23.08 0.33 -31.05
C ILE A 443 23.40 1.79 -30.84
N LEU A 444 23.02 2.28 -29.66
CA LEU A 444 23.28 3.64 -29.21
C LEU A 444 24.31 3.58 -28.09
N TYR A 445 25.37 4.39 -28.18
CA TYR A 445 26.40 4.37 -27.15
C TYR A 445 26.08 5.38 -26.09
N CYS A 446 26.26 5.04 -24.83
CA CYS A 446 25.89 5.96 -23.76
C CYS A 446 27.05 6.88 -23.38
N ASP A 447 27.59 7.62 -24.35
CA ASP A 447 28.70 8.53 -24.06
C ASP A 447 28.30 10.00 -23.97
N ASP A 448 27.60 10.48 -24.98
CA ASP A 448 27.15 11.87 -25.06
C ASP A 448 26.08 12.12 -24.00
N PRO A 449 26.02 13.25 -23.29
CA PRO A 449 24.97 13.56 -22.34
C PRO A 449 23.54 13.36 -22.88
N VAL A 450 23.32 13.57 -24.19
CA VAL A 450 21.99 13.36 -24.72
C VAL A 450 21.72 11.88 -24.72
N SER A 451 22.73 11.11 -25.15
CA SER A 451 22.65 9.68 -25.18
C SER A 451 22.55 9.13 -23.78
N GLN A 452 23.24 9.73 -22.81
CA GLN A 452 23.18 9.18 -21.47
C GLN A 452 21.76 9.26 -20.97
N LEU A 453 21.05 10.35 -21.31
CA LEU A 453 19.65 10.42 -20.93
C LEU A 453 18.85 9.33 -21.64
N LYS A 454 19.06 9.15 -22.94
CA LYS A 454 18.33 8.12 -23.66
C LYS A 454 18.58 6.73 -23.06
N CYS A 455 19.78 6.51 -22.55
CA CYS A 455 20.06 5.17 -22.00
C CYS A 455 19.27 4.99 -20.72
N SER A 456 19.08 6.07 -19.94
CA SER A 456 18.44 5.99 -18.61
C SER A 456 16.94 5.75 -18.77
N GLN A 457 16.35 6.31 -19.83
CA GLN A 457 14.91 6.13 -20.08
C GLN A 457 14.72 4.87 -20.95
N VAL A 458 15.81 4.20 -21.30
CA VAL A 458 15.78 2.95 -22.11
C VAL A 458 15.03 3.18 -23.42
N ALA A 459 15.23 4.34 -24.05
CA ALA A 459 14.47 4.65 -25.28
C ALA A 459 15.37 5.33 -26.29
N PHE A 460 15.31 4.90 -27.55
CA PHE A 460 16.08 5.59 -28.61
C PHE A 460 15.48 6.97 -28.83
N ASP A 461 14.15 7.08 -28.76
CA ASP A 461 13.48 8.39 -28.94
C ASP A 461 12.70 8.77 -27.68
N LEU A 462 12.94 9.97 -27.15
CA LEU A 462 12.26 10.43 -25.90
C LEU A 462 11.40 11.66 -26.23
N ASP A 463 10.15 11.73 -25.76
CA ASP A 463 9.26 12.79 -26.15
C ASP A 463 9.65 14.09 -25.46
N ASP A 464 8.95 15.15 -25.76
CA ASP A 464 9.21 16.43 -25.13
C ASP A 464 8.93 16.39 -23.64
N GLY A 465 9.80 16.95 -22.83
CA GLY A 465 9.53 16.95 -21.40
C GLY A 465 10.75 17.26 -20.55
N PHE A 466 10.55 17.27 -19.25
CA PHE A 466 11.66 17.51 -18.37
C PHE A 466 12.13 16.15 -17.89
N TYR A 467 13.42 15.97 -17.88
CA TYR A 467 14.01 14.71 -17.44
C TYR A 467 15.05 14.91 -16.37
N THR A 468 15.18 13.95 -15.50
CA THR A 468 16.18 14.09 -14.47
C THR A 468 17.54 13.60 -14.94
N ILE A 469 18.55 14.44 -14.77
CA ILE A 469 19.92 14.11 -15.09
C ILE A 469 20.77 14.51 -13.90
N SER A 470 21.99 14.02 -13.80
CA SER A 470 22.85 14.56 -12.76
C SER A 470 23.86 15.47 -13.39
N SER A 471 24.41 16.39 -12.61
CA SER A 471 25.47 17.26 -13.08
C SER A 471 26.74 16.47 -13.13
N ARG A 472 27.75 17.01 -13.80
CA ARG A 472 29.04 16.36 -13.81
C ARG A 472 29.78 16.81 -12.57
N GLU A 478 41.46 11.04 -10.51
CA GLU A 478 42.57 11.66 -9.78
C GLU A 478 42.06 12.65 -8.76
N GLN A 479 41.44 12.15 -7.70
CA GLN A 479 40.93 13.04 -6.67
C GLN A 479 42.01 13.26 -5.64
N PRO A 480 42.10 14.43 -5.00
CA PRO A 480 42.92 14.69 -3.84
C PRO A 480 42.43 13.81 -2.74
N ILE A 481 43.29 13.40 -1.85
CA ILE A 481 42.85 12.56 -0.75
C ILE A 481 42.88 13.33 0.55
N SER A 482 41.78 13.29 1.28
CA SER A 482 41.66 13.97 2.58
C SER A 482 41.50 12.92 3.68
N PHE A 483 41.96 13.25 4.89
CA PHE A 483 41.91 12.37 6.05
C PHE A 483 41.85 13.07 7.40
N VAL A 484 40.76 12.85 8.13
CA VAL A 484 40.58 13.54 9.40
C VAL A 484 40.34 12.61 10.60
N THR A 485 41.16 12.79 11.63
CA THR A 485 41.06 12.04 12.88
C THR A 485 41.10 12.98 14.04
N LEU A 486 40.88 12.44 15.22
CA LEU A 486 41.04 13.27 16.39
C LEU A 486 42.52 13.59 16.35
N PRO A 487 42.97 14.80 16.73
CA PRO A 487 44.35 15.27 16.62
C PRO A 487 45.37 14.36 17.23
N SER A 488 46.45 14.15 16.48
CA SER A 488 47.55 13.30 16.87
C SER A 488 48.79 13.64 16.08
N PHE A 489 49.95 13.20 16.56
CA PHE A 489 51.19 13.37 15.83
C PHE A 489 51.63 12.02 15.29
N ASN A 490 52.74 11.99 14.53
CA ASN A 490 53.16 10.68 14.03
C ASN A 490 53.51 9.75 15.17
N ASP A 491 52.82 8.63 15.21
CA ASP A 491 52.93 7.60 16.22
C ASP A 491 52.64 6.27 15.57
N HIS A 492 53.63 5.72 14.90
CA HIS A 492 53.35 4.60 14.02
C HIS A 492 54.17 3.36 14.27
N SER A 493 53.48 2.22 14.17
CA SER A 493 54.12 0.92 14.27
C SER A 493 53.70 -0.01 13.15
N PHE A 494 54.54 -0.99 12.86
CA PHE A 494 54.19 -1.96 11.85
C PHE A 494 53.84 -3.28 12.44
N VAL A 495 52.94 -3.96 11.77
CA VAL A 495 52.60 -5.32 12.09
C VAL A 495 53.13 -6.16 10.95
N ASN A 496 54.26 -6.77 11.16
CA ASN A 496 54.93 -7.53 10.11
C ASN A 496 54.53 -8.98 10.15
N ILE A 497 53.78 -9.40 9.17
CA ILE A 497 53.31 -10.74 9.18
C ILE A 497 54.13 -11.51 8.20
N THR A 498 54.87 -12.48 8.68
CA THR A 498 55.72 -13.26 7.80
C THR A 498 55.27 -14.67 7.72
N VAL A 499 55.04 -15.10 6.51
CA VAL A 499 54.63 -16.46 6.28
C VAL A 499 55.75 -17.22 5.63
N SER A 500 56.33 -18.14 6.38
CA SER A 500 57.44 -18.91 5.86
C SER A 500 56.90 -20.26 5.48
N ALA A 501 57.39 -20.82 4.38
CA ALA A 501 56.97 -22.16 4.02
C ALA A 501 57.91 -22.81 3.04
N SER A 502 57.86 -24.13 3.00
CA SER A 502 58.57 -24.85 1.97
C SER A 502 57.76 -26.04 1.50
N PHE A 503 57.84 -26.25 0.19
CA PHE A 503 57.14 -27.31 -0.50
C PHE A 503 58.10 -28.39 -1.01
N GLY A 508 53.64 -30.17 -6.17
CA GLY A 508 54.45 -29.38 -5.23
C GLY A 508 54.69 -30.20 -3.97
N ALA A 509 53.96 -31.29 -3.87
CA ALA A 509 53.98 -32.24 -2.75
C ALA A 509 53.65 -31.58 -1.40
N ASN A 510 52.69 -30.66 -1.43
CA ASN A 510 52.19 -29.92 -0.29
C ASN A 510 53.33 -29.30 0.50
N LEU A 511 53.18 -29.22 1.80
CA LEU A 511 54.20 -28.62 2.61
C LEU A 511 55.05 -29.59 3.35
N ILE A 512 56.29 -29.20 3.48
CA ILE A 512 57.26 -29.87 4.30
C ILE A 512 57.16 -29.17 5.63
N ALA A 513 57.06 -27.85 5.55
CA ALA A 513 56.98 -27.02 6.73
C ALA A 513 56.36 -25.66 6.43
N SER A 514 55.82 -25.05 7.48
CA SER A 514 55.36 -23.66 7.44
C SER A 514 55.39 -23.08 8.83
N ASP A 515 55.47 -21.77 8.90
CA ASP A 515 55.44 -21.04 10.17
C ASP A 515 55.08 -19.58 9.99
N THR A 516 54.04 -19.12 10.68
CA THR A 516 53.66 -17.71 10.55
C THR A 516 53.81 -16.98 11.85
N THR A 517 54.51 -15.86 11.77
CA THR A 517 54.70 -15.02 12.95
C THR A 517 54.32 -13.59 12.69
N ILE A 518 53.97 -12.88 13.76
CA ILE A 518 53.61 -11.48 13.68
C ILE A 518 54.59 -10.69 14.52
N ASN A 519 55.49 -9.95 13.90
CA ASN A 519 56.54 -9.27 14.64
C ASN A 519 57.29 -10.26 15.53
N GLY A 520 57.60 -11.45 15.01
CA GLY A 520 58.34 -12.48 15.75
C GLY A 520 57.45 -13.38 16.60
N PHE A 521 56.51 -12.76 17.28
CA PHE A 521 55.56 -13.34 18.21
C PHE A 521 54.39 -14.07 17.57
N SER A 522 53.78 -14.97 18.34
CA SER A 522 52.59 -15.69 17.90
C SER A 522 51.34 -14.81 17.79
N SER A 523 51.37 -13.64 18.44
CA SER A 523 50.28 -12.68 18.42
C SER A 523 50.79 -11.27 18.64
N PHE A 524 50.02 -10.29 18.20
CA PHE A 524 50.38 -8.90 18.40
C PHE A 524 49.20 -7.94 18.51
N CYS A 525 49.25 -7.02 19.46
CA CYS A 525 48.22 -5.99 19.57
C CYS A 525 48.80 -4.61 19.32
N VAL A 526 48.02 -3.75 18.68
CA VAL A 526 48.48 -2.41 18.39
C VAL A 526 48.30 -1.46 19.58
N ASP A 527 49.38 -0.79 19.96
CA ASP A 527 49.40 0.15 21.06
C ASP A 527 49.82 1.56 20.64
N THR A 528 49.72 1.85 19.35
CA THR A 528 50.09 3.16 18.81
C THR A 528 48.89 3.77 18.10
N ARG A 529 48.90 5.08 17.88
CA ARG A 529 47.77 5.68 17.19
C ARG A 529 47.69 5.27 15.72
N GLN A 530 48.81 5.03 15.05
CA GLN A 530 48.69 4.59 13.66
C GLN A 530 49.39 3.26 13.51
N PHE A 531 48.95 2.44 12.56
CA PHE A 531 49.68 1.22 12.33
C PHE A 531 49.55 0.78 10.90
N THR A 532 50.47 -0.04 10.45
CA THR A 532 50.36 -0.60 9.11
C THR A 532 50.58 -2.10 9.09
N ILE A 533 49.75 -2.84 8.37
CA ILE A 533 49.96 -4.27 8.19
C ILE A 533 50.69 -4.55 6.90
N SER A 534 51.76 -5.29 7.05
CA SER A 534 52.59 -5.63 5.92
C SER A 534 52.81 -7.12 5.86
N LEU A 535 52.29 -7.74 4.80
CA LEU A 535 52.39 -9.17 4.64
C LEU A 535 53.51 -9.56 3.72
N PHE A 536 54.41 -10.36 4.25
CA PHE A 536 55.58 -10.82 3.53
C PHE A 536 55.66 -12.34 3.45
N TYR A 537 55.91 -12.83 2.25
CA TYR A 537 56.04 -14.26 2.09
C TYR A 537 57.47 -14.68 1.91
N ASN A 538 57.79 -15.79 2.53
CA ASN A 538 59.10 -16.41 2.45
C ASN A 538 58.90 -17.89 2.11
N VAL A 539 58.53 -18.13 0.85
CA VAL A 539 58.10 -19.45 0.45
C VAL A 539 58.97 -20.09 -0.64
N THR A 540 59.44 -21.30 -0.35
CA THR A 540 60.32 -22.07 -1.24
C THR A 540 59.66 -23.27 -1.95
N ASN A 541 59.88 -23.34 -3.26
CA ASN A 541 59.42 -24.46 -4.06
C ASN A 541 60.36 -24.66 -5.24
N VAL A 546 55.09 -20.28 -6.59
CA VAL A 546 53.94 -20.51 -5.74
C VAL A 546 53.00 -19.33 -5.82
N SER A 547 51.74 -19.60 -6.20
CA SER A 547 50.75 -18.54 -6.28
C SER A 547 50.09 -18.34 -4.91
N LYS A 548 49.81 -17.10 -4.51
CA LYS A 548 49.20 -16.84 -3.20
C LYS A 548 47.89 -16.06 -3.27
N SER A 549 46.95 -16.38 -2.36
CA SER A 549 45.69 -15.64 -2.27
C SER A 549 45.04 -15.70 -0.88
N GLN A 550 44.09 -14.78 -0.61
CA GLN A 550 43.42 -14.81 0.69
C GLN A 550 41.90 -14.93 0.61
N ASP A 551 41.38 -15.72 1.52
CA ASP A 551 39.94 -15.94 1.72
C ASP A 551 39.52 -15.26 3.03
N SER A 552 38.88 -14.09 2.94
CA SER A 552 38.56 -13.29 4.12
C SER A 552 37.12 -13.23 4.55
N ASN A 553 36.90 -13.50 5.84
CA ASN A 553 35.59 -13.44 6.47
C ASN A 553 35.46 -12.18 7.32
N CYS A 554 36.38 -11.25 7.11
CA CYS A 554 36.44 -10.01 7.86
C CYS A 554 35.79 -8.85 7.10
N PRO A 555 35.42 -7.75 7.78
CA PRO A 555 34.96 -6.47 7.25
C PRO A 555 35.99 -5.74 6.40
N PHE A 556 37.23 -6.24 6.39
CA PHE A 556 38.35 -5.67 5.66
C PHE A 556 39.30 -6.75 5.19
N THR A 557 40.15 -6.40 4.23
CA THR A 557 41.16 -7.33 3.75
C THR A 557 42.52 -6.92 4.30
N LEU A 558 43.54 -7.75 4.11
CA LEU A 558 44.84 -7.39 4.65
C LEU A 558 45.42 -6.17 3.96
N GLN A 559 45.01 -5.91 2.74
CA GLN A 559 45.50 -4.75 2.04
C GLN A 559 44.63 -3.52 2.36
N SER A 560 43.31 -3.72 2.49
CA SER A 560 42.38 -2.61 2.70
C SER A 560 42.44 -2.07 4.10
N VAL A 561 42.92 -2.86 5.03
CA VAL A 561 43.04 -2.48 6.41
C VAL A 561 43.98 -1.32 6.57
N ASN A 562 44.85 -1.09 5.58
CA ASN A 562 45.80 -0.01 5.62
C ASN A 562 45.28 1.25 4.93
N ASP A 563 44.04 1.25 4.47
CA ASP A 563 43.50 2.43 3.81
C ASP A 563 42.73 3.33 4.78
N TYR A 564 43.38 3.72 5.87
CA TYR A 564 42.83 4.58 6.88
C TYR A 564 41.57 4.06 7.58
N LEU A 565 41.49 2.76 7.88
CA LEU A 565 40.31 2.33 8.61
C LEU A 565 40.58 2.60 10.07
N SER A 566 39.55 2.94 10.84
CA SER A 566 39.80 3.22 12.25
C SER A 566 39.16 2.20 13.19
N PHE A 567 39.89 1.91 14.26
CA PHE A 567 39.52 0.98 15.31
C PHE A 567 39.73 1.59 16.71
N SER A 568 39.03 1.07 17.72
CA SER A 568 39.37 1.49 19.07
C SER A 568 40.30 0.46 19.70
N LYS A 569 40.22 -0.76 19.20
CA LYS A 569 41.05 -1.89 19.62
C LYS A 569 41.41 -2.71 18.41
N PHE A 570 42.63 -3.23 18.34
CA PHE A 570 42.96 -4.10 17.22
C PHE A 570 44.10 -5.06 17.55
N CYS A 571 43.78 -6.36 17.55
CA CYS A 571 44.73 -7.45 17.80
C CYS A 571 44.71 -8.51 16.72
N VAL A 572 45.89 -9.00 16.36
CA VAL A 572 46.00 -10.03 15.33
C VAL A 572 46.72 -11.23 15.91
N SER A 573 46.19 -12.43 15.69
CA SER A 573 46.86 -13.62 16.20
C SER A 573 46.79 -14.79 15.26
N THR A 574 47.76 -15.69 15.37
CA THR A 574 47.67 -16.89 14.54
C THR A 574 46.83 -17.95 15.28
N SER A 575 46.55 -17.68 16.54
CA SER A 575 45.75 -18.53 17.41
C SER A 575 44.34 -18.00 17.41
N LEU A 576 43.38 -18.74 17.94
CA LEU A 576 42.03 -18.21 17.94
C LEU A 576 41.78 -17.21 19.05
N LEU A 577 41.23 -16.07 18.68
CA LEU A 577 40.83 -15.05 19.63
C LEU A 577 39.33 -15.10 19.75
N ALA A 578 38.81 -14.76 20.92
CA ALA A 578 37.36 -14.71 21.10
C ALA A 578 36.77 -13.60 20.26
N SER A 579 35.57 -13.80 19.74
CA SER A 579 34.89 -12.75 18.97
C SER A 579 35.78 -12.15 17.87
N ALA A 580 36.42 -13.00 17.06
CA ALA A 580 37.32 -12.55 16.00
C ALA A 580 36.95 -13.10 14.64
N CYS A 581 37.30 -12.34 13.59
CA CYS A 581 37.06 -12.79 12.21
C CYS A 581 38.33 -13.41 11.67
N THR A 582 38.20 -14.24 10.64
CA THR A 582 39.40 -14.91 10.14
C THR A 582 39.77 -14.62 8.69
N ILE A 583 41.06 -14.40 8.46
CA ILE A 583 41.58 -14.30 7.11
C ILE A 583 42.50 -15.49 6.85
N ASP A 584 42.12 -16.32 5.86
CA ASP A 584 42.85 -17.54 5.50
C ASP A 584 43.79 -17.38 4.32
N LEU A 585 45.07 -17.62 4.57
CA LEU A 585 46.12 -17.44 3.57
C LEU A 585 46.50 -18.76 2.95
N PHE A 586 46.28 -18.86 1.63
CA PHE A 586 46.51 -20.07 0.86
C PHE A 586 47.59 -19.96 -0.18
N GLY A 587 48.23 -21.10 -0.46
CA GLY A 587 49.23 -21.19 -1.53
C GLY A 587 48.91 -22.29 -2.52
N TYR A 588 49.31 -22.06 -3.76
CA TYR A 588 49.13 -22.97 -4.88
C TYR A 588 50.47 -23.19 -5.59
N PRO A 589 51.32 -24.09 -5.07
CA PRO A 589 52.72 -24.26 -5.38
C PRO A 589 53.17 -24.74 -6.73
N GLU A 590 52.31 -25.41 -7.47
CA GLU A 590 52.77 -25.98 -8.74
C GLU A 590 54.22 -26.43 -8.65
N SER A 593 46.85 -28.60 -5.85
CA SER A 593 47.59 -29.16 -4.72
C SER A 593 47.92 -28.07 -3.73
N GLY A 594 46.96 -27.17 -3.54
CA GLY A 594 47.14 -26.03 -2.66
C GLY A 594 47.05 -26.38 -1.20
N VAL A 595 47.58 -25.49 -0.39
CA VAL A 595 47.60 -25.63 1.05
C VAL A 595 47.18 -24.37 1.76
N LYS A 596 46.76 -24.50 3.01
CA LYS A 596 46.55 -23.30 3.82
C LYS A 596 47.81 -23.07 4.60
N PHE A 597 48.38 -21.87 4.42
CA PHE A 597 49.64 -21.47 5.10
C PHE A 597 49.32 -21.13 6.55
N THR A 598 48.28 -20.32 6.74
CA THR A 598 47.92 -19.77 8.04
C THR A 598 46.55 -19.14 8.13
N SER A 599 46.06 -19.06 9.35
CA SER A 599 44.80 -18.38 9.63
C SER A 599 45.06 -17.22 10.57
N LEU A 600 44.75 -16.03 10.13
CA LEU A 600 44.95 -14.85 10.97
C LEU A 600 43.64 -14.43 11.58
N TYR A 601 43.60 -14.36 12.89
CA TYR A 601 42.39 -14.01 13.58
C TYR A 601 42.45 -12.57 14.00
N PHE A 602 41.41 -11.82 13.67
CA PHE A 602 41.35 -10.41 13.98
C PHE A 602 40.29 -10.04 14.97
N GLN A 603 40.74 -9.54 16.11
CA GLN A 603 39.86 -9.14 17.18
C GLN A 603 39.91 -7.64 17.26
N PHE A 604 38.79 -7.00 17.07
CA PHE A 604 38.77 -5.56 17.07
C PHE A 604 37.44 -4.98 17.41
N THR A 605 37.47 -3.72 17.78
CA THR A 605 36.29 -2.92 18.04
C THR A 605 36.45 -1.62 17.31
N LYS A 606 35.34 -0.93 17.02
CA LYS A 606 35.35 0.33 16.27
C LYS A 606 35.57 1.59 17.11
N GLY A 607 36.08 2.62 16.46
CA GLY A 607 36.30 3.92 17.10
C GLY A 607 37.37 4.69 16.36
N GLU A 608 37.83 5.79 16.95
CA GLU A 608 38.80 6.70 16.34
C GLU A 608 40.27 6.56 16.75
N LEU A 609 40.56 5.90 17.86
CA LEU A 609 41.94 5.91 18.36
C LEU A 609 43.03 5.28 17.50
N ILE A 610 42.77 4.15 16.89
CA ILE A 610 43.81 3.47 16.13
C ILE A 610 43.54 3.45 14.64
N THR A 611 44.42 4.02 13.83
CA THR A 611 44.13 4.06 12.39
C THR A 611 45.12 3.35 11.52
N GLY A 612 44.59 2.53 10.64
CA GLY A 612 45.37 1.75 9.71
C GLY A 612 45.83 2.59 8.53
N THR A 613 46.82 3.44 8.73
CA THR A 613 47.29 4.30 7.65
C THR A 613 48.16 3.42 6.73
N PRO A 614 48.37 3.81 5.46
CA PRO A 614 49.22 3.12 4.50
C PRO A 614 50.70 3.19 4.76
N LYS A 615 51.11 4.11 5.60
CA LYS A 615 52.51 4.31 5.85
C LYS A 615 52.69 5.20 7.10
N PRO A 616 53.92 5.30 7.65
CA PRO A 616 54.33 6.25 8.66
C PRO A 616 54.29 7.66 8.12
N PHE A 617 54.12 8.63 9.00
CA PHE A 617 54.16 10.02 8.62
C PHE A 617 55.52 10.56 8.99
N GLU A 618 56.07 11.48 8.22
CA GLU A 618 57.37 12.03 8.57
C GLU A 618 57.34 13.53 8.55
N GLY A 619 57.84 14.15 9.63
CA GLY A 619 57.83 15.61 9.72
C GLY A 619 56.42 16.09 10.03
N VAL A 620 55.64 15.23 10.67
CA VAL A 620 54.25 15.52 10.94
C VAL A 620 53.91 15.71 12.40
N THR A 621 53.43 16.94 12.66
CA THR A 621 53.04 17.38 13.98
C THR A 621 51.55 17.16 14.17
N ASP A 622 50.84 17.15 13.04
CA ASP A 622 49.38 16.89 12.98
C ASP A 622 49.08 15.96 11.79
N VAL A 623 48.80 14.70 12.10
CA VAL A 623 48.54 13.65 11.13
C VAL A 623 47.40 13.98 10.20
N SER A 624 46.34 14.61 10.69
CA SER A 624 45.20 14.89 9.83
C SER A 624 45.54 15.89 8.73
N PHE A 625 44.90 15.73 7.58
CA PHE A 625 45.07 16.66 6.47
C PHE A 625 43.85 16.71 5.58
N MET A 626 43.67 17.79 4.84
CA MET A 626 42.57 17.84 3.89
C MET A 626 42.73 18.95 2.90
N THR A 627 42.09 18.80 1.75
CA THR A 627 42.09 19.88 0.77
C THR A 627 40.71 20.46 0.63
N LEU A 628 40.62 21.76 0.82
CA LEU A 628 39.32 22.44 0.79
C LEU A 628 38.92 23.00 -0.55
N ASP A 629 37.61 23.15 -0.72
CA ASP A 629 36.93 23.77 -1.84
C ASP A 629 37.06 23.05 -3.17
N VAL A 630 37.46 21.80 -3.14
CA VAL A 630 37.59 21.00 -4.33
C VAL A 630 36.90 19.69 -4.10
N CYS A 631 36.57 18.98 -5.15
CA CYS A 631 36.08 17.64 -4.93
C CYS A 631 37.24 16.79 -4.46
N THR A 632 37.05 16.06 -3.38
CA THR A 632 38.07 15.20 -2.82
C THR A 632 37.52 13.89 -2.34
N LYS A 633 38.39 12.90 -2.31
CA LYS A 633 38.03 11.62 -1.76
C LYS A 633 38.41 11.70 -0.31
N TYR A 634 37.51 11.38 0.59
CA TYR A 634 37.86 11.53 1.97
C TYR A 634 37.52 10.39 2.87
N THR A 635 38.27 10.34 3.96
CA THR A 635 37.98 9.52 5.11
C THR A 635 37.94 10.42 6.34
N ILE A 636 36.74 10.77 6.79
CA ILE A 636 36.60 11.71 7.91
C ILE A 636 35.94 11.11 9.10
N TYR A 637 36.67 10.99 10.18
CA TYR A 637 36.15 10.40 11.40
C TYR A 637 35.46 9.07 11.12
N GLY A 638 36.07 8.28 10.25
CA GLY A 638 35.55 6.97 9.90
C GLY A 638 34.57 6.93 8.72
N PHE A 639 34.12 8.07 8.22
CA PHE A 639 33.17 8.09 7.11
C PHE A 639 33.87 8.19 5.78
N LYS A 640 33.59 7.28 4.85
CA LYS A 640 34.24 7.44 3.57
C LYS A 640 33.30 7.90 2.48
N GLY A 641 33.84 8.66 1.53
CA GLY A 641 33.08 9.08 0.37
C GLY A 641 33.75 10.21 -0.39
N GLU A 642 33.04 10.76 -1.37
CA GLU A 642 33.57 11.87 -2.14
C GLU A 642 32.72 13.08 -1.88
N GLY A 643 33.34 14.23 -1.88
CA GLY A 643 32.59 15.45 -1.66
C GLY A 643 33.47 16.67 -1.62
N ILE A 644 32.86 17.80 -1.40
CA ILE A 644 33.56 19.06 -1.36
C ILE A 644 33.49 19.56 0.06
N ILE A 645 34.64 19.83 0.64
CA ILE A 645 34.69 20.26 2.01
C ILE A 645 34.90 21.75 2.05
N THR A 646 34.01 22.47 2.70
CA THR A 646 34.13 23.92 2.77
C THR A 646 34.11 24.36 4.21
N LEU A 647 34.55 25.57 4.48
CA LEU A 647 34.54 26.09 5.84
C LEU A 647 33.32 26.91 6.15
N THR A 648 32.62 26.57 7.23
CA THR A 648 31.45 27.33 7.63
C THR A 648 31.72 28.25 8.77
N ASN A 649 30.76 29.13 9.06
CA ASN A 649 30.90 30.07 10.16
C ASN A 649 30.14 29.59 11.38
N SER A 650 29.58 28.38 11.29
CA SER A 650 28.86 27.84 12.41
C SER A 650 29.84 27.41 13.46
N SER A 651 29.34 27.22 14.66
CA SER A 651 30.16 26.72 15.75
C SER A 651 29.30 25.96 16.72
N PHE A 652 29.76 24.81 17.11
CA PHE A 652 29.03 23.99 18.05
C PHE A 652 29.93 23.61 19.19
N LEU A 653 29.37 23.38 20.36
CA LEU A 653 30.17 23.02 21.52
C LEU A 653 30.21 21.55 21.81
N ALA A 654 29.57 20.73 21.00
CA ALA A 654 29.54 19.32 21.38
C ALA A 654 29.85 18.34 20.27
N GLY A 655 30.55 17.31 20.71
CA GLY A 655 30.91 16.19 19.88
C GLY A 655 31.99 16.51 18.89
N VAL A 656 32.05 15.66 17.87
CA VAL A 656 33.05 15.71 16.83
C VAL A 656 32.45 15.94 15.45
N TYR A 657 31.31 15.32 15.17
CA TYR A 657 30.69 15.39 13.85
C TYR A 657 29.17 15.39 13.86
N TYR A 658 28.60 15.87 12.75
CA TYR A 658 27.17 16.02 12.61
C TYR A 658 26.70 15.30 11.34
N THR A 659 25.57 14.59 11.43
CA THR A 659 25.07 13.82 10.29
C THR A 659 23.60 14.09 9.95
N SER A 660 23.22 13.63 8.76
CA SER A 660 21.86 13.71 8.22
C SER A 660 20.97 12.57 8.68
N ASP A 661 19.68 12.66 8.39
CA ASP A 661 18.69 11.59 8.70
C ASP A 661 18.99 10.32 7.94
N SER A 662 19.71 10.47 6.83
CA SER A 662 20.15 9.44 5.93
C SER A 662 21.48 8.82 6.35
N GLY A 663 22.06 9.35 7.45
CA GLY A 663 23.32 8.86 7.99
C GLY A 663 24.55 9.36 7.27
N GLN A 664 24.45 10.47 6.56
CA GLN A 664 25.59 10.94 5.82
C GLN A 664 26.28 12.01 6.61
N LEU A 665 27.56 12.18 6.41
CA LEU A 665 28.23 13.24 7.14
C LEU A 665 27.81 14.57 6.53
N LEU A 666 27.36 15.53 7.34
CA LEU A 666 27.04 16.83 6.78
C LEU A 666 28.10 17.83 7.18
N ALA A 667 28.63 17.65 8.37
CA ALA A 667 29.61 18.57 8.87
C ALA A 667 30.50 17.91 9.87
N PHE A 668 31.66 18.47 10.08
CA PHE A 668 32.52 17.94 11.10
C PHE A 668 33.32 19.03 11.76
N LYS A 669 33.80 18.77 12.94
CA LYS A 669 34.56 19.77 13.63
C LYS A 669 36.04 19.46 13.65
N ASN A 670 36.82 20.51 13.50
CA ASN A 670 38.25 20.45 13.67
C ASN A 670 38.50 20.69 15.15
N VAL A 671 38.86 19.65 15.86
CA VAL A 671 38.91 19.75 17.30
C VAL A 671 39.88 20.81 17.82
N THR A 672 41.05 20.90 17.22
CA THR A 672 42.05 21.86 17.67
C THR A 672 41.64 23.32 17.46
N SER A 673 41.07 23.67 16.31
CA SER A 673 40.71 25.06 16.07
C SER A 673 39.30 25.41 16.48
N GLY A 674 38.42 24.42 16.51
CA GLY A 674 37.02 24.62 16.81
C GLY A 674 36.20 24.92 15.56
N ALA A 675 36.86 25.00 14.41
CA ALA A 675 36.21 25.30 13.15
C ALA A 675 35.29 24.18 12.72
N VAL A 676 34.19 24.53 12.09
CA VAL A 676 33.29 23.53 11.58
C VAL A 676 33.34 23.56 10.08
N TYR A 677 33.46 22.39 9.49
CA TYR A 677 33.50 22.22 8.06
C TYR A 677 32.23 21.57 7.59
N SER A 678 31.79 21.94 6.41
CA SER A 678 30.55 21.45 5.79
C SER A 678 30.88 20.64 4.54
N VAL A 679 30.28 19.47 4.39
CA VAL A 679 30.62 18.60 3.26
C VAL A 679 29.46 18.36 2.30
N THR A 680 29.64 18.72 1.03
CA THR A 680 28.57 18.54 0.05
C THR A 680 29.00 17.48 -0.97
N PRO A 681 28.10 16.90 -1.75
CA PRO A 681 28.37 16.02 -2.87
C PRO A 681 29.14 16.74 -3.94
N CYS A 682 29.85 15.99 -4.79
CA CYS A 682 30.58 16.60 -5.90
C CYS A 682 29.71 16.81 -7.14
N SER A 683 28.49 16.30 -7.11
CA SER A 683 27.56 16.41 -8.22
C SER A 683 26.17 16.54 -7.68
N PHE A 684 25.30 17.21 -8.42
CA PHE A 684 23.95 17.43 -7.95
C PHE A 684 22.89 17.05 -8.95
N SER A 685 21.70 16.71 -8.45
CA SER A 685 20.58 16.43 -9.33
C SER A 685 20.13 17.71 -10.02
N GLU A 686 19.74 17.61 -11.29
CA GLU A 686 19.21 18.76 -12.03
C GLU A 686 18.18 18.32 -13.08
N GLN A 687 17.31 19.24 -13.51
CA GLN A 687 16.27 18.90 -14.50
C GLN A 687 16.59 19.40 -15.89
N ALA A 688 16.57 18.53 -16.87
CA ALA A 688 16.88 18.96 -18.20
C ALA A 688 15.64 19.10 -19.05
N ALA A 689 15.62 20.16 -19.84
CA ALA A 689 14.56 20.41 -20.79
C ALA A 689 14.91 19.77 -22.09
N TYR A 690 14.18 18.72 -22.45
CA TYR A 690 14.43 17.99 -23.68
C TYR A 690 13.31 18.30 -24.64
N VAL A 691 13.67 18.83 -25.80
CA VAL A 691 12.69 19.19 -26.82
C VAL A 691 13.20 18.66 -28.12
N ASP A 692 12.32 18.10 -28.93
CA ASP A 692 12.75 17.54 -30.20
C ASP A 692 13.78 16.47 -29.93
N ASP A 693 15.00 16.63 -30.42
CA ASP A 693 16.01 15.61 -30.22
C ASP A 693 17.20 15.99 -29.34
N ASP A 694 17.10 17.08 -28.57
CA ASP A 694 18.32 17.62 -27.90
C ASP A 694 17.98 18.23 -26.53
N ILE A 695 19.02 18.55 -25.75
CA ILE A 695 18.85 19.27 -24.50
C ILE A 695 18.87 20.73 -24.81
N VAL A 696 17.73 21.35 -24.47
CA VAL A 696 17.39 22.76 -24.80
C VAL A 696 17.83 23.65 -23.63
N GLY A 697 17.96 23.05 -22.43
CA GLY A 697 18.52 23.76 -21.30
C GLY A 697 18.38 22.98 -20.03
N VAL A 698 19.00 23.49 -18.99
CA VAL A 698 18.99 22.84 -17.69
C VAL A 698 18.64 23.71 -16.50
N ILE A 699 17.77 23.20 -15.64
CA ILE A 699 17.38 23.84 -14.40
C ILE A 699 18.19 23.24 -13.27
N SER A 700 19.03 24.04 -12.64
CA SER A 700 19.94 23.49 -11.63
C SER A 700 20.29 24.34 -10.44
N SER A 701 21.12 23.75 -9.59
CA SER A 701 21.61 24.36 -8.37
C SER A 701 23.00 24.95 -8.58
N LEU A 702 23.57 24.68 -9.74
CA LEU A 702 24.88 25.20 -10.06
C LEU A 702 24.81 26.32 -11.06
N SER A 703 25.65 27.31 -10.84
CA SER A 703 25.81 28.48 -11.70
C SER A 703 26.75 28.23 -12.88
N SER A 704 27.44 27.09 -12.84
CA SER A 704 28.40 26.73 -13.85
C SER A 704 27.93 25.59 -14.74
N SER A 705 27.96 25.81 -16.05
CA SER A 705 27.51 24.84 -17.02
C SER A 705 28.25 25.04 -18.32
N THR A 706 27.93 24.22 -19.30
CA THR A 706 28.56 24.25 -20.62
C THR A 706 27.73 25.06 -21.61
N PHE A 707 26.68 25.68 -21.13
CA PHE A 707 25.79 26.50 -21.95
C PHE A 707 26.35 27.91 -21.96
N ASN A 708 26.08 28.70 -23.01
CA ASN A 708 26.67 30.03 -23.00
C ASN A 708 25.78 31.12 -22.39
N SER A 709 24.60 30.78 -21.89
CA SER A 709 23.75 31.77 -21.23
C SER A 709 23.11 31.26 -19.94
N THR A 710 23.41 31.95 -18.83
CA THR A 710 22.88 31.54 -17.54
C THR A 710 22.05 32.62 -16.90
N ARG A 711 20.87 32.25 -16.46
CA ARG A 711 19.99 33.17 -15.77
C ARG A 711 19.67 32.67 -14.39
N GLU A 712 19.56 33.61 -13.47
CA GLU A 712 19.20 33.24 -12.11
C GLU A 712 17.74 33.51 -11.88
N LEU A 713 17.00 32.47 -11.56
CA LEU A 713 15.58 32.54 -11.33
C LEU A 713 15.44 32.35 -9.84
N PRO A 714 14.39 32.82 -9.18
CA PRO A 714 14.27 32.57 -7.79
C PRO A 714 14.18 31.08 -7.56
N GLY A 715 15.10 30.57 -6.78
CA GLY A 715 15.19 29.17 -6.40
C GLY A 715 16.04 28.26 -7.31
N PHE A 716 16.42 28.72 -8.50
CA PHE A 716 17.22 27.87 -9.40
C PHE A 716 17.99 28.64 -10.47
N PHE A 717 18.95 28.00 -11.10
CA PHE A 717 19.62 28.62 -12.21
C PHE A 717 19.15 27.97 -13.46
N TYR A 718 19.04 28.72 -14.53
CA TYR A 718 18.67 28.12 -15.78
C TYR A 718 19.72 28.35 -16.84
N HIS A 719 20.21 27.23 -17.37
CA HIS A 719 21.24 27.21 -18.44
C HIS A 719 20.54 27.04 -19.78
N SER A 720 20.97 27.82 -20.77
CA SER A 720 20.51 27.65 -22.14
C SER A 720 21.47 28.30 -23.11
N ASN A 721 21.17 28.16 -24.39
CA ASN A 721 21.94 28.86 -25.39
C ASN A 721 21.11 30.03 -25.95
N ASP A 722 20.08 30.42 -25.20
CA ASP A 722 19.17 31.50 -25.53
C ASP A 722 18.66 32.18 -24.26
N GLY A 723 19.16 33.38 -24.01
CA GLY A 723 18.84 34.11 -22.77
C GLY A 723 17.68 35.09 -22.87
N SER A 724 16.97 35.09 -23.99
CA SER A 724 15.87 36.02 -24.28
C SER A 724 14.54 35.65 -23.61
N ASN A 725 13.54 36.51 -23.78
CA ASN A 725 12.20 36.27 -23.24
C ASN A 725 11.55 35.08 -23.93
N CYS A 726 10.85 34.25 -23.17
CA CYS A 726 10.12 33.15 -23.76
C CYS A 726 8.67 33.51 -23.96
N THR A 727 8.22 33.56 -25.20
CA THR A 727 6.86 33.94 -25.50
C THR A 727 6.00 32.78 -25.97
N GLU A 728 6.63 31.69 -26.39
CA GLU A 728 5.92 30.51 -26.89
C GLU A 728 6.41 29.20 -26.25
N PRO A 729 6.07 28.92 -24.99
CA PRO A 729 6.55 27.78 -24.27
C PRO A 729 6.15 26.50 -24.94
N VAL A 730 7.03 25.52 -24.85
CA VAL A 730 6.80 24.18 -25.31
C VAL A 730 6.61 23.30 -24.08
N LEU A 731 7.50 23.46 -23.11
CA LEU A 731 7.40 22.70 -21.89
C LEU A 731 6.95 23.65 -20.81
N VAL A 732 5.96 23.26 -20.01
CA VAL A 732 5.50 24.10 -18.93
C VAL A 732 5.28 23.35 -17.62
N TYR A 733 5.78 23.91 -16.54
CA TYR A 733 5.50 23.41 -15.20
C TYR A 733 5.13 24.59 -14.33
N SER A 734 4.00 24.54 -13.66
CA SER A 734 3.58 25.69 -12.85
C SER A 734 3.57 26.91 -13.74
N ASN A 735 4.29 27.96 -13.36
CA ASN A 735 4.32 29.16 -14.20
C ASN A 735 5.63 29.31 -14.92
N ILE A 736 6.40 28.24 -15.05
CA ILE A 736 7.67 28.29 -15.75
C ILE A 736 7.58 27.69 -17.12
N GLY A 737 7.90 28.49 -18.13
CA GLY A 737 7.82 27.95 -19.47
C GLY A 737 9.15 27.99 -20.19
N VAL A 738 9.39 26.93 -20.96
CA VAL A 738 10.58 26.81 -21.76
C VAL A 738 10.24 26.67 -23.23
N CYS A 739 10.78 27.57 -24.02
CA CYS A 739 10.59 27.65 -25.46
C CYS A 739 11.48 26.66 -26.18
N LYS A 740 11.21 26.35 -27.44
CA LYS A 740 12.05 25.38 -28.14
C LYS A 740 13.50 25.84 -28.29
N SER A 741 13.74 27.15 -28.28
CA SER A 741 15.10 27.68 -28.40
C SER A 741 15.82 27.59 -27.08
N GLY A 742 15.07 27.31 -26.03
CA GLY A 742 15.55 27.29 -24.68
C GLY A 742 15.36 28.54 -23.93
N SER A 743 14.76 29.55 -24.52
CA SER A 743 14.57 30.71 -23.72
C SER A 743 13.60 30.33 -22.62
N ILE A 744 13.71 31.00 -21.47
CA ILE A 744 12.83 30.74 -20.33
C ILE A 744 12.09 31.98 -19.91
N GLY A 745 10.85 31.80 -19.50
CA GLY A 745 10.07 32.93 -19.03
C GLY A 745 8.90 32.47 -18.21
N TYR A 746 8.05 33.40 -17.83
CA TYR A 746 6.91 33.04 -17.02
C TYR A 746 5.68 32.91 -17.87
N VAL A 747 4.85 31.98 -17.48
CA VAL A 747 3.62 31.73 -18.17
C VAL A 747 2.50 32.49 -17.49
N PRO A 748 1.78 33.37 -18.19
CA PRO A 748 0.73 34.21 -17.66
C PRO A 748 -0.46 33.37 -17.29
N SER A 749 -1.29 33.88 -16.41
CA SER A 749 -2.49 33.19 -16.02
C SER A 749 -3.42 33.01 -17.20
N GLN A 750 -4.07 31.87 -17.23
CA GLN A 750 -5.03 31.54 -18.26
C GLN A 750 -6.32 32.30 -18.07
N SER A 751 -6.77 32.95 -19.13
CA SER A 751 -8.04 33.67 -19.15
C SER A 751 -9.17 32.70 -19.36
N GLY A 752 -10.40 33.14 -19.14
CA GLY A 752 -11.51 32.22 -19.35
C GLY A 752 -12.83 32.93 -19.59
N GLN A 753 -13.89 32.16 -19.59
CA GLN A 753 -15.23 32.67 -19.85
C GLN A 753 -15.75 33.54 -18.73
N VAL A 754 -16.26 34.70 -19.12
CA VAL A 754 -16.87 35.59 -18.15
C VAL A 754 -18.36 35.29 -18.07
N LYS A 755 -18.85 35.11 -16.86
CA LYS A 755 -20.25 34.84 -16.63
C LYS A 755 -20.82 36.14 -16.09
N ILE A 756 -22.07 36.44 -16.40
CA ILE A 756 -22.69 37.68 -15.96
C ILE A 756 -23.62 37.50 -14.76
N ALA A 757 -23.42 38.34 -13.75
CA ALA A 757 -24.20 38.33 -12.52
C ALA A 757 -25.64 38.75 -12.80
N PRO A 758 -26.65 38.19 -12.13
CA PRO A 758 -28.01 38.60 -12.28
C PRO A 758 -28.13 39.97 -11.66
N THR A 759 -28.93 40.81 -12.28
CA THR A 759 -29.19 42.18 -11.85
C THR A 759 -30.65 42.57 -11.81
N VAL A 760 -31.05 43.28 -10.76
CA VAL A 760 -32.41 43.78 -10.67
C VAL A 760 -32.65 45.08 -11.44
N THR A 761 -31.64 45.96 -11.49
CA THR A 761 -31.79 47.24 -12.18
C THR A 761 -30.49 47.79 -12.75
N GLY A 762 -30.59 48.58 -13.81
CA GLY A 762 -29.42 49.26 -14.34
C GLY A 762 -28.77 48.61 -15.55
N ASN A 763 -27.49 48.92 -15.74
CA ASN A 763 -26.76 48.52 -16.94
C ASN A 763 -26.40 47.04 -16.91
N ILE A 764 -26.99 46.27 -17.80
CA ILE A 764 -26.74 44.84 -17.85
C ILE A 764 -26.35 44.41 -19.24
N SER A 765 -25.73 43.25 -19.34
CA SER A 765 -25.44 42.73 -20.66
C SER A 765 -26.11 41.38 -20.85
N ILE A 766 -26.73 41.17 -22.00
CA ILE A 766 -27.42 39.91 -22.29
C ILE A 766 -26.73 39.16 -23.45
N PRO A 767 -26.21 37.95 -23.25
CA PRO A 767 -25.49 37.16 -24.23
C PRO A 767 -26.24 36.86 -25.52
N THR A 768 -25.52 36.92 -26.63
CA THR A 768 -26.06 36.58 -27.95
C THR A 768 -25.02 36.01 -28.90
N ASN A 769 -25.47 35.77 -30.14
CA ASN A 769 -24.60 35.26 -31.20
C ASN A 769 -23.85 34.02 -30.77
N PHE A 770 -24.59 33.06 -30.27
CA PHE A 770 -24.06 31.82 -29.76
C PHE A 770 -23.61 30.88 -30.86
N SER A 771 -22.58 30.11 -30.54
CA SER A 771 -22.08 29.07 -31.41
C SER A 771 -21.73 27.86 -30.57
N MET A 772 -21.68 26.70 -31.21
CA MET A 772 -21.32 25.49 -30.51
C MET A 772 -19.84 25.23 -30.44
N SER A 773 -19.44 24.67 -29.32
CA SER A 773 -18.08 24.24 -29.06
C SER A 773 -18.21 22.89 -28.41
N ILE A 774 -17.35 21.95 -28.78
CA ILE A 774 -17.47 20.62 -28.21
C ILE A 774 -16.32 20.25 -27.33
N ARG A 775 -16.63 19.92 -26.10
CA ARG A 775 -15.62 19.56 -25.10
C ARG A 775 -15.46 18.08 -25.01
N THR A 776 -14.25 17.63 -24.75
CA THR A 776 -14.01 16.17 -24.72
C THR A 776 -13.61 15.67 -23.35
N GLU A 777 -14.27 14.62 -22.90
CA GLU A 777 -13.97 14.02 -21.60
C GLU A 777 -13.92 12.49 -21.60
N TYR A 778 -12.92 11.89 -20.97
CA TYR A 778 -12.86 10.42 -20.90
C TYR A 778 -12.93 9.86 -19.48
N LEU A 779 -13.84 8.90 -19.31
CA LEU A 779 -14.03 8.21 -18.03
C LEU A 779 -13.93 6.69 -18.19
N GLN A 780 -13.08 6.09 -17.37
CA GLN A 780 -12.86 4.64 -17.39
C GLN A 780 -14.02 3.94 -16.73
N LEU A 781 -14.56 2.90 -17.36
CA LEU A 781 -15.65 2.17 -16.73
C LEU A 781 -15.20 0.89 -16.08
N TYR A 782 -14.16 0.28 -16.61
CA TYR A 782 -13.78 -1.01 -16.06
C TYR A 782 -12.30 -1.24 -16.08
N ASN A 783 -11.88 -2.22 -15.31
CA ASN A 783 -10.51 -2.66 -15.18
C ASN A 783 -10.45 -4.14 -15.43
N THR A 784 -9.78 -4.58 -16.50
CA THR A 784 -9.76 -6.01 -16.80
C THR A 784 -9.35 -6.80 -15.56
N PRO A 785 -10.19 -7.70 -15.03
CA PRO A 785 -9.94 -8.56 -13.89
C PRO A 785 -8.87 -9.58 -14.11
N VAL A 786 -8.25 -9.97 -13.01
CA VAL A 786 -7.22 -10.99 -12.95
C VAL A 786 -7.56 -12.02 -11.88
N SER A 787 -7.24 -13.27 -12.15
CA SER A 787 -7.43 -14.34 -11.19
C SER A 787 -6.18 -15.18 -11.11
N VAL A 788 -5.74 -15.47 -9.91
CA VAL A 788 -4.49 -16.17 -9.76
C VAL A 788 -4.65 -17.45 -8.98
N ASP A 789 -4.15 -18.56 -9.53
CA ASP A 789 -4.19 -19.87 -8.84
C ASP A 789 -3.10 -19.89 -7.76
N CYS A 790 -3.49 -19.81 -6.49
CA CYS A 790 -2.51 -19.65 -5.43
C CYS A 790 -1.48 -20.76 -5.45
N ALA A 791 -1.95 -22.00 -5.52
CA ALA A 791 -1.00 -23.09 -5.46
C ALA A 791 -0.05 -23.09 -6.62
N THR A 792 -0.50 -22.76 -7.82
CA THR A 792 0.42 -22.79 -8.94
C THR A 792 1.45 -21.70 -8.82
N TYR A 793 1.05 -20.52 -8.39
CA TYR A 793 1.99 -19.44 -8.25
C TYR A 793 3.06 -19.80 -7.22
N VAL A 794 2.61 -20.29 -6.07
CA VAL A 794 3.51 -20.57 -4.96
C VAL A 794 4.31 -21.87 -5.12
N CYS A 795 3.65 -22.95 -5.47
CA CYS A 795 4.21 -24.28 -5.68
C CYS A 795 3.94 -24.73 -7.10
N ASN A 796 4.83 -24.44 -8.03
CA ASN A 796 4.50 -24.62 -9.43
C ASN A 796 4.62 -26.04 -9.97
N GLY A 797 3.71 -26.88 -9.48
CA GLY A 797 3.58 -28.28 -9.84
C GLY A 797 4.24 -29.26 -8.88
N ASN A 798 5.06 -28.79 -7.96
CA ASN A 798 5.73 -29.69 -7.04
C ASN A 798 4.79 -30.13 -5.94
N SER A 799 4.52 -31.43 -5.89
CA SER A 799 3.59 -31.99 -4.94
C SER A 799 4.06 -31.96 -3.49
N ARG A 800 5.37 -31.92 -3.24
CA ARG A 800 5.83 -31.87 -1.87
C ARG A 800 5.60 -30.48 -1.37
N CYS A 801 5.83 -29.52 -2.25
CA CYS A 801 5.62 -28.13 -1.89
C CYS A 801 4.16 -27.95 -1.56
N LYS A 802 3.25 -28.49 -2.37
CA LYS A 802 1.85 -28.32 -2.06
C LYS A 802 1.52 -28.90 -0.69
N GLN A 803 2.12 -30.03 -0.31
CA GLN A 803 1.82 -30.55 1.02
C GLN A 803 2.28 -29.54 2.08
N LEU A 804 3.41 -28.87 1.85
CA LEU A 804 3.85 -27.89 2.83
C LEU A 804 2.89 -26.71 2.84
N LEU A 805 2.42 -26.32 1.65
CA LEU A 805 1.54 -25.17 1.48
C LEU A 805 0.24 -25.34 2.21
N THR A 806 -0.24 -26.57 2.33
CA THR A 806 -1.48 -26.86 3.04
C THR A 806 -1.60 -26.15 4.38
N GLN A 807 -0.52 -26.00 5.15
CA GLN A 807 -0.66 -25.37 6.46
C GLN A 807 -1.07 -23.88 6.34
N TYR A 808 -0.91 -23.32 5.16
CA TYR A 808 -1.21 -21.94 4.83
C TYR A 808 -2.45 -21.85 3.93
N THR A 809 -3.26 -22.92 3.85
CA THR A 809 -4.43 -22.95 2.96
C THR A 809 -5.30 -21.72 3.16
N ALA A 810 -5.47 -21.28 4.39
CA ALA A 810 -6.28 -20.12 4.64
C ALA A 810 -5.74 -18.90 3.88
N ALA A 811 -4.42 -18.78 3.72
CA ALA A 811 -3.89 -17.63 3.00
C ALA A 811 -4.29 -17.74 1.55
N CYS A 812 -4.23 -18.95 1.01
CA CYS A 812 -4.61 -19.11 -0.38
C CYS A 812 -6.08 -18.84 -0.59
N LYS A 813 -6.90 -19.28 0.35
CA LYS A 813 -8.32 -19.06 0.22
C LYS A 813 -8.61 -17.56 0.24
N THR A 814 -7.90 -16.82 1.09
CA THR A 814 -8.08 -15.39 1.19
C THR A 814 -7.70 -14.68 -0.09
N ILE A 815 -6.57 -15.07 -0.66
CA ILE A 815 -6.06 -14.45 -1.89
C ILE A 815 -6.99 -14.72 -3.04
N GLU A 816 -7.41 -15.96 -3.21
CA GLU A 816 -8.26 -16.29 -4.33
C GLU A 816 -9.63 -15.71 -4.18
N SER A 817 -10.19 -15.71 -2.96
CA SER A 817 -11.52 -15.19 -2.77
C SER A 817 -11.54 -13.73 -3.12
N ALA A 818 -10.56 -12.96 -2.68
CA ALA A 818 -10.59 -11.56 -2.98
C ALA A 818 -10.60 -11.30 -4.48
N LEU A 819 -9.82 -12.05 -5.24
CA LEU A 819 -9.80 -11.82 -6.67
C LEU A 819 -11.04 -12.35 -7.39
N GLN A 820 -11.58 -13.51 -6.98
CA GLN A 820 -12.72 -14.05 -7.69
C GLN A 820 -13.97 -13.23 -7.43
N LEU A 821 -14.13 -12.75 -6.21
CA LEU A 821 -15.31 -11.99 -5.87
C LEU A 821 -15.25 -10.60 -6.43
N SER A 822 -14.07 -10.01 -6.47
CA SER A 822 -13.99 -8.68 -6.99
C SER A 822 -14.29 -8.72 -8.48
N ALA A 823 -13.79 -9.74 -9.18
CA ALA A 823 -14.07 -9.84 -10.60
C ALA A 823 -15.56 -10.02 -10.84
N ARG A 824 -16.21 -10.82 -9.98
CA ARG A 824 -17.63 -11.05 -10.13
C ARG A 824 -18.39 -9.75 -9.97
N LEU A 825 -17.99 -8.95 -8.99
CA LEU A 825 -18.68 -7.70 -8.77
C LEU A 825 -18.51 -6.74 -9.92
N GLU A 826 -17.31 -6.63 -10.49
CA GLU A 826 -17.15 -5.67 -11.58
C GLU A 826 -18.00 -6.11 -12.75
N SER A 827 -18.10 -7.43 -12.97
CA SER A 827 -18.90 -7.92 -14.06
C SER A 827 -20.35 -7.54 -13.88
N VAL A 828 -20.86 -7.71 -12.66
CA VAL A 828 -22.25 -7.36 -12.43
C VAL A 828 -22.53 -5.90 -12.56
N GLU A 829 -21.70 -5.04 -11.98
CA GLU A 829 -22.03 -3.64 -12.04
C GLU A 829 -21.90 -3.05 -13.42
N VAL A 830 -20.91 -3.46 -14.21
CA VAL A 830 -20.78 -2.88 -15.53
C VAL A 830 -21.90 -3.34 -16.43
N ASN A 831 -22.21 -4.62 -16.41
CA ASN A 831 -23.27 -5.09 -17.28
C ASN A 831 -24.63 -4.64 -16.82
N SER A 832 -24.83 -4.43 -15.52
CA SER A 832 -26.09 -3.95 -15.03
C SER A 832 -26.32 -2.52 -15.50
N MET A 833 -25.27 -1.70 -15.40
CA MET A 833 -25.32 -0.30 -15.80
C MET A 833 -25.51 -0.07 -17.29
N LEU A 834 -24.77 -0.80 -18.13
CA LEU A 834 -24.83 -0.55 -19.56
C LEU A 834 -25.98 -1.22 -20.24
N THR A 835 -27.18 -0.70 -20.00
CA THR A 835 -28.34 -1.31 -20.64
C THR A 835 -28.47 -0.75 -22.03
N ILE A 836 -29.18 -1.46 -22.88
CA ILE A 836 -29.41 -1.02 -24.24
C ILE A 836 -30.87 -0.97 -24.65
N SER A 837 -31.28 0.15 -25.24
CA SER A 837 -32.62 0.33 -25.73
C SER A 837 -32.66 -0.07 -27.19
N ASP A 838 -33.58 -0.94 -27.56
CA ASP A 838 -33.62 -1.38 -28.94
C ASP A 838 -34.30 -0.34 -29.79
N GLU A 839 -35.27 0.34 -29.21
CA GLU A 839 -35.97 1.33 -29.99
C GLU A 839 -35.00 2.43 -30.35
N ALA A 840 -34.15 2.80 -29.38
CA ALA A 840 -33.16 3.84 -29.62
C ALA A 840 -32.02 3.38 -30.50
N LEU A 841 -31.60 2.13 -30.36
CA LEU A 841 -30.46 1.67 -31.12
C LEU A 841 -30.73 1.71 -32.60
N GLN A 842 -31.94 1.40 -32.96
CA GLN A 842 -32.36 1.36 -34.35
C GLN A 842 -32.32 2.72 -35.02
N LEU A 843 -32.32 3.81 -34.25
CA LEU A 843 -32.38 5.15 -34.82
C LEU A 843 -30.98 5.77 -34.94
N ALA A 844 -29.94 5.02 -34.61
CA ALA A 844 -28.59 5.56 -34.62
C ALA A 844 -27.73 5.12 -35.78
N THR A 845 -28.31 4.77 -36.92
CA THR A 845 -27.48 4.34 -38.02
C THR A 845 -27.28 5.50 -38.97
N ILE A 846 -26.41 5.35 -39.95
CA ILE A 846 -26.21 6.46 -40.88
C ILE A 846 -27.50 6.77 -41.61
N SER A 847 -28.22 5.73 -42.03
CA SER A 847 -29.47 5.93 -42.75
C SER A 847 -30.70 6.20 -41.88
N SER A 848 -30.73 5.72 -40.63
CA SER A 848 -31.91 5.95 -39.81
C SER A 848 -31.84 7.25 -39.01
N PHE A 849 -30.64 7.79 -38.81
CA PHE A 849 -30.51 9.02 -38.05
C PHE A 849 -30.68 10.20 -38.97
N ASN A 850 -31.79 10.89 -38.86
CA ASN A 850 -32.08 11.96 -39.80
C ASN A 850 -31.53 13.28 -39.34
N GLY A 851 -30.22 13.38 -39.50
CA GLY A 851 -29.52 14.60 -39.16
C GLY A 851 -30.00 15.61 -40.18
N ASP A 852 -30.04 16.87 -39.80
CA ASP A 852 -30.47 17.94 -40.67
C ASP A 852 -29.60 19.13 -40.41
N GLY A 853 -28.67 19.41 -41.31
CA GLY A 853 -27.70 20.48 -41.08
C GLY A 853 -26.52 19.93 -40.29
N TYR A 854 -26.82 19.37 -39.14
CA TYR A 854 -25.87 18.74 -38.24
C TYR A 854 -25.40 17.48 -38.93
N ASN A 855 -24.10 17.24 -38.97
CA ASN A 855 -23.54 16.11 -39.72
C ASN A 855 -23.63 14.75 -39.03
N PHE A 856 -22.90 14.53 -37.93
CA PHE A 856 -22.86 13.23 -37.23
C PHE A 856 -22.30 12.00 -37.98
N THR A 857 -21.73 12.16 -39.16
CA THR A 857 -21.20 10.99 -39.88
C THR A 857 -20.09 10.29 -39.11
N ASN A 858 -19.24 11.06 -38.45
CA ASN A 858 -18.10 10.50 -37.74
C ASN A 858 -18.44 10.08 -36.31
N VAL A 859 -19.70 10.24 -35.93
CA VAL A 859 -20.18 9.91 -34.60
C VAL A 859 -20.98 8.61 -34.62
N LEU A 860 -21.83 8.46 -35.62
CA LEU A 860 -22.72 7.33 -35.78
C LEU A 860 -21.95 6.10 -36.23
N GLY A 861 -22.48 4.93 -35.91
CA GLY A 861 -21.82 3.70 -36.32
C GLY A 861 -22.06 3.44 -37.78
N VAL A 862 -21.46 2.39 -38.29
CA VAL A 862 -21.57 2.07 -39.70
C VAL A 862 -22.30 0.78 -39.95
N SER A 863 -23.42 0.85 -40.62
CA SER A 863 -24.12 -0.38 -40.92
C SER A 863 -23.31 -1.05 -42.00
N VAL A 864 -23.17 -2.37 -41.92
CA VAL A 864 -22.42 -3.15 -42.92
C VAL A 864 -22.46 -4.62 -42.53
N VAL A 873 -25.03 -6.63 -38.95
CA VAL A 873 -23.64 -6.25 -38.79
C VAL A 873 -23.46 -4.74 -38.80
N GLN A 874 -22.78 -4.23 -37.77
CA GLN A 874 -22.50 -2.81 -37.60
C GLN A 874 -21.11 -2.60 -37.00
N LYS A 875 -20.38 -1.64 -37.55
CA LYS A 875 -19.03 -1.30 -37.13
C LYS A 875 -18.89 0.02 -36.39
N ARG A 876 -17.72 0.21 -35.79
CA ARG A 876 -17.36 1.41 -35.03
C ARG A 876 -17.43 2.67 -35.87
N SER A 877 -17.71 3.79 -35.20
CA SER A 877 -17.79 5.09 -35.86
C SER A 877 -16.39 5.52 -36.21
N PHE A 878 -16.25 6.53 -37.06
CA PHE A 878 -14.92 6.99 -37.41
C PHE A 878 -14.14 7.46 -36.18
N ILE A 879 -14.75 8.27 -35.33
CA ILE A 879 -14.02 8.72 -34.14
C ILE A 879 -13.66 7.55 -33.24
N GLU A 880 -14.58 6.60 -33.04
CA GLU A 880 -14.25 5.46 -32.20
C GLU A 880 -13.09 4.69 -32.78
N ASP A 881 -13.06 4.52 -34.09
CA ASP A 881 -12.00 3.79 -34.72
C ASP A 881 -10.67 4.52 -34.53
N LEU A 882 -10.68 5.85 -34.65
CA LEU A 882 -9.41 6.54 -34.48
C LEU A 882 -8.88 6.36 -33.08
N LEU A 883 -9.76 6.42 -32.09
CA LEU A 883 -9.31 6.31 -30.71
C LEU A 883 -8.81 4.92 -30.39
N PHE A 884 -9.51 3.89 -30.84
CA PHE A 884 -9.05 2.56 -30.51
C PHE A 884 -7.77 2.21 -31.25
N ASN A 885 -7.65 2.60 -32.51
CA ASN A 885 -6.43 2.27 -33.25
C ASN A 885 -5.24 3.07 -32.77
N LYS A 886 -5.47 4.31 -32.33
CA LYS A 886 -4.41 5.16 -31.84
C LYS A 886 -3.83 4.67 -30.54
N VAL A 887 -4.67 4.19 -29.64
CA VAL A 887 -4.19 3.77 -28.35
C VAL A 887 -3.83 2.30 -28.23
N VAL A 888 -4.68 1.41 -28.72
CA VAL A 888 -4.44 0.00 -28.54
C VAL A 888 -3.72 -0.58 -29.74
N ASP A 896 -9.52 -9.66 -25.50
CA ASP A 896 -9.51 -10.89 -24.72
C ASP A 896 -8.41 -11.83 -25.18
N GLU A 897 -7.74 -12.46 -24.22
CA GLU A 897 -6.64 -13.35 -24.54
C GLU A 897 -7.12 -14.74 -24.90
N ASP A 898 -6.38 -15.37 -25.80
CA ASP A 898 -6.61 -16.74 -26.21
C ASP A 898 -5.70 -17.71 -25.47
N TYR A 899 -6.27 -18.57 -24.63
CA TYR A 899 -5.43 -19.47 -23.86
C TYR A 899 -5.40 -20.87 -24.44
N LYS A 900 -6.07 -21.11 -25.56
CA LYS A 900 -6.15 -22.46 -26.12
C LYS A 900 -4.84 -22.85 -26.73
N ARG A 901 -4.06 -21.85 -27.03
CA ARG A 901 -2.76 -22.01 -27.60
C ARG A 901 -1.69 -22.28 -26.56
N CYS A 902 -1.92 -21.93 -25.30
CA CYS A 902 -0.81 -22.00 -24.36
C CYS A 902 -0.47 -23.43 -24.00
N SER A 903 -1.43 -24.32 -24.17
CA SER A 903 -1.28 -25.72 -23.86
C SER A 903 -0.72 -26.50 -25.02
N ASN A 904 -0.50 -25.86 -26.17
CA ASN A 904 -0.03 -26.60 -27.33
C ASN A 904 1.46 -26.81 -27.45
N GLY A 905 2.27 -26.01 -26.77
CA GLY A 905 3.69 -26.11 -27.05
C GLY A 905 3.77 -25.65 -28.49
N ARG A 906 4.65 -26.23 -29.31
CA ARG A 906 4.81 -25.87 -30.74
C ARG A 906 5.40 -24.48 -31.02
N SER A 907 4.95 -23.47 -30.31
CA SER A 907 5.49 -22.13 -30.37
C SER A 907 6.29 -21.88 -29.12
N VAL A 908 7.09 -20.83 -29.10
CA VAL A 908 7.76 -20.44 -27.89
C VAL A 908 6.80 -19.51 -27.21
N ALA A 909 6.55 -19.72 -25.94
CA ALA A 909 5.59 -18.92 -25.21
C ALA A 909 5.95 -17.44 -25.20
N ASP A 910 4.92 -16.61 -25.36
CA ASP A 910 5.01 -15.17 -25.28
C ASP A 910 4.76 -14.79 -23.83
N LEU A 911 4.64 -13.49 -23.55
CA LEU A 911 4.43 -13.08 -22.17
C LEU A 911 3.13 -13.58 -21.57
N VAL A 912 2.06 -13.61 -22.35
CA VAL A 912 0.79 -14.01 -21.80
C VAL A 912 0.82 -15.45 -21.41
N CYS A 913 1.34 -16.30 -22.28
CA CYS A 913 1.40 -17.69 -21.92
C CYS A 913 2.34 -17.89 -20.76
N ALA A 914 3.48 -17.20 -20.71
CA ALA A 914 4.35 -17.40 -19.58
C ALA A 914 3.65 -17.02 -18.28
N GLN A 915 2.85 -15.94 -18.27
CA GLN A 915 2.13 -15.58 -17.06
C GLN A 915 1.10 -16.64 -16.71
N TYR A 916 0.45 -17.19 -17.74
CA TYR A 916 -0.52 -18.25 -17.57
C TYR A 916 0.10 -19.49 -16.95
N TYR A 917 1.26 -19.88 -17.43
CA TYR A 917 1.95 -21.05 -16.93
C TYR A 917 2.23 -20.88 -15.43
N SER A 918 2.56 -19.67 -15.03
CA SER A 918 2.84 -19.31 -13.64
C SER A 918 1.60 -19.29 -12.75
N GLY A 919 0.41 -19.41 -13.34
CA GLY A 919 -0.83 -19.41 -12.59
C GLY A 919 -1.60 -18.10 -12.62
N VAL A 920 -1.21 -17.16 -13.46
CA VAL A 920 -1.91 -15.88 -13.51
C VAL A 920 -2.77 -15.79 -14.75
N MET A 921 -4.07 -15.67 -14.56
CA MET A 921 -4.99 -15.62 -15.66
C MET A 921 -5.59 -14.24 -15.82
N VAL A 922 -5.59 -13.74 -17.04
CA VAL A 922 -6.20 -12.46 -17.30
C VAL A 922 -7.55 -12.76 -17.90
N LEU A 923 -8.58 -12.24 -17.30
CA LEU A 923 -9.92 -12.59 -17.70
C LEU A 923 -10.35 -11.79 -18.91
N PRO A 924 -11.37 -12.26 -19.64
CA PRO A 924 -12.02 -11.55 -20.71
C PRO A 924 -12.58 -10.30 -20.12
N GLY A 925 -12.71 -9.26 -20.92
CA GLY A 925 -13.27 -8.03 -20.36
C GLY A 925 -14.72 -8.25 -19.97
N VAL A 926 -15.16 -7.49 -18.97
CA VAL A 926 -16.53 -7.54 -18.49
C VAL A 926 -17.53 -7.06 -19.52
N VAL A 927 -17.07 -6.23 -20.42
CA VAL A 927 -17.89 -5.74 -21.48
C VAL A 927 -17.08 -5.85 -22.76
N ASP A 928 -17.67 -6.36 -23.83
CA ASP A 928 -16.95 -6.40 -25.08
C ASP A 928 -16.94 -5.02 -25.71
N ALA A 929 -15.98 -4.77 -26.58
CA ALA A 929 -15.91 -3.48 -27.26
C ALA A 929 -17.16 -3.24 -28.10
N GLU A 930 -17.72 -4.31 -28.66
CA GLU A 930 -18.93 -4.17 -29.45
C GLU A 930 -20.12 -3.80 -28.60
N LYS A 931 -20.09 -4.12 -27.31
CA LYS A 931 -21.20 -3.79 -26.47
C LYS A 931 -21.08 -2.35 -26.08
N LEU A 932 -19.85 -1.86 -25.88
CA LEU A 932 -19.70 -0.44 -25.59
C LEU A 932 -20.18 0.33 -26.80
N HIS A 933 -19.89 -0.17 -28.00
CA HIS A 933 -20.35 0.49 -29.21
C HIS A 933 -21.86 0.53 -29.27
N MET A 934 -22.54 -0.60 -29.04
CA MET A 934 -23.98 -0.57 -29.14
C MET A 934 -24.57 0.33 -28.06
N TYR A 935 -23.96 0.35 -26.87
CA TYR A 935 -24.42 1.22 -25.80
C TYR A 935 -24.36 2.67 -26.22
N SER A 936 -23.23 3.09 -26.77
CA SER A 936 -23.08 4.46 -27.19
C SER A 936 -24.04 4.80 -28.31
N ALA A 937 -24.25 3.86 -29.24
CA ALA A 937 -25.17 4.09 -30.35
C ALA A 937 -26.59 4.25 -29.81
N SER A 938 -26.96 3.49 -28.80
CA SER A 938 -28.27 3.60 -28.17
C SER A 938 -28.46 4.95 -27.56
N LEU A 939 -27.45 5.46 -26.86
CA LEU A 939 -27.59 6.76 -26.24
C LEU A 939 -27.78 7.87 -27.25
N ILE A 940 -27.08 7.80 -28.37
CA ILE A 940 -27.25 8.81 -29.40
C ILE A 940 -28.56 8.66 -30.13
N GLY A 941 -28.93 7.45 -30.50
CA GLY A 941 -30.18 7.22 -31.19
C GLY A 941 -31.36 7.68 -30.35
N GLY A 942 -31.23 7.55 -29.05
CA GLY A 942 -32.28 7.95 -28.14
C GLY A 942 -32.57 9.44 -28.17
N MET A 943 -31.67 10.26 -28.70
CA MET A 943 -31.88 11.69 -28.74
C MET A 943 -32.97 12.07 -29.71
N VAL A 944 -33.29 11.17 -30.62
CA VAL A 944 -34.29 11.43 -31.62
C VAL A 944 -35.51 10.51 -31.43
N LEU A 945 -35.59 9.87 -30.28
CA LEU A 945 -36.73 9.03 -29.99
C LEU A 945 -37.79 9.89 -29.36
N GLY A 946 -38.49 10.65 -30.18
CA GLY A 946 -39.51 11.61 -29.72
C GLY A 946 -40.80 10.92 -29.28
N GLY A 947 -40.94 9.67 -29.67
CA GLY A 947 -42.10 8.88 -29.34
C GLY A 947 -41.97 7.52 -29.97
N PHE A 948 -43.00 6.71 -29.81
CA PHE A 948 -43.00 5.36 -30.34
C PHE A 948 -43.99 5.26 -31.48
N THR A 949 -43.74 4.31 -32.41
CA THR A 949 -44.62 4.00 -33.55
C THR A 949 -44.62 5.04 -34.67
N SER A 950 -43.82 6.08 -34.51
CA SER A 950 -43.76 7.16 -35.47
C SER A 950 -43.12 6.67 -36.76
N ALA A 951 -43.37 7.40 -37.84
CA ALA A 951 -42.84 7.10 -39.16
C ALA A 951 -41.33 7.23 -39.28
N ALA A 952 -40.74 8.16 -38.52
CA ALA A 952 -39.31 8.40 -38.62
C ALA A 952 -38.76 8.98 -37.35
N ALA A 953 -37.45 8.89 -37.21
CA ALA A 953 -36.73 9.48 -36.10
C ALA A 953 -36.99 10.97 -36.11
N LEU A 954 -37.02 11.55 -34.93
CA LEU A 954 -37.22 12.97 -34.82
C LEU A 954 -36.07 13.68 -35.54
N PRO A 955 -36.31 14.58 -36.48
CA PRO A 955 -35.26 15.29 -37.15
C PRO A 955 -34.41 15.85 -36.08
N PHE A 956 -33.12 15.76 -36.25
CA PHE A 956 -32.24 16.21 -35.21
C PHE A 956 -32.47 17.65 -34.82
N SER A 957 -32.74 18.51 -35.79
CA SER A 957 -32.92 19.92 -35.50
C SER A 957 -34.11 20.20 -34.60
N TYR A 958 -35.07 19.27 -34.50
CA TYR A 958 -36.20 19.46 -33.62
C TYR A 958 -35.78 19.08 -32.22
N ALA A 959 -34.89 18.10 -32.15
CA ALA A 959 -34.37 17.70 -30.84
C ALA A 959 -33.60 18.87 -30.26
N VAL A 960 -32.89 19.59 -31.15
CA VAL A 960 -32.10 20.74 -30.74
C VAL A 960 -32.98 21.92 -30.41
N GLN A 961 -34.01 22.20 -31.21
CA GLN A 961 -34.83 23.33 -30.87
C GLN A 961 -35.46 23.13 -29.52
N ALA A 962 -35.87 21.89 -29.19
CA ALA A 962 -36.44 21.69 -27.88
C ALA A 962 -35.41 21.96 -26.79
N ARG A 963 -34.15 21.55 -26.99
CA ARG A 963 -33.12 21.80 -26.00
C ARG A 963 -32.86 23.31 -25.86
N LEU A 964 -32.90 24.04 -26.97
CA LEU A 964 -32.68 25.47 -26.90
C LEU A 964 -33.78 26.13 -26.13
N ASN A 965 -35.03 25.68 -26.31
CA ASN A 965 -36.15 26.31 -25.63
C ASN A 965 -36.01 26.15 -24.13
N TYR A 966 -35.40 25.05 -23.67
CA TYR A 966 -35.23 24.89 -22.23
C TYR A 966 -34.23 25.89 -21.69
N LEU A 967 -33.18 26.22 -22.45
CA LEU A 967 -32.27 27.20 -21.90
C LEU A 967 -32.91 28.58 -21.86
N ALA A 968 -33.62 28.92 -22.94
CA ALA A 968 -34.32 30.18 -23.05
C ALA A 968 -35.42 30.04 -24.08
N LEU A 969 -36.58 30.62 -23.82
CA LEU A 969 -37.59 30.52 -24.85
C LEU A 969 -37.05 31.29 -26.04
N GLN A 970 -37.12 30.71 -27.22
CA GLN A 970 -36.59 31.40 -28.37
C GLN A 970 -37.69 32.24 -28.98
N THR A 971 -37.36 33.47 -29.39
CA THR A 971 -38.36 34.31 -30.02
C THR A 971 -37.99 34.46 -31.48
N ASP A 972 -36.75 34.18 -31.80
CA ASP A 972 -36.29 34.18 -33.16
C ASP A 972 -36.57 32.78 -33.66
N VAL A 973 -37.62 32.67 -34.43
CA VAL A 973 -38.09 31.38 -34.86
C VAL A 973 -37.93 31.25 -36.34
N LEU A 974 -37.00 32.01 -36.92
CA LEU A 974 -36.82 31.99 -38.37
C LEU A 974 -36.18 30.70 -38.88
N GLN A 975 -35.65 29.89 -37.96
CA GLN A 975 -34.99 28.61 -38.20
C GLN A 975 -33.66 28.78 -38.94
N ARG A 976 -33.20 30.01 -39.06
CA ARG A 976 -31.91 30.27 -39.69
C ARG A 976 -30.85 30.04 -38.65
N ASN A 977 -31.20 30.29 -37.40
CA ASN A 977 -30.25 30.16 -36.33
C ASN A 977 -29.84 28.72 -36.19
N GLN A 978 -30.73 27.81 -36.53
CA GLN A 978 -30.42 26.41 -36.45
C GLN A 978 -29.35 26.05 -37.45
N GLN A 979 -29.34 26.72 -38.62
CA GLN A 979 -28.34 26.46 -39.63
C GLN A 979 -27.02 26.98 -39.14
N LEU A 980 -27.04 28.13 -38.50
CA LEU A 980 -25.81 28.70 -38.03
C LEU A 980 -25.22 27.84 -36.92
N LEU A 981 -26.08 27.32 -36.05
CA LEU A 981 -25.57 26.45 -35.02
C LEU A 981 -25.07 25.16 -35.64
N ALA A 982 -25.78 24.61 -36.63
CA ALA A 982 -25.34 23.38 -37.25
C ALA A 982 -23.98 23.55 -37.88
N GLU A 983 -23.73 24.71 -38.49
CA GLU A 983 -22.44 24.93 -39.10
C GLU A 983 -21.35 24.98 -38.05
N SER A 984 -21.60 25.62 -36.90
CA SER A 984 -20.56 25.65 -35.89
C SER A 984 -20.35 24.24 -35.30
N PHE A 985 -21.42 23.45 -35.26
CA PHE A 985 -21.35 22.07 -34.78
C PHE A 985 -20.46 21.29 -35.68
N ASN A 986 -20.71 21.39 -36.98
CA ASN A 986 -19.96 20.63 -37.94
C ASN A 986 -18.50 21.01 -37.90
N SER A 987 -18.20 22.29 -37.68
CA SER A 987 -16.82 22.69 -37.59
C SER A 987 -16.20 22.09 -36.33
N ALA A 988 -16.94 22.07 -35.22
CA ALA A 988 -16.42 21.50 -33.99
C ALA A 988 -16.14 20.01 -34.15
N ILE A 989 -17.00 19.26 -34.84
CA ILE A 989 -16.74 17.85 -35.05
C ILE A 989 -15.51 17.70 -35.90
N GLY A 990 -15.39 18.51 -36.95
CA GLY A 990 -14.22 18.40 -37.79
C GLY A 990 -12.95 18.66 -36.99
N ASN A 991 -12.96 19.65 -36.09
CA ASN A 991 -11.77 19.94 -35.31
C ASN A 991 -11.42 18.82 -34.35
N ILE A 992 -12.44 18.17 -33.77
CA ILE A 992 -12.21 17.03 -32.90
C ILE A 992 -11.70 15.85 -33.66
N THR A 993 -12.31 15.57 -34.79
CA THR A 993 -11.93 14.45 -35.58
C THR A 993 -10.47 14.61 -35.95
N SER A 994 -10.08 15.82 -36.38
CA SER A 994 -8.70 16.12 -36.72
C SER A 994 -7.81 16.12 -35.48
N ALA A 995 -8.28 16.57 -34.33
CA ALA A 995 -7.44 16.55 -33.15
C ALA A 995 -6.98 15.14 -32.83
N PHE A 996 -7.80 14.15 -33.09
CA PHE A 996 -7.40 12.78 -32.79
C PHE A 996 -6.28 12.28 -33.72
N GLU A 997 -6.05 12.97 -34.83
CA GLU A 997 -5.01 12.61 -35.80
C GLU A 997 -3.85 13.62 -35.76
N SER A 998 -2.77 13.24 -35.11
CA SER A 998 -1.59 14.10 -34.92
C SER A 998 -1.85 15.44 -34.23
N VAL A 999 -2.48 15.42 -33.05
CA VAL A 999 -2.77 16.68 -32.34
C VAL A 999 -1.48 17.46 -32.03
N LYS A 1000 -0.40 16.72 -31.75
CA LYS A 1000 0.88 17.26 -31.35
C LYS A 1000 1.54 18.19 -32.33
N GLU A 1001 1.12 18.18 -33.59
CA GLU A 1001 1.77 19.04 -34.56
C GLU A 1001 1.65 20.53 -34.21
N ALA A 1002 0.54 20.96 -33.62
CA ALA A 1002 0.40 22.39 -33.32
C ALA A 1002 -0.51 22.65 -32.13
N ILE A 1003 -0.23 22.06 -30.98
CA ILE A 1003 -1.14 22.30 -29.86
C ILE A 1003 -0.51 23.12 -28.73
N SER A 1004 -1.23 24.18 -28.35
CA SER A 1004 -0.87 25.12 -27.29
C SER A 1004 -1.22 24.62 -25.89
N GLN A 1005 -0.70 25.32 -24.89
CA GLN A 1005 -0.96 25.00 -23.48
C GLN A 1005 -2.42 25.13 -23.10
N THR A 1006 -3.12 26.09 -23.69
CA THR A 1006 -4.53 26.25 -23.40
C THR A 1006 -5.31 25.07 -23.95
N SER A 1007 -4.98 24.72 -25.19
CA SER A 1007 -5.66 23.69 -25.94
C SER A 1007 -5.45 22.29 -25.43
N LYS A 1008 -4.39 22.04 -24.67
CA LYS A 1008 -4.16 20.70 -24.14
C LYS A 1008 -4.57 20.54 -22.69
N GLY A 1009 -5.31 21.52 -22.17
CA GLY A 1009 -5.74 21.50 -20.78
C GLY A 1009 -7.03 20.72 -20.58
N LEU A 1010 -7.75 21.03 -19.52
CA LEU A 1010 -8.96 20.26 -19.20
C LEU A 1010 -10.05 20.37 -20.24
N ASN A 1011 -10.74 19.25 -20.42
CA ASN A 1011 -11.85 19.03 -21.34
C ASN A 1011 -11.49 19.24 -22.80
N THR A 1012 -10.29 18.80 -23.17
CA THR A 1012 -9.79 18.91 -24.53
C THR A 1012 -9.48 17.54 -25.07
N VAL A 1013 -9.26 17.43 -26.38
CA VAL A 1013 -8.93 16.14 -26.93
C VAL A 1013 -7.59 15.66 -26.47
N ALA A 1014 -6.60 16.52 -26.47
CA ALA A 1014 -5.28 16.07 -26.08
C ALA A 1014 -5.27 15.57 -24.65
N HIS A 1015 -5.99 16.23 -23.75
CA HIS A 1015 -6.02 15.74 -22.39
C HIS A 1015 -6.72 14.41 -22.30
N ALA A 1016 -7.92 14.31 -22.90
CA ALA A 1016 -8.66 13.08 -22.82
C ALA A 1016 -7.93 11.93 -23.48
N LEU A 1017 -7.25 12.21 -24.59
CA LEU A 1017 -6.54 11.19 -25.32
C LEU A 1017 -5.35 10.71 -24.52
N THR A 1018 -4.65 11.64 -23.86
CA THR A 1018 -3.52 11.27 -23.03
C THR A 1018 -3.99 10.37 -21.93
N LYS A 1019 -5.12 10.71 -21.30
CA LYS A 1019 -5.66 9.91 -20.22
C LYS A 1019 -5.98 8.51 -20.68
N VAL A 1020 -6.54 8.36 -21.89
CA VAL A 1020 -6.87 7.04 -22.40
C VAL A 1020 -5.60 6.22 -22.53
N GLN A 1021 -4.54 6.83 -23.06
CA GLN A 1021 -3.30 6.07 -23.18
C GLN A 1021 -2.73 5.67 -21.83
N GLU A 1022 -2.81 6.54 -20.83
CA GLU A 1022 -2.26 6.17 -19.54
C GLU A 1022 -3.02 4.99 -18.93
N VAL A 1023 -4.34 4.97 -19.12
CA VAL A 1023 -5.14 3.87 -18.59
C VAL A 1023 -4.74 2.57 -19.25
N VAL A 1024 -4.58 2.57 -20.56
CA VAL A 1024 -4.19 1.37 -21.26
C VAL A 1024 -2.75 0.95 -20.95
N ASN A 1025 -1.81 1.88 -20.97
CA ASN A 1025 -0.40 1.55 -20.80
C ASN A 1025 -0.07 0.95 -19.43
N SER A 1026 -0.76 1.36 -18.40
CA SER A 1026 -0.52 0.87 -17.06
C SER A 1026 -1.29 -0.38 -16.70
N GLN A 1027 -2.10 -0.89 -17.63
CA GLN A 1027 -2.99 -1.99 -17.32
C GLN A 1027 -2.30 -3.27 -16.83
N GLY A 1028 -1.13 -3.59 -17.36
CA GLY A 1028 -0.42 -4.81 -16.97
C GLY A 1028 0.65 -4.58 -15.93
N ALA A 1029 0.73 -3.38 -15.36
CA ALA A 1029 1.81 -3.04 -14.46
C ALA A 1029 1.89 -3.93 -13.23
N ALA A 1030 0.75 -4.35 -12.70
CA ALA A 1030 0.79 -5.19 -11.50
C ALA A 1030 1.13 -6.64 -11.86
N LEU A 1031 0.74 -7.08 -13.06
CA LEU A 1031 0.94 -8.48 -13.44
C LEU A 1031 2.40 -8.81 -13.55
N THR A 1032 3.17 -7.83 -13.97
CA THR A 1032 4.58 -8.08 -14.14
C THR A 1032 5.31 -7.95 -12.82
N GLN A 1033 4.70 -7.46 -11.75
CA GLN A 1033 5.48 -7.38 -10.54
C GLN A 1033 5.29 -8.71 -9.87
N LEU A 1034 4.10 -9.26 -10.04
CA LEU A 1034 3.80 -10.53 -9.43
C LEU A 1034 4.65 -11.59 -10.11
N THR A 1035 4.75 -11.51 -11.45
CA THR A 1035 5.53 -12.45 -12.24
C THR A 1035 7.03 -12.33 -11.97
N VAL A 1036 7.54 -11.12 -11.91
CA VAL A 1036 8.97 -10.96 -11.67
C VAL A 1036 9.37 -11.48 -10.31
N GLN A 1037 8.56 -11.28 -9.29
CA GLN A 1037 8.94 -11.76 -7.97
C GLN A 1037 9.17 -13.27 -7.91
N LEU A 1038 8.70 -14.05 -8.88
CA LEU A 1038 8.93 -15.50 -8.89
C LEU A 1038 10.39 -15.80 -9.06
N GLN A 1039 11.11 -14.85 -9.64
CA GLN A 1039 12.54 -14.91 -9.88
C GLN A 1039 13.30 -14.88 -8.58
N HIS A 1040 12.74 -14.22 -7.58
CA HIS A 1040 13.44 -13.93 -6.36
C HIS A 1040 13.74 -15.17 -5.55
N ASN A 1041 14.97 -15.24 -5.10
CA ASN A 1041 15.44 -16.29 -4.24
C ASN A 1041 15.37 -15.89 -2.78
N PHE A 1042 14.40 -16.40 -2.07
CA PHE A 1042 14.22 -15.99 -0.69
C PHE A 1042 15.11 -16.78 0.24
N GLN A 1043 16.40 -16.51 0.15
CA GLN A 1043 17.45 -17.17 0.93
C GLN A 1043 17.46 -18.70 0.85
N ALA A 1044 17.35 -19.23 -0.35
CA ALA A 1044 17.38 -20.65 -0.61
C ALA A 1044 18.52 -20.97 -1.56
N ILE A 1045 18.78 -22.25 -1.82
CA ILE A 1045 19.80 -22.62 -2.80
C ILE A 1045 19.39 -22.10 -4.17
N SER A 1046 18.11 -22.19 -4.48
CA SER A 1046 17.58 -21.77 -5.76
C SER A 1046 16.20 -21.19 -5.63
N SER A 1047 15.81 -20.36 -6.58
CA SER A 1047 14.46 -19.81 -6.64
C SER A 1047 13.46 -20.88 -7.05
N SER A 1048 13.99 -21.97 -7.60
CA SER A 1048 13.22 -23.11 -8.06
C SER A 1048 13.06 -24.22 -7.04
N ILE A 1049 11.82 -24.56 -6.79
CA ILE A 1049 11.46 -25.58 -5.83
C ILE A 1049 11.99 -26.93 -6.23
N ASP A 1050 11.85 -27.24 -7.52
CA ASP A 1050 12.32 -28.50 -8.05
C ASP A 1050 13.84 -28.60 -7.92
N ASP A 1051 14.52 -27.48 -8.14
CA ASP A 1051 15.99 -27.42 -7.95
C ASP A 1051 16.31 -27.83 -6.52
N ILE A 1052 15.62 -27.24 -5.54
CA ILE A 1052 15.96 -27.46 -4.14
C ILE A 1052 15.74 -28.92 -3.77
N TYR A 1053 14.59 -29.48 -4.14
CA TYR A 1053 14.33 -30.87 -3.77
C TYR A 1053 15.25 -31.86 -4.45
N SER A 1054 15.75 -31.51 -5.62
CA SER A 1054 16.63 -32.39 -6.35
C SER A 1054 18.09 -32.26 -5.93
N ARG A 1055 18.41 -31.32 -5.03
CA ARG A 1055 19.79 -31.12 -4.62
C ARG A 1055 20.00 -31.43 -3.14
N LEU A 1056 19.10 -30.97 -2.31
CA LEU A 1056 19.22 -31.14 -0.87
C LEU A 1056 18.43 -32.34 -0.41
N ASP A 1057 18.67 -32.77 0.82
CA ASP A 1057 17.89 -33.85 1.38
C ASP A 1057 16.51 -33.29 1.62
N ILE A 1058 15.56 -34.15 1.87
CA ILE A 1058 14.19 -33.69 2.06
C ILE A 1058 13.99 -32.74 3.21
N LEU A 1059 14.63 -32.92 4.34
CA LEU A 1059 14.24 -32.02 5.42
C LEU A 1059 14.86 -30.66 5.23
N SER A 1060 16.09 -30.63 4.71
CA SER A 1060 16.71 -29.34 4.47
C SER A 1060 15.94 -28.66 3.34
N ALA A 1061 15.49 -29.44 2.36
CA ALA A 1061 14.76 -28.88 1.27
C ALA A 1061 13.46 -28.29 1.73
N ASP A 1062 12.73 -29.04 2.57
CA ASP A 1062 11.47 -28.54 3.19
C ASP A 1062 11.72 -27.14 3.77
N ALA A 1063 12.80 -26.97 4.54
CA ALA A 1063 13.06 -25.71 5.21
C ALA A 1063 13.23 -24.56 4.22
N GLN A 1064 13.88 -24.83 3.08
CA GLN A 1064 14.10 -23.77 2.13
C GLN A 1064 12.88 -23.52 1.25
N VAL A 1065 12.12 -24.56 1.01
CA VAL A 1065 10.93 -24.39 0.23
C VAL A 1065 9.96 -23.58 1.05
N ASP A 1066 9.89 -23.82 2.35
CA ASP A 1066 9.01 -23.02 3.19
C ASP A 1066 9.41 -21.53 3.11
N ARG A 1067 10.71 -21.23 3.02
CA ARG A 1067 11.09 -19.83 2.87
C ARG A 1067 10.52 -19.28 1.55
N LEU A 1068 10.61 -20.07 0.48
CA LEU A 1068 10.09 -19.62 -0.80
C LEU A 1068 8.58 -19.47 -0.73
N ILE A 1069 7.89 -20.35 -0.01
CA ILE A 1069 6.44 -20.25 0.10
C ILE A 1069 6.04 -18.97 0.78
N THR A 1070 6.69 -18.62 1.87
CA THR A 1070 6.30 -17.39 2.55
C THR A 1070 6.50 -16.21 1.63
N GLY A 1071 7.63 -16.16 0.93
CA GLY A 1071 7.91 -15.05 0.04
C GLY A 1071 6.90 -14.93 -1.11
N ARG A 1072 6.51 -16.07 -1.68
CA ARG A 1072 5.56 -16.09 -2.77
C ARG A 1072 4.16 -15.69 -2.26
N LEU A 1073 3.75 -16.11 -1.06
CA LEU A 1073 2.45 -15.70 -0.54
C LEU A 1073 2.45 -14.20 -0.30
N SER A 1074 3.58 -13.65 0.15
CA SER A 1074 3.64 -12.21 0.36
C SER A 1074 3.43 -11.48 -0.96
N ALA A 1075 4.08 -11.96 -2.04
CA ALA A 1075 3.91 -11.33 -3.34
C ALA A 1075 2.46 -11.36 -3.79
N LEU A 1076 1.76 -12.47 -3.53
CA LEU A 1076 0.35 -12.54 -3.89
C LEU A 1076 -0.47 -11.57 -3.09
N ASN A 1077 -0.18 -11.41 -1.80
CA ASN A 1077 -0.97 -10.47 -1.04
C ASN A 1077 -0.74 -9.04 -1.51
N ALA A 1078 0.48 -8.70 -1.90
CA ALA A 1078 0.73 -7.36 -2.39
C ALA A 1078 -0.06 -7.11 -3.66
N PHE A 1079 -0.10 -8.13 -4.54
CA PHE A 1079 -0.83 -8.03 -5.78
C PHE A 1079 -2.28 -7.78 -5.53
N VAL A 1080 -2.86 -8.55 -4.60
CA VAL A 1080 -4.26 -8.39 -4.32
C VAL A 1080 -4.52 -7.01 -3.79
N ALA A 1081 -3.72 -6.52 -2.86
CA ALA A 1081 -3.99 -5.20 -2.34
C ALA A 1081 -3.97 -4.14 -3.43
N GLN A 1082 -3.04 -4.25 -4.38
CA GLN A 1082 -2.95 -3.28 -5.46
C GLN A 1082 -4.15 -3.39 -6.37
N THR A 1083 -4.56 -4.62 -6.64
CA THR A 1083 -5.68 -4.89 -7.52
C THR A 1083 -6.97 -4.38 -6.93
N LEU A 1084 -7.20 -4.61 -5.65
CA LEU A 1084 -8.43 -4.17 -5.03
C LEU A 1084 -8.47 -2.66 -4.97
N THR A 1085 -7.32 -2.02 -4.74
CA THR A 1085 -7.27 -0.59 -4.69
C THR A 1085 -7.67 -0.02 -6.04
N LYS A 1086 -7.16 -0.61 -7.12
CA LYS A 1086 -7.48 -0.14 -8.45
C LYS A 1086 -8.96 -0.28 -8.74
N TYR A 1087 -9.58 -1.38 -8.30
CA TYR A 1087 -11.00 -1.52 -8.56
C TYR A 1087 -11.78 -0.40 -7.90
N THR A 1088 -11.40 -0.02 -6.68
CA THR A 1088 -12.11 1.07 -6.02
C THR A 1088 -12.00 2.37 -6.81
N GLU A 1089 -10.80 2.68 -7.31
CA GLU A 1089 -10.65 3.93 -8.06
C GLU A 1089 -11.50 3.92 -9.32
N VAL A 1090 -11.56 2.77 -9.99
CA VAL A 1090 -12.35 2.67 -11.19
C VAL A 1090 -13.81 2.82 -10.87
N GLN A 1091 -14.28 2.22 -9.79
CA GLN A 1091 -15.68 2.36 -9.43
C GLN A 1091 -16.03 3.82 -9.25
N ALA A 1092 -15.15 4.61 -8.65
CA ALA A 1092 -15.48 6.01 -8.51
C ALA A 1092 -15.66 6.68 -9.88
N SER A 1093 -14.81 6.31 -10.86
CA SER A 1093 -14.94 6.87 -12.20
C SER A 1093 -16.20 6.35 -12.87
N ARG A 1094 -16.54 5.10 -12.64
CA ARG A 1094 -17.74 4.52 -13.22
C ARG A 1094 -18.98 5.21 -12.70
N LYS A 1095 -19.02 5.51 -11.39
CA LYS A 1095 -20.18 6.20 -10.83
C LYS A 1095 -20.33 7.56 -11.47
N LEU A 1096 -19.22 8.25 -11.70
CA LEU A 1096 -19.33 9.55 -12.33
C LEU A 1096 -19.80 9.40 -13.76
N ALA A 1097 -19.30 8.39 -14.48
CA ALA A 1097 -19.73 8.21 -15.85
C ALA A 1097 -21.22 7.94 -15.90
N GLN A 1098 -21.76 7.19 -14.95
CA GLN A 1098 -23.18 6.95 -14.96
C GLN A 1098 -23.92 8.24 -14.73
N GLN A 1099 -23.43 9.11 -13.84
CA GLN A 1099 -24.09 10.37 -13.61
C GLN A 1099 -24.03 11.23 -14.86
N LYS A 1100 -22.93 11.19 -15.60
CA LYS A 1100 -22.83 11.99 -16.80
C LYS A 1100 -23.78 11.47 -17.84
N VAL A 1101 -23.94 10.17 -17.96
CA VAL A 1101 -24.89 9.74 -18.95
C VAL A 1101 -26.29 10.17 -18.56
N ASN A 1102 -26.68 9.94 -17.32
CA ASN A 1102 -28.05 10.28 -16.97
C ASN A 1102 -28.33 11.78 -16.99
N GLU A 1103 -27.35 12.59 -16.63
CA GLU A 1103 -27.53 14.03 -16.55
C GLU A 1103 -27.08 14.87 -17.76
N CYS A 1104 -26.09 14.43 -18.52
CA CYS A 1104 -25.60 15.19 -19.66
C CYS A 1104 -26.08 14.61 -20.99
N VAL A 1105 -26.34 13.29 -21.04
CA VAL A 1105 -26.70 12.66 -22.31
C VAL A 1105 -28.19 12.45 -22.44
N LYS A 1106 -28.81 11.83 -21.44
CA LYS A 1106 -30.23 11.52 -21.50
C LYS A 1106 -31.11 12.69 -21.10
N SER A 1107 -30.51 13.70 -20.55
CA SER A 1107 -31.21 14.88 -20.06
C SER A 1107 -30.33 16.09 -20.20
N GLN A 1108 -30.90 17.27 -20.00
CA GLN A 1108 -30.14 18.50 -20.11
C GLN A 1108 -29.91 19.07 -18.73
N SER A 1109 -28.67 19.01 -18.28
CA SER A 1109 -28.30 19.41 -16.94
C SER A 1109 -28.54 20.86 -16.66
N GLN A 1110 -29.01 21.13 -15.45
CA GLN A 1110 -29.26 22.49 -14.98
C GLN A 1110 -28.14 22.95 -14.05
N ARG A 1111 -27.11 22.11 -13.93
CA ARG A 1111 -26.00 22.40 -13.04
C ARG A 1111 -24.91 23.09 -13.82
N TYR A 1112 -24.68 24.35 -13.53
CA TYR A 1112 -23.71 25.07 -14.30
C TYR A 1112 -22.38 24.42 -14.17
N GLY A 1113 -21.74 24.21 -15.29
CA GLY A 1113 -20.40 23.69 -15.28
C GLY A 1113 -20.26 22.18 -15.16
N PHE A 1114 -21.36 21.44 -15.00
CA PHE A 1114 -21.21 20.00 -14.84
C PHE A 1114 -20.85 19.31 -16.14
N CYS A 1115 -21.59 19.62 -17.20
CA CYS A 1115 -21.35 19.00 -18.48
C CYS A 1115 -20.51 19.97 -19.29
N GLY A 1116 -19.37 19.53 -19.77
CA GLY A 1116 -18.51 20.38 -20.60
C GLY A 1116 -17.70 21.36 -19.77
N GLY A 1117 -18.39 22.28 -19.11
CA GLY A 1117 -17.76 23.29 -18.27
C GLY A 1117 -17.84 24.70 -18.85
N ASP A 1118 -18.19 25.66 -18.03
CA ASP A 1118 -18.25 27.06 -18.46
C ASP A 1118 -19.01 27.42 -19.74
N GLY A 1119 -20.26 27.00 -19.85
CA GLY A 1119 -21.07 27.35 -21.01
C GLY A 1119 -22.46 26.75 -20.87
N GLU A 1120 -23.31 26.97 -21.86
CA GLU A 1120 -24.69 26.47 -21.76
C GLU A 1120 -24.86 25.11 -22.43
N HIS A 1121 -25.22 24.11 -21.67
CA HIS A 1121 -25.29 22.77 -22.25
C HIS A 1121 -26.49 22.55 -23.15
N ILE A 1122 -26.26 21.93 -24.33
CA ILE A 1122 -27.37 21.59 -25.21
C ILE A 1122 -27.51 20.08 -25.26
N PHE A 1123 -26.41 19.39 -25.58
CA PHE A 1123 -26.52 17.93 -25.78
C PHE A 1123 -25.12 17.31 -25.78
N SER A 1124 -25.04 16.04 -25.40
CA SER A 1124 -23.78 15.36 -25.43
C SER A 1124 -23.92 14.04 -26.12
N LEU A 1125 -22.84 13.63 -26.71
CA LEU A 1125 -22.74 12.41 -27.46
C LEU A 1125 -21.77 11.49 -26.75
N VAL A 1126 -21.93 10.20 -26.93
CA VAL A 1126 -21.01 9.27 -26.32
C VAL A 1126 -20.39 8.37 -27.37
N GLN A 1127 -19.10 8.11 -27.22
CA GLN A 1127 -18.33 7.23 -28.08
C GLN A 1127 -17.63 6.17 -27.24
N ALA A 1128 -17.49 4.97 -27.78
CA ALA A 1128 -16.77 3.93 -27.06
C ALA A 1128 -15.30 4.26 -27.03
N ALA A 1129 -14.62 3.89 -25.96
CA ALA A 1129 -13.20 4.13 -25.83
C ALA A 1129 -12.56 2.95 -25.12
N PRO A 1130 -11.25 2.73 -25.23
CA PRO A 1130 -10.61 1.67 -24.51
C PRO A 1130 -10.93 1.79 -23.04
N GLN A 1131 -11.38 0.70 -22.46
CA GLN A 1131 -11.72 0.56 -21.04
C GLN A 1131 -12.84 1.50 -20.56
N GLY A 1132 -13.56 2.16 -21.45
CA GLY A 1132 -14.57 3.09 -20.97
C GLY A 1132 -15.24 3.91 -22.06
N LEU A 1133 -15.75 5.08 -21.66
CA LEU A 1133 -16.49 5.94 -22.57
C LEU A 1133 -15.91 7.31 -22.72
N LEU A 1134 -16.03 7.85 -23.92
CA LEU A 1134 -15.63 9.20 -24.17
C LEU A 1134 -16.85 10.04 -24.49
N PHE A 1135 -16.92 11.17 -23.83
CA PHE A 1135 -18.04 12.07 -23.96
C PHE A 1135 -17.69 13.29 -24.76
N LEU A 1136 -18.57 13.64 -25.66
CA LEU A 1136 -18.44 14.85 -26.44
C LEU A 1136 -19.56 15.79 -25.99
N HIS A 1137 -19.21 16.86 -25.32
CA HIS A 1137 -20.21 17.75 -24.76
C HIS A 1137 -20.41 18.97 -25.62
N THR A 1138 -21.62 19.15 -26.15
CA THR A 1138 -21.88 20.27 -27.03
C THR A 1138 -22.49 21.38 -26.20
N VAL A 1139 -21.73 22.47 -26.14
CA VAL A 1139 -22.00 23.60 -25.30
C VAL A 1139 -22.05 24.92 -26.04
N LEU A 1140 -23.03 25.77 -25.76
CA LEU A 1140 -23.04 27.06 -26.43
C LEU A 1140 -22.20 28.08 -25.71
N VAL A 1141 -21.52 28.86 -26.52
CA VAL A 1141 -20.69 29.95 -26.09
C VAL A 1141 -21.14 31.22 -26.82
N PRO A 1142 -21.42 32.34 -26.13
CA PRO A 1142 -21.85 33.60 -26.71
C PRO A 1142 -20.69 34.21 -27.41
N SER A 1143 -20.96 35.03 -28.41
CA SER A 1143 -19.87 35.72 -29.10
C SER A 1143 -19.90 37.20 -28.79
N ASP A 1144 -21.09 37.69 -28.47
CA ASP A 1144 -21.36 39.09 -28.26
C ASP A 1144 -22.37 39.29 -27.18
N PHE A 1145 -22.41 40.47 -26.62
CA PHE A 1145 -23.44 40.74 -25.64
C PHE A 1145 -24.23 41.96 -26.07
N VAL A 1146 -25.51 41.98 -25.73
CA VAL A 1146 -26.35 43.11 -26.02
C VAL A 1146 -26.46 43.97 -24.77
N ASP A 1147 -26.15 45.25 -24.90
CA ASP A 1147 -26.16 46.13 -23.75
C ASP A 1147 -27.51 46.82 -23.59
N VAL A 1148 -28.20 46.54 -22.50
CA VAL A 1148 -29.52 47.10 -22.26
C VAL A 1148 -29.65 47.67 -20.84
N ILE A 1149 -30.70 48.45 -20.61
CA ILE A 1149 -30.97 48.94 -19.27
C ILE A 1149 -32.17 48.24 -18.66
N ALA A 1150 -31.92 47.58 -17.54
CA ALA A 1150 -32.91 46.80 -16.83
C ALA A 1150 -33.87 47.68 -16.08
N ILE A 1151 -35.13 47.27 -16.13
CA ILE A 1151 -36.22 47.91 -15.42
C ILE A 1151 -36.62 47.08 -14.23
N ALA A 1152 -36.47 47.63 -13.04
CA ALA A 1152 -36.77 46.89 -11.81
C ALA A 1152 -38.22 46.48 -11.75
N GLY A 1153 -39.08 47.31 -12.28
CA GLY A 1153 -40.51 47.08 -12.28
C GLY A 1153 -41.20 48.35 -12.68
N LEU A 1154 -42.51 48.28 -12.79
CA LEU A 1154 -43.31 49.42 -13.20
C LEU A 1154 -44.27 49.82 -12.09
N CYS A 1155 -44.61 51.09 -11.98
CA CYS A 1155 -45.71 51.49 -11.12
C CYS A 1155 -46.75 52.23 -11.91
N VAL A 1156 -48.01 51.89 -11.70
CA VAL A 1156 -49.06 52.52 -12.46
C VAL A 1156 -49.98 53.36 -11.59
N ASN A 1157 -49.96 54.66 -11.88
CA ASN A 1157 -50.76 55.69 -11.25
C ASN A 1157 -50.61 55.70 -9.73
N ASP A 1158 -49.43 55.36 -9.23
CA ASP A 1158 -49.16 55.29 -7.80
C ASP A 1158 -50.05 54.30 -7.03
N GLU A 1159 -50.81 53.45 -7.72
CA GLU A 1159 -51.65 52.47 -7.05
C GLU A 1159 -51.13 51.06 -7.17
N ILE A 1160 -50.59 50.71 -8.33
CA ILE A 1160 -50.14 49.33 -8.55
C ILE A 1160 -48.69 49.17 -8.88
N ALA A 1161 -47.99 48.34 -8.10
CA ALA A 1161 -46.61 48.03 -8.42
C ALA A 1161 -46.60 46.72 -9.21
N LEU A 1162 -46.03 46.73 -10.39
CA LEU A 1162 -45.97 45.55 -11.24
C LEU A 1162 -44.56 45.05 -11.45
N THR A 1163 -44.34 43.80 -11.09
CA THR A 1163 -43.02 43.24 -11.27
C THR A 1163 -43.15 41.96 -12.04
N LEU A 1164 -42.05 41.46 -12.58
CA LEU A 1164 -42.17 40.21 -13.31
C LEU A 1164 -42.29 39.07 -12.35
N ARG A 1165 -43.08 38.08 -12.70
CA ARG A 1165 -43.22 36.89 -11.86
C ARG A 1165 -41.98 36.02 -11.82
N GLU A 1166 -41.33 35.83 -12.96
CA GLU A 1166 -40.18 34.94 -13.06
C GLU A 1166 -38.84 35.66 -12.93
N PRO A 1167 -38.01 35.37 -11.90
CA PRO A 1167 -36.73 36.00 -11.62
C PRO A 1167 -35.70 35.90 -12.73
N GLY A 1168 -35.85 34.91 -13.61
CA GLY A 1168 -34.92 34.70 -14.70
C GLY A 1168 -35.27 35.48 -15.97
N LEU A 1169 -36.37 36.23 -15.92
CA LEU A 1169 -36.82 37.02 -17.05
C LEU A 1169 -36.51 38.48 -16.78
N VAL A 1170 -35.96 39.18 -17.75
CA VAL A 1170 -35.64 40.59 -17.52
C VAL A 1170 -36.33 41.55 -18.45
N LEU A 1171 -36.89 42.61 -17.86
CA LEU A 1171 -37.57 43.69 -18.57
C LEU A 1171 -36.56 44.79 -18.88
N PHE A 1172 -36.56 45.27 -20.12
CA PHE A 1172 -35.64 46.32 -20.56
C PHE A 1172 -36.22 47.21 -21.67
N THR A 1173 -35.60 48.39 -21.87
CA THR A 1173 -36.10 49.32 -22.92
C THR A 1173 -35.27 49.55 -24.19
N HIS A 1174 -34.02 49.11 -24.18
CA HIS A 1174 -33.12 49.33 -25.31
C HIS A 1174 -33.02 48.07 -26.14
N GLU A 1175 -32.73 48.20 -27.41
CA GLU A 1175 -32.54 47.04 -28.24
C GLU A 1175 -33.77 46.13 -28.14
N GLU A 1183 -38.63 50.90 -26.47
CA GLU A 1183 -39.80 50.03 -26.32
C GLU A 1183 -39.54 49.00 -25.25
N TYR A 1184 -40.57 48.60 -24.54
CA TYR A 1184 -40.35 47.63 -23.48
C TYR A 1184 -40.43 46.20 -24.01
N PHE A 1185 -39.40 45.44 -23.67
CA PHE A 1185 -39.24 44.05 -24.05
C PHE A 1185 -38.85 43.20 -22.88
N VAL A 1186 -39.15 41.91 -22.99
CA VAL A 1186 -38.65 40.96 -22.02
C VAL A 1186 -37.90 39.86 -22.72
N SER A 1187 -36.87 39.35 -22.05
CA SER A 1187 -36.11 38.22 -22.58
C SER A 1187 -35.49 37.43 -21.45
N SER A 1188 -35.13 36.19 -21.71
CA SER A 1188 -34.43 35.44 -20.68
C SER A 1188 -33.09 36.03 -20.46
N ARG A 1189 -32.64 36.05 -19.22
CA ARG A 1189 -31.33 36.60 -18.91
C ARG A 1189 -30.21 35.84 -19.63
N ARG A 1190 -30.47 34.58 -20.00
CA ARG A 1190 -29.48 33.76 -20.67
C ARG A 1190 -29.26 34.06 -22.14
N MET A 1191 -30.27 34.56 -22.85
CA MET A 1191 -30.09 34.78 -24.28
C MET A 1191 -30.86 35.99 -24.75
N PHE A 1192 -30.29 36.77 -25.64
CA PHE A 1192 -31.03 37.91 -26.13
C PHE A 1192 -32.05 37.55 -27.19
N GLU A 1193 -33.17 37.05 -26.68
CA GLU A 1193 -34.33 36.59 -27.43
C GLU A 1193 -35.56 37.37 -26.97
N PRO A 1194 -35.75 38.63 -27.40
CA PRO A 1194 -36.79 39.52 -26.99
C PRO A 1194 -38.15 39.22 -27.57
N ARG A 1195 -39.15 39.56 -26.78
CA ARG A 1195 -40.55 39.60 -27.15
C ARG A 1195 -41.16 40.72 -26.35
N LYS A 1196 -42.29 41.25 -26.77
CA LYS A 1196 -42.91 42.25 -25.90
C LYS A 1196 -43.57 41.53 -24.75
N PRO A 1197 -43.65 42.14 -23.56
CA PRO A 1197 -44.25 41.61 -22.37
C PRO A 1197 -45.73 41.51 -22.51
N THR A 1198 -46.31 40.60 -21.76
CA THR A 1198 -47.75 40.49 -21.72
C THR A 1198 -48.27 40.62 -20.30
N VAL A 1199 -49.56 40.62 -20.17
CA VAL A 1199 -50.19 40.81 -18.88
C VAL A 1199 -49.83 39.68 -17.94
N SER A 1200 -49.81 38.48 -18.47
CA SER A 1200 -49.54 37.26 -17.75
C SER A 1200 -48.09 37.14 -17.26
N ASP A 1201 -47.27 38.14 -17.59
CA ASP A 1201 -45.84 38.15 -17.19
C ASP A 1201 -45.69 38.79 -15.80
N PHE A 1202 -46.63 39.68 -15.45
CA PHE A 1202 -46.49 40.49 -14.24
C PHE A 1202 -47.42 40.12 -13.10
N VAL A 1203 -46.98 40.42 -11.89
CA VAL A 1203 -47.80 40.24 -10.70
C VAL A 1203 -47.87 41.53 -9.94
N GLN A 1204 -48.89 41.68 -9.10
CA GLN A 1204 -49.01 42.88 -8.32
C GLN A 1204 -48.37 42.79 -6.96
N ILE A 1205 -47.60 43.80 -6.66
CA ILE A 1205 -46.88 44.00 -5.44
C ILE A 1205 -47.51 45.17 -4.72
N GLU A 1206 -47.69 45.05 -3.42
CA GLU A 1206 -48.32 46.10 -2.65
C GLU A 1206 -47.58 47.44 -2.65
N SER A 1207 -46.25 47.42 -2.65
CA SER A 1207 -45.49 48.67 -2.59
C SER A 1207 -44.59 48.93 -3.79
N CYS A 1208 -44.37 50.22 -4.05
CA CYS A 1208 -43.43 50.72 -5.05
C CYS A 1208 -42.11 51.11 -4.45
N VAL A 1209 -41.08 51.09 -5.27
CA VAL A 1209 -39.76 51.52 -4.89
C VAL A 1209 -39.27 52.58 -5.85
N VAL A 1210 -38.21 53.24 -5.47
CA VAL A 1210 -37.60 54.32 -6.25
C VAL A 1210 -37.06 53.85 -7.61
N THR A 1211 -36.85 52.55 -7.77
CA THR A 1211 -36.34 51.99 -9.00
C THR A 1211 -37.43 51.55 -9.99
N TYR A 1212 -38.70 51.71 -9.64
CA TYR A 1212 -39.77 51.33 -10.55
C TYR A 1212 -40.10 52.52 -11.46
N VAL A 1213 -40.53 52.24 -12.68
CA VAL A 1213 -40.89 53.28 -13.65
C VAL A 1213 -42.23 53.92 -13.36
N ASN A 1214 -42.29 55.24 -13.35
CA ASN A 1214 -43.56 55.89 -13.05
C ASN A 1214 -44.42 56.10 -14.29
N LEU A 1215 -45.44 55.27 -14.43
CA LEU A 1215 -46.38 55.25 -15.54
C LEU A 1215 -47.77 55.62 -15.07
N THR A 1216 -48.59 56.06 -16.00
CA THR A 1216 -50.02 56.19 -15.73
C THR A 1216 -50.81 55.14 -16.47
N ARG A 1217 -52.10 55.12 -16.21
CA ARG A 1217 -52.97 54.10 -16.82
C ARG A 1217 -53.07 54.22 -18.33
N ASP A 1218 -52.88 55.42 -18.86
CA ASP A 1218 -52.96 55.66 -20.29
C ASP A 1218 -51.67 55.34 -21.00
N GLN A 1219 -50.63 55.00 -20.25
CA GLN A 1219 -49.35 54.67 -20.82
C GLN A 1219 -49.15 53.18 -20.75
N LEU A 1220 -49.72 52.57 -19.72
CA LEU A 1220 -49.63 51.10 -19.48
C LEU A 1220 -49.73 50.34 -20.80
N PRO A 1221 -50.81 50.52 -21.63
CA PRO A 1221 -51.07 49.75 -22.85
C PRO A 1221 -49.94 49.84 -23.88
N ASP A 1222 -49.06 50.84 -23.77
CA ASP A 1222 -47.95 51.01 -24.69
C ASP A 1222 -46.68 50.37 -24.13
N VAL A 1223 -46.80 49.80 -22.93
CA VAL A 1223 -45.73 49.12 -22.23
C VAL A 1223 -46.05 47.64 -22.28
N ILE A 1224 -47.31 47.31 -21.98
CA ILE A 1224 -47.82 45.96 -22.06
C ILE A 1224 -48.98 46.00 -23.07
N PRO A 1225 -48.76 45.63 -24.34
CA PRO A 1225 -49.73 45.70 -25.42
C PRO A 1225 -51.05 44.97 -25.17
N ASP A 1226 -51.03 43.94 -24.33
CA ASP A 1226 -52.25 43.19 -24.08
C ASP A 1226 -53.02 43.69 -22.87
N TYR A 1227 -52.59 44.79 -22.28
CA TYR A 1227 -53.31 45.32 -21.13
C TYR A 1227 -54.56 46.04 -21.54
N ILE A 1228 -55.66 45.69 -20.89
CA ILE A 1228 -56.93 46.33 -21.15
C ILE A 1228 -57.48 46.99 -19.90
N ASP A 1229 -57.80 48.27 -20.01
CA ASP A 1229 -58.45 48.96 -18.92
C ASP A 1229 -59.93 48.73 -19.20
N VAL A 1230 -60.53 47.81 -18.46
CA VAL A 1230 -61.86 47.39 -18.79
C VAL A 1230 -62.86 48.49 -18.54
N ASN A 1231 -62.65 49.29 -17.51
CA ASN A 1231 -63.61 50.33 -17.23
C ASN A 1231 -63.64 51.36 -18.35
N LYS A 1232 -62.49 51.69 -18.90
CA LYS A 1232 -62.54 52.64 -19.98
C LYS A 1232 -63.21 52.04 -21.20
N THR A 1233 -62.95 50.77 -21.50
CA THR A 1233 -63.60 50.25 -22.69
C THR A 1233 -65.11 50.17 -22.53
N LEU A 1234 -65.58 49.88 -21.32
CA LEU A 1234 -67.00 49.78 -21.04
C LEU A 1234 -67.70 51.14 -21.00
N ASP A 1235 -67.05 52.15 -20.42
CA ASP A 1235 -67.63 53.49 -20.28
C ASP A 1235 -67.55 54.30 -21.55
N GLU A 1236 -66.51 54.09 -22.35
CA GLU A 1236 -66.32 54.85 -23.57
C GLU A 1236 -66.45 53.94 -24.79
N ASN B 13 10.16 40.83 52.29
CA ASN B 13 10.37 41.53 51.03
C ASN B 13 11.27 40.69 50.15
N PHE B 14 12.58 40.77 50.37
CA PHE B 14 13.47 39.97 49.56
C PHE B 14 13.29 38.52 49.91
N ARG B 15 13.09 38.21 51.19
CA ARG B 15 12.88 36.82 51.53
C ARG B 15 11.59 36.32 50.94
N ARG B 16 10.56 37.17 50.88
CA ARG B 16 9.30 36.72 50.28
C ARG B 16 9.51 36.42 48.80
N PHE B 17 10.31 37.26 48.14
CA PHE B 17 10.64 37.07 46.73
C PHE B 17 11.47 35.81 46.50
N PHE B 18 12.53 35.65 47.29
CA PHE B 18 13.55 34.62 47.00
C PHE B 18 13.02 33.23 47.32
N SER B 19 12.00 33.15 48.18
CA SER B 19 11.38 31.84 48.50
C SER B 19 10.66 31.29 47.28
N LYS B 20 10.23 32.15 46.36
CA LYS B 20 9.43 31.69 45.19
C LYS B 20 10.25 30.71 44.35
N PHE B 21 11.54 30.96 44.13
CA PHE B 21 12.36 29.93 43.43
C PHE B 21 12.79 28.97 44.53
N ASN B 22 12.02 27.89 44.69
CA ASN B 22 12.31 26.99 45.84
C ASN B 22 13.70 26.41 45.68
N VAL B 23 14.52 26.50 46.73
CA VAL B 23 15.86 25.83 46.72
C VAL B 23 15.80 24.87 47.90
N GLN B 24 16.09 23.59 47.67
CA GLN B 24 15.91 22.58 48.76
C GLN B 24 16.82 22.86 49.97
N ALA B 25 16.56 22.16 51.07
CA ALA B 25 16.81 22.56 52.47
C ALA B 25 18.26 22.98 52.72
N PRO B 26 19.32 22.25 52.33
CA PRO B 26 20.68 22.69 52.60
C PRO B 26 21.40 23.05 51.31
N ALA B 27 21.51 24.34 50.99
CA ALA B 27 22.13 24.71 49.70
C ALA B 27 22.65 26.13 49.70
N VAL B 28 23.63 26.41 48.84
CA VAL B 28 24.09 27.81 48.65
C VAL B 28 24.06 28.02 47.14
N VAL B 29 23.28 28.98 46.66
CA VAL B 29 23.13 29.15 45.18
C VAL B 29 23.18 30.65 44.89
N VAL B 30 23.76 31.03 43.75
CA VAL B 30 23.74 32.45 43.33
C VAL B 30 22.59 32.64 42.35
N LEU B 31 21.64 33.53 42.66
CA LEU B 31 20.49 33.80 41.76
C LEU B 31 20.65 35.21 41.20
N GLY B 32 20.47 35.39 39.88
CA GLY B 32 20.70 36.68 39.29
C GLY B 32 19.91 36.85 38.03
N GLY B 33 20.07 38.02 37.46
CA GLY B 33 19.34 38.39 36.26
C GLY B 33 18.69 39.73 36.54
N TYR B 34 17.69 40.09 35.76
CA TYR B 34 17.07 41.40 35.87
C TYR B 34 16.04 41.39 37.00
N LEU B 35 16.55 41.21 38.20
CA LEU B 35 15.83 41.07 39.45
C LEU B 35 15.55 42.43 40.04
N PRO B 36 14.49 42.60 40.85
CA PRO B 36 14.12 43.81 41.52
C PRO B 36 15.15 44.07 42.58
N ILE B 37 15.32 45.32 42.97
CA ILE B 37 16.27 45.65 44.01
C ILE B 37 16.08 47.07 44.52
N VAL B 59 13.82 47.87 28.95
CA VAL B 59 13.67 47.36 30.34
C VAL B 59 13.54 45.84 30.30
N HIS B 60 14.65 45.14 30.56
CA HIS B 60 14.65 43.65 30.49
C HIS B 60 13.70 43.09 31.56
N GLY B 61 13.66 43.71 32.74
CA GLY B 61 12.76 43.26 33.81
C GLY B 61 11.76 44.30 34.24
N ILE B 62 10.48 43.92 34.38
CA ILE B 62 9.45 44.87 34.89
C ILE B 62 8.70 44.18 36.03
N PHE B 63 8.70 44.79 37.21
CA PHE B 63 8.07 44.21 38.42
C PHE B 63 7.10 45.24 39.03
N VAL B 64 6.18 44.77 39.87
CA VAL B 64 5.15 45.60 40.48
C VAL B 64 4.90 45.32 41.95
N SER B 65 4.79 46.42 42.71
CA SER B 65 4.50 46.34 44.13
C SER B 65 3.36 47.28 44.48
N GLY B 72 -7.34 47.16 39.10
CA GLY B 72 -6.58 46.39 38.13
C GLY B 72 -5.17 46.90 37.90
N PHE B 73 -4.26 45.98 37.64
CA PHE B 73 -2.87 46.26 37.34
C PHE B 73 -2.45 45.44 36.12
N GLU B 74 -1.53 45.96 35.31
CA GLU B 74 -1.10 45.19 34.15
C GLU B 74 0.34 45.40 33.73
N ILE B 75 0.86 44.39 33.02
CA ILE B 75 2.16 44.39 32.37
C ILE B 75 2.06 44.07 30.88
N GLY B 76 2.66 44.91 30.02
CA GLY B 76 2.70 44.67 28.58
C GLY B 76 4.13 44.75 28.01
N ILE B 77 4.59 43.66 27.40
CA ILE B 77 5.95 43.61 26.86
C ILE B 77 5.93 43.41 25.36
N SER B 78 6.64 44.27 24.64
CA SER B 78 6.67 44.20 23.19
C SER B 78 8.04 44.39 22.55
N GLN B 79 8.10 44.03 21.26
CA GLN B 79 9.28 44.18 20.42
C GLN B 79 9.57 45.64 20.15
N PRO B 84 5.95 41.74 15.34
CA PRO B 84 4.52 41.53 15.19
C PRO B 84 4.21 40.15 14.68
N SER B 85 5.22 39.47 14.14
CA SER B 85 5.02 38.12 13.65
C SER B 85 5.12 37.10 14.77
N GLY B 86 5.82 37.46 15.83
CA GLY B 86 6.03 36.57 16.95
C GLY B 86 5.07 36.88 18.08
N TYR B 87 5.48 36.53 19.28
CA TYR B 87 4.64 36.67 20.42
C TYR B 87 5.03 37.87 21.26
N GLN B 88 4.03 38.49 21.86
CA GLN B 88 4.21 39.61 22.76
C GLN B 88 3.44 39.24 24.02
N LEU B 89 3.84 39.81 25.15
CA LEU B 89 3.22 39.41 26.40
C LEU B 89 2.35 40.41 27.10
N TYR B 90 1.21 39.93 27.57
CA TYR B 90 0.35 40.74 28.42
C TYR B 90 -0.06 39.97 29.68
N LEU B 91 -0.07 40.66 30.82
CA LEU B 91 -0.52 40.08 32.07
C LEU B 91 -1.45 41.02 32.80
N HIS B 92 -2.59 40.50 33.30
CA HIS B 92 -3.51 41.36 34.06
C HIS B 92 -4.07 40.72 35.34
N LYS B 93 -4.04 41.48 36.42
CA LYS B 93 -4.53 41.01 37.73
C LYS B 93 -5.26 42.12 38.45
N ALA B 94 -6.06 41.81 39.47
CA ALA B 94 -6.70 42.87 40.22
C ALA B 94 -6.89 42.51 41.68
N THR B 95 -6.96 43.54 42.52
CA THR B 95 -7.17 43.39 43.94
C THR B 95 -8.40 44.16 44.38
N THR B 102 -5.04 36.52 41.45
CA THR B 102 -4.72 35.65 40.32
C THR B 102 -4.62 36.47 39.06
N ALA B 103 -3.60 36.21 38.27
CA ALA B 103 -3.36 36.97 37.06
C ALA B 103 -3.65 36.18 35.81
N ARG B 104 -4.13 36.84 34.77
CA ARG B 104 -4.26 36.13 33.52
C ARG B 104 -3.02 36.43 32.68
N LEU B 105 -2.29 35.38 32.31
CA LEU B 105 -1.10 35.56 31.51
C LEU B 105 -1.35 35.14 30.08
N ARG B 106 -1.11 36.05 29.17
CA ARG B 106 -1.31 35.79 27.77
C ARG B 106 -0.08 36.14 26.94
N ILE B 107 0.52 35.12 26.35
CA ILE B 107 1.66 35.32 25.48
C ILE B 107 1.09 34.95 24.15
N CYS B 108 0.89 35.94 23.29
CA CYS B 108 0.12 35.70 22.07
C CYS B 108 0.54 36.60 20.92
N GLN B 109 0.04 36.27 19.73
CA GLN B 109 0.28 37.10 18.56
C GLN B 109 -0.73 38.23 18.53
N PHE B 110 -0.55 39.18 19.46
CA PHE B 110 -1.46 40.30 19.65
C PHE B 110 -1.29 41.35 18.56
N PRO B 111 -2.37 41.97 18.06
CA PRO B 111 -2.38 43.05 17.11
C PRO B 111 -1.95 44.33 17.80
N SER B 112 -1.47 45.29 17.03
CA SER B 112 -1.15 46.60 17.59
C SER B 112 -0.53 46.52 18.97
N ASN B 129 -1.90 32.03 17.05
CA ASN B 129 -2.77 32.17 18.26
C ASN B 129 -1.87 32.51 19.46
N CYS B 130 -1.98 31.72 20.53
CA CYS B 130 -1.21 31.95 21.74
C CYS B 130 -0.16 30.90 21.99
N LEU B 131 0.90 31.33 22.64
CA LEU B 131 1.97 30.46 23.08
C LEU B 131 1.53 29.93 24.44
N PHE B 132 0.88 30.83 25.19
CA PHE B 132 0.37 30.52 26.51
C PHE B 132 -0.83 31.41 26.85
N ASN B 133 -1.92 30.83 27.35
CA ASN B 133 -3.06 31.64 27.76
C ASN B 133 -3.79 30.98 28.93
N LYS B 134 -3.43 31.36 30.15
CA LYS B 134 -3.96 30.73 31.37
C LYS B 134 -3.90 31.63 32.58
N ALA B 135 -4.65 31.26 33.61
CA ALA B 135 -4.56 31.96 34.88
C ALA B 135 -3.39 31.43 35.70
N ILE B 136 -2.70 32.34 36.39
CA ILE B 136 -1.59 32.05 37.29
C ILE B 136 -1.83 32.67 38.69
N PRO B 137 -1.70 31.94 39.80
CA PRO B 137 -1.87 32.45 41.15
C PRO B 137 -1.01 33.68 41.36
N ALA B 138 -1.54 34.65 42.07
CA ALA B 138 -0.85 35.92 42.27
C ALA B 138 -1.34 36.62 43.52
N HIS B 139 -0.55 37.57 44.00
CA HIS B 139 -0.95 38.42 45.11
C HIS B 139 -0.97 39.88 44.67
N VAL B 145 6.63 40.57 45.62
CA VAL B 145 6.25 41.26 44.40
C VAL B 145 5.95 40.31 43.26
N VAL B 146 5.40 40.88 42.19
CA VAL B 146 5.05 40.15 40.97
C VAL B 146 5.75 40.76 39.77
N GLY B 147 6.28 39.92 38.87
CA GLY B 147 7.11 40.49 37.79
C GLY B 147 7.46 39.52 36.69
N ILE B 148 7.92 40.03 35.55
CA ILE B 148 8.36 39.16 34.42
C ILE B 148 9.79 39.57 34.02
N THR B 149 10.71 38.60 33.94
CA THR B 149 12.07 38.92 33.45
C THR B 149 12.35 38.07 32.23
N TRP B 150 12.83 38.69 31.15
CA TRP B 150 13.13 37.94 29.91
C TRP B 150 14.53 38.28 29.40
N ASP B 151 15.36 37.25 29.17
CA ASP B 151 16.70 37.48 28.57
C ASP B 151 16.99 36.33 27.60
N ASN B 152 17.72 36.59 26.52
CA ASN B 152 17.99 35.54 25.49
C ASN B 152 16.67 34.97 24.97
N ASP B 153 16.51 33.65 24.96
CA ASP B 153 15.28 33.00 24.44
C ASP B 153 14.50 32.34 25.58
N ARG B 154 14.56 32.91 26.78
CA ARG B 154 13.71 32.54 27.90
C ARG B 154 13.03 33.71 28.62
N VAL B 155 11.76 33.48 28.91
CA VAL B 155 10.91 34.40 29.65
C VAL B 155 10.57 33.79 30.99
N THR B 156 10.82 34.54 32.05
CA THR B 156 10.52 34.03 33.37
C THR B 156 9.42 34.86 34.01
N VAL B 157 8.39 34.18 34.45
CA VAL B 157 7.27 34.85 35.10
C VAL B 157 7.29 34.56 36.59
N PHE B 158 7.31 35.63 37.37
CA PHE B 158 7.43 35.55 38.81
C PHE B 158 6.11 35.91 39.46
N SER B 159 5.30 34.91 39.74
CA SER B 159 3.99 35.14 40.33
C SER B 159 3.71 33.88 41.09
N ASP B 160 3.99 33.91 42.39
CA ASP B 160 4.00 32.69 43.17
C ASP B 160 5.05 31.82 42.47
N LYS B 161 4.73 30.57 42.12
CA LYS B 161 5.64 29.68 41.42
C LYS B 161 6.32 30.38 40.24
N ILE B 162 7.61 30.14 40.07
CA ILE B 162 8.31 30.77 38.96
C ILE B 162 8.09 29.92 37.72
N TYR B 163 7.58 30.55 36.66
CA TYR B 163 7.29 29.83 35.42
C TYR B 163 8.33 30.13 34.36
N TYR B 164 8.77 29.09 33.67
CA TYR B 164 9.76 29.29 32.62
C TYR B 164 9.21 28.98 31.24
N PHE B 165 9.30 29.97 30.35
CA PHE B 165 8.81 29.82 29.00
C PHE B 165 9.97 29.89 28.04
N TYR B 166 10.08 28.89 27.19
CA TYR B 166 11.18 28.84 26.24
C TYR B 166 10.71 29.19 24.84
N PHE B 167 11.18 30.32 24.34
CA PHE B 167 10.78 30.83 23.05
C PHE B 167 11.74 31.88 22.53
N LYS B 168 12.03 31.85 21.25
CA LYS B 168 12.90 32.84 20.64
C LYS B 168 12.21 34.21 20.48
N ASN B 169 12.06 34.91 21.59
CA ASN B 169 11.42 36.22 21.67
C ASN B 169 12.40 37.34 21.39
N ASP B 170 11.86 38.47 20.98
CA ASP B 170 12.66 39.67 20.80
C ASP B 170 11.89 40.83 21.39
N TRP B 171 12.33 41.23 22.58
CA TRP B 171 11.67 42.30 23.38
C TRP B 171 12.70 43.38 23.72
N SER B 172 12.32 44.66 23.64
CA SER B 172 13.23 45.78 24.02
C SER B 172 12.57 46.74 25.02
N ARG B 173 11.25 46.89 24.98
CA ARG B 173 10.57 47.88 25.85
C ARG B 173 9.33 47.26 26.51
N VAL B 174 8.93 47.78 27.67
CA VAL B 174 7.76 47.23 28.42
C VAL B 174 6.86 48.38 28.86
N ALA B 175 5.53 48.19 28.85
CA ALA B 175 4.59 49.23 29.32
C ALA B 175 3.43 48.59 30.09
N THR B 176 2.82 49.33 31.01
CA THR B 176 1.71 48.78 31.85
C THR B 176 0.35 49.18 31.26
N ALA B 185 4.17 50.97 43.28
CA ALA B 185 5.44 51.32 42.66
C ALA B 185 5.87 50.33 41.61
N MET B 186 6.56 50.83 40.59
CA MET B 186 7.08 49.98 39.53
C MET B 186 8.60 50.00 39.43
N GLN B 187 9.18 48.85 39.18
CA GLN B 187 10.61 48.75 38.94
C GLN B 187 10.88 48.29 37.54
N TYR B 188 11.56 49.11 36.79
CA TYR B 188 11.91 48.81 35.42
C TYR B 188 13.43 48.55 35.44
N VAL B 189 13.81 47.31 35.14
CA VAL B 189 15.20 46.85 35.29
C VAL B 189 15.94 46.54 33.98
N TYR B 190 17.04 47.24 33.75
CA TYR B 190 17.85 47.08 32.53
C TYR B 190 19.24 46.50 32.75
N GLU B 191 19.60 46.23 34.00
CA GLU B 191 20.92 45.73 34.34
C GLU B 191 20.76 44.63 35.37
N PRO B 192 21.36 43.43 35.14
CA PRO B 192 21.24 42.28 36.00
C PRO B 192 22.04 42.41 37.26
N THR B 193 21.63 41.71 38.30
CA THR B 193 22.44 41.64 39.51
C THR B 193 22.56 40.23 40.00
N TYR B 194 23.36 40.03 41.05
CA TYR B 194 23.54 38.71 41.64
C TYR B 194 23.49 38.68 43.17
N TYR B 195 22.87 37.63 43.70
CA TYR B 195 22.76 37.39 45.14
C TYR B 195 23.17 35.98 45.48
N MET B 196 23.79 35.81 46.62
CA MET B 196 24.08 34.47 47.08
C MET B 196 23.10 34.12 48.15
N LEU B 197 22.42 33.03 47.92
CA LEU B 197 21.40 32.59 48.83
C LEU B 197 21.84 31.45 49.67
N ASN B 198 21.61 31.61 50.94
CA ASN B 198 21.94 30.57 51.90
C ASN B 198 20.64 30.01 52.48
N VAL B 199 20.33 28.81 52.06
CA VAL B 199 19.11 28.17 52.43
C VAL B 199 19.45 27.00 53.29
N THR B 200 19.00 27.01 54.55
CA THR B 200 19.31 25.94 55.47
C THR B 200 18.01 25.56 56.11
N SER B 201 17.12 26.52 56.01
CA SER B 201 15.81 26.50 56.65
C SER B 201 14.70 25.77 55.92
N ALA B 202 14.85 25.54 54.62
CA ALA B 202 13.81 24.84 53.87
C ALA B 202 12.43 25.46 54.05
N GLY B 203 12.37 26.79 53.92
CA GLY B 203 11.14 27.55 54.07
C GLY B 203 11.40 28.96 53.61
N GLU B 204 10.46 29.87 53.88
CA GLU B 204 10.60 31.25 53.42
C GLU B 204 11.62 32.03 54.21
N ASP B 205 11.97 31.53 55.37
CA ASP B 205 12.93 32.21 56.21
C ASP B 205 14.33 31.81 55.78
N GLY B 206 14.75 32.29 54.62
CA GLY B 206 16.06 31.99 54.06
C GLY B 206 17.05 32.66 54.97
N ILE B 207 18.26 32.14 55.05
CA ILE B 207 19.19 32.76 55.99
C ILE B 207 19.69 34.06 55.43
N SER B 208 20.02 34.04 54.16
CA SER B 208 20.52 35.24 53.55
C SER B 208 20.32 35.29 52.06
N TYR B 209 20.41 36.51 51.56
CA TYR B 209 20.46 36.90 50.17
C TYR B 209 21.59 37.92 50.10
N GLN B 210 22.78 37.41 50.30
CA GLN B 210 23.97 38.21 50.44
C GLN B 210 24.35 38.77 49.08
N PRO B 211 24.76 40.02 48.93
CA PRO B 211 25.21 40.50 47.64
C PRO B 211 26.30 39.56 47.19
N CYS B 212 26.27 39.17 45.93
CA CYS B 212 27.30 38.27 45.42
C CYS B 212 28.50 39.10 44.99
N THR B 213 29.69 38.74 45.49
CA THR B 213 30.87 39.53 45.20
C THR B 213 31.90 38.93 44.24
N ALA B 214 31.84 37.62 43.96
CA ALA B 214 32.86 37.05 43.09
C ALA B 214 32.36 35.86 42.32
N ASN B 215 32.81 35.77 41.06
CA ASN B 215 32.51 34.67 40.16
C ASN B 215 31.02 34.44 40.12
N CYS B 216 30.25 35.51 40.15
CA CYS B 216 28.83 35.37 40.27
C CYS B 216 28.18 34.73 39.07
N ILE B 217 28.67 35.07 37.89
CA ILE B 217 28.06 34.53 36.70
C ILE B 217 28.32 33.04 36.60
N GLY B 218 29.56 32.66 36.83
CA GLY B 218 29.95 31.27 36.72
C GLY B 218 29.28 30.44 37.78
N TYR B 219 29.19 30.95 39.00
CA TYR B 219 28.61 30.17 40.06
C TYR B 219 27.15 29.96 39.72
N ALA B 220 26.46 31.03 39.36
CA ALA B 220 25.03 30.95 39.07
C ALA B 220 24.73 30.00 37.92
N ALA B 221 25.58 30.02 36.90
CA ALA B 221 25.40 29.18 35.73
C ALA B 221 25.67 27.70 35.99
N ASN B 222 26.58 27.38 36.92
CA ASN B 222 26.93 25.98 37.12
C ASN B 222 26.40 25.33 38.40
N VAL B 223 26.06 26.09 39.42
CA VAL B 223 25.65 25.49 40.68
C VAL B 223 24.16 25.59 40.97
N PHE B 224 23.56 24.45 41.26
CA PHE B 224 22.15 24.37 41.60
C PHE B 224 21.93 23.44 42.78
N ALA B 225 20.81 23.63 43.48
CA ALA B 225 20.42 22.74 44.57
C ALA B 225 19.65 21.57 43.97
N THR B 226 19.88 20.38 44.47
CA THR B 226 19.19 19.18 43.99
C THR B 226 17.79 19.04 44.62
N GLU B 227 16.79 18.61 43.83
CA GLU B 227 15.44 18.38 44.37
C GLU B 227 15.38 17.02 45.09
N PRO B 228 14.44 16.77 46.01
CA PRO B 228 14.31 15.54 46.80
C PRO B 228 14.29 14.25 46.01
N ASN B 229 13.78 14.29 44.79
CA ASN B 229 13.71 13.12 43.97
C ASN B 229 14.88 12.96 43.01
N GLY B 230 15.90 13.79 43.18
CA GLY B 230 17.10 13.76 42.37
C GLY B 230 16.95 14.59 41.10
N HIS B 231 15.84 15.25 40.93
CA HIS B 231 15.72 16.01 39.71
C HIS B 231 16.56 17.27 39.75
N ILE B 232 17.04 17.66 38.59
CA ILE B 232 17.72 18.92 38.41
C ILE B 232 16.59 19.92 38.29
N PRO B 233 16.56 20.99 39.08
CA PRO B 233 15.48 21.92 39.13
C PRO B 233 15.26 22.63 37.82
N GLU B 234 14.00 22.86 37.53
CA GLU B 234 13.63 23.56 36.33
C GLU B 234 14.22 24.93 36.40
N GLY B 235 14.77 25.37 35.29
CA GLY B 235 15.36 26.69 35.19
C GLY B 235 16.88 26.60 35.12
N PHE B 236 17.43 25.46 35.49
CA PHE B 236 18.87 25.30 35.39
C PHE B 236 19.27 25.42 33.93
N SER B 237 20.36 26.15 33.69
CA SER B 237 20.88 26.41 32.37
C SER B 237 21.65 25.29 31.71
N PHE B 238 22.12 24.29 32.47
CA PHE B 238 22.89 23.22 31.85
C PHE B 238 24.08 23.79 31.11
N ASN B 239 24.72 24.80 31.69
CA ASN B 239 25.81 25.51 31.06
C ASN B 239 26.89 24.64 30.49
N ASN B 240 27.40 23.71 31.27
CA ASN B 240 28.43 22.82 30.78
C ASN B 240 27.95 21.40 30.71
N TRP B 241 26.64 21.20 30.64
CA TRP B 241 26.15 19.83 30.60
C TRP B 241 25.92 19.39 29.17
N PHE B 242 26.37 18.21 28.84
CA PHE B 242 26.21 17.72 27.49
C PHE B 242 25.44 16.43 27.44
N LEU B 243 24.79 16.19 26.31
CA LEU B 243 24.24 14.88 26.09
C LEU B 243 25.38 14.03 25.72
N LEU B 244 25.40 12.81 26.23
CA LEU B 244 26.54 11.90 26.03
C LEU B 244 26.20 11.03 24.83
N SER B 245 26.90 11.21 23.72
CA SER B 245 26.66 10.42 22.49
C SER B 245 27.97 9.84 21.98
N ASN B 246 28.01 8.52 21.78
CA ASN B 246 29.23 7.84 21.31
C ASN B 246 29.56 8.33 19.90
N ASP B 247 28.53 8.56 19.09
CA ASP B 247 28.75 9.00 17.69
C ASP B 247 27.73 10.06 17.30
N SER B 248 28.11 11.03 16.48
CA SER B 248 27.19 12.06 15.97
C SER B 248 26.93 13.14 17.02
N THR B 249 26.14 14.15 16.67
CA THR B 249 25.70 15.16 17.67
C THR B 249 24.28 15.59 17.29
N LEU B 250 23.33 15.62 18.21
CA LEU B 250 21.98 16.12 17.82
C LEU B 250 22.05 17.65 17.90
N VAL B 251 22.07 18.30 16.74
CA VAL B 251 22.20 19.74 16.72
C VAL B 251 20.91 20.40 17.11
N HIS B 252 19.81 19.89 16.59
CA HIS B 252 18.53 20.45 16.93
C HIS B 252 17.43 19.41 16.89
N GLY B 253 16.55 19.49 17.88
CA GLY B 253 15.38 18.63 17.93
C GLY B 253 15.09 18.14 19.35
N LYS B 254 14.06 17.33 19.48
CA LYS B 254 13.68 16.80 20.78
C LYS B 254 13.95 15.33 20.80
N VAL B 255 14.64 14.89 21.83
CA VAL B 255 15.00 13.49 21.94
C VAL B 255 14.63 12.87 23.25
N VAL B 256 14.18 11.62 23.22
CA VAL B 256 13.95 10.92 24.47
C VAL B 256 15.10 9.97 24.55
N SER B 257 15.86 10.04 25.63
CA SER B 257 17.03 9.20 25.74
C SER B 257 17.38 8.87 27.16
N ASN B 258 18.22 7.85 27.32
CA ASN B 258 18.70 7.43 28.63
C ASN B 258 20.04 8.07 28.92
N GLN B 259 20.05 9.02 29.84
CA GLN B 259 21.23 9.84 30.15
C GLN B 259 21.46 9.94 31.67
N PRO B 260 22.70 10.11 32.14
CA PRO B 260 23.07 10.24 33.54
C PRO B 260 22.77 11.62 34.10
N LEU B 261 21.47 11.94 34.08
CA LEU B 261 20.87 13.20 34.50
C LEU B 261 20.19 13.23 35.84
N LEU B 262 20.07 12.10 36.55
CA LEU B 262 19.39 12.13 37.84
C LEU B 262 20.43 12.34 38.90
N VAL B 263 20.30 13.38 39.70
CA VAL B 263 21.36 13.71 40.64
C VAL B 263 21.17 13.14 42.03
N ASN B 264 22.15 12.37 42.47
CA ASN B 264 22.17 11.80 43.84
C ASN B 264 22.80 12.84 44.77
N CYS B 265 23.83 13.52 44.27
CA CYS B 265 24.60 14.46 45.06
C CYS B 265 25.44 15.40 44.22
N LEU B 266 25.31 16.68 44.49
CA LEU B 266 26.12 17.65 43.80
C LEU B 266 27.03 18.37 44.76
N LEU B 267 28.32 18.31 44.49
CA LEU B 267 29.30 18.98 45.32
C LEU B 267 29.72 20.27 44.64
N ALA B 268 29.28 21.40 45.19
CA ALA B 268 29.59 22.68 44.57
C ALA B 268 30.92 23.17 45.04
N ILE B 269 31.67 23.77 44.13
CA ILE B 269 32.97 24.34 44.39
C ILE B 269 33.72 23.41 45.32
N PRO B 270 34.04 22.19 44.89
CA PRO B 270 34.62 21.17 45.71
C PRO B 270 36.06 21.49 46.03
N LYS B 271 36.51 20.99 47.17
CA LYS B 271 37.91 21.05 47.56
C LYS B 271 38.27 19.62 47.84
N ILE B 272 39.21 19.10 47.09
CA ILE B 272 39.54 17.69 47.22
C ILE B 272 40.79 17.40 48.03
N TYR B 273 41.89 18.08 47.72
CA TYR B 273 43.14 17.85 48.42
C TYR B 273 43.39 16.36 48.69
N GLN B 277 40.24 12.74 46.99
CA GLN B 277 39.01 12.01 47.28
C GLN B 277 38.78 10.83 46.37
N PHE B 278 38.43 9.74 46.99
CA PHE B 278 38.13 8.51 46.29
C PHE B 278 36.63 8.44 46.07
N PHE B 279 36.23 8.37 44.81
CA PHE B 279 34.82 8.31 44.46
C PHE B 279 34.49 6.91 43.99
N SER B 280 33.79 6.17 44.82
CA SER B 280 33.46 4.78 44.53
C SER B 280 32.18 4.67 43.75
N PHE B 281 32.05 3.63 42.93
CA PHE B 281 30.79 3.40 42.23
C PHE B 281 29.96 2.35 42.96
N ASN B 282 30.43 1.92 44.12
CA ASN B 282 29.71 0.94 44.93
C ASN B 282 29.05 1.59 46.14
N GLN B 283 29.55 2.75 46.57
CA GLN B 283 29.04 3.47 47.72
C GLN B 283 28.56 4.85 47.30
N THR B 284 28.05 5.62 48.24
CA THR B 284 27.65 6.99 47.95
C THR B 284 28.91 7.83 47.92
N ILE B 285 28.83 9.06 47.41
CA ILE B 285 30.04 9.88 47.42
C ILE B 285 30.08 10.72 48.65
N ASP B 286 31.23 10.77 49.30
CA ASP B 286 31.40 11.59 50.48
C ASP B 286 31.41 13.05 50.10
N GLY B 287 30.96 13.89 51.02
CA GLY B 287 31.02 15.32 50.80
C GLY B 287 29.72 15.97 51.19
N VAL B 288 29.66 17.28 51.07
CA VAL B 288 28.46 17.98 51.44
C VAL B 288 27.71 18.31 50.18
N CYS B 289 26.54 17.71 50.04
CA CYS B 289 25.74 17.85 48.84
C CYS B 289 25.00 19.17 48.90
N ASN B 290 24.83 19.79 47.75
CA ASN B 290 24.11 21.05 47.68
C ASN B 290 22.63 20.75 47.44
N GLY B 291 21.84 20.96 48.48
CA GLY B 291 20.42 20.67 48.51
C GLY B 291 20.13 19.25 48.91
N ALA B 292 19.20 18.62 48.23
CA ALA B 292 18.80 17.28 48.58
C ALA B 292 19.88 16.30 48.22
N ALA B 293 19.84 15.14 48.85
CA ALA B 293 20.77 14.11 48.48
C ALA B 293 20.07 12.79 48.56
N VAL B 294 20.50 11.89 47.71
CA VAL B 294 19.95 10.56 47.63
C VAL B 294 21.01 9.54 47.99
N GLN B 295 20.69 8.60 48.86
CA GLN B 295 21.68 7.63 49.27
C GLN B 295 21.83 6.48 48.30
N ARG B 296 22.43 6.78 47.16
CA ARG B 296 22.69 5.82 46.10
C ARG B 296 24.10 5.95 45.56
N ALA B 297 24.66 4.84 45.15
CA ALA B 297 25.95 4.88 44.49
C ALA B 297 25.72 5.48 43.11
N PRO B 298 26.70 6.21 42.53
CA PRO B 298 26.69 6.75 41.20
C PRO B 298 26.80 5.69 40.15
N GLU B 299 26.22 5.97 38.99
CA GLU B 299 26.39 5.16 37.82
C GLU B 299 27.38 5.92 36.99
N ALA B 300 27.42 7.23 37.24
CA ALA B 300 28.33 8.11 36.56
C ALA B 300 28.75 9.27 37.42
N LEU B 301 29.95 9.76 37.17
CA LEU B 301 30.46 10.96 37.82
C LEU B 301 30.66 12.03 36.79
N ARG B 302 29.94 13.11 36.97
CA ARG B 302 29.97 14.22 36.03
C ARG B 302 30.81 15.35 36.58
N PHE B 303 31.87 15.70 35.87
CA PHE B 303 32.79 16.75 36.28
C PHE B 303 32.67 18.00 35.42
N ASN B 304 32.21 19.08 36.03
CA ASN B 304 31.99 20.38 35.39
C ASN B 304 33.20 21.25 35.66
N ILE B 305 34.04 21.46 34.66
CA ILE B 305 35.34 22.12 34.78
C ILE B 305 35.36 23.64 34.77
N ASN B 306 36.09 24.21 35.74
CA ASN B 306 36.26 25.65 35.82
C ASN B 306 37.58 26.05 35.22
N ASP B 307 38.64 25.35 35.62
CA ASP B 307 39.98 25.62 35.13
C ASP B 307 40.78 24.35 35.03
N ILE B 308 40.90 23.84 33.82
CA ILE B 308 41.55 22.56 33.60
C ILE B 308 43.01 22.51 34.00
N SER B 309 43.68 23.66 34.13
CA SER B 309 45.10 23.66 34.47
C SER B 309 45.33 23.12 35.88
N VAL B 310 44.29 23.07 36.69
CA VAL B 310 44.36 22.56 38.03
C VAL B 310 44.68 21.07 38.01
N ILE B 311 44.10 20.37 37.06
CA ILE B 311 44.27 18.94 36.93
C ILE B 311 45.52 18.65 36.10
N LEU B 312 45.74 19.44 35.05
CA LEU B 312 46.89 19.21 34.18
C LEU B 312 48.18 19.41 34.98
N ALA B 313 48.19 20.41 35.86
CA ALA B 313 49.34 20.71 36.68
C ALA B 313 49.65 19.53 37.59
N SER B 316 45.23 15.17 38.96
CA SER B 316 45.34 13.76 38.67
C SER B 316 44.02 13.02 38.76
N ILE B 317 43.67 12.34 37.68
CA ILE B 317 42.48 11.51 37.61
C ILE B 317 42.84 10.06 37.36
N VAL B 318 42.44 9.17 38.26
CA VAL B 318 42.74 7.76 38.09
C VAL B 318 41.51 6.90 38.04
N LEU B 319 41.40 6.09 37.00
CA LEU B 319 40.27 5.20 36.87
C LEU B 319 40.72 3.82 37.36
N HIS B 320 40.03 3.32 38.39
CA HIS B 320 40.42 2.05 39.04
C HIS B 320 39.53 0.92 38.52
N THR B 321 40.08 0.05 37.67
CA THR B 321 39.28 -1.00 37.08
C THR B 321 39.03 -2.17 38.00
N ALA B 322 38.02 -2.93 37.63
CA ALA B 322 37.56 -4.12 38.33
C ALA B 322 38.63 -5.21 38.44
N LEU B 323 39.51 -5.30 37.46
CA LEU B 323 40.53 -6.33 37.51
C LEU B 323 41.83 -5.85 38.14
N GLY B 324 41.85 -4.62 38.67
CA GLY B 324 43.05 -4.11 39.30
C GLY B 324 44.01 -3.25 38.46
N THR B 325 43.63 -2.81 37.26
CA THR B 325 44.54 -1.96 36.49
C THR B 325 44.18 -0.50 36.75
N ASN B 326 45.19 0.31 37.01
CA ASN B 326 45.04 1.73 37.31
C ASN B 326 45.33 2.60 36.10
N PHE B 327 44.32 3.28 35.61
CA PHE B 327 44.46 4.12 34.44
C PHE B 327 44.57 5.58 34.82
N SER B 328 45.73 6.18 34.59
CA SER B 328 45.96 7.56 35.01
C SER B 328 46.14 8.54 33.87
N PHE B 329 45.43 9.65 33.93
CA PHE B 329 45.58 10.60 32.84
C PHE B 329 46.73 11.55 33.08
N VAL B 330 47.69 11.51 32.17
CA VAL B 330 48.89 12.30 32.29
C VAL B 330 49.01 13.29 31.16
N CYS B 331 48.99 14.56 31.48
CA CYS B 331 49.06 15.56 30.43
C CYS B 331 50.28 16.44 30.62
N SER B 332 50.92 16.77 29.51
CA SER B 332 52.08 17.65 29.61
C SER B 332 52.32 18.56 28.44
N ASN B 333 52.79 19.76 28.79
CA ASN B 333 53.15 20.83 27.87
C ASN B 333 54.65 21.05 27.86
N SER B 334 55.28 20.64 26.77
CA SER B 334 56.71 20.78 26.55
C SER B 334 57.60 20.17 27.63
N SER B 335 57.22 19.00 28.13
CA SER B 335 58.03 18.27 29.11
C SER B 335 57.72 16.79 29.03
N ASN B 336 58.68 15.99 28.57
CA ASN B 336 58.40 14.58 28.39
C ASN B 336 59.48 13.59 28.83
N PRO B 337 60.01 13.63 30.08
CA PRO B 337 61.10 12.78 30.56
C PRO B 337 60.89 11.28 30.36
N HIS B 338 59.65 10.85 30.46
CA HIS B 338 59.27 9.46 30.31
C HIS B 338 58.24 9.23 29.22
N LEU B 339 57.86 10.30 28.51
CA LEU B 339 56.82 10.20 27.51
C LEU B 339 57.40 10.19 26.12
N ALA B 340 58.50 10.91 25.91
CA ALA B 340 59.09 10.97 24.60
C ALA B 340 59.67 9.61 24.27
N THR B 341 59.52 9.19 23.02
CA THR B 341 60.10 7.92 22.61
C THR B 341 59.95 6.86 23.69
N PRO B 352 50.83 23.80 24.20
CA PRO B 352 49.94 22.69 23.88
C PRO B 352 50.16 21.52 24.80
N TYR B 353 49.09 20.97 25.32
CA TYR B 353 49.20 19.79 26.16
C TYR B 353 48.88 18.56 25.38
N TYR B 354 49.63 17.50 25.66
CA TYR B 354 49.41 16.20 25.06
C TYR B 354 49.05 15.26 26.16
N CYS B 355 47.99 14.47 25.98
CA CYS B 355 47.60 13.58 27.03
C CYS B 355 47.79 12.12 26.70
N PHE B 356 48.40 11.45 27.65
CA PHE B 356 48.74 10.05 27.63
C PHE B 356 48.00 9.31 28.69
N LEU B 357 47.66 8.08 28.42
CA LEU B 357 47.00 7.29 29.41
C LEU B 357 47.98 6.33 30.01
N LYS B 358 48.27 6.50 31.28
CA LYS B 358 49.22 5.62 31.90
C LYS B 358 48.49 4.39 32.28
N VAL B 359 48.92 3.26 31.77
CA VAL B 359 48.25 2.05 32.11
C VAL B 359 49.15 1.34 33.07
N ASP B 360 48.76 1.37 34.34
CA ASP B 360 49.61 0.88 35.45
C ASP B 360 49.02 -0.41 36.01
N THR B 361 49.67 -1.54 35.73
CA THR B 361 49.23 -2.83 36.23
C THR B 361 50.28 -3.34 37.19
N TYR B 362 50.02 -4.45 37.84
CA TYR B 362 50.97 -4.83 38.88
C TYR B 362 52.37 -5.16 38.38
N ASN B 363 52.49 -5.68 37.16
CA ASN B 363 53.79 -6.01 36.64
C ASN B 363 54.23 -5.13 35.45
N SER B 364 53.57 -3.99 35.22
CA SER B 364 53.96 -3.15 34.07
C SER B 364 53.37 -1.73 34.01
N THR B 365 54.18 -0.75 33.60
CA THR B 365 53.64 0.59 33.38
C THR B 365 54.00 1.12 32.00
N VAL B 366 52.98 1.47 31.23
CA VAL B 366 53.22 2.01 29.88
C VAL B 366 52.44 3.29 29.64
N TYR B 367 52.86 4.10 28.68
CA TYR B 367 52.09 5.29 28.35
C TYR B 367 51.54 5.24 26.94
N LYS B 368 50.23 5.25 26.83
CA LYS B 368 49.60 5.22 25.52
C LYS B 368 49.20 6.63 25.15
N PHE B 369 49.55 7.09 23.97
CA PHE B 369 49.11 8.43 23.63
C PHE B 369 47.65 8.42 23.27
N LEU B 370 46.86 9.33 23.84
CA LEU B 370 45.46 9.36 23.47
C LEU B 370 45.08 10.51 22.56
N ALA B 371 45.45 11.71 22.96
CA ALA B 371 45.01 12.87 22.20
C ALA B 371 45.77 14.12 22.50
N VAL B 372 45.73 15.06 21.57
CA VAL B 372 46.20 16.38 21.87
C VAL B 372 45.03 16.99 22.65
N LEU B 373 45.29 17.62 23.79
CA LEU B 373 44.20 18.14 24.59
C LEU B 373 43.43 19.24 23.83
N PRO B 374 42.08 19.16 23.69
CA PRO B 374 41.28 20.18 23.05
C PRO B 374 41.54 21.47 23.82
N PRO B 375 41.61 22.64 23.16
CA PRO B 375 41.82 23.92 23.81
C PRO B 375 40.89 24.18 24.96
N THR B 376 39.64 23.76 24.82
CA THR B 376 38.68 23.94 25.87
C THR B 376 37.95 22.66 26.20
N VAL B 377 37.98 22.32 27.47
CA VAL B 377 37.27 21.17 27.95
C VAL B 377 36.31 21.66 29.01
N ARG B 378 35.04 21.40 28.84
CA ARG B 378 34.05 21.87 29.79
C ARG B 378 33.54 20.75 30.65
N GLU B 379 33.43 19.57 30.06
CA GLU B 379 32.87 18.48 30.84
C GLU B 379 33.46 17.14 30.61
N ILE B 380 33.72 16.44 31.70
CA ILE B 380 34.17 15.06 31.63
C ILE B 380 33.21 14.15 32.36
N VAL B 381 32.74 13.11 31.70
CA VAL B 381 31.85 12.17 32.37
C VAL B 381 32.45 10.80 32.39
N ILE B 382 32.59 10.26 33.58
CA ILE B 382 33.15 8.94 33.75
C ILE B 382 32.07 8.00 34.23
N THR B 383 31.78 6.94 33.49
CA THR B 383 30.72 6.06 33.95
C THR B 383 31.30 4.86 34.64
N LYS B 384 30.42 4.12 35.33
CA LYS B 384 30.73 2.83 36.01
C LYS B 384 31.20 1.79 34.99
N TYR B 385 30.70 1.86 33.76
CA TYR B 385 31.04 0.86 32.72
C TYR B 385 32.33 1.28 32.03
N GLY B 386 32.89 2.42 32.42
CA GLY B 386 34.21 2.85 31.91
C GLY B 386 34.18 3.90 30.82
N ASP B 387 33.01 4.21 30.26
CA ASP B 387 33.02 5.17 29.13
C ASP B 387 33.44 6.53 29.66
N VAL B 388 34.40 7.20 28.98
CA VAL B 388 34.84 8.56 29.40
C VAL B 388 34.46 9.52 28.28
N TYR B 389 33.66 10.53 28.59
CA TYR B 389 33.18 11.47 27.55
C TYR B 389 33.74 12.85 27.85
N VAL B 390 34.45 13.46 26.91
CA VAL B 390 34.92 14.85 27.09
C VAL B 390 34.17 15.70 26.07
N ASN B 391 33.28 16.59 26.53
CA ASN B 391 32.45 17.44 25.64
C ASN B 391 31.44 16.58 24.86
N GLY B 392 31.04 15.45 25.41
CA GLY B 392 29.93 14.63 24.90
C GLY B 392 30.29 13.68 23.75
N PHE B 393 31.55 13.27 23.60
CA PHE B 393 31.91 12.44 22.41
C PHE B 393 32.30 10.99 22.74
N GLY B 394 32.24 10.54 23.99
CA GLY B 394 32.53 9.12 24.25
C GLY B 394 33.88 8.70 23.71
N TYR B 395 34.93 9.45 24.01
CA TYR B 395 36.26 9.19 23.40
C TYR B 395 36.86 7.85 23.79
N LEU B 396 36.87 7.48 25.07
CA LEU B 396 37.58 6.25 25.48
C LEU B 396 36.64 5.32 26.24
N HIS B 397 36.62 4.04 25.87
CA HIS B 397 35.82 3.05 26.62
C HIS B 397 36.79 2.04 27.24
N LEU B 398 36.76 1.91 28.57
CA LEU B 398 37.70 0.99 29.29
C LEU B 398 36.88 -0.18 29.84
N GLY B 399 37.43 -0.97 30.77
CA GLY B 399 36.63 -2.03 31.34
C GLY B 399 35.86 -1.46 32.52
N LEU B 400 35.15 -2.30 33.26
CA LEU B 400 34.32 -1.79 34.34
C LEU B 400 35.16 -1.16 35.42
N LEU B 401 34.63 -0.08 36.02
CA LEU B 401 35.36 0.63 37.06
C LEU B 401 34.78 0.42 38.43
N ASP B 402 35.63 0.39 39.42
CA ASP B 402 35.18 0.34 40.80
C ASP B 402 35.16 1.73 41.37
N ALA B 403 36.11 2.54 40.93
CA ALA B 403 36.26 3.88 41.50
C ALA B 403 37.07 4.82 40.65
N VAL B 404 36.91 6.10 40.94
CA VAL B 404 37.72 7.16 40.37
C VAL B 404 38.43 7.96 41.45
N THR B 405 39.74 8.13 41.35
CA THR B 405 40.43 8.93 42.34
C THR B 405 40.75 10.29 41.78
N ILE B 406 40.38 11.33 42.52
CA ILE B 406 40.66 12.69 42.13
C ILE B 406 41.67 13.30 43.07
N ASN B 407 42.73 13.88 42.52
CA ASN B 407 43.73 14.50 43.39
C ASN B 407 44.38 15.77 42.82
N PHE B 408 44.06 16.88 43.46
CA PHE B 408 44.57 18.18 43.11
C PHE B 408 44.51 19.04 44.37
N THR B 409 45.21 20.15 44.40
CA THR B 409 45.15 21.06 45.53
C THR B 409 43.69 21.30 45.93
N GLY B 419 39.17 23.41 41.00
CA GLY B 419 39.36 23.35 39.56
C GLY B 419 38.05 23.04 38.88
N PHE B 420 37.11 22.56 39.66
CA PHE B 420 35.81 22.19 39.15
C PHE B 420 34.75 23.13 39.68
N TRP B 421 33.71 23.35 38.91
CA TRP B 421 32.57 24.09 39.41
C TRP B 421 31.78 23.16 40.25
N THR B 422 31.56 21.97 39.71
CA THR B 422 30.78 20.96 40.41
C THR B 422 31.29 19.57 40.11
N ILE B 423 31.07 18.67 41.05
CA ILE B 423 31.23 17.24 40.82
C ILE B 423 29.91 16.61 41.19
N ALA B 424 29.33 15.82 40.31
CA ALA B 424 28.07 15.24 40.71
C ALA B 424 27.97 13.77 40.47
N SER B 425 27.31 13.14 41.41
CA SER B 425 26.97 11.74 41.35
C SER B 425 25.62 11.59 40.75
N THR B 426 25.55 10.93 39.59
CA THR B 426 24.27 10.81 38.93
C THR B 426 23.96 9.38 38.51
N ASN B 427 22.69 9.17 38.13
CA ASN B 427 22.17 7.90 37.65
C ASN B 427 21.49 8.06 36.30
N PHE B 428 21.41 6.96 35.56
CA PHE B 428 20.81 6.99 34.24
C PHE B 428 19.32 6.86 34.23
N VAL B 429 18.67 7.85 33.65
CA VAL B 429 17.22 7.87 33.56
C VAL B 429 16.73 8.27 32.20
N ASP B 430 15.53 7.82 31.84
CA ASP B 430 14.97 8.28 30.60
C ASP B 430 14.51 9.70 30.80
N ALA B 431 14.79 10.54 29.82
CA ALA B 431 14.36 11.90 29.89
C ALA B 431 14.13 12.47 28.51
N LEU B 432 13.30 13.48 28.44
CA LEU B 432 13.03 14.21 27.22
C LEU B 432 13.84 15.49 27.25
N ILE B 433 14.74 15.62 26.28
CA ILE B 433 15.65 16.75 26.24
C ILE B 433 15.50 17.58 24.98
N GLU B 434 15.37 18.90 25.12
CA GLU B 434 15.31 19.70 23.92
C GLU B 434 16.70 20.18 23.64
N VAL B 435 17.12 20.02 22.41
CA VAL B 435 18.46 20.40 22.03
C VAL B 435 18.47 21.51 21.00
N GLN B 436 19.25 22.54 21.29
CA GLN B 436 19.37 23.66 20.37
C GLN B 436 20.81 24.10 20.17
N GLY B 437 21.35 23.85 18.98
CA GLY B 437 22.72 24.25 18.70
C GLY B 437 23.64 23.37 19.51
N THR B 438 23.18 22.14 19.72
CA THR B 438 23.80 21.09 20.54
C THR B 438 23.66 21.32 22.05
N ALA B 439 23.17 22.49 22.47
CA ALA B 439 23.02 22.80 23.89
C ALA B 439 21.76 22.16 24.46
N ILE B 440 21.81 21.86 25.75
CA ILE B 440 20.66 21.34 26.48
C ILE B 440 19.78 22.37 27.12
N GLN B 441 18.48 22.20 26.95
CA GLN B 441 17.49 23.01 27.62
C GLN B 441 16.24 22.18 27.91
N ARG B 442 15.45 22.62 28.87
CA ARG B 442 14.14 22.01 29.14
C ARG B 442 14.14 20.51 29.39
N ILE B 443 14.91 20.00 30.32
CA ILE B 443 14.79 18.57 30.54
C ILE B 443 13.62 18.16 31.41
N LEU B 444 12.85 17.22 30.87
CA LEU B 444 11.71 16.61 31.54
C LEU B 444 12.07 15.17 31.89
N TYR B 445 11.85 14.77 33.13
CA TYR B 445 12.18 13.41 33.55
C TYR B 445 10.99 12.52 33.36
N CYS B 446 11.19 11.32 32.84
CA CYS B 446 10.06 10.44 32.56
C CYS B 446 9.71 9.56 33.75
N ASP B 447 9.45 10.17 34.92
CA ASP B 447 9.11 9.38 36.11
C ASP B 447 7.62 9.38 36.46
N ASP B 448 7.03 10.56 36.53
CA ASP B 448 5.62 10.74 36.86
C ASP B 448 4.76 10.20 35.72
N PRO B 449 3.63 9.51 35.94
CA PRO B 449 2.74 9.06 34.88
C PRO B 449 2.35 10.17 33.88
N VAL B 450 2.26 11.43 34.32
CA VAL B 450 1.92 12.48 33.37
C VAL B 450 3.10 12.67 32.45
N SER B 451 4.29 12.69 33.06
CA SER B 451 5.52 12.85 32.32
C SER B 451 5.75 11.65 31.44
N GLN B 452 5.39 10.45 31.89
CA GLN B 452 5.65 9.29 31.06
C GLN B 452 4.85 9.42 29.78
N LEU B 453 3.63 9.95 29.86
CA LEU B 453 2.88 10.19 28.65
C LEU B 453 3.57 11.23 27.77
N LYS B 454 4.02 12.33 28.36
CA LYS B 454 4.70 13.36 27.58
C LYS B 454 5.95 12.79 26.89
N CYS B 455 6.61 11.85 27.53
CA CYS B 455 7.84 11.31 26.90
C CYS B 455 7.44 10.48 25.68
N SER B 456 6.30 9.80 25.75
CA SER B 456 5.87 8.86 24.68
C SER B 456 5.43 9.64 23.45
N GLN B 457 4.83 10.81 23.66
CA GLN B 457 4.37 11.66 22.54
C GLN B 457 5.51 12.59 22.13
N VAL B 458 6.66 12.50 22.81
CA VAL B 458 7.87 13.33 22.51
C VAL B 458 7.51 14.82 22.55
N ALA B 459 6.67 15.23 23.49
CA ALA B 459 6.24 16.63 23.54
C ALA B 459 6.20 17.15 24.96
N PHE B 460 6.73 18.33 25.20
CA PHE B 460 6.63 18.94 26.56
C PHE B 460 5.18 19.31 26.82
N ASP B 461 4.47 19.79 25.80
CA ASP B 461 3.04 20.15 25.96
C ASP B 461 2.17 19.30 25.03
N LEU B 462 1.14 18.65 25.58
CA LEU B 462 0.24 17.77 24.78
C LEU B 462 -1.18 18.35 24.82
N ASP B 463 -1.87 18.45 23.67
CA ASP B 463 -3.16 19.10 23.63
C ASP B 463 -4.21 18.23 24.29
N ASP B 464 -5.42 18.73 24.34
CA ASP B 464 -6.53 17.97 24.92
C ASP B 464 -6.84 16.73 24.08
N GLY B 465 -7.06 15.60 24.72
CA GLY B 465 -7.39 14.41 23.96
C GLY B 465 -7.23 13.12 24.72
N PHE B 466 -7.53 12.02 24.06
CA PHE B 466 -7.36 10.74 24.70
C PHE B 466 -6.03 10.20 24.24
N TYR B 467 -5.28 9.66 25.16
CA TYR B 467 -3.98 9.10 24.86
C TYR B 467 -3.83 7.69 25.36
N THR B 468 -3.06 6.89 24.66
CA THR B 468 -2.87 5.53 25.10
C THR B 468 -1.76 5.43 26.13
N ILE B 469 -2.07 4.81 27.26
CA ILE B 469 -1.10 4.55 28.31
C ILE B 469 -1.26 3.09 28.70
N SER B 470 -0.28 2.52 29.39
CA SER B 470 -0.52 1.18 29.91
C SER B 470 -0.77 1.29 31.40
N SER B 471 -1.44 0.29 31.95
CA SER B 471 -1.66 0.23 33.37
C SER B 471 -0.37 -0.21 34.04
N ARG B 472 -0.29 -0.05 35.34
CA ARG B 472 0.87 -0.54 36.06
C ARG B 472 0.63 -2.00 36.38
N GLU B 478 10.70 -8.37 42.04
CA GLU B 478 10.54 -9.52 42.91
C GLU B 478 9.30 -10.30 42.58
N GLN B 479 9.30 -10.98 41.43
CA GLN B 479 8.13 -11.74 41.07
C GLN B 479 8.28 -13.16 41.61
N PRO B 480 7.19 -13.83 41.98
CA PRO B 480 7.16 -15.24 42.30
C PRO B 480 7.56 -15.98 41.05
N ILE B 481 8.18 -17.13 41.19
CA ILE B 481 8.56 -17.90 40.01
C ILE B 481 7.70 -19.13 39.88
N SER B 482 7.11 -19.34 38.72
CA SER B 482 6.28 -20.50 38.44
C SER B 482 6.95 -21.38 37.38
N PHE B 483 6.70 -22.68 37.43
CA PHE B 483 7.28 -23.66 36.51
C PHE B 483 6.43 -24.91 36.26
N VAL B 484 6.02 -25.10 35.01
CA VAL B 484 5.15 -26.22 34.70
C VAL B 484 5.67 -27.15 33.60
N THR B 485 5.73 -28.44 33.92
CA THR B 485 6.17 -29.50 33.00
C THR B 485 5.20 -30.62 33.02
N LEU B 486 5.39 -31.57 32.12
CA LEU B 486 4.56 -32.74 32.18
C LEU B 486 4.96 -33.34 33.53
N PRO B 487 4.05 -33.95 34.31
CA PRO B 487 4.27 -34.45 35.65
C PRO B 487 5.45 -35.37 35.79
N SER B 488 6.23 -35.11 36.83
CA SER B 488 7.42 -35.88 37.15
C SER B 488 7.80 -35.70 38.60
N PHE B 489 8.65 -36.58 39.12
CA PHE B 489 9.17 -36.46 40.46
C PHE B 489 10.64 -36.07 40.39
N ASN B 490 11.28 -35.82 41.54
CA ASN B 490 12.70 -35.48 41.45
C ASN B 490 13.50 -36.60 40.82
N ASP B 491 14.17 -36.27 39.74
CA ASP B 491 14.96 -37.17 38.93
C ASP B 491 16.10 -36.38 38.34
N HIS B 492 17.14 -36.15 39.13
CA HIS B 492 18.12 -35.17 38.72
C HIS B 492 19.55 -35.64 38.67
N SER B 493 20.24 -35.20 37.63
CA SER B 493 21.67 -35.49 37.48
C SER B 493 22.46 -34.24 37.14
N PHE B 494 23.74 -34.27 37.46
CA PHE B 494 24.58 -33.14 37.12
C PHE B 494 25.51 -33.45 35.98
N VAL B 495 25.79 -32.43 35.22
CA VAL B 495 26.77 -32.49 34.18
C VAL B 495 27.92 -31.62 34.65
N ASN B 496 28.95 -32.24 35.17
CA ASN B 496 30.07 -31.53 35.75
C ASN B 496 31.15 -31.31 34.73
N ILE B 497 31.32 -30.08 34.32
CA ILE B 497 32.29 -29.82 33.31
C ILE B 497 33.48 -29.20 33.98
N THR B 498 34.60 -29.89 33.91
CA THR B 498 35.81 -29.40 34.56
C THR B 498 36.85 -29.06 33.56
N VAL B 499 37.31 -27.83 33.66
CA VAL B 499 38.36 -27.38 32.77
C VAL B 499 39.62 -27.21 33.56
N SER B 500 40.59 -28.07 33.29
CA SER B 500 41.84 -28.01 34.00
C SER B 500 42.84 -27.36 33.08
N ALA B 501 43.71 -26.54 33.64
CA ALA B 501 44.75 -25.95 32.82
C ALA B 501 45.90 -25.41 33.63
N SER B 502 47.04 -25.26 32.99
CA SER B 502 48.15 -24.58 33.61
C SER B 502 48.89 -23.74 32.59
N PHE B 503 49.31 -22.58 33.06
CA PHE B 503 50.03 -21.59 32.29
C PHE B 503 51.48 -21.47 32.72
N GLY B 508 51.79 -14.82 30.39
CA GLY B 508 51.33 -16.05 31.04
C GLY B 508 51.96 -17.25 30.36
N ALA B 509 52.57 -16.96 29.21
CA ALA B 509 53.25 -17.94 28.33
C ALA B 509 52.32 -19.06 27.86
N ASN B 510 51.08 -18.69 27.55
CA ASN B 510 50.03 -19.57 27.07
C ASN B 510 49.90 -20.80 27.94
N LEU B 511 49.57 -21.92 27.35
CA LEU B 511 49.39 -23.11 28.12
C LEU B 511 50.51 -24.08 28.04
N ILE B 512 50.71 -24.74 29.16
CA ILE B 512 51.61 -25.84 29.28
C ILE B 512 50.76 -27.05 29.00
N ALA B 513 49.57 -27.02 29.59
CA ALA B 513 48.63 -28.11 29.45
C ALA B 513 47.20 -27.66 29.72
N SER B 514 46.25 -28.43 29.18
CA SER B 514 44.84 -28.28 29.49
C SER B 514 44.13 -29.59 29.23
N ASP B 515 43.01 -29.78 29.91
CA ASP B 515 42.17 -30.96 29.72
C ASP B 515 40.74 -30.72 30.20
N THR B 516 39.76 -30.96 29.33
CA THR B 516 38.38 -30.77 29.74
C THR B 516 37.61 -32.05 29.71
N THR B 517 36.94 -32.34 30.82
CA THR B 517 36.13 -33.55 30.90
C THR B 517 34.73 -33.23 31.39
N ILE B 518 33.79 -34.11 31.02
CA ILE B 518 32.41 -33.97 31.43
C ILE B 518 32.04 -35.19 32.25
N ASN B 519 31.89 -35.04 33.55
CA ASN B 519 31.67 -36.20 34.41
C ASN B 519 32.74 -37.26 34.18
N GLY B 520 34.01 -36.84 34.07
CA GLY B 520 35.13 -37.75 33.87
C GLY B 520 35.40 -38.10 32.41
N PHE B 521 34.32 -38.36 31.70
CA PHE B 521 34.27 -38.77 30.32
C PHE B 521 34.47 -37.67 29.29
N SER B 522 34.87 -38.06 28.09
CA SER B 522 35.03 -37.12 26.98
C SER B 522 33.71 -36.55 26.45
N SER B 523 32.59 -37.23 26.77
CA SER B 523 31.25 -36.82 26.37
C SER B 523 30.22 -37.31 27.37
N PHE B 524 29.07 -36.65 27.38
CA PHE B 524 27.97 -37.08 28.25
C PHE B 524 26.58 -36.74 27.74
N CYS B 525 25.66 -37.68 27.84
CA CYS B 525 24.27 -37.42 27.47
C CYS B 525 23.35 -37.52 28.68
N VAL B 526 22.34 -36.67 28.72
CA VAL B 526 21.40 -36.68 29.84
C VAL B 526 20.33 -37.74 29.67
N ASP B 527 20.17 -38.57 30.70
CA ASP B 527 19.19 -39.64 30.73
C ASP B 527 18.20 -39.53 31.89
N THR B 528 18.09 -38.33 32.46
CA THR B 528 17.19 -38.07 33.59
C THR B 528 16.22 -36.97 33.20
N ARG B 529 15.11 -36.85 33.92
CA ARG B 529 14.17 -35.79 33.59
C ARG B 529 14.71 -34.40 33.89
N GLN B 530 15.52 -34.24 34.93
CA GLN B 530 16.06 -32.90 35.18
C GLN B 530 17.57 -32.98 35.15
N PHE B 531 18.23 -31.88 34.79
CA PHE B 531 19.68 -31.90 34.88
C PHE B 531 20.22 -30.52 35.14
N THR B 532 21.42 -30.44 35.64
CA THR B 532 22.06 -29.14 35.82
C THR B 532 23.48 -29.13 35.29
N ILE B 533 23.85 -28.08 34.57
CA ILE B 533 25.23 -27.91 34.13
C ILE B 533 26.01 -27.04 35.07
N SER B 534 27.12 -27.56 35.52
CA SER B 534 27.96 -26.87 36.46
C SER B 534 29.37 -26.82 35.95
N LEU B 535 29.84 -25.60 35.67
CA LEU B 535 31.17 -25.41 35.10
C LEU B 535 32.16 -25.01 36.17
N PHE B 536 33.20 -25.81 36.30
CA PHE B 536 34.24 -25.63 37.28
C PHE B 536 35.61 -25.48 36.66
N TYR B 537 36.34 -24.48 37.10
CA TYR B 537 37.68 -24.29 36.59
C TYR B 537 38.72 -24.70 37.58
N ASN B 538 39.75 -25.32 37.07
CA ASN B 538 40.91 -25.75 37.83
C ASN B 538 42.16 -25.28 37.12
N VAL B 539 42.39 -23.97 37.20
CA VAL B 539 43.41 -23.34 36.40
C VAL B 539 44.53 -22.67 37.21
N THR B 540 45.77 -23.06 36.89
CA THR B 540 46.98 -22.56 37.56
C THR B 540 47.84 -21.57 36.76
N ASN B 541 48.19 -20.47 37.41
CA ASN B 541 49.09 -19.48 36.83
C ASN B 541 49.86 -18.79 37.94
N VAL B 546 43.82 -15.65 36.39
CA VAL B 546 43.37 -15.93 35.04
C VAL B 546 41.93 -15.53 34.88
N SER B 547 41.64 -14.65 33.92
CA SER B 547 40.27 -14.24 33.67
C SER B 547 39.61 -15.21 32.71
N LYS B 548 38.32 -15.53 32.92
CA LYS B 548 37.63 -16.49 32.05
C LYS B 548 36.35 -15.93 31.41
N SER B 549 36.07 -16.35 30.17
CA SER B 549 34.83 -15.95 29.48
C SER B 549 34.38 -16.94 28.40
N GLN B 550 33.10 -16.86 27.99
CA GLN B 550 32.64 -17.74 26.93
C GLN B 550 32.06 -17.04 25.71
N ASP B 551 32.38 -17.60 24.55
CA ASP B 551 31.89 -17.17 23.25
C ASP B 551 30.91 -18.23 22.72
N SER B 552 29.61 -17.95 22.80
CA SER B 552 28.59 -18.94 22.46
C SER B 552 27.81 -18.74 21.19
N ASN B 553 27.76 -19.80 20.38
CA ASN B 553 27.01 -19.82 19.13
C ASN B 553 25.73 -20.62 19.30
N CYS B 554 25.36 -20.87 20.54
CA CYS B 554 24.17 -21.65 20.89
C CYS B 554 22.97 -20.76 21.22
N PRO B 555 21.75 -21.30 21.19
CA PRO B 555 20.50 -20.71 21.63
C PRO B 555 20.45 -20.41 23.13
N PHE B 556 21.44 -20.87 23.87
CA PHE B 556 21.57 -20.72 25.31
C PHE B 556 23.02 -20.62 25.73
N THR B 557 23.24 -20.13 26.94
CA THR B 557 24.59 -20.04 27.49
C THR B 557 24.76 -21.14 28.53
N LEU B 558 25.98 -21.34 29.02
CA LEU B 558 26.18 -22.38 30.01
C LEU B 558 25.48 -22.08 31.31
N GLN B 559 25.24 -20.81 31.60
CA GLN B 559 24.54 -20.44 32.80
C GLN B 559 23.02 -20.47 32.57
N SER B 560 22.58 -20.01 31.39
CA SER B 560 21.15 -19.89 31.11
C SER B 560 20.49 -21.22 30.84
N VAL B 561 21.28 -22.21 30.48
CA VAL B 561 20.79 -23.54 30.22
C VAL B 561 20.17 -24.15 31.45
N ASN B 562 20.50 -23.63 32.63
CA ASN B 562 19.98 -24.13 33.87
C ASN B 562 18.75 -23.36 34.34
N ASP B 563 18.25 -22.43 33.54
CA ASP B 563 17.06 -21.68 33.93
C ASP B 563 15.79 -22.30 33.38
N TYR B 564 15.58 -23.57 33.64
CA TYR B 564 14.42 -24.32 33.21
C TYR B 564 14.20 -24.40 31.71
N LEU B 565 15.26 -24.55 30.91
CA LEU B 565 14.99 -24.69 29.48
C LEU B 565 14.65 -26.15 29.26
N SER B 566 13.78 -26.45 28.30
CA SER B 566 13.45 -27.85 28.08
C SER B 566 13.90 -28.37 26.73
N PHE B 567 14.32 -29.63 26.74
CA PHE B 567 14.83 -30.37 25.60
C PHE B 567 14.17 -31.76 25.50
N SER B 568 14.18 -32.36 24.31
CA SER B 568 13.75 -33.76 24.24
C SER B 568 14.98 -34.65 24.24
N LYS B 569 16.10 -34.09 23.79
CA LYS B 569 17.40 -34.74 23.75
C LYS B 569 18.47 -33.74 24.11
N PHE B 570 19.49 -34.15 24.86
CA PHE B 570 20.56 -33.23 25.15
C PHE B 570 21.88 -33.94 25.46
N CYS B 571 22.89 -33.72 24.60
CA CYS B 571 24.23 -34.28 24.72
C CYS B 571 25.31 -33.22 24.63
N VAL B 572 26.34 -33.35 25.47
CA VAL B 572 27.43 -32.40 25.48
C VAL B 572 28.73 -33.16 25.24
N SER B 573 29.57 -32.65 24.34
CA SER B 573 30.85 -33.33 24.10
C SER B 573 31.99 -32.37 23.87
N THR B 574 33.21 -32.82 24.16
CA THR B 574 34.35 -31.96 23.85
C THR B 574 34.79 -32.21 22.40
N SER B 575 34.23 -33.26 21.81
CA SER B 575 34.48 -33.67 20.44
C SER B 575 33.37 -33.11 19.56
N LEU B 576 33.51 -33.14 18.26
CA LEU B 576 32.43 -32.62 17.44
C LEU B 576 31.28 -33.58 17.29
N LEU B 577 30.07 -33.08 17.54
CA LEU B 577 28.87 -33.84 17.34
C LEU B 577 28.21 -33.33 16.07
N ALA B 578 27.49 -34.19 15.37
CA ALA B 578 26.78 -33.76 14.18
C ALA B 578 25.65 -32.82 14.57
N SER B 579 25.36 -31.82 13.73
CA SER B 579 24.24 -30.93 14.01
C SER B 579 24.28 -30.34 15.42
N ALA B 580 25.43 -29.81 15.83
CA ALA B 580 25.61 -29.25 17.17
C ALA B 580 26.13 -27.83 17.16
N CYS B 581 25.78 -27.06 18.20
CA CYS B 581 26.26 -25.69 18.35
C CYS B 581 27.47 -25.68 19.27
N THR B 582 28.29 -24.65 19.18
CA THR B 582 29.50 -24.64 20.00
C THR B 582 29.62 -23.50 20.99
N ILE B 583 30.05 -23.85 22.21
CA ILE B 583 30.40 -22.84 23.20
C ILE B 583 31.91 -22.91 23.46
N ASP B 584 32.60 -21.81 23.15
CA ASP B 584 34.06 -21.71 23.29
C ASP B 584 34.52 -21.03 24.58
N LEU B 585 35.28 -21.78 25.36
CA LEU B 585 35.74 -21.33 26.67
C LEU B 585 37.17 -20.83 26.59
N PHE B 586 37.35 -19.54 26.90
CA PHE B 586 38.63 -18.86 26.80
C PHE B 586 39.19 -18.37 28.12
N GLY B 587 40.52 -18.31 28.19
CA GLY B 587 41.21 -17.75 29.35
C GLY B 587 42.17 -16.65 28.97
N TYR B 588 42.34 -15.70 29.87
CA TYR B 588 43.22 -14.56 29.74
C TYR B 588 44.12 -14.46 30.98
N PRO B 589 45.22 -15.23 31.01
CA PRO B 589 46.06 -15.52 32.16
C PRO B 589 46.89 -14.45 32.81
N GLU B 590 47.20 -13.38 32.12
CA GLU B 590 48.09 -12.38 32.70
C GLU B 590 49.13 -13.04 33.61
N SER B 593 47.28 -12.38 25.66
CA SER B 593 47.93 -13.68 25.54
C SER B 593 46.98 -14.79 25.92
N GLY B 594 45.72 -14.62 25.52
CA GLY B 594 44.68 -15.55 25.85
C GLY B 594 44.72 -16.83 25.04
N VAL B 595 44.06 -17.84 25.58
CA VAL B 595 43.99 -19.14 24.96
C VAL B 595 42.58 -19.69 24.94
N LYS B 596 42.31 -20.65 24.06
CA LYS B 596 41.05 -21.36 24.13
C LYS B 596 41.30 -22.61 24.94
N PHE B 597 40.54 -22.76 26.03
CA PHE B 597 40.66 -23.92 26.95
C PHE B 597 40.00 -25.13 26.28
N THR B 598 38.79 -24.92 25.77
CA THR B 598 37.95 -25.98 25.22
C THR B 598 36.76 -25.53 24.42
N SER B 599 36.27 -26.44 23.59
CA SER B 599 35.06 -26.21 22.82
C SER B 599 34.04 -27.24 23.20
N LEU B 600 32.90 -26.79 23.68
CA LEU B 600 31.84 -27.71 24.07
C LEU B 600 30.79 -27.75 23.01
N TYR B 601 30.52 -28.92 22.49
CA TYR B 601 29.55 -29.07 21.43
C TYR B 601 28.25 -29.56 22.00
N PHE B 602 27.17 -28.89 21.65
CA PHE B 602 25.86 -29.22 22.16
C PHE B 602 24.90 -29.70 21.11
N GLN B 603 24.51 -30.95 21.26
CA GLN B 603 23.59 -31.58 20.34
C GLN B 603 22.28 -31.77 21.05
N PHE B 604 21.24 -31.17 20.54
CA PHE B 604 19.97 -31.25 21.21
C PHE B 604 18.80 -31.05 20.30
N THR B 605 17.66 -31.48 20.79
CA THR B 605 16.38 -31.27 20.12
C THR B 605 15.41 -30.74 21.16
N LYS B 606 14.36 -30.06 20.72
CA LYS B 606 13.36 -29.47 21.62
C LYS B 606 12.24 -30.40 22.05
N GLY B 607 11.65 -30.09 23.21
CA GLY B 607 10.52 -30.84 23.75
C GLY B 607 10.44 -30.66 25.25
N GLU B 608 9.59 -31.45 25.90
CA GLU B 608 9.33 -31.36 27.33
C GLU B 608 10.06 -32.32 28.26
N LEU B 609 10.60 -33.42 27.74
CA LEU B 609 11.13 -34.45 28.64
C LEU B 609 12.31 -34.08 29.53
N ILE B 610 13.29 -33.35 29.03
CA ILE B 610 14.47 -33.05 29.83
C ILE B 610 14.58 -31.58 30.20
N THR B 611 14.61 -31.25 31.48
CA THR B 611 14.63 -29.83 31.82
C THR B 611 15.86 -29.41 32.62
N GLY B 612 16.46 -28.33 32.15
CA GLY B 612 17.64 -27.77 32.78
C GLY B 612 17.29 -26.93 33.99
N THR B 613 16.96 -27.58 35.09
CA THR B 613 16.58 -26.85 36.29
C THR B 613 17.87 -26.32 36.93
N PRO B 614 17.83 -25.28 37.78
CA PRO B 614 18.96 -24.72 38.50
C PRO B 614 19.54 -25.58 39.60
N LYS B 615 18.78 -26.57 40.03
CA LYS B 615 19.20 -27.40 41.13
C LYS B 615 18.32 -28.63 41.20
N PRO B 616 18.70 -29.66 42.00
CA PRO B 616 17.90 -30.81 42.38
C PRO B 616 16.73 -30.39 43.22
N PHE B 617 15.69 -31.18 43.21
CA PHE B 617 14.53 -30.93 44.05
C PHE B 617 14.62 -31.88 45.23
N GLU B 618 14.17 -31.46 46.39
CA GLU B 618 14.23 -32.34 47.54
C GLU B 618 12.90 -32.41 48.24
N GLY B 619 12.42 -33.63 48.51
CA GLY B 619 11.12 -33.81 49.15
C GLY B 619 10.01 -33.53 48.15
N VAL B 620 10.32 -33.73 46.88
CA VAL B 620 9.41 -33.42 45.81
C VAL B 620 8.85 -34.62 45.05
N THR B 621 7.53 -34.74 45.17
CA THR B 621 6.76 -35.79 44.54
C THR B 621 6.25 -35.33 43.19
N ASP B 622 6.11 -34.01 43.07
CA ASP B 622 5.67 -33.33 41.82
C ASP B 622 6.53 -32.08 41.61
N VAL B 623 7.47 -32.16 40.66
CA VAL B 623 8.41 -31.11 40.34
C VAL B 623 7.74 -29.80 39.96
N SER B 624 6.64 -29.85 39.24
CA SER B 624 6.00 -28.61 38.82
C SER B 624 5.43 -27.82 39.98
N PHE B 625 5.46 -26.50 39.86
CA PHE B 625 4.89 -25.63 40.87
C PHE B 625 4.42 -24.31 40.28
N MET B 626 3.50 -23.63 40.94
CA MET B 626 3.10 -22.31 40.47
C MET B 626 2.33 -21.55 41.51
N THR B 627 2.35 -20.22 41.39
CA THR B 627 1.55 -19.41 42.30
C THR B 627 0.43 -18.75 41.53
N LEU B 628 -0.78 -18.96 41.99
CA LEU B 628 -1.95 -18.43 41.31
C LEU B 628 -2.44 -17.09 41.80
N ASP B 629 -3.13 -16.40 40.89
CA ASP B 629 -3.83 -15.13 41.09
C ASP B 629 -2.94 -13.93 41.38
N VAL B 630 -1.66 -14.06 41.09
CA VAL B 630 -0.73 -12.98 41.27
C VAL B 630 0.07 -12.82 40.02
N CYS B 631 0.70 -11.69 39.83
CA CYS B 631 1.63 -11.60 38.73
C CYS B 631 2.84 -12.46 39.05
N THR B 632 3.22 -13.31 38.13
CA THR B 632 4.36 -14.19 38.31
C THR B 632 5.20 -14.32 37.08
N LYS B 633 6.47 -14.64 37.28
CA LYS B 633 7.34 -14.93 36.16
C LYS B 633 7.23 -16.40 35.93
N TYR B 634 6.96 -16.81 34.73
CA TYR B 634 6.78 -18.22 34.53
C TYR B 634 7.48 -18.83 33.36
N THR B 635 7.72 -20.13 33.51
CA THR B 635 8.15 -21.00 32.43
C THR B 635 7.15 -22.16 32.34
N ILE B 636 6.22 -22.09 31.39
CA ILE B 636 5.17 -23.10 31.29
C ILE B 636 5.22 -23.87 30.01
N TYR B 637 5.50 -25.15 30.10
CA TYR B 637 5.60 -26.01 28.93
C TYR B 637 6.49 -25.39 27.89
N GLY B 638 7.59 -24.80 28.32
CA GLY B 638 8.56 -24.19 27.43
C GLY B 638 8.33 -22.71 27.10
N PHE B 639 7.20 -22.14 27.49
CA PHE B 639 6.91 -20.73 27.19
C PHE B 639 7.35 -19.82 28.30
N LYS B 640 8.14 -18.80 28.02
CA LYS B 640 8.50 -17.91 29.11
C LYS B 640 7.82 -16.57 29.01
N GLY B 641 7.55 -15.99 30.17
CA GLY B 641 6.99 -14.64 30.23
C GLY B 641 6.42 -14.29 31.59
N GLU B 642 5.76 -13.15 31.67
CA GLU B 642 5.14 -12.74 32.92
C GLU B 642 3.66 -12.69 32.72
N GLY B 643 2.92 -13.03 33.75
CA GLY B 643 1.48 -12.98 33.66
C GLY B 643 0.81 -13.47 34.91
N ILE B 644 -0.50 -13.48 34.88
CA ILE B 644 -1.29 -13.88 36.01
C ILE B 644 -1.98 -15.17 35.64
N ILE B 645 -1.77 -16.19 36.44
CA ILE B 645 -2.33 -17.49 36.14
C ILE B 645 -3.55 -17.70 37.00
N THR B 646 -4.69 -17.97 36.38
CA THR B 646 -5.91 -18.16 37.14
C THR B 646 -6.53 -19.49 36.77
N LEU B 647 -7.43 -19.99 37.59
CA LEU B 647 -8.08 -21.25 37.29
C LEU B 647 -9.41 -21.08 36.60
N THR B 648 -9.59 -21.75 35.46
CA THR B 648 -10.85 -21.67 34.74
C THR B 648 -11.71 -22.88 34.95
N ASN B 649 -12.95 -22.80 34.49
CA ASN B 649 -13.87 -23.91 34.60
C ASN B 649 -13.98 -24.68 33.30
N SER B 650 -13.17 -24.29 32.33
CA SER B 650 -13.19 -24.97 31.06
C SER B 650 -12.52 -26.31 31.22
N SER B 651 -12.75 -27.18 30.26
CA SER B 651 -12.10 -28.47 30.24
C SER B 651 -11.98 -28.95 28.83
N PHE B 652 -10.81 -29.43 28.48
CA PHE B 652 -10.56 -29.92 27.15
C PHE B 652 -9.99 -31.31 27.24
N LEU B 653 -10.21 -32.12 26.23
CA LEU B 653 -9.71 -33.48 26.24
C LEU B 653 -8.43 -33.68 25.45
N ALA B 654 -7.89 -32.62 24.87
CA ALA B 654 -6.72 -32.86 24.04
C ALA B 654 -5.55 -31.93 24.25
N GLY B 655 -4.39 -32.55 24.14
CA GLY B 655 -3.12 -31.88 24.22
C GLY B 655 -2.77 -31.45 25.62
N VAL B 656 -1.85 -30.50 25.66
CA VAL B 656 -1.28 -29.98 26.88
C VAL B 656 -1.54 -28.48 27.06
N TYR B 657 -1.48 -27.71 25.98
CA TYR B 657 -1.62 -26.26 26.03
C TYR B 657 -2.32 -25.64 24.83
N TYR B 658 -2.83 -24.43 25.05
CA TYR B 658 -3.60 -23.72 24.05
C TYR B 658 -3.00 -22.33 23.83
N THR B 659 -2.89 -21.90 22.57
CA THR B 659 -2.28 -20.61 22.25
C THR B 659 -3.13 -19.71 21.37
N SER B 660 -2.73 -18.44 21.32
CA SER B 660 -3.33 -17.39 20.49
C SER B 660 -2.80 -17.38 19.07
N ASP B 661 -3.42 -16.56 18.21
CA ASP B 661 -2.98 -16.38 16.82
C ASP B 661 -1.60 -15.73 16.74
N SER B 662 -1.26 -15.04 17.81
CA SER B 662 -0.02 -14.33 18.02
C SER B 662 1.07 -15.24 18.61
N GLY B 663 0.72 -16.50 18.89
CA GLY B 663 1.63 -17.49 19.44
C GLY B 663 1.86 -17.38 20.93
N GLN B 664 0.94 -16.75 21.65
CA GLN B 664 1.16 -16.59 23.06
C GLN B 664 0.41 -17.66 23.79
N LEU B 665 0.87 -18.02 24.96
CA LEU B 665 0.13 -19.01 25.72
C LEU B 665 -1.12 -18.38 26.26
N LEU B 666 -2.29 -18.99 26.03
CA LEU B 666 -3.51 -18.43 26.62
C LEU B 666 -3.96 -19.28 27.77
N ALA B 667 -3.73 -20.57 27.63
CA ALA B 667 -4.17 -21.49 28.65
C ALA B 667 -3.34 -22.73 28.64
N PHE B 668 -3.34 -23.44 29.75
CA PHE B 668 -2.63 -24.69 29.77
C PHE B 668 -3.32 -25.68 30.66
N LYS B 669 -3.05 -26.95 30.45
CA LYS B 669 -3.68 -27.95 31.25
C LYS B 669 -2.75 -28.56 32.26
N ASN B 670 -3.29 -28.81 33.44
CA ASN B 670 -2.61 -29.56 34.47
C ASN B 670 -2.93 -31.01 34.19
N VAL B 671 -1.96 -31.75 33.71
CA VAL B 671 -2.24 -33.08 33.23
C VAL B 671 -2.80 -34.02 34.29
N THR B 672 -2.26 -33.97 35.49
CA THR B 672 -2.71 -34.85 36.56
C THR B 672 -4.15 -34.58 37.01
N SER B 673 -4.54 -33.32 37.18
CA SER B 673 -5.90 -33.05 37.64
C SER B 673 -6.91 -32.84 36.54
N GLY B 674 -6.44 -32.46 35.37
CA GLY B 674 -7.30 -32.15 34.23
C GLY B 674 -7.75 -30.69 34.22
N ALA B 675 -7.34 -29.93 35.22
CA ALA B 675 -7.72 -28.53 35.36
C ALA B 675 -7.09 -27.69 34.28
N VAL B 676 -7.81 -26.69 33.83
CA VAL B 676 -7.26 -25.79 32.84
C VAL B 676 -7.04 -24.44 33.48
N TYR B 677 -5.88 -23.90 33.25
CA TYR B 677 -5.50 -22.60 33.76
C TYR B 677 -5.42 -21.61 32.64
N SER B 678 -5.79 -20.37 32.93
CA SER B 678 -5.81 -19.27 31.97
C SER B 678 -4.79 -18.23 32.33
N VAL B 679 -3.99 -17.76 31.36
CA VAL B 679 -2.91 -16.83 31.66
C VAL B 679 -3.09 -15.46 31.01
N THR B 680 -3.13 -14.41 31.82
CA THR B 680 -3.31 -13.06 31.28
C THR B 680 -2.04 -12.25 31.51
N PRO B 681 -1.83 -11.12 30.84
CA PRO B 681 -0.75 -10.17 31.07
C PRO B 681 -0.87 -9.57 32.45
N CYS B 682 0.23 -9.03 32.98
CA CYS B 682 0.18 -8.36 34.28
C CYS B 682 -0.20 -6.90 34.19
N SER B 683 -0.32 -6.39 32.97
CA SER B 683 -0.68 -5.01 32.73
C SER B 683 -1.50 -4.93 31.47
N PHE B 684 -2.37 -3.93 31.39
CA PHE B 684 -3.25 -3.81 30.26
C PHE B 684 -3.25 -2.44 29.62
N SER B 685 -3.57 -2.38 28.34
CA SER B 685 -3.70 -1.09 27.67
C SER B 685 -4.92 -0.37 28.19
N GLU B 686 -4.82 0.96 28.33
CA GLU B 686 -5.96 1.78 28.76
C GLU B 686 -5.89 3.20 28.14
N GLN B 687 -7.03 3.88 28.06
CA GLN B 687 -7.06 5.23 27.48
C GLN B 687 -7.15 6.33 28.52
N ALA B 688 -6.26 7.28 28.46
CA ALA B 688 -6.29 8.34 29.43
C ALA B 688 -6.85 9.61 28.86
N ALA B 689 -7.67 10.28 29.65
CA ALA B 689 -8.24 11.55 29.31
C ALA B 689 -7.32 12.63 29.79
N TYR B 690 -6.68 13.33 28.87
CA TYR B 690 -5.74 14.38 29.20
C TYR B 690 -6.38 15.70 28.84
N VAL B 691 -6.51 16.56 29.83
CA VAL B 691 -7.12 17.88 29.63
C VAL B 691 -6.22 18.89 30.29
N ASP B 692 -6.02 20.02 29.65
CA ASP B 692 -5.14 21.03 30.21
C ASP B 692 -3.77 20.42 30.42
N ASP B 693 -3.29 20.35 31.65
CA ASP B 693 -1.96 19.81 31.89
C ASP B 693 -1.89 18.50 32.66
N ASP B 694 -3.00 17.78 32.80
CA ASP B 694 -3.02 16.63 33.75
C ASP B 694 -3.91 15.48 33.22
N ILE B 695 -3.84 14.32 33.89
CA ILE B 695 -4.74 13.21 33.61
C ILE B 695 -5.96 13.40 34.43
N VAL B 696 -7.07 13.52 33.70
CA VAL B 696 -8.42 13.88 34.23
C VAL B 696 -9.17 12.57 34.54
N GLY B 697 -8.78 11.48 33.89
CA GLY B 697 -9.30 10.18 34.22
C GLY B 697 -8.86 9.13 33.24
N VAL B 698 -9.19 7.89 33.56
CA VAL B 698 -8.81 6.76 32.74
C VAL B 698 -9.91 5.77 32.40
N ILE B 699 -9.98 5.38 31.15
CA ILE B 699 -10.90 4.38 30.64
C ILE B 699 -10.18 3.05 30.56
N SER B 700 -10.60 2.07 31.35
CA SER B 700 -9.85 0.83 31.41
C SER B 700 -10.61 -0.45 31.62
N SER B 701 -9.85 -1.53 31.66
CA SER B 701 -10.34 -2.89 31.86
C SER B 701 -10.19 -3.31 33.31
N LEU B 702 -9.53 -2.47 34.09
CA LEU B 702 -9.34 -2.75 35.50
C LEU B 702 -10.21 -1.89 36.36
N SER B 703 -10.74 -2.51 37.41
CA SER B 703 -11.56 -1.86 38.43
C SER B 703 -10.74 -1.17 39.51
N SER B 704 -9.44 -1.41 39.50
CA SER B 704 -8.51 -0.88 40.49
C SER B 704 -7.61 0.20 39.92
N SER B 705 -7.59 1.36 40.57
CA SER B 705 -6.79 2.49 40.13
C SER B 705 -6.44 3.34 41.32
N THR B 706 -5.72 4.42 41.07
CA THR B 706 -5.27 5.35 42.10
C THR B 706 -6.21 6.55 42.23
N PHE B 707 -7.32 6.51 41.49
CA PHE B 707 -8.31 7.57 41.51
C PHE B 707 -9.29 7.27 42.62
N ASN B 708 -9.96 8.28 43.18
CA ASN B 708 -10.85 7.95 44.28
C ASN B 708 -12.30 7.69 43.86
N SER B 709 -12.61 7.74 42.57
CA SER B 709 -13.96 7.44 42.11
C SER B 709 -14.00 6.57 40.86
N THR B 710 -14.64 5.41 40.99
CA THR B 710 -14.70 4.47 39.86
C THR B 710 -16.13 4.16 39.48
N ARG B 711 -16.41 4.28 38.19
CA ARG B 711 -17.71 3.97 37.66
C ARG B 711 -17.64 2.88 36.64
N GLU B 712 -18.64 2.01 36.63
CA GLU B 712 -18.67 0.96 35.65
C GLU B 712 -19.62 1.35 34.53
N LEU B 713 -19.10 1.42 33.32
CA LEU B 713 -19.83 1.81 32.14
C LEU B 713 -19.94 0.52 31.35
N PRO B 714 -20.93 0.33 30.50
CA PRO B 714 -20.97 -0.88 29.74
C PRO B 714 -19.74 -0.94 28.87
N GLY B 715 -18.99 -2.01 29.04
CA GLY B 715 -17.77 -2.31 28.31
C GLY B 715 -16.45 -1.77 28.90
N PHE B 716 -16.51 -0.88 29.89
CA PHE B 716 -15.27 -0.33 30.47
C PHE B 716 -15.43 0.25 31.86
N PHE B 717 -14.34 0.46 32.55
CA PHE B 717 -14.43 1.16 33.82
C PHE B 717 -13.87 2.54 33.62
N TYR B 718 -14.43 3.50 34.31
CA TYR B 718 -13.88 4.83 34.24
C TYR B 718 -13.45 5.34 35.58
N HIS B 719 -12.16 5.69 35.65
CA HIS B 719 -11.52 6.23 36.87
C HIS B 719 -11.49 7.75 36.78
N SER B 720 -11.82 8.43 37.87
CA SER B 720 -11.69 9.87 37.97
C SER B 720 -11.68 10.31 39.41
N ASN B 721 -11.50 11.60 39.62
CA ASN B 721 -11.62 12.15 40.94
C ASN B 721 -12.94 12.93 41.06
N ASP B 722 -13.85 12.66 40.14
CA ASP B 722 -15.18 13.27 40.07
C ASP B 722 -16.19 12.28 39.49
N GLY B 723 -17.07 11.77 40.34
CA GLY B 723 -18.02 10.73 39.96
C GLY B 723 -19.40 11.25 39.54
N SER B 724 -19.56 12.56 39.43
CA SER B 724 -20.83 13.22 39.11
C SER B 724 -21.21 13.18 37.62
N ASN B 725 -22.39 13.70 37.31
CA ASN B 725 -22.87 13.79 35.93
C ASN B 725 -22.02 14.75 35.12
N CYS B 726 -21.73 14.40 33.88
CA CYS B 726 -21.00 15.32 33.01
C CYS B 726 -21.95 16.07 32.11
N THR B 727 -22.01 17.39 32.28
CA THR B 727 -22.92 18.20 31.50
C THR B 727 -22.21 19.05 30.46
N GLU B 728 -20.91 19.24 30.61
CA GLU B 728 -20.13 20.06 29.68
C GLU B 728 -18.85 19.36 29.20
N PRO B 729 -18.94 18.37 28.31
CA PRO B 729 -17.83 17.59 27.86
C PRO B 729 -16.78 18.44 27.20
N VAL B 730 -15.54 18.06 27.39
CA VAL B 730 -14.39 18.65 26.75
C VAL B 730 -13.89 17.67 25.71
N LEU B 731 -13.78 16.41 26.11
CA LEU B 731 -13.34 15.38 25.18
C LEU B 731 -14.53 14.53 24.86
N VAL B 732 -14.76 14.25 23.58
CA VAL B 732 -15.87 13.40 23.20
C VAL B 732 -15.50 12.36 22.15
N TYR B 733 -15.93 11.13 22.38
CA TYR B 733 -15.81 10.06 21.39
C TYR B 733 -17.15 9.36 21.33
N SER B 734 -17.72 9.22 20.15
CA SER B 734 -19.04 8.59 20.05
C SER B 734 -19.98 9.32 20.96
N ASN B 735 -20.63 8.62 21.89
CA ASN B 735 -21.54 9.29 22.79
C ASN B 735 -20.97 9.40 24.19
N ILE B 736 -19.67 9.25 24.34
CA ILE B 736 -19.03 9.35 25.64
C ILE B 736 -18.35 10.68 25.82
N GLY B 737 -18.75 11.42 26.85
CA GLY B 737 -18.12 12.69 27.06
C GLY B 737 -17.44 12.80 28.40
N VAL B 738 -16.29 13.46 28.39
CA VAL B 738 -15.52 13.70 29.59
C VAL B 738 -15.33 15.18 29.83
N CYS B 739 -15.75 15.62 31.00
CA CYS B 739 -15.70 17.00 31.45
C CYS B 739 -14.32 17.34 31.96
N LYS B 740 -13.99 18.63 32.09
CA LYS B 740 -12.65 18.96 32.58
C LYS B 740 -12.37 18.47 34.00
N SER B 741 -13.41 18.28 34.81
CA SER B 741 -13.24 17.80 36.16
C SER B 741 -13.03 16.30 36.17
N GLY B 742 -13.30 15.68 35.04
CA GLY B 742 -13.25 14.25 34.88
C GLY B 742 -14.55 13.57 35.03
N SER B 743 -15.61 14.31 35.27
CA SER B 743 -16.85 13.58 35.36
C SER B 743 -17.12 13.01 33.97
N ILE B 744 -17.82 11.88 33.93
CA ILE B 744 -18.15 11.22 32.66
C ILE B 744 -19.64 11.06 32.49
N GLY B 745 -20.11 11.21 31.28
CA GLY B 745 -21.53 11.05 31.01
C GLY B 745 -21.79 10.83 29.55
N TYR B 746 -23.04 10.79 29.17
CA TYR B 746 -23.37 10.54 27.79
C TYR B 746 -23.68 11.82 27.09
N VAL B 747 -23.29 11.88 25.84
CA VAL B 747 -23.53 13.03 25.03
C VAL B 747 -24.82 12.82 24.23
N PRO B 748 -25.81 13.71 24.35
CA PRO B 748 -27.10 13.61 23.72
C PRO B 748 -26.97 13.83 22.24
N SER B 749 -27.92 13.33 21.47
CA SER B 749 -27.91 13.52 20.05
C SER B 749 -28.00 14.99 19.70
N GLN B 750 -27.29 15.36 18.66
CA GLN B 750 -27.28 16.71 18.16
C GLN B 750 -28.56 17.03 17.42
N SER B 751 -29.19 18.14 17.79
CA SER B 751 -30.39 18.63 17.14
C SER B 751 -30.02 19.36 15.86
N GLY B 752 -31.00 19.65 15.03
CA GLY B 752 -30.67 20.36 13.80
C GLY B 752 -31.85 21.07 13.20
N GLN B 753 -31.66 21.56 11.98
CA GLN B 753 -32.66 22.33 11.27
C GLN B 753 -33.84 21.47 10.84
N VAL B 754 -35.04 21.95 11.13
CA VAL B 754 -36.24 21.28 10.69
C VAL B 754 -36.66 21.84 9.35
N LYS B 755 -36.91 20.95 8.40
CA LYS B 755 -37.34 21.35 7.09
C LYS B 755 -38.82 21.01 7.03
N ILE B 756 -39.60 21.80 6.32
CA ILE B 756 -41.04 21.57 6.24
C ILE B 756 -41.49 20.89 4.95
N ALA B 757 -42.29 19.84 5.11
CA ALA B 757 -42.81 19.04 4.01
C ALA B 757 -43.79 19.87 3.18
N PRO B 758 -43.86 19.71 1.87
CA PRO B 758 -44.81 20.39 1.04
C PRO B 758 -46.16 19.79 1.35
N THR B 759 -47.17 20.63 1.36
CA THR B 759 -48.55 20.27 1.64
C THR B 759 -49.58 20.83 0.65
N VAL B 760 -50.53 19.98 0.27
CA VAL B 760 -51.61 20.44 -0.62
C VAL B 760 -52.74 21.16 0.13
N THR B 761 -53.05 20.73 1.35
CA THR B 761 -54.14 21.34 2.12
C THR B 761 -53.94 21.28 3.62
N GLY B 762 -54.53 22.24 4.34
CA GLY B 762 -54.52 22.18 5.79
C GLY B 762 -53.46 23.06 6.48
N ASN B 763 -53.13 22.68 7.69
CA ASN B 763 -52.27 23.49 8.55
C ASN B 763 -50.81 23.40 8.12
N ILE B 764 -50.27 24.52 7.65
CA ILE B 764 -48.89 24.54 7.19
C ILE B 764 -48.13 25.67 7.84
N SER B 765 -46.82 25.57 7.81
CA SER B 765 -46.03 26.68 8.32
C SER B 765 -45.12 27.21 7.21
N ILE B 766 -45.05 28.53 7.08
CA ILE B 766 -44.21 29.14 6.06
C ILE B 766 -43.07 29.96 6.70
N PRO B 767 -41.81 29.64 6.46
CA PRO B 767 -40.63 30.29 7.04
C PRO B 767 -40.52 31.78 6.81
N THR B 768 -40.08 32.49 7.84
CA THR B 768 -39.83 33.92 7.78
C THR B 768 -38.72 34.40 8.71
N ASN B 769 -38.53 35.72 8.72
CA ASN B 769 -37.53 36.36 9.57
C ASN B 769 -36.16 35.73 9.41
N PHE B 770 -35.73 35.64 8.17
CA PHE B 770 -34.47 35.04 7.81
C PHE B 770 -33.28 35.89 8.15
N SER B 771 -32.19 35.23 8.47
CA SER B 771 -30.91 35.88 8.71
C SER B 771 -29.82 35.05 8.08
N MET B 772 -28.68 35.68 7.83
CA MET B 772 -27.55 34.97 7.25
C MET B 772 -26.66 34.31 8.28
N SER B 773 -26.16 33.16 7.89
CA SER B 773 -25.21 32.39 8.64
C SER B 773 -24.17 31.93 7.66
N ILE B 774 -22.91 31.97 8.03
CA ILE B 774 -21.88 31.59 7.08
C ILE B 774 -21.15 30.34 7.48
N ARG B 775 -21.19 29.36 6.58
CA ARG B 775 -20.56 28.06 6.81
C ARG B 775 -19.19 28.00 6.21
N THR B 776 -18.28 27.29 6.84
CA THR B 776 -16.92 27.25 6.33
C THR B 776 -16.49 25.87 5.87
N GLU B 777 -15.94 25.80 4.66
CA GLU B 777 -15.47 24.53 4.11
C GLU B 777 -14.10 24.61 3.43
N TYR B 778 -13.21 23.66 3.68
CA TYR B 778 -11.91 23.65 3.00
C TYR B 778 -11.65 22.45 2.13
N LEU B 779 -11.23 22.72 0.89
CA LEU B 779 -10.91 21.69 -0.08
C LEU B 779 -9.51 21.88 -0.67
N GLN B 780 -8.71 20.81 -0.61
CA GLN B 780 -7.36 20.83 -1.11
C GLN B 780 -7.35 20.77 -2.62
N LEU B 781 -6.59 21.62 -3.29
CA LEU B 781 -6.54 21.55 -4.74
C LEU B 781 -5.31 20.86 -5.25
N TYR B 782 -4.22 20.93 -4.51
CA TYR B 782 -2.99 20.36 -5.04
C TYR B 782 -2.11 19.77 -3.96
N ASN B 783 -1.18 18.97 -4.41
CA ASN B 783 -0.19 18.30 -3.58
C ASN B 783 1.18 18.60 -4.14
N THR B 784 2.02 19.31 -3.40
CA THR B 784 3.33 19.67 -3.95
C THR B 784 4.03 18.41 -4.48
N PRO B 785 4.37 18.35 -5.78
CA PRO B 785 5.06 17.26 -6.44
C PRO B 785 6.48 17.07 -5.99
N VAL B 786 6.94 15.84 -6.13
CA VAL B 786 8.30 15.42 -5.81
C VAL B 786 8.89 14.66 -6.99
N SER B 787 10.17 14.85 -7.22
CA SER B 787 10.89 14.13 -8.26
C SER B 787 12.16 13.59 -7.70
N VAL B 788 12.44 12.32 -7.96
CA VAL B 788 13.61 11.71 -7.38
C VAL B 788 14.54 11.15 -8.42
N ASP B 789 15.83 11.51 -8.32
CA ASP B 789 16.86 10.98 -9.25
C ASP B 789 17.21 9.56 -8.81
N CYS B 790 16.77 8.56 -9.60
CA CYS B 790 16.92 7.18 -9.15
C CYS B 790 18.37 6.84 -8.88
N ALA B 791 19.26 7.19 -9.80
CA ALA B 791 20.63 6.79 -9.60
C ALA B 791 21.24 7.46 -8.38
N THR B 792 20.93 8.71 -8.12
CA THR B 792 21.53 9.35 -6.96
C THR B 792 21.03 8.74 -5.68
N TYR B 793 19.75 8.45 -5.60
CA TYR B 793 19.20 7.85 -4.40
C TYR B 793 19.85 6.50 -4.13
N VAL B 794 19.91 5.66 -5.17
CA VAL B 794 20.40 4.32 -5.04
C VAL B 794 21.93 4.21 -4.95
N CYS B 795 22.62 4.87 -5.87
CA CYS B 795 24.07 4.90 -5.96
C CYS B 795 24.57 6.33 -5.83
N ASN B 796 24.85 6.77 -4.62
CA ASN B 796 25.07 8.20 -4.42
C ASN B 796 26.44 8.73 -4.80
N GLY B 797 26.70 8.71 -6.09
CA GLY B 797 27.92 9.18 -6.72
C GLY B 797 28.94 8.10 -7.04
N ASN B 798 28.77 6.90 -6.53
CA ASN B 798 29.72 5.84 -6.79
C ASN B 798 29.52 5.26 -8.17
N SER B 799 30.53 5.41 -9.02
CA SER B 799 30.46 4.96 -10.39
C SER B 799 30.43 3.44 -10.58
N ARG B 800 30.95 2.67 -9.63
CA ARG B 800 30.93 1.24 -9.78
C ARG B 800 29.52 0.79 -9.50
N CYS B 801 28.91 1.43 -8.51
CA CYS B 801 27.55 1.12 -8.17
C CYS B 801 26.67 1.39 -9.36
N LYS B 802 26.86 2.55 -10.01
CA LYS B 802 26.02 2.84 -11.15
C LYS B 802 26.17 1.78 -12.23
N GLN B 803 27.39 1.26 -12.45
CA GLN B 803 27.50 0.19 -13.44
C GLN B 803 26.68 -1.01 -13.02
N LEU B 804 26.63 -1.32 -11.73
CA LEU B 804 25.82 -2.45 -11.30
C LEU B 804 24.35 -2.13 -11.50
N LEU B 805 23.97 -0.88 -11.22
CA LEU B 805 22.59 -0.42 -11.30
C LEU B 805 22.04 -0.55 -12.69
N THR B 806 22.88 -0.38 -13.70
CA THR B 806 22.47 -0.48 -15.09
C THR B 806 21.59 -1.70 -15.38
N GLN B 807 21.84 -2.86 -14.76
CA GLN B 807 21.03 -4.03 -15.08
C GLN B 807 19.56 -3.84 -14.66
N TYR B 808 19.30 -2.86 -13.79
CA TYR B 808 18.01 -2.53 -13.25
C TYR B 808 17.50 -1.21 -13.84
N THR B 809 18.09 -0.73 -14.95
CA THR B 809 17.71 0.57 -15.55
C THR B 809 16.21 0.67 -15.71
N ALA B 810 15.56 -0.40 -16.13
CA ALA B 810 14.13 -0.37 -16.31
C ALA B 810 13.41 0.02 -15.01
N ALA B 811 13.93 -0.39 -13.84
CA ALA B 811 13.28 -0.03 -12.60
C ALA B 811 13.40 1.46 -12.40
N CYS B 812 14.58 2.00 -12.71
CA CYS B 812 14.74 3.44 -12.55
C CYS B 812 13.88 4.21 -13.49
N LYS B 813 13.74 3.73 -14.72
CA LYS B 813 12.92 4.43 -15.68
C LYS B 813 11.49 4.44 -15.20
N THR B 814 11.03 3.33 -14.62
CA THR B 814 9.67 3.22 -14.14
C THR B 814 9.41 4.18 -13.00
N ILE B 815 10.34 4.25 -12.06
CA ILE B 815 10.22 5.11 -10.89
C ILE B 815 10.19 6.57 -11.30
N GLU B 816 11.13 6.97 -12.15
CA GLU B 816 11.19 8.36 -12.54
C GLU B 816 10.04 8.76 -13.41
N SER B 817 9.62 7.89 -14.32
CA SER B 817 8.52 8.23 -15.19
C SER B 817 7.28 8.47 -14.38
N ALA B 818 7.00 7.61 -13.41
CA ALA B 818 5.78 7.82 -12.66
C ALA B 818 5.76 9.16 -11.95
N LEU B 819 6.91 9.58 -11.39
CA LEU B 819 6.91 10.85 -10.71
C LEU B 819 6.93 12.05 -11.65
N GLN B 820 7.64 11.97 -12.78
CA GLN B 820 7.70 13.13 -13.67
C GLN B 820 6.37 13.36 -14.36
N LEU B 821 5.70 12.28 -14.74
CA LEU B 821 4.44 12.42 -15.45
C LEU B 821 3.34 12.82 -14.52
N SER B 822 3.36 12.33 -13.30
CA SER B 822 2.30 12.69 -12.40
C SER B 822 2.42 14.17 -12.06
N ALA B 823 3.65 14.66 -11.88
CA ALA B 823 3.82 16.07 -11.59
C ALA B 823 3.34 16.91 -12.76
N ARG B 824 3.62 16.46 -13.99
CA ARG B 824 3.19 17.20 -15.15
C ARG B 824 1.70 17.28 -15.20
N LEU B 825 1.01 16.19 -14.89
CA LEU B 825 -0.42 16.19 -14.93
C LEU B 825 -1.02 17.10 -13.88
N GLU B 826 -0.48 17.11 -12.66
CA GLU B 826 -1.09 17.97 -11.66
C GLU B 826 -0.91 19.42 -12.08
N SER B 827 0.23 19.74 -12.69
CA SER B 827 0.45 21.10 -13.12
C SER B 827 -0.57 21.50 -14.16
N VAL B 828 -0.84 20.63 -15.12
CA VAL B 828 -1.80 20.97 -16.14
C VAL B 828 -3.19 21.11 -15.61
N GLU B 829 -3.65 20.19 -14.80
CA GLU B 829 -5.03 20.30 -14.36
C GLU B 829 -5.28 21.47 -13.43
N VAL B 830 -4.35 21.78 -12.54
CA VAL B 830 -4.61 22.90 -11.64
C VAL B 830 -4.58 24.21 -12.39
N ASN B 831 -3.60 24.41 -13.26
CA ASN B 831 -3.54 25.66 -13.96
C ASN B 831 -4.62 25.79 -15.01
N SER B 832 -5.08 24.67 -15.57
CA SER B 832 -6.16 24.72 -16.53
C SER B 832 -7.45 25.14 -15.86
N MET B 833 -7.72 24.57 -14.68
CA MET B 833 -8.89 24.87 -13.89
C MET B 833 -8.97 26.29 -13.35
N LEU B 834 -7.88 26.79 -12.78
CA LEU B 834 -7.90 28.09 -12.15
C LEU B 834 -7.74 29.22 -13.11
N THR B 835 -8.76 29.48 -13.90
CA THR B 835 -8.67 30.58 -14.85
C THR B 835 -9.02 31.87 -14.14
N ILE B 836 -8.59 32.98 -14.71
CA ILE B 836 -8.88 34.29 -14.13
C ILE B 836 -9.53 35.25 -15.10
N SER B 837 -10.61 35.87 -14.67
CA SER B 837 -11.30 36.88 -15.45
C SER B 837 -10.76 38.25 -15.10
N ASP B 838 -10.35 39.02 -16.09
CA ASP B 838 -9.77 40.31 -15.78
C ASP B 838 -10.87 41.29 -15.49
N GLU B 839 -11.99 41.13 -16.16
CA GLU B 839 -13.06 42.07 -15.94
C GLU B 839 -13.54 41.92 -14.52
N ALA B 840 -13.63 40.68 -14.05
CA ALA B 840 -14.05 40.42 -12.69
C ALA B 840 -13.00 40.76 -11.66
N LEU B 841 -11.74 40.55 -11.97
CA LEU B 841 -10.69 40.78 -11.00
C LEU B 841 -10.63 42.23 -10.60
N GLN B 842 -10.86 43.10 -11.58
CA GLN B 842 -10.80 44.52 -11.37
C GLN B 842 -11.89 45.04 -10.42
N LEU B 843 -12.95 44.27 -10.22
CA LEU B 843 -14.08 44.71 -9.40
C LEU B 843 -13.97 44.23 -7.97
N ALA B 844 -12.89 43.53 -7.63
CA ALA B 844 -12.75 42.94 -6.31
C ALA B 844 -11.79 43.67 -5.38
N THR B 845 -11.59 44.96 -5.56
CA THR B 845 -10.67 45.65 -4.67
C THR B 845 -11.46 46.36 -3.59
N ILE B 846 -10.79 46.90 -2.58
CA ILE B 846 -11.52 47.59 -1.54
C ILE B 846 -12.28 48.77 -2.12
N SER B 847 -11.64 49.51 -3.02
CA SER B 847 -12.27 50.66 -3.62
C SER B 847 -13.19 50.37 -4.81
N SER B 848 -12.97 49.28 -5.54
CA SER B 848 -13.84 49.01 -6.70
C SER B 848 -15.06 48.17 -6.33
N PHE B 849 -15.02 47.47 -5.21
CA PHE B 849 -16.14 46.65 -4.83
C PHE B 849 -17.13 47.49 -4.04
N ASN B 850 -18.25 47.81 -4.64
CA ASN B 850 -19.19 48.70 -3.99
C ASN B 850 -20.16 47.98 -3.10
N GLY B 851 -19.63 47.57 -1.97
CA GLY B 851 -20.43 46.89 -0.97
C GLY B 851 -21.40 47.95 -0.47
N ASP B 852 -22.56 47.55 -0.05
CA ASP B 852 -23.58 48.46 0.46
C ASP B 852 -24.27 47.78 1.62
N GLY B 853 -23.96 48.20 2.83
CA GLY B 853 -24.49 47.52 4.01
C GLY B 853 -23.59 46.35 4.38
N TYR B 854 -23.41 45.46 3.41
CA TYR B 854 -22.55 44.29 3.51
C TYR B 854 -21.13 44.81 3.55
N ASN B 855 -20.31 44.31 4.49
CA ASN B 855 -18.97 44.83 4.68
C ASN B 855 -17.92 44.32 3.69
N PHE B 856 -17.55 43.04 3.74
CA PHE B 856 -16.49 42.47 2.88
C PHE B 856 -15.05 42.98 3.03
N THR B 857 -14.75 43.81 4.01
CA THR B 857 -13.38 44.32 4.16
C THR B 857 -12.38 43.21 4.40
N ASN B 858 -12.76 42.20 5.17
CA ASN B 858 -11.86 41.12 5.53
C ASN B 858 -11.85 39.99 4.51
N VAL B 859 -12.62 40.16 3.44
CA VAL B 859 -12.75 39.17 2.38
C VAL B 859 -11.97 39.60 1.13
N LEU B 860 -12.08 40.87 0.80
CA LEU B 860 -11.45 41.45 -0.38
C LEU B 860 -9.96 41.62 -0.18
N GLY B 861 -9.23 41.62 -1.28
CA GLY B 861 -7.79 41.79 -1.18
C GLY B 861 -7.45 43.24 -0.91
N VAL B 862 -6.17 43.51 -0.75
CA VAL B 862 -5.74 44.85 -0.43
C VAL B 862 -4.89 45.47 -1.51
N SER B 863 -5.37 46.54 -2.10
CA SER B 863 -4.57 47.18 -3.12
C SER B 863 -3.45 47.86 -2.37
N VAL B 864 -2.23 47.81 -2.91
CA VAL B 864 -1.07 48.46 -2.31
C VAL B 864 0.15 48.20 -3.18
N VAL B 873 0.22 46.15 -7.56
CA VAL B 873 0.48 45.40 -6.36
C VAL B 873 -0.74 45.25 -5.50
N GLN B 874 -1.04 44.00 -5.13
CA GLN B 874 -2.19 43.64 -4.29
C GLN B 874 -1.83 42.51 -3.33
N LYS B 875 -2.25 42.64 -2.09
CA LYS B 875 -2.00 41.67 -1.04
C LYS B 875 -3.21 40.87 -0.59
N ARG B 876 -2.94 39.82 0.19
CA ARG B 876 -3.94 38.92 0.74
C ARG B 876 -4.95 39.62 1.62
N SER B 877 -6.16 39.08 1.67
CA SER B 877 -7.24 39.62 2.48
C SER B 877 -6.92 39.33 3.92
N PHE B 878 -7.63 39.96 4.84
CA PHE B 878 -7.37 39.71 6.24
C PHE B 878 -7.61 38.26 6.60
N ILE B 879 -8.73 37.68 6.17
CA ILE B 879 -8.97 36.26 6.49
C ILE B 879 -7.91 35.38 5.87
N GLU B 880 -7.52 35.63 4.61
CA GLU B 880 -6.50 34.80 4.00
C GLU B 880 -5.22 34.88 4.77
N ASP B 881 -4.87 36.08 5.23
CA ASP B 881 -3.64 36.26 5.97
C ASP B 881 -3.70 35.49 7.28
N LEU B 882 -4.85 35.51 7.97
CA LEU B 882 -4.92 34.79 9.22
C LEU B 882 -4.72 33.32 9.01
N LEU B 883 -5.32 32.77 7.96
CA LEU B 883 -5.23 31.35 7.72
C LEU B 883 -3.82 30.94 7.32
N PHE B 884 -3.17 31.69 6.46
CA PHE B 884 -1.83 31.29 6.06
C PHE B 884 -0.84 31.44 7.19
N ASN B 885 -0.94 32.52 7.98
CA ASN B 885 0.00 32.71 9.06
C ASN B 885 -0.23 31.72 10.19
N LYS B 886 -1.49 31.35 10.43
CA LYS B 886 -1.82 30.41 11.47
C LYS B 886 -1.31 29.01 11.19
N VAL B 887 -1.41 28.58 9.95
CA VAL B 887 -1.02 27.24 9.61
C VAL B 887 0.42 27.06 9.15
N VAL B 888 0.89 27.92 8.26
CA VAL B 888 2.20 27.75 7.70
C VAL B 888 3.23 28.57 8.48
N ASP B 896 7.94 27.70 -2.07
CA ASP B 896 8.90 27.05 -2.94
C ASP B 896 10.30 27.07 -2.34
N GLU B 897 11.01 25.96 -2.49
CA GLU B 897 12.34 25.85 -1.93
C GLU B 897 13.40 26.46 -2.82
N ASP B 898 14.42 27.00 -2.18
CA ASP B 898 15.58 27.56 -2.85
C ASP B 898 16.73 26.57 -2.89
N TYR B 899 17.11 26.11 -4.07
CA TYR B 899 18.17 25.10 -4.14
C TYR B 899 19.50 25.70 -4.55
N LYS B 900 19.56 27.02 -4.76
CA LYS B 900 20.81 27.64 -5.24
C LYS B 900 21.83 27.68 -4.14
N ARG B 901 21.35 27.56 -2.94
CA ARG B 901 22.16 27.55 -1.77
C ARG B 901 22.74 26.18 -1.46
N CYS B 902 22.14 25.10 -1.96
CA CYS B 902 22.56 23.79 -1.50
C CYS B 902 23.93 23.42 -2.06
N SER B 903 24.29 24.02 -3.16
CA SER B 903 25.55 23.77 -3.82
C SER B 903 26.67 24.65 -3.30
N ASN B 904 26.37 25.56 -2.37
CA ASN B 904 27.40 26.46 -1.89
C ASN B 904 28.27 25.96 -0.77
N GLY B 905 27.85 24.96 -0.02
CA GLY B 905 28.62 24.63 1.15
C GLY B 905 28.46 25.87 2.00
N ARG B 906 29.50 26.28 2.74
CA ARG B 906 29.46 27.49 3.60
C ARG B 906 28.56 27.41 4.83
N SER B 907 27.36 26.89 4.68
CA SER B 907 26.44 26.65 5.76
C SER B 907 26.40 25.16 6.02
N VAL B 908 25.84 24.76 7.14
CA VAL B 908 25.62 23.35 7.38
C VAL B 908 24.26 23.07 6.80
N ALA B 909 24.14 22.03 6.00
CA ALA B 909 22.88 21.73 5.35
C ALA B 909 21.75 21.47 6.32
N ASP B 910 20.58 21.99 5.97
CA ASP B 910 19.35 21.79 6.69
C ASP B 910 18.69 20.55 6.10
N LEU B 911 17.45 20.27 6.50
CA LEU B 911 16.79 19.08 6.01
C LEU B 911 16.54 19.11 4.50
N VAL B 912 16.20 20.27 3.96
CA VAL B 912 15.89 20.31 2.54
C VAL B 912 17.12 20.04 1.73
N CYS B 913 18.23 20.67 2.08
CA CYS B 913 19.42 20.40 1.32
C CYS B 913 19.86 18.97 1.52
N ALA B 914 19.75 18.42 2.72
CA ALA B 914 20.16 17.04 2.88
C ALA B 914 19.32 16.11 1.98
N GLN B 915 18.00 16.37 1.86
CA GLN B 915 17.18 15.55 1.00
C GLN B 915 17.59 15.73 -0.45
N TYR B 916 17.93 16.97 -0.83
CA TYR B 916 18.40 17.28 -2.16
C TYR B 916 19.67 16.55 -2.50
N TYR B 917 20.62 16.52 -1.58
CA TYR B 917 21.89 15.85 -1.80
C TYR B 917 21.65 14.37 -2.08
N SER B 918 20.66 13.78 -1.40
CA SER B 918 20.27 12.38 -1.56
C SER B 918 19.56 12.11 -2.87
N GLY B 919 19.21 13.14 -3.64
CA GLY B 919 18.53 12.97 -4.92
C GLY B 919 17.04 13.23 -4.89
N VAL B 920 16.51 13.78 -3.80
CA VAL B 920 15.10 14.04 -3.73
C VAL B 920 14.80 15.51 -3.88
N MET B 921 14.07 15.87 -4.92
CA MET B 921 13.77 17.25 -5.19
C MET B 921 12.31 17.56 -4.94
N VAL B 922 12.06 18.63 -4.23
CA VAL B 922 10.69 19.03 -4.00
C VAL B 922 10.44 20.16 -4.97
N LEU B 923 9.41 20.01 -5.77
CA LEU B 923 9.17 20.94 -6.83
C LEU B 923 8.46 22.18 -6.32
N PRO B 924 8.52 23.29 -7.05
CA PRO B 924 7.76 24.49 -6.82
C PRO B 924 6.31 24.11 -6.90
N GLY B 925 5.45 24.83 -6.20
CA GLY B 925 4.04 24.48 -6.26
C GLY B 925 3.52 24.75 -7.66
N VAL B 926 2.49 23.98 -8.05
CA VAL B 926 1.85 24.11 -9.35
C VAL B 926 1.12 25.42 -9.49
N VAL B 927 0.74 26.00 -8.38
CA VAL B 927 0.10 27.29 -8.39
C VAL B 927 0.76 28.11 -7.30
N ASP B 928 1.09 29.35 -7.59
CA ASP B 928 1.64 30.19 -6.54
C ASP B 928 0.53 30.68 -5.64
N ALA B 929 0.86 31.05 -4.42
CA ALA B 929 -0.14 31.57 -3.48
C ALA B 929 -0.78 32.83 -4.02
N GLU B 930 -0.02 33.63 -4.75
CA GLU B 930 -0.57 34.84 -5.32
C GLU B 930 -1.56 34.54 -6.43
N LYS B 931 -1.46 33.37 -7.05
CA LYS B 931 -2.38 33.05 -8.11
C LYS B 931 -3.66 32.57 -7.49
N LEU B 932 -3.55 31.85 -6.36
CA LEU B 932 -4.77 31.43 -5.68
C LEU B 932 -5.49 32.68 -5.23
N HIS B 933 -4.73 33.68 -4.76
CA HIS B 933 -5.35 34.93 -4.34
C HIS B 933 -6.06 35.60 -5.49
N MET B 934 -5.41 35.75 -6.65
CA MET B 934 -6.09 36.43 -7.73
C MET B 934 -7.29 35.64 -8.19
N TYR B 935 -7.22 34.32 -8.16
CA TYR B 935 -8.34 33.48 -8.54
C TYR B 935 -9.53 33.75 -7.64
N SER B 936 -9.31 33.75 -6.34
CA SER B 936 -10.37 33.98 -5.40
C SER B 936 -10.94 35.39 -5.56
N ALA B 937 -10.07 36.37 -5.79
CA ALA B 937 -10.54 37.73 -5.98
C ALA B 937 -11.41 37.83 -7.23
N SER B 938 -11.04 37.11 -8.29
CA SER B 938 -11.83 37.08 -9.51
C SER B 938 -13.20 36.53 -9.25
N LEU B 939 -13.28 35.43 -8.51
CA LEU B 939 -14.59 34.85 -8.25
C LEU B 939 -15.50 35.77 -7.46
N ILE B 940 -14.95 36.51 -6.50
CA ILE B 940 -15.77 37.45 -5.75
C ILE B 940 -16.12 38.67 -6.57
N GLY B 941 -15.17 39.22 -7.30
CA GLY B 941 -15.44 40.40 -8.11
C GLY B 941 -16.49 40.10 -9.15
N GLY B 942 -16.52 38.87 -9.63
CA GLY B 942 -17.48 38.45 -10.62
C GLY B 942 -18.92 38.50 -10.13
N MET B 943 -19.15 38.57 -8.82
CA MET B 943 -20.50 38.61 -8.30
C MET B 943 -21.19 39.90 -8.59
N VAL B 944 -20.41 40.93 -8.91
CA VAL B 944 -20.94 42.22 -9.19
C VAL B 944 -20.71 42.62 -10.65
N LEU B 945 -20.36 41.65 -11.48
CA LEU B 945 -20.17 41.91 -12.89
C LEU B 945 -21.51 41.73 -13.57
N GLY B 946 -22.38 42.72 -13.44
CA GLY B 946 -23.75 42.66 -13.96
C GLY B 946 -23.79 42.85 -15.48
N GLY B 947 -22.70 43.32 -16.03
CA GLY B 947 -22.58 43.56 -17.45
C GLY B 947 -21.24 44.16 -17.74
N PHE B 948 -21.02 44.50 -19.00
CA PHE B 948 -19.75 45.06 -19.44
C PHE B 948 -19.94 46.51 -19.80
N THR B 949 -18.87 47.30 -19.70
CA THR B 949 -18.81 48.73 -20.10
C THR B 949 -19.56 49.68 -19.16
N SER B 950 -20.14 49.13 -18.10
CA SER B 950 -20.91 49.92 -17.17
C SER B 950 -20.00 50.85 -16.38
N ALA B 951 -20.61 51.89 -15.81
CA ALA B 951 -19.91 52.89 -15.01
C ALA B 951 -19.31 52.35 -13.71
N ALA B 952 -19.97 51.37 -13.11
CA ALA B 952 -19.52 50.86 -11.83
C ALA B 952 -19.97 49.43 -11.62
N ALA B 953 -19.31 48.77 -10.69
CA ALA B 953 -19.67 47.43 -10.28
C ALA B 953 -21.09 47.45 -9.76
N LEU B 954 -21.79 46.36 -9.98
CA LEU B 954 -23.14 46.25 -9.51
C LEU B 954 -23.13 46.39 -7.99
N PRO B 955 -23.90 47.29 -7.38
CA PRO B 955 -23.94 47.42 -5.95
C PRO B 955 -24.23 46.06 -5.43
N PHE B 956 -23.52 45.69 -4.39
CA PHE B 956 -23.66 44.34 -3.90
C PHE B 956 -25.10 43.99 -3.55
N SER B 957 -25.83 44.94 -2.98
CA SER B 957 -27.19 44.65 -2.56
C SER B 957 -28.11 44.31 -3.73
N TYR B 958 -27.75 44.69 -4.96
CA TYR B 958 -28.57 44.34 -6.11
C TYR B 958 -28.25 42.93 -6.49
N ALA B 959 -26.98 42.54 -6.30
CA ALA B 959 -26.60 41.17 -6.60
C ALA B 959 -27.36 40.25 -5.65
N VAL B 960 -27.54 40.72 -4.40
CA VAL B 960 -28.25 39.95 -3.39
C VAL B 960 -29.73 39.93 -3.66
N GLN B 961 -30.32 41.07 -4.02
CA GLN B 961 -31.75 41.05 -4.27
C GLN B 961 -32.05 40.09 -5.40
N ALA B 962 -31.21 40.03 -6.43
CA ALA B 962 -31.48 39.09 -7.49
C ALA B 962 -31.42 37.65 -6.98
N ARG B 963 -30.45 37.35 -6.10
CA ARG B 963 -30.35 36.00 -5.56
C ARG B 963 -31.57 35.67 -4.70
N LEU B 964 -32.07 36.65 -3.95
CA LEU B 964 -33.24 36.41 -3.13
C LEU B 964 -34.44 36.12 -3.98
N ASN B 965 -34.58 36.84 -5.10
CA ASN B 965 -35.73 36.64 -5.97
C ASN B 965 -35.75 35.23 -6.51
N TYR B 966 -34.59 34.64 -6.74
CA TYR B 966 -34.58 33.27 -7.23
C TYR B 966 -35.08 32.31 -6.19
N LEU B 967 -34.78 32.54 -4.91
CA LEU B 967 -35.32 31.60 -3.93
C LEU B 967 -36.81 31.75 -3.81
N ALA B 968 -37.27 32.98 -3.79
CA ALA B 968 -38.69 33.31 -3.70
C ALA B 968 -38.91 34.70 -4.22
N LEU B 969 -39.98 34.92 -4.96
CA LEU B 969 -40.20 36.28 -5.40
C LEU B 969 -40.46 37.08 -4.15
N GLN B 970 -39.81 38.23 -4.01
CA GLN B 970 -40.00 39.01 -2.82
C GLN B 970 -41.15 39.96 -3.05
N THR B 971 -42.01 40.11 -2.04
CA THR B 971 -43.12 41.06 -2.18
C THR B 971 -42.87 42.21 -1.25
N ASP B 972 -42.00 42.01 -0.27
CA ASP B 972 -41.60 43.05 0.61
C ASP B 972 -40.43 43.70 -0.07
N VAL B 973 -40.69 44.85 -0.65
CA VAL B 973 -39.71 45.52 -1.46
C VAL B 973 -39.30 46.80 -0.81
N LEU B 974 -39.46 46.90 0.51
CA LEU B 974 -39.15 48.14 1.21
C LEU B 974 -37.65 48.42 1.30
N GLN B 975 -36.83 47.41 0.98
CA GLN B 975 -35.37 47.44 0.99
C GLN B 975 -34.80 47.55 2.41
N ARG B 976 -35.66 47.39 3.41
CA ARG B 976 -35.21 47.41 4.79
C ARG B 976 -34.68 46.04 5.12
N ASN B 977 -35.24 45.03 4.45
CA ASN B 977 -34.85 43.67 4.72
C ASN B 977 -33.42 43.45 4.31
N GLN B 978 -32.97 44.20 3.30
CA GLN B 978 -31.61 44.08 2.85
C GLN B 978 -30.67 44.58 3.93
N GLN B 979 -31.08 45.58 4.71
CA GLN B 979 -30.24 46.09 5.77
C GLN B 979 -30.18 45.08 6.86
N LEU B 980 -31.29 44.43 7.13
CA LEU B 980 -31.31 43.46 8.20
C LEU B 980 -30.45 42.26 7.82
N LEU B 981 -30.50 41.86 6.55
CA LEU B 981 -29.66 40.77 6.14
C LEU B 981 -28.21 41.20 6.16
N ALA B 982 -27.90 42.43 5.72
CA ALA B 982 -26.53 42.89 5.74
C ALA B 982 -25.97 42.89 7.14
N GLU B 983 -26.78 43.25 8.12
CA GLU B 983 -26.30 43.26 9.47
C GLU B 983 -26.01 41.86 9.96
N SER B 984 -26.86 40.88 9.60
CA SER B 984 -26.55 39.53 10.04
C SER B 984 -25.31 39.00 9.31
N PHE B 985 -25.10 39.45 8.07
CA PHE B 985 -23.93 39.06 7.30
C PHE B 985 -22.70 39.56 7.98
N ASN B 986 -22.73 40.84 8.34
CA ASN B 986 -21.56 41.44 8.94
C ASN B 986 -21.25 40.78 10.26
N SER B 987 -22.27 40.37 11.01
CA SER B 987 -22.00 39.69 12.26
C SER B 987 -21.38 38.34 11.98
N ALA B 988 -21.87 37.64 10.94
CA ALA B 988 -21.32 36.34 10.60
C ALA B 988 -19.85 36.45 10.18
N ILE B 989 -19.49 37.49 9.41
CA ILE B 989 -18.10 37.66 9.04
C ILE B 989 -17.28 37.94 10.26
N GLY B 990 -17.77 38.78 11.15
CA GLY B 990 -17.02 39.06 12.35
C GLY B 990 -16.79 37.79 13.16
N ASN B 991 -17.80 36.93 13.27
CA ASN B 991 -17.63 35.70 14.04
C ASN B 991 -16.63 34.76 13.40
N ILE B 992 -16.60 34.70 12.07
CA ILE B 992 -15.62 33.87 11.38
C ILE B 992 -14.24 34.43 11.51
N THR B 993 -14.12 35.73 11.35
CA THR B 993 -12.84 36.35 11.42
C THR B 993 -12.26 36.08 12.79
N SER B 994 -13.09 36.22 13.83
CA SER B 994 -12.68 35.94 15.20
C SER B 994 -12.45 34.44 15.43
N ALA B 995 -13.23 33.57 14.80
CA ALA B 995 -13.01 32.15 15.00
C ALA B 995 -11.60 31.75 14.56
N PHE B 996 -11.08 32.39 13.54
CA PHE B 996 -9.72 32.05 13.10
C PHE B 996 -8.64 32.45 14.11
N GLU B 997 -8.98 33.33 15.06
CA GLU B 997 -8.05 33.80 16.08
C GLU B 997 -8.42 33.22 17.46
N SER B 998 -7.69 32.19 17.88
CA SER B 998 -7.93 31.48 19.13
C SER B 998 -9.34 30.87 19.31
N VAL B 999 -9.77 30.08 18.33
CA VAL B 999 -11.12 29.47 18.42
C VAL B 999 -11.27 28.60 19.69
N LYS B 1000 -10.17 27.95 20.08
CA LYS B 1000 -10.12 27.02 21.18
C LYS B 1000 -10.49 27.58 22.54
N GLU B 1001 -10.48 28.90 22.70
CA GLU B 1001 -10.80 29.46 24.00
C GLU B 1001 -12.21 29.09 24.47
N ALA B 1002 -13.19 29.00 23.56
CA ALA B 1002 -14.54 28.69 24.01
C ALA B 1002 -15.37 27.98 22.96
N ILE B 1003 -14.89 26.85 22.44
CA ILE B 1003 -15.69 26.19 21.40
C ILE B 1003 -16.29 24.86 21.84
N SER B 1004 -17.60 24.74 21.62
CA SER B 1004 -18.42 23.58 21.93
C SER B 1004 -18.34 22.48 20.88
N GLN B 1005 -18.88 21.31 21.23
CA GLN B 1005 -18.91 20.16 20.32
C GLN B 1005 -19.75 20.42 19.08
N THR B 1006 -20.82 21.18 19.20
CA THR B 1006 -21.66 21.49 18.06
C THR B 1006 -20.89 22.39 17.10
N SER B 1007 -20.25 23.40 17.69
CA SER B 1007 -19.55 24.42 16.95
C SER B 1007 -18.29 23.96 16.25
N LYS B 1008 -17.70 22.85 16.68
CA LYS B 1008 -16.49 22.37 16.02
C LYS B 1008 -16.77 21.22 15.04
N GLY B 1009 -18.04 21.00 14.72
CA GLY B 1009 -18.42 19.92 13.83
C GLY B 1009 -18.34 20.32 12.36
N LEU B 1010 -19.10 19.64 11.52
CA LEU B 1010 -19.02 19.90 10.09
C LEU B 1010 -19.46 21.29 9.68
N ASN B 1011 -18.76 21.80 8.67
CA ASN B 1011 -18.94 23.11 8.07
C ASN B 1011 -18.73 24.28 9.03
N THR B 1012 -17.76 24.15 9.90
CA THR B 1012 -17.42 25.17 10.87
C THR B 1012 -16.00 25.60 10.69
N VAL B 1013 -15.61 26.71 11.32
CA VAL B 1013 -14.24 27.16 11.17
C VAL B 1013 -13.29 26.21 11.84
N ALA B 1014 -13.59 25.74 13.03
CA ALA B 1014 -12.65 24.87 13.69
C ALA B 1014 -12.42 23.60 12.91
N HIS B 1015 -13.45 23.04 12.29
CA HIS B 1015 -13.24 21.84 11.51
C HIS B 1015 -12.41 22.14 10.29
N ALA B 1016 -12.77 23.18 9.54
CA ALA B 1016 -12.04 23.49 8.34
C ALA B 1016 -10.61 23.86 8.63
N LEU B 1017 -10.38 24.57 9.72
CA LEU B 1017 -9.05 25.00 10.09
C LEU B 1017 -8.20 23.82 10.49
N THR B 1018 -8.81 22.86 11.22
CA THR B 1018 -8.10 21.66 11.61
C THR B 1018 -7.67 20.91 10.38
N LYS B 1019 -8.58 20.79 9.40
CA LYS B 1019 -8.28 20.10 8.18
C LYS B 1019 -7.13 20.73 7.44
N VAL B 1020 -7.08 22.07 7.41
CA VAL B 1020 -5.99 22.75 6.71
C VAL B 1020 -4.68 22.39 7.38
N GLN B 1021 -4.64 22.39 8.72
CA GLN B 1021 -3.40 22.03 9.38
C GLN B 1021 -2.99 20.60 9.12
N GLU B 1022 -3.93 19.67 9.07
CA GLU B 1022 -3.55 18.28 8.81
C GLU B 1022 -2.95 18.13 7.42
N VAL B 1023 -3.51 18.85 6.44
CA VAL B 1023 -2.98 18.77 5.09
C VAL B 1023 -1.56 19.28 5.03
N VAL B 1024 -1.30 20.40 5.69
CA VAL B 1024 0.04 20.95 5.69
C VAL B 1024 1.02 20.10 6.50
N ASN B 1025 0.63 19.66 7.70
CA ASN B 1025 1.54 18.94 8.58
C ASN B 1025 2.02 17.61 8.03
N SER B 1026 1.19 16.93 7.26
CA SER B 1026 1.53 15.63 6.71
C SER B 1026 2.22 15.72 5.36
N GLN B 1027 2.44 16.93 4.84
CA GLN B 1027 2.96 17.08 3.50
C GLN B 1027 4.31 16.43 3.25
N GLY B 1028 5.21 16.44 4.23
CA GLY B 1028 6.54 15.88 4.04
C GLY B 1028 6.68 14.46 4.60
N ALA B 1029 5.58 13.85 5.00
CA ALA B 1029 5.63 12.56 5.66
C ALA B 1029 6.26 11.47 4.83
N ALA B 1030 6.04 11.47 3.51
CA ALA B 1030 6.63 10.42 2.68
C ALA B 1030 8.11 10.69 2.40
N LEU B 1031 8.50 11.97 2.35
CA LEU B 1031 9.86 12.33 2.01
C LEU B 1031 10.83 11.85 3.04
N THR B 1032 10.39 11.85 4.27
CA THR B 1032 11.27 11.43 5.32
C THR B 1032 11.31 9.92 5.46
N GLN B 1033 10.43 9.18 4.79
CA GLN B 1033 10.54 7.74 4.96
C GLN B 1033 11.52 7.31 3.92
N LEU B 1034 11.47 7.97 2.78
CA LEU B 1034 12.37 7.63 1.71
C LEU B 1034 13.79 7.96 2.13
N THR B 1035 13.96 9.12 2.79
CA THR B 1035 15.26 9.57 3.26
C THR B 1035 15.80 8.71 4.39
N VAL B 1036 14.96 8.35 5.36
CA VAL B 1036 15.43 7.54 6.45
C VAL B 1036 15.87 6.18 6.00
N GLN B 1037 15.18 5.56 5.04
CA GLN B 1037 15.57 4.25 4.60
C GLN B 1037 16.99 4.18 4.04
N LEU B 1038 17.60 5.31 3.68
CA LEU B 1038 18.98 5.31 3.17
C LEU B 1038 19.94 4.89 4.27
N GLN B 1039 19.52 5.04 5.50
CA GLN B 1039 20.26 4.68 6.69
C GLN B 1039 20.39 3.18 6.79
N HIS B 1040 19.40 2.47 6.28
CA HIS B 1040 19.29 1.05 6.49
C HIS B 1040 20.38 0.26 5.82
N ASN B 1041 20.94 -0.65 6.58
CA ASN B 1041 21.96 -1.55 6.11
C ASN B 1041 21.35 -2.88 5.68
N PHE B 1042 21.25 -3.10 4.38
CA PHE B 1042 20.60 -4.30 3.89
C PHE B 1042 21.58 -5.47 3.86
N GLN B 1043 21.93 -5.93 5.05
CA GLN B 1043 22.87 -7.03 5.25
C GLN B 1043 24.23 -6.86 4.57
N ALA B 1044 24.82 -5.70 4.70
CA ALA B 1044 26.12 -5.39 4.16
C ALA B 1044 27.07 -4.98 5.28
N ILE B 1045 28.34 -4.78 4.96
CA ILE B 1045 29.28 -4.29 5.97
C ILE B 1045 28.84 -2.91 6.44
N SER B 1046 28.37 -2.09 5.51
CA SER B 1046 27.96 -0.73 5.79
C SER B 1046 26.80 -0.31 4.93
N SER B 1047 26.05 0.67 5.39
CA SER B 1047 24.95 1.24 4.62
C SER B 1047 25.50 2.09 3.47
N SER B 1048 26.78 2.45 3.59
CA SER B 1048 27.50 3.25 2.63
C SER B 1048 28.25 2.46 1.58
N ILE B 1049 27.95 2.77 0.33
CA ILE B 1049 28.53 2.10 -0.80
C ILE B 1049 30.02 2.34 -0.87
N ASP B 1050 30.42 3.58 -0.62
CA ASP B 1050 31.82 3.94 -0.63
C ASP B 1050 32.58 3.21 0.46
N ASP B 1051 31.94 3.05 1.61
CA ASP B 1051 32.52 2.27 2.73
C ASP B 1051 32.82 0.85 2.23
N ILE B 1052 31.85 0.22 1.58
CA ILE B 1052 31.99 -1.17 1.19
C ILE B 1052 33.11 -1.33 0.18
N TYR B 1053 33.14 -0.49 -0.84
CA TYR B 1053 34.19 -0.63 -1.86
C TYR B 1053 35.57 -0.32 -1.34
N SER B 1054 35.66 0.50 -0.31
CA SER B 1054 36.95 0.85 0.24
C SER B 1054 37.43 -0.15 1.30
N ARG B 1055 36.62 -1.14 1.63
CA ARG B 1055 37.02 -2.11 2.66
C ARG B 1055 37.16 -3.52 2.10
N LEU B 1056 36.22 -3.94 1.28
CA LEU B 1056 36.22 -5.28 0.74
C LEU B 1056 36.83 -5.29 -0.64
N ASP B 1057 37.15 -6.47 -1.14
CA ASP B 1057 37.66 -6.60 -2.48
C ASP B 1057 36.51 -6.28 -3.40
N ILE B 1058 36.79 -6.07 -4.66
CA ILE B 1058 35.74 -5.69 -5.59
C ILE B 1058 34.63 -6.69 -5.75
N LEU B 1059 34.92 -7.98 -5.79
CA LEU B 1059 33.79 -8.86 -6.08
C LEU B 1059 32.91 -9.04 -4.87
N SER B 1060 33.52 -9.07 -3.69
CA SER B 1060 32.70 -9.19 -2.50
C SER B 1060 31.91 -7.89 -2.33
N ALA B 1061 32.55 -6.76 -2.67
CA ALA B 1061 31.89 -5.51 -2.55
C ALA B 1061 30.70 -5.42 -3.49
N ASP B 1062 30.91 -5.83 -4.75
CA ASP B 1062 29.80 -5.90 -5.74
C ASP B 1062 28.61 -6.62 -5.11
N ALA B 1063 28.84 -7.78 -4.48
CA ALA B 1063 27.74 -8.57 -3.94
C ALA B 1063 26.96 -7.81 -2.87
N GLN B 1064 27.66 -7.03 -2.04
CA GLN B 1064 26.96 -6.32 -0.99
C GLN B 1064 26.33 -5.05 -1.49
N VAL B 1065 26.93 -4.43 -2.49
CA VAL B 1065 26.35 -3.24 -3.04
C VAL B 1065 25.08 -3.64 -3.74
N ASP B 1066 25.06 -4.77 -4.43
CA ASP B 1066 23.83 -5.22 -5.06
C ASP B 1066 22.73 -5.40 -4.02
N ARG B 1067 23.07 -5.88 -2.80
CA ARG B 1067 22.03 -5.99 -1.79
C ARG B 1067 21.49 -4.60 -1.45
N LEU B 1068 22.39 -3.60 -1.34
CA LEU B 1068 21.93 -2.25 -1.03
C LEU B 1068 21.10 -1.70 -2.18
N ILE B 1069 21.46 -2.01 -3.43
CA ILE B 1069 20.70 -1.52 -4.56
C ILE B 1069 19.29 -2.04 -4.54
N THR B 1070 19.11 -3.33 -4.30
CA THR B 1070 17.76 -3.85 -4.27
C THR B 1070 16.94 -3.18 -3.20
N GLY B 1071 17.52 -3.01 -2.01
CA GLY B 1071 16.80 -2.39 -0.91
C GLY B 1071 16.41 -0.94 -1.21
N ARG B 1072 17.32 -0.19 -1.82
CA ARG B 1072 17.06 1.19 -2.16
C ARG B 1072 16.00 1.29 -3.27
N LEU B 1073 16.02 0.39 -4.26
CA LEU B 1073 14.98 0.43 -5.30
C LEU B 1073 13.63 0.13 -4.69
N SER B 1074 13.59 -0.78 -3.71
CA SER B 1074 12.32 -1.09 -3.06
C SER B 1074 11.78 0.15 -2.36
N ALA B 1075 12.65 0.89 -1.66
CA ALA B 1075 12.22 2.11 -0.98
C ALA B 1075 11.66 3.12 -1.95
N LEU B 1076 12.27 3.24 -3.14
CA LEU B 1076 11.75 4.15 -4.13
C LEU B 1076 10.40 3.71 -4.64
N ASN B 1077 10.20 2.41 -4.84
CA ASN B 1077 8.91 1.99 -5.32
C ASN B 1077 7.82 2.23 -4.28
N ALA B 1078 8.15 2.06 -3.00
CA ALA B 1078 7.15 2.32 -1.98
C ALA B 1078 6.77 3.78 -1.98
N PHE B 1079 7.76 4.66 -2.14
CA PHE B 1079 7.54 6.08 -2.19
C PHE B 1079 6.62 6.44 -3.33
N VAL B 1080 6.89 5.89 -4.50
CA VAL B 1080 6.07 6.21 -5.64
C VAL B 1080 4.66 5.74 -5.40
N ALA B 1081 4.46 4.53 -4.90
CA ALA B 1081 3.10 4.10 -4.69
C ALA B 1081 2.33 5.01 -3.75
N GLN B 1082 3.00 5.49 -2.69
CA GLN B 1082 2.35 6.38 -1.74
C GLN B 1082 2.04 7.72 -2.38
N THR B 1083 2.96 8.20 -3.19
CA THR B 1083 2.83 9.47 -3.84
C THR B 1083 1.70 9.46 -4.85
N LEU B 1084 1.62 8.40 -5.64
CA LEU B 1084 0.58 8.32 -6.65
C LEU B 1084 -0.77 8.19 -5.99
N THR B 1085 -0.85 7.46 -4.87
CA THR B 1085 -2.09 7.30 -4.17
C THR B 1085 -2.58 8.66 -3.68
N LYS B 1086 -1.66 9.46 -3.13
CA LYS B 1086 -2.02 10.77 -2.64
C LYS B 1086 -2.52 11.66 -3.75
N TYR B 1087 -1.92 11.59 -4.95
CA TYR B 1087 -2.39 12.43 -6.02
C TYR B 1087 -3.83 12.08 -6.37
N THR B 1088 -4.18 10.79 -6.38
CA THR B 1088 -5.55 10.41 -6.67
C THR B 1088 -6.53 11.01 -5.66
N GLU B 1089 -6.19 10.95 -4.37
CA GLU B 1089 -7.09 11.49 -3.37
C GLU B 1089 -7.28 13.00 -3.55
N VAL B 1090 -6.20 13.69 -3.87
CA VAL B 1090 -6.30 15.12 -4.08
C VAL B 1090 -7.13 15.43 -5.28
N GLN B 1091 -6.99 14.66 -6.36
CA GLN B 1091 -7.80 14.92 -7.53
C GLN B 1091 -9.27 14.81 -7.19
N ALA B 1092 -9.65 13.85 -6.35
CA ALA B 1092 -11.06 13.77 -6.01
C ALA B 1092 -11.52 15.05 -5.30
N SER B 1093 -10.67 15.61 -4.42
CA SER B 1093 -11.02 16.85 -3.73
C SER B 1093 -11.03 18.01 -4.70
N ARG B 1094 -10.12 18.02 -5.66
CA ARG B 1094 -10.08 19.08 -6.64
C ARG B 1094 -11.32 19.08 -7.50
N LYS B 1095 -11.80 17.90 -7.90
CA LYS B 1095 -13.01 17.82 -8.71
C LYS B 1095 -14.17 18.38 -7.94
N LEU B 1096 -14.25 18.08 -6.64
CA LEU B 1096 -15.34 18.62 -5.87
C LEU B 1096 -15.21 20.13 -5.75
N ALA B 1097 -13.99 20.63 -5.55
CA ALA B 1097 -13.83 22.06 -5.44
C ALA B 1097 -14.27 22.75 -6.71
N GLN B 1098 -13.98 22.15 -7.87
CA GLN B 1098 -14.42 22.77 -9.10
C GLN B 1098 -15.93 22.79 -9.17
N GLN B 1099 -16.59 21.72 -8.72
CA GLN B 1099 -18.04 21.71 -8.72
C GLN B 1099 -18.58 22.77 -7.78
N LYS B 1100 -17.94 22.97 -6.64
CA LYS B 1100 -18.41 23.98 -5.72
C LYS B 1100 -18.23 25.36 -6.31
N VAL B 1101 -17.15 25.61 -7.00
CA VAL B 1101 -17.07 26.93 -7.56
C VAL B 1101 -18.13 27.13 -8.62
N ASN B 1102 -18.29 26.18 -9.52
CA ASN B 1102 -19.26 26.41 -10.56
C ASN B 1102 -20.71 26.45 -10.08
N GLU B 1103 -21.03 25.67 -9.06
CA GLU B 1103 -22.38 25.58 -8.55
C GLU B 1103 -22.73 26.44 -7.32
N CYS B 1104 -21.78 26.74 -6.44
CA CYS B 1104 -22.07 27.53 -5.26
C CYS B 1104 -21.56 28.97 -5.38
N VAL B 1105 -20.52 29.21 -6.19
CA VAL B 1105 -19.94 30.55 -6.27
C VAL B 1105 -20.42 31.31 -7.51
N LYS B 1106 -20.32 30.69 -8.67
CA LYS B 1106 -20.67 31.35 -9.93
C LYS B 1106 -22.16 31.29 -10.22
N SER B 1107 -22.86 30.47 -9.48
CA SER B 1107 -24.27 30.25 -9.67
C SER B 1107 -24.92 29.94 -8.34
N GLN B 1108 -26.24 29.92 -8.31
CA GLN B 1108 -26.97 29.63 -7.09
C GLN B 1108 -27.57 28.23 -7.17
N SER B 1109 -27.02 27.32 -6.40
CA SER B 1109 -27.40 25.92 -6.45
C SER B 1109 -28.82 25.68 -6.06
N GLN B 1110 -29.46 24.77 -6.78
CA GLN B 1110 -30.83 24.36 -6.52
C GLN B 1110 -30.86 23.02 -5.79
N ARG B 1111 -29.68 22.52 -5.42
CA ARG B 1111 -29.55 21.25 -4.76
C ARG B 1111 -29.56 21.46 -3.26
N TYR B 1112 -30.60 21.01 -2.60
CA TYR B 1112 -30.67 21.28 -1.20
C TYR B 1112 -29.52 20.64 -0.50
N GLY B 1113 -28.88 21.40 0.34
CA GLY B 1113 -27.81 20.88 1.15
C GLY B 1113 -26.44 20.80 0.49
N PHE B 1114 -26.32 21.16 -0.78
CA PHE B 1114 -25.01 21.05 -1.41
C PHE B 1114 -24.05 22.11 -0.94
N CYS B 1115 -24.50 23.36 -0.96
CA CYS B 1115 -23.65 24.46 -0.56
C CYS B 1115 -24.00 24.79 0.87
N GLY B 1116 -23.02 24.78 1.75
CA GLY B 1116 -23.26 25.12 3.15
C GLY B 1116 -23.88 23.97 3.95
N GLY B 1117 -25.10 23.60 3.58
CA GLY B 1117 -25.82 22.52 4.22
C GLY B 1117 -27.01 22.99 5.05
N ASP B 1118 -28.13 22.33 4.90
CA ASP B 1118 -29.32 22.66 5.68
C ASP B 1118 -29.79 24.12 5.76
N GLY B 1119 -29.98 24.76 4.62
CA GLY B 1119 -30.49 26.12 4.60
C GLY B 1119 -30.62 26.62 3.17
N GLU B 1120 -31.04 27.86 2.99
CA GLU B 1120 -31.24 28.36 1.64
C GLU B 1120 -30.02 29.13 1.12
N HIS B 1121 -29.42 28.65 0.06
CA HIS B 1121 -28.19 29.29 -0.41
C HIS B 1121 -28.42 30.62 -1.10
N ILE B 1122 -27.60 31.62 -0.75
CA ILE B 1122 -27.66 32.92 -1.43
C ILE B 1122 -26.40 33.11 -2.23
N PHE B 1123 -25.25 32.99 -1.58
CA PHE B 1123 -23.98 33.31 -2.28
C PHE B 1123 -22.81 32.76 -1.47
N SER B 1124 -21.71 32.47 -2.16
CA SER B 1124 -20.54 32.00 -1.47
C SER B 1124 -19.34 32.77 -1.94
N LEU B 1125 -18.39 32.88 -1.05
CA LEU B 1125 -17.16 33.59 -1.26
C LEU B 1125 -16.02 32.62 -1.21
N VAL B 1126 -14.94 32.92 -1.87
CA VAL B 1126 -13.78 32.04 -1.84
C VAL B 1126 -12.57 32.79 -1.35
N GLN B 1127 -11.77 32.13 -0.53
CA GLN B 1127 -10.52 32.65 0.01
C GLN B 1127 -9.40 31.66 -0.27
N ALA B 1128 -8.20 32.17 -0.53
CA ALA B 1128 -7.06 31.28 -0.73
C ALA B 1128 -6.68 30.63 0.58
N ALA B 1129 -6.22 29.38 0.52
CA ALA B 1129 -5.80 28.66 1.70
C ALA B 1129 -4.57 27.83 1.37
N PRO B 1130 -3.77 27.39 2.33
CA PRO B 1130 -2.66 26.55 2.06
C PRO B 1130 -3.13 25.34 1.28
N GLN B 1131 -2.45 25.06 0.18
CA GLN B 1131 -2.70 23.93 -0.71
C GLN B 1131 -4.10 23.90 -1.33
N GLY B 1132 -4.88 24.97 -1.24
CA GLY B 1132 -6.23 24.90 -1.79
C GLY B 1132 -7.10 26.10 -1.50
N LEU B 1133 -8.41 25.88 -1.50
CA LEU B 1133 -9.37 26.96 -1.32
C LEU B 1133 -10.28 26.77 -0.15
N LEU B 1134 -10.63 27.88 0.47
CA LEU B 1134 -11.60 27.86 1.53
C LEU B 1134 -12.83 28.60 1.09
N PHE B 1135 -13.96 27.96 1.31
CA PHE B 1135 -15.24 28.49 0.91
C PHE B 1135 -16.04 29.00 2.08
N LEU B 1136 -16.62 30.16 1.90
CA LEU B 1136 -17.51 30.73 2.88
C LEU B 1136 -18.90 30.73 2.27
N HIS B 1137 -19.79 29.91 2.80
CA HIS B 1137 -21.11 29.77 2.20
C HIS B 1137 -22.14 30.57 2.96
N THR B 1138 -22.77 31.53 2.31
CA THR B 1138 -23.74 32.37 2.97
C THR B 1138 -25.12 31.79 2.70
N VAL B 1139 -25.73 31.35 3.79
CA VAL B 1139 -26.98 30.63 3.78
C VAL B 1139 -28.05 31.25 4.66
N LEU B 1140 -29.29 31.35 4.18
CA LEU B 1140 -30.32 31.88 5.05
C LEU B 1140 -30.94 30.83 5.91
N VAL B 1141 -31.20 31.23 7.14
CA VAL B 1141 -31.85 30.42 8.14
C VAL B 1141 -33.06 31.19 8.66
N PRO B 1142 -34.27 30.61 8.70
CA PRO B 1142 -35.48 31.24 9.19
C PRO B 1142 -35.39 31.35 10.68
N SER B 1143 -36.08 32.33 11.25
CA SER B 1143 -36.09 32.46 12.70
C SER B 1143 -37.46 32.09 13.24
N ASP B 1144 -38.47 32.27 12.41
CA ASP B 1144 -39.85 32.10 12.79
C ASP B 1144 -40.64 31.54 11.66
N PHE B 1145 -41.79 30.96 11.97
CA PHE B 1145 -42.64 30.49 10.91
C PHE B 1145 -44.00 31.13 11.02
N VAL B 1146 -44.65 31.35 9.89
CA VAL B 1146 -45.99 31.90 9.89
C VAL B 1146 -46.97 30.76 9.71
N ASP B 1147 -47.94 30.66 10.62
CA ASP B 1147 -48.90 29.57 10.56
C ASP B 1147 -50.13 29.94 9.77
N VAL B 1148 -50.36 29.25 8.66
CA VAL B 1148 -51.49 29.55 7.79
C VAL B 1148 -52.25 28.29 7.40
N ILE B 1149 -53.45 28.46 6.86
CA ILE B 1149 -54.20 27.33 6.35
C ILE B 1149 -54.23 27.32 4.83
N ALA B 1150 -53.69 26.24 4.27
CA ALA B 1150 -53.57 26.05 2.85
C ALA B 1150 -54.89 25.71 2.21
N ILE B 1151 -55.10 26.30 1.05
CA ILE B 1151 -56.25 26.08 0.22
C ILE B 1151 -55.88 25.21 -0.96
N ALA B 1152 -56.49 24.03 -1.05
CA ALA B 1152 -56.14 23.10 -2.12
C ALA B 1152 -56.46 23.67 -3.48
N GLY B 1153 -57.50 24.46 -3.55
CA GLY B 1153 -57.95 25.06 -4.80
C GLY B 1153 -59.32 25.64 -4.58
N LEU B 1154 -59.83 26.28 -5.60
CA LEU B 1154 -61.13 26.91 -5.53
C LEU B 1154 -62.09 26.28 -6.54
N CYS B 1155 -63.37 26.24 -6.23
CA CYS B 1155 -64.35 25.89 -7.26
C CYS B 1155 -65.35 27.01 -7.41
N VAL B 1156 -65.67 27.34 -8.66
CA VAL B 1156 -66.58 28.43 -8.88
C VAL B 1156 -67.86 27.97 -9.55
N ASN B 1157 -68.95 28.15 -8.80
CA ASN B 1157 -70.32 27.85 -9.19
C ASN B 1157 -70.48 26.42 -9.67
N ASP B 1158 -69.72 25.49 -9.10
CA ASP B 1158 -69.75 24.08 -9.47
C ASP B 1158 -69.39 23.80 -10.95
N GLU B 1159 -68.90 24.81 -11.68
CA GLU B 1159 -68.52 24.61 -13.07
C GLU B 1159 -67.02 24.58 -13.29
N ILE B 1160 -66.30 25.44 -12.56
CA ILE B 1160 -64.86 25.53 -12.78
C ILE B 1160 -64.00 25.24 -11.58
N ALA B 1161 -63.07 24.29 -11.73
CA ALA B 1161 -62.12 24.04 -10.66
C ALA B 1161 -60.85 24.82 -10.97
N LEU B 1162 -60.43 25.66 -10.05
CA LEU B 1162 -59.24 26.48 -10.23
C LEU B 1162 -58.12 26.11 -9.28
N THR B 1163 -56.98 25.78 -9.84
CA THR B 1163 -55.86 25.42 -8.99
C THR B 1163 -54.68 26.25 -9.39
N LEU B 1164 -53.67 26.33 -8.55
CA LEU B 1164 -52.51 27.11 -8.95
C LEU B 1164 -51.70 26.35 -9.96
N ARG B 1165 -51.13 27.07 -10.92
CA ARG B 1165 -50.28 26.44 -11.92
C ARG B 1165 -48.97 25.94 -11.37
N GLU B 1166 -48.33 26.71 -10.49
CA GLU B 1166 -47.01 26.38 -9.98
C GLU B 1166 -47.05 25.66 -8.63
N PRO B 1167 -46.58 24.41 -8.53
CA PRO B 1167 -46.59 23.57 -7.33
C PRO B 1167 -45.87 24.17 -6.12
N GLY B 1168 -44.94 25.09 -6.37
CA GLY B 1168 -44.17 25.70 -5.30
C GLY B 1168 -44.82 26.94 -4.72
N LEU B 1169 -46.00 27.31 -5.24
CA LEU B 1169 -46.72 28.48 -4.78
C LEU B 1169 -47.91 28.01 -3.95
N VAL B 1170 -48.13 28.62 -2.80
CA VAL B 1170 -49.25 28.19 -1.97
C VAL B 1170 -50.27 29.27 -1.71
N LEU B 1171 -51.54 28.89 -1.86
CA LEU B 1171 -52.70 29.75 -1.61
C LEU B 1171 -53.16 29.55 -0.17
N PHE B 1172 -53.40 30.65 0.54
CA PHE B 1172 -53.83 30.60 1.94
C PHE B 1172 -54.72 31.78 2.35
N THR B 1173 -55.44 31.64 3.46
CA THR B 1173 -56.33 32.74 3.93
C THR B 1173 -55.96 33.54 5.19
N HIS B 1174 -55.02 33.05 5.96
CA HIS B 1174 -54.63 33.68 7.21
C HIS B 1174 -53.35 34.46 7.02
N GLU B 1175 -53.16 35.49 7.81
CA GLU B 1175 -51.91 36.24 7.73
C GLU B 1175 -51.69 36.71 6.30
N GLU B 1183 -58.34 36.93 4.07
CA GLU B 1183 -58.13 37.33 2.69
C GLU B 1183 -57.26 36.32 1.98
N TYR B 1184 -57.48 36.12 0.69
CA TYR B 1184 -56.69 35.13 -0.01
C TYR B 1184 -55.40 35.73 -0.54
N PHE B 1185 -54.31 35.05 -0.21
CA PHE B 1185 -52.95 35.41 -0.60
C PHE B 1185 -52.20 34.24 -1.16
N VAL B 1186 -51.20 34.53 -1.96
CA VAL B 1186 -50.29 33.51 -2.40
C VAL B 1186 -48.86 33.90 -2.06
N SER B 1187 -48.05 32.90 -1.76
CA SER B 1187 -46.64 33.13 -1.47
C SER B 1187 -45.83 31.91 -1.81
N SER B 1188 -44.54 32.06 -2.00
CA SER B 1188 -43.71 30.87 -2.23
C SER B 1188 -43.66 30.08 -0.96
N ARG B 1189 -43.65 28.77 -1.09
CA ARG B 1189 -43.58 27.91 0.08
C ARG B 1189 -42.30 28.15 0.88
N ARG B 1190 -41.26 28.66 0.23
CA ARG B 1190 -39.98 28.92 0.88
C ARG B 1190 -39.93 30.14 1.77
N MET B 1191 -40.73 31.18 1.50
CA MET B 1191 -40.63 32.38 2.31
C MET B 1191 -41.97 33.05 2.45
N PHE B 1192 -42.26 33.58 3.63
CA PHE B 1192 -43.53 34.25 3.77
C PHE B 1192 -43.52 35.66 3.22
N GLU B 1193 -43.67 35.70 1.91
CA GLU B 1193 -43.68 36.89 1.06
C GLU B 1193 -44.99 36.94 0.27
N PRO B 1194 -46.11 37.33 0.90
CA PRO B 1194 -47.44 37.33 0.33
C PRO B 1194 -47.70 38.44 -0.65
N ARG B 1195 -48.57 38.12 -1.58
CA ARG B 1195 -49.19 39.04 -2.52
C ARG B 1195 -50.57 38.49 -2.79
N LYS B 1196 -51.49 39.31 -3.26
CA LYS B 1196 -52.77 38.72 -3.62
C LYS B 1196 -52.61 37.98 -4.94
N PRO B 1197 -53.37 36.90 -5.17
CA PRO B 1197 -53.34 36.11 -6.38
C PRO B 1197 -53.90 36.86 -7.52
N THR B 1198 -53.48 36.48 -8.71
CA THR B 1198 -54.04 37.04 -9.91
C THR B 1198 -54.61 35.96 -10.81
N VAL B 1199 -55.20 36.38 -11.89
CA VAL B 1199 -55.86 35.45 -12.80
C VAL B 1199 -54.84 34.52 -13.42
N SER B 1200 -53.70 35.07 -13.76
CA SER B 1200 -52.61 34.38 -14.41
C SER B 1200 -51.91 33.34 -13.53
N ASP B 1201 -52.37 33.23 -12.27
CA ASP B 1201 -51.79 32.28 -11.30
C ASP B 1201 -52.50 30.93 -11.42
N PHE B 1202 -53.75 30.93 -11.88
CA PHE B 1202 -54.58 29.74 -11.85
C PHE B 1202 -54.84 29.10 -13.21
N VAL B 1203 -55.08 27.81 -13.19
CA VAL B 1203 -55.48 27.08 -14.40
C VAL B 1203 -56.77 26.34 -14.14
N GLN B 1204 -57.47 25.99 -15.21
CA GLN B 1204 -58.71 25.26 -15.04
C GLN B 1204 -58.53 23.75 -15.11
N ILE B 1205 -59.11 23.12 -14.14
CA ILE B 1205 -59.14 21.69 -13.96
C ILE B 1205 -60.56 21.22 -14.18
N GLU B 1206 -60.73 20.12 -14.89
CA GLU B 1206 -62.06 19.62 -15.20
C GLU B 1206 -62.90 19.23 -13.99
N SER B 1207 -62.27 18.69 -12.94
CA SER B 1207 -63.03 18.24 -11.77
C SER B 1207 -62.68 18.93 -10.46
N CYS B 1208 -63.68 18.99 -9.57
CA CYS B 1208 -63.53 19.49 -8.20
C CYS B 1208 -63.37 18.37 -7.22
N VAL B 1209 -62.76 18.69 -6.10
CA VAL B 1209 -62.60 17.76 -5.00
C VAL B 1209 -63.17 18.37 -3.74
N VAL B 1210 -63.33 17.54 -2.73
CA VAL B 1210 -63.87 17.94 -1.44
C VAL B 1210 -63.02 18.97 -0.70
N THR B 1211 -61.75 19.11 -1.09
CA THR B 1211 -60.84 20.05 -0.47
C THR B 1211 -60.81 21.43 -1.14
N TYR B 1212 -61.58 21.63 -2.22
CA TYR B 1212 -61.59 22.92 -2.87
C TYR B 1212 -62.65 23.81 -2.21
N VAL B 1213 -62.43 25.11 -2.21
CA VAL B 1213 -63.36 26.08 -1.62
C VAL B 1213 -64.57 26.33 -2.47
N ASN B 1214 -65.76 26.27 -1.91
CA ASN B 1214 -66.95 26.48 -2.72
C ASN B 1214 -67.36 27.95 -2.81
N LEU B 1215 -67.05 28.55 -3.95
CA LEU B 1215 -67.31 29.95 -4.26
C LEU B 1215 -68.32 30.09 -5.37
N THR B 1216 -68.95 31.25 -5.44
CA THR B 1216 -69.75 31.58 -6.61
C THR B 1216 -69.09 32.65 -7.45
N ARG B 1217 -69.68 32.95 -8.57
CA ARG B 1217 -69.10 33.92 -9.50
C ARG B 1217 -69.03 35.32 -8.93
N ASP B 1218 -69.92 35.66 -8.00
CA ASP B 1218 -69.96 36.98 -7.40
C ASP B 1218 -68.98 37.11 -6.25
N GLN B 1219 -68.32 36.00 -5.88
CA GLN B 1219 -67.35 36.02 -4.80
C GLN B 1219 -65.97 35.96 -5.38
N LEU B 1220 -65.86 35.30 -6.53
CA LEU B 1220 -64.55 35.13 -7.24
C LEU B 1220 -63.73 36.42 -7.16
N PRO B 1221 -64.25 37.61 -7.61
CA PRO B 1221 -63.53 38.88 -7.70
C PRO B 1221 -62.93 39.33 -6.36
N ASP B 1222 -63.43 38.80 -5.24
CA ASP B 1222 -62.93 39.18 -3.92
C ASP B 1222 -61.88 38.17 -3.44
N VAL B 1223 -61.61 37.17 -4.27
CA VAL B 1223 -60.63 36.13 -4.03
C VAL B 1223 -59.48 36.40 -4.96
N ILE B 1224 -59.80 36.67 -6.23
CA ILE B 1224 -58.84 37.04 -7.25
C ILE B 1224 -59.24 38.43 -7.75
N PRO B 1225 -58.63 39.52 -7.24
CA PRO B 1225 -58.97 40.91 -7.55
C PRO B 1225 -58.96 41.27 -9.03
N ASP B 1226 -58.17 40.56 -9.84
CA ASP B 1226 -58.11 40.88 -11.25
C ASP B 1226 -59.08 40.08 -12.10
N TYR B 1227 -59.94 39.29 -11.47
CA TYR B 1227 -60.90 38.52 -12.24
C TYR B 1227 -62.04 39.36 -12.73
N ILE B 1228 -62.34 39.25 -14.02
CA ILE B 1228 -63.43 39.97 -14.60
C ILE B 1228 -64.44 39.03 -15.22
N ASP B 1229 -65.70 39.18 -14.82
CA ASP B 1229 -66.76 38.42 -15.43
C ASP B 1229 -67.19 39.30 -16.59
N VAL B 1230 -66.76 38.93 -17.79
CA VAL B 1230 -66.95 39.82 -18.91
C VAL B 1230 -68.41 39.93 -19.29
N ASN B 1231 -69.17 38.86 -19.14
CA ASN B 1231 -70.57 38.96 -19.51
C ASN B 1231 -71.31 39.91 -18.61
N LYS B 1232 -71.00 39.91 -17.33
CA LYS B 1232 -71.70 40.87 -16.50
C LYS B 1232 -71.29 42.28 -16.82
N THR B 1233 -70.02 42.51 -17.12
CA THR B 1233 -69.67 43.90 -17.40
C THR B 1233 -70.32 44.39 -18.69
N LEU B 1234 -70.45 43.50 -19.67
CA LEU B 1234 -71.05 43.85 -20.94
C LEU B 1234 -72.57 44.03 -20.87
N ASP B 1235 -73.25 43.15 -20.11
CA ASP B 1235 -74.70 43.19 -19.99
C ASP B 1235 -75.20 44.26 -19.04
N GLU B 1236 -74.42 44.57 -18.00
CA GLU B 1236 -74.82 45.55 -17.01
C GLU B 1236 -73.90 46.76 -17.08
N ASN C 13 -38.99 -54.21 6.83
CA ASN C 13 -39.31 -53.20 7.82
C ASN C 13 -38.04 -52.71 8.48
N PHE C 14 -37.55 -53.46 9.46
CA PHE C 14 -36.32 -53.05 10.10
C PHE C 14 -35.19 -53.20 9.14
N ARG C 15 -35.19 -54.26 8.33
CA ARG C 15 -34.11 -54.40 7.38
C ARG C 15 -34.17 -53.29 6.35
N ARG C 16 -35.38 -52.85 5.96
CA ARG C 16 -35.47 -51.77 4.98
C ARG C 16 -34.89 -50.49 5.60
N PHE C 17 -35.17 -50.27 6.89
CA PHE C 17 -34.64 -49.12 7.61
C PHE C 17 -33.13 -49.18 7.76
N PHE C 18 -32.62 -50.33 8.20
CA PHE C 18 -31.21 -50.43 8.65
C PHE C 18 -30.28 -50.41 7.43
N SER C 19 -30.80 -50.76 6.26
CA SER C 19 -29.98 -50.72 5.02
C SER C 19 -29.63 -49.27 4.66
N LYS C 20 -30.46 -48.31 5.10
CA LYS C 20 -30.24 -46.89 4.72
C LYS C 20 -28.88 -46.41 5.21
N PHE C 21 -28.48 -46.77 6.44
CA PHE C 21 -27.11 -46.41 6.88
C PHE C 21 -26.24 -47.51 6.32
N ASN C 22 -25.65 -47.28 5.14
CA ASN C 22 -24.90 -48.38 4.49
C ASN C 22 -23.74 -48.79 5.37
N VAL C 23 -23.59 -50.09 5.65
CA VAL C 23 -22.40 -50.58 6.40
C VAL C 23 -21.75 -51.57 5.43
N GLN C 24 -20.46 -51.41 5.15
CA GLN C 24 -19.82 -52.26 4.10
C GLN C 24 -19.82 -53.74 4.48
N ALA C 25 -19.50 -54.60 3.50
CA ALA C 25 -19.94 -56.00 3.34
C ALA C 25 -19.69 -56.86 4.58
N PRO C 26 -18.51 -56.89 5.22
CA PRO C 26 -18.32 -57.73 6.40
C PRO C 26 -18.11 -56.88 7.65
N ALA C 27 -19.15 -56.71 8.47
CA ALA C 27 -19.01 -55.83 9.64
C ALA C 27 -20.02 -56.13 10.73
N VAL C 28 -19.69 -55.78 11.97
CA VAL C 28 -20.68 -55.88 13.07
C VAL C 28 -20.65 -54.51 13.74
N VAL C 29 -21.78 -53.81 13.76
CA VAL C 29 -21.79 -52.42 14.31
C VAL C 29 -23.03 -52.26 15.17
N VAL C 30 -22.93 -51.49 16.25
CA VAL C 30 -24.13 -51.19 17.08
C VAL C 30 -24.67 -49.84 16.65
N LEU C 31 -25.93 -49.78 16.21
CA LEU C 31 -26.55 -48.50 15.77
C LEU C 31 -27.64 -48.13 16.79
N GLY C 32 -27.68 -46.88 17.25
CA GLY C 32 -28.62 -46.52 18.27
C GLY C 32 -28.95 -45.07 18.23
N GLY C 33 -29.82 -44.68 19.13
CA GLY C 33 -30.31 -43.32 19.20
C GLY C 33 -31.81 -43.38 19.23
N TYR C 34 -32.46 -42.27 18.91
CA TYR C 34 -33.91 -42.21 18.99
C TYR C 34 -34.54 -42.80 17.73
N LEU C 35 -34.32 -44.09 17.58
CA LEU C 35 -34.72 -44.92 16.45
C LEU C 35 -36.13 -45.42 16.66
N PRO C 36 -36.88 -45.73 15.58
CA PRO C 36 -38.21 -46.26 15.60
C PRO C 36 -38.12 -47.67 16.11
N ILE C 37 -39.21 -48.16 16.68
CA ILE C 37 -39.22 -49.53 17.19
C ILE C 37 -40.63 -50.00 17.50
N VAL C 59 -40.05 -34.98 22.23
CA VAL C 59 -39.88 -36.14 21.31
C VAL C 59 -38.59 -35.95 20.51
N HIS C 60 -37.51 -36.61 20.94
CA HIS C 60 -36.20 -36.46 20.26
C HIS C 60 -36.29 -37.00 18.83
N GLY C 61 -37.03 -38.09 18.64
CA GLY C 61 -37.20 -38.66 17.28
C GLY C 61 -38.65 -38.69 16.82
N ILE C 62 -38.90 -38.27 15.59
CA ILE C 62 -40.28 -38.37 15.02
C ILE C 62 -40.18 -39.05 13.65
N PHE C 63 -40.91 -40.15 13.48
CA PHE C 63 -40.85 -40.96 12.23
C PHE C 63 -42.29 -41.17 11.71
N VAL C 64 -42.43 -41.52 10.43
CA VAL C 64 -43.71 -41.70 9.77
C VAL C 64 -43.80 -42.91 8.88
N SER C 65 -44.91 -43.63 9.01
CA SER C 65 -45.19 -44.79 8.19
C SER C 65 -46.59 -44.69 7.59
N GLY C 72 -50.55 -35.37 1.21
CA GLY C 72 -49.38 -34.75 1.83
C GLY C 72 -49.17 -35.16 3.28
N PHE C 73 -47.89 -35.24 3.66
CA PHE C 73 -47.46 -35.57 5.00
C PHE C 73 -46.37 -34.58 5.42
N GLU C 74 -46.30 -34.26 6.72
CA GLU C 74 -45.24 -33.33 7.14
C GLU C 74 -44.72 -33.56 8.54
N ILE C 75 -43.49 -33.08 8.75
CA ILE C 75 -42.80 -33.03 10.04
C ILE C 75 -42.35 -31.61 10.39
N GLY C 76 -42.69 -31.14 11.60
CA GLY C 76 -42.24 -29.82 12.08
C GLY C 76 -41.58 -29.91 13.47
N ILE C 77 -40.32 -29.47 13.55
CA ILE C 77 -39.58 -29.55 14.82
C ILE C 77 -39.19 -28.16 15.29
N SER C 78 -39.52 -27.86 16.54
CA SER C 78 -39.23 -26.54 17.10
C SER C 78 -38.67 -26.55 18.52
N GLN C 79 -38.14 -25.39 18.90
CA GLN C 79 -37.61 -25.13 20.23
C GLN C 79 -38.72 -25.09 21.26
N PRO C 84 -36.23 -18.97 18.46
CA PRO C 84 -36.68 -18.24 17.30
C PRO C 84 -35.53 -17.55 16.59
N SER C 85 -34.39 -17.44 17.27
CA SER C 85 -33.22 -16.83 16.66
C SER C 85 -32.45 -17.82 15.82
N GLY C 86 -32.61 -19.11 16.14
CA GLY C 86 -31.89 -20.16 15.43
C GLY C 86 -32.76 -20.80 14.38
N TYR C 87 -32.44 -22.03 14.07
CA TYR C 87 -33.13 -22.73 13.02
C TYR C 87 -34.12 -23.72 13.57
N GLN C 88 -35.21 -23.89 12.85
CA GLN C 88 -36.25 -24.86 13.16
C GLN C 88 -36.47 -25.66 11.89
N LEU C 89 -36.95 -26.89 12.03
CA LEU C 89 -37.06 -27.74 10.85
C LEU C 89 -38.44 -28.07 10.37
N TYR C 90 -38.62 -28.00 9.06
CA TYR C 90 -39.83 -28.46 8.42
C TYR C 90 -39.53 -29.39 7.25
N LEU C 91 -40.31 -30.45 7.13
CA LEU C 91 -40.19 -31.37 6.00
C LEU C 91 -41.55 -31.71 5.42
N HIS C 92 -41.68 -31.66 4.08
CA HIS C 92 -42.97 -32.03 3.47
C HIS C 92 -42.84 -32.90 2.22
N LYS C 93 -43.66 -33.95 2.17
CA LYS C 93 -43.67 -34.90 1.06
C LYS C 93 -45.08 -35.32 0.72
N ALA C 94 -45.31 -35.89 -0.45
CA ALA C 94 -46.66 -36.37 -0.75
C ALA C 94 -46.64 -37.61 -1.64
N THR C 95 -47.70 -38.40 -1.54
CA THR C 95 -47.87 -39.59 -2.34
C THR C 95 -49.18 -39.52 -3.11
N THR C 102 -40.50 -37.79 -2.93
CA THR C 102 -39.43 -36.84 -2.66
C THR C 102 -39.92 -35.79 -1.68
N ALA C 103 -39.11 -35.48 -0.70
CA ALA C 103 -39.49 -34.53 0.33
C ALA C 103 -38.74 -33.22 0.22
N ARG C 104 -39.39 -32.13 0.56
CA ARG C 104 -38.63 -30.89 0.61
C ARG C 104 -38.21 -30.66 2.05
N LEU C 105 -36.91 -30.57 2.28
CA LEU C 105 -36.39 -30.33 3.62
C LEU C 105 -35.93 -28.92 3.78
N ARG C 106 -36.49 -28.24 4.77
CA ARG C 106 -36.14 -26.87 5.04
C ARG C 106 -35.77 -26.66 6.49
N ILE C 107 -34.51 -26.30 6.72
CA ILE C 107 -34.04 -26.01 8.04
C ILE C 107 -33.78 -24.53 7.95
N CYS C 108 -34.62 -23.72 8.59
CA CYS C 108 -34.57 -22.28 8.36
C CYS C 108 -35.00 -21.47 9.56
N GLN C 109 -34.78 -20.16 9.47
CA GLN C 109 -35.21 -19.26 10.53
C GLN C 109 -36.67 -18.88 10.26
N PHE C 110 -37.54 -19.86 10.49
CA PHE C 110 -38.97 -19.72 10.24
C PHE C 110 -39.65 -18.87 11.30
N PRO C 111 -40.62 -18.00 10.93
CA PRO C 111 -41.44 -17.20 11.82
C PRO C 111 -42.47 -18.08 12.48
N SER C 112 -42.98 -17.65 13.63
CA SER C 112 -44.07 -18.37 14.28
C SER C 112 -43.91 -19.88 14.18
N ASN C 129 -31.52 -16.66 6.99
CA ASN C 129 -32.22 -17.42 5.91
C ASN C 129 -32.29 -18.90 6.30
N CYS C 130 -31.80 -19.78 5.41
CA CYS C 130 -31.84 -21.19 5.66
C CYS C 130 -30.47 -21.80 5.89
N LEU C 131 -30.46 -22.86 6.68
CA LEU C 131 -29.28 -23.65 6.93
C LEU C 131 -29.22 -24.66 5.80
N PHE C 132 -30.41 -25.14 5.42
CA PHE C 132 -30.56 -26.10 4.34
C PHE C 132 -31.94 -25.97 3.70
N ASN C 133 -32.00 -25.93 2.37
CA ASN C 133 -33.29 -25.88 1.69
C ASN C 133 -33.21 -26.59 0.35
N LYS C 134 -33.57 -27.88 0.32
CA LYS C 134 -33.43 -28.72 -0.87
C LYS C 134 -34.38 -29.91 -0.87
N ALA C 135 -34.55 -30.51 -2.04
CA ALA C 135 -35.32 -31.74 -2.13
C ALA C 135 -34.43 -32.95 -1.80
N ILE C 136 -35.02 -33.91 -1.10
CA ILE C 136 -34.40 -35.17 -0.70
C ILE C 136 -35.26 -36.38 -1.14
N PRO C 137 -34.71 -37.39 -1.83
CA PRO C 137 -35.44 -38.58 -2.26
C PRO C 137 -36.17 -39.20 -1.07
N ALA C 138 -37.37 -39.69 -1.31
CA ALA C 138 -38.19 -40.23 -0.25
C ALA C 138 -39.22 -41.21 -0.78
N HIS C 139 -39.77 -42.03 0.11
CA HIS C 139 -40.85 -42.92 -0.25
C HIS C 139 -42.08 -42.61 0.60
N VAL C 145 -39.38 -46.67 6.54
CA VAL C 145 -39.98 -45.44 7.04
C VAL C 145 -39.10 -44.22 6.81
N VAL C 146 -39.70 -43.07 7.06
CA VAL C 146 -39.03 -41.77 6.92
C VAL C 146 -39.07 -41.00 8.24
N GLY C 147 -37.97 -40.35 8.61
CA GLY C 147 -37.93 -39.75 9.96
C GLY C 147 -36.75 -38.84 10.21
N ILE C 148 -36.82 -38.03 11.26
CA ILE C 148 -35.70 -37.14 11.63
C ILE C 148 -35.34 -37.39 13.11
N THR C 149 -34.07 -37.65 13.42
CA THR C 149 -33.65 -37.78 14.83
C THR C 149 -32.59 -36.73 15.13
N TRP C 150 -32.77 -35.99 16.22
CA TRP C 150 -31.78 -34.95 16.59
C TRP C 150 -31.37 -35.09 18.05
N ASP C 151 -30.06 -35.15 18.31
CA ASP C 151 -29.56 -35.19 19.72
C ASP C 151 -28.27 -34.34 19.77
N ASN C 152 -28.02 -33.67 20.91
CA ASN C 152 -26.82 -32.80 21.02
C ASN C 152 -26.84 -31.74 19.92
N ASP C 153 -25.74 -31.59 19.16
CA ASP C 153 -25.66 -30.57 18.09
C ASP C 153 -25.60 -31.24 16.71
N ARG C 154 -26.25 -32.39 16.56
CA ARG C 154 -26.48 -33.02 15.28
C ARG C 154 -27.92 -33.47 15.02
N VAL C 155 -28.34 -33.19 13.78
CA VAL C 155 -29.64 -33.56 13.26
C VAL C 155 -29.46 -34.61 12.18
N THR C 156 -30.17 -35.72 12.32
CA THR C 156 -30.05 -36.76 11.32
C THR C 156 -31.38 -36.94 10.60
N VAL C 157 -31.32 -36.87 9.29
CA VAL C 157 -32.51 -37.04 8.46
C VAL C 157 -32.47 -38.38 7.76
N PHE C 158 -33.52 -39.16 7.97
CA PHE C 158 -33.60 -40.51 7.47
C PHE C 158 -34.60 -40.57 6.35
N SER C 159 -34.14 -40.43 5.12
CA SER C 159 -35.02 -40.43 3.96
C SER C 159 -34.16 -40.94 2.85
N ASP C 160 -34.24 -42.22 2.57
CA ASP C 160 -33.28 -42.86 1.70
C ASP C 160 -31.94 -42.61 2.39
N LYS C 161 -30.94 -42.08 1.68
CA LYS C 161 -29.64 -41.77 2.26
C LYS C 161 -29.77 -41.02 3.58
N ILE C 162 -28.94 -41.39 4.56
CA ILE C 162 -29.02 -40.72 5.83
C ILE C 162 -28.19 -39.45 5.75
N TYR C 163 -28.82 -38.31 6.07
CA TYR C 163 -28.13 -37.03 5.98
C TYR C 163 -27.76 -36.51 7.34
N TYR C 164 -26.54 -35.99 7.48
CA TYR C 164 -26.12 -35.48 8.77
C TYR C 164 -25.89 -33.97 8.74
N PHE C 165 -26.59 -33.27 9.62
CA PHE C 165 -26.48 -31.83 9.69
C PHE C 165 -25.87 -31.44 11.01
N TYR C 166 -24.82 -30.64 10.97
CA TYR C 166 -24.13 -30.24 12.18
C TYR C 166 -24.45 -28.80 12.52
N PHE C 167 -25.15 -28.61 13.63
CA PHE C 167 -25.59 -27.30 14.06
C PHE C 167 -26.01 -27.30 15.52
N LYS C 168 -25.65 -26.25 16.24
CA LYS C 168 -26.04 -26.12 17.64
C LYS C 168 -27.53 -25.77 17.80
N ASN C 169 -28.38 -26.77 17.59
CA ASN C 169 -29.83 -26.65 17.66
C ASN C 169 -30.32 -26.86 19.08
N ASP C 170 -31.50 -26.34 19.35
CA ASP C 170 -32.17 -26.59 20.61
C ASP C 170 -33.62 -26.87 20.33
N TRP C 171 -33.96 -28.16 20.40
CA TRP C 171 -35.31 -28.68 20.07
C TRP C 171 -35.84 -29.49 21.27
N SER C 172 -37.13 -29.34 21.60
CA SER C 172 -37.76 -30.12 22.69
C SER C 172 -39.04 -30.82 22.23
N ARG C 173 -39.77 -30.24 21.28
CA ARG C 173 -41.09 -30.81 20.88
C ARG C 173 -41.20 -30.86 19.36
N VAL C 174 -42.01 -31.77 18.82
CA VAL C 174 -42.17 -31.94 17.35
C VAL C 174 -43.67 -32.03 17.01
N ALA C 175 -44.09 -31.46 15.88
CA ALA C 175 -45.50 -31.56 15.43
C ALA C 175 -45.57 -31.73 13.92
N THR C 176 -46.65 -32.37 13.42
CA THR C 176 -46.78 -32.64 11.96
C THR C 176 -47.67 -31.56 11.32
N ALA C 185 -49.28 -44.16 10.45
CA ALA C 185 -48.92 -44.15 11.86
C ALA C 185 -47.69 -43.31 12.15
N MET C 186 -47.67 -42.70 13.33
CA MET C 186 -46.53 -41.91 13.75
C MET C 186 -45.85 -42.45 15.00
N GLN C 187 -44.53 -42.39 15.00
CA GLN C 187 -43.77 -42.76 16.18
C GLN C 187 -43.02 -41.58 16.71
N TYR C 188 -43.34 -41.23 17.95
CA TYR C 188 -42.70 -40.11 18.62
C TYR C 188 -41.79 -40.73 19.68
N VAL C 189 -40.48 -40.56 19.51
CA VAL C 189 -39.47 -41.24 20.34
C VAL C 189 -38.67 -40.33 21.28
N TYR C 190 -38.74 -40.63 22.58
CA TYR C 190 -38.06 -39.85 23.62
C TYR C 190 -36.95 -40.58 24.34
N GLU C 191 -36.73 -41.85 24.01
CA GLU C 191 -35.75 -42.68 24.68
C GLU C 191 -35.00 -43.48 23.63
N PRO C 192 -33.65 -43.45 23.61
CA PRO C 192 -32.82 -44.10 22.65
C PRO C 192 -32.75 -45.60 22.85
N THR C 193 -32.47 -46.32 21.78
CA THR C 193 -32.23 -47.75 21.90
C THR C 193 -31.00 -48.16 21.14
N TYR C 194 -30.62 -49.44 21.28
CA TYR C 194 -29.47 -49.96 20.55
C TYR C 194 -29.69 -51.33 19.90
N TYR C 195 -29.14 -51.48 18.70
CA TYR C 195 -29.18 -52.73 17.94
C TYR C 195 -27.80 -53.12 17.45
N MET C 196 -27.54 -54.40 17.42
CA MET C 196 -26.30 -54.86 16.83
C MET C 196 -26.60 -55.40 15.47
N LEU C 197 -25.91 -54.84 14.51
CA LEU C 197 -26.12 -55.22 13.15
C LEU C 197 -25.05 -56.08 12.61
N ASN C 198 -25.48 -57.16 12.02
CA ASN C 198 -24.57 -58.10 11.39
C ASN C 198 -24.75 -58.06 9.90
N VAL C 199 -23.77 -57.47 9.24
CA VAL C 199 -23.83 -57.27 7.82
C VAL C 199 -22.76 -58.12 7.20
N THR C 200 -23.16 -59.07 6.36
CA THR C 200 -22.22 -59.96 5.73
C THR C 200 -22.57 -59.99 4.28
N SER C 201 -23.80 -59.58 4.06
CA SER C 201 -24.48 -59.63 2.78
C SER C 201 -24.24 -58.45 1.84
N ALA C 202 -23.76 -57.32 2.35
CA ALA C 202 -23.51 -56.15 1.50
C ALA C 202 -24.72 -55.79 0.65
N GLY C 203 -25.89 -55.73 1.28
CA GLY C 203 -27.14 -55.41 0.61
C GLY C 203 -28.19 -55.19 1.66
N GLU C 204 -29.45 -55.09 1.25
CA GLU C 204 -30.53 -54.81 2.19
C GLU C 204 -30.87 -56.01 3.06
N ASP C 205 -30.45 -57.18 2.63
CA ASP C 205 -30.73 -58.38 3.39
C ASP C 205 -29.68 -58.54 4.48
N GLY C 206 -29.75 -57.69 5.49
CA GLY C 206 -28.80 -57.71 6.60
C GLY C 206 -29.07 -58.99 7.33
N ILE C 207 -28.08 -59.54 8.01
CA ILE C 207 -28.33 -60.81 8.66
C ILE C 207 -29.18 -60.58 9.88
N SER C 208 -28.82 -59.57 10.65
CA SER C 208 -29.56 -59.30 11.85
C SER C 208 -29.47 -57.87 12.31
N TYR C 209 -30.43 -57.53 13.16
CA TYR C 209 -30.55 -56.31 13.91
C TYR C 209 -30.92 -56.78 15.31
N GLN C 210 -29.96 -57.42 15.94
CA GLN C 210 -30.14 -58.10 17.20
C GLN C 210 -30.25 -57.06 18.30
N PRO C 211 -31.14 -57.17 19.27
CA PRO C 211 -31.17 -56.22 20.35
C PRO C 211 -29.78 -56.19 20.96
N CYS C 212 -29.26 -55.02 21.23
CA CYS C 212 -27.93 -54.93 21.82
C CYS C 212 -28.04 -55.08 23.33
N THR C 213 -27.27 -56.01 23.90
CA THR C 213 -27.38 -56.28 25.33
C THR C 213 -26.24 -55.81 26.22
N ALA C 214 -25.09 -55.45 25.67
CA ALA C 214 -23.99 -55.04 26.54
C ALA C 214 -23.06 -54.06 25.89
N ASN C 215 -22.59 -53.11 26.69
CA ASN C 215 -21.62 -52.10 26.29
C ASN C 215 -22.09 -51.42 25.02
N CYS C 216 -23.38 -51.20 24.90
CA CYS C 216 -23.93 -50.71 23.67
C CYS C 216 -23.48 -49.31 23.34
N ILE C 217 -23.38 -48.46 24.34
CA ILE C 217 -23.01 -47.09 24.08
C ILE C 217 -21.57 -47.02 23.62
N GLY C 218 -20.71 -47.72 24.33
CA GLY C 218 -19.30 -47.70 24.01
C GLY C 218 -19.02 -48.33 22.66
N TYR C 219 -19.70 -49.43 22.36
CA TYR C 219 -19.43 -50.10 21.12
C TYR C 219 -19.86 -49.18 20.00
N ALA C 220 -21.07 -48.62 20.10
CA ALA C 220 -21.59 -47.77 19.05
C ALA C 220 -20.73 -46.54 18.83
N ALA C 221 -20.20 -45.97 19.90
CA ALA C 221 -19.37 -44.78 19.82
C ALA C 221 -17.99 -45.04 19.23
N ASN C 222 -17.43 -46.23 19.43
CA ASN C 222 -16.08 -46.48 18.96
C ASN C 222 -15.93 -47.38 17.73
N VAL C 223 -16.91 -48.21 17.43
CA VAL C 223 -16.75 -49.15 16.32
C VAL C 223 -17.56 -48.80 15.08
N PHE C 224 -16.87 -48.74 13.95
CA PHE C 224 -17.49 -48.47 12.67
C PHE C 224 -16.95 -49.39 11.60
N ALA C 225 -17.73 -49.57 10.53
CA ALA C 225 -17.29 -50.34 9.37
C ALA C 225 -16.52 -49.40 8.46
N THR C 226 -15.44 -49.88 7.86
CA THR C 226 -14.64 -49.09 6.94
C THR C 226 -15.24 -49.06 5.53
N GLU C 227 -15.20 -47.90 4.84
CA GLU C 227 -15.70 -47.82 3.46
C GLU C 227 -14.63 -48.35 2.49
N PRO C 228 -14.98 -48.80 1.25
CA PRO C 228 -14.07 -49.38 0.26
C PRO C 228 -12.84 -48.57 -0.05
N ASN C 229 -12.93 -47.27 0.05
CA ASN C 229 -11.80 -46.40 -0.24
C ASN C 229 -10.99 -46.02 0.98
N GLY C 230 -11.27 -46.64 2.11
CA GLY C 230 -10.59 -46.40 3.36
C GLY C 230 -11.20 -45.25 4.14
N HIS C 231 -12.26 -44.67 3.65
CA HIS C 231 -12.80 -43.56 4.39
C HIS C 231 -13.53 -44.03 5.63
N ILE C 232 -13.47 -43.18 6.65
CA ILE C 232 -14.25 -43.38 7.85
C ILE C 232 -15.62 -42.88 7.48
N PRO C 233 -16.69 -43.64 7.67
CA PRO C 233 -18.01 -43.30 7.22
C PRO C 233 -18.53 -42.06 7.90
N GLU C 234 -19.27 -41.29 7.13
CA GLU C 234 -19.87 -40.09 7.64
C GLU C 234 -20.83 -40.48 8.74
N GLY C 235 -20.80 -39.73 9.82
CA GLY C 235 -21.67 -39.96 10.95
C GLY C 235 -20.89 -40.53 12.12
N PHE C 236 -19.68 -41.02 11.87
CA PHE C 236 -18.89 -41.51 12.97
C PHE C 236 -18.59 -40.36 13.92
N SER C 237 -18.70 -40.65 15.21
CA SER C 237 -18.50 -39.68 16.27
C SER C 237 -17.06 -39.34 16.61
N PHE C 238 -16.09 -40.15 16.19
CA PHE C 238 -14.71 -39.85 16.54
C PHE C 238 -14.56 -39.71 18.04
N ASN C 239 -15.24 -40.56 18.79
CA ASN C 239 -15.27 -40.49 20.23
C ASN C 239 -13.93 -40.36 20.91
N ASN C 240 -13.00 -41.23 20.56
CA ASN C 240 -11.68 -41.15 21.14
C ASN C 240 -10.64 -40.80 20.11
N TRP C 241 -11.05 -40.18 19.01
CA TRP C 241 -10.06 -39.85 17.99
C TRP C 241 -9.57 -38.44 18.17
N PHE C 242 -8.28 -38.25 18.10
CA PHE C 242 -7.73 -36.93 18.26
C PHE C 242 -6.94 -36.48 17.07
N LEU C 243 -6.85 -35.17 16.89
CA LEU C 243 -5.91 -34.66 15.91
C LEU C 243 -4.60 -34.74 16.56
N LEU C 244 -3.60 -35.14 15.79
CA LEU C 244 -2.25 -35.38 16.34
C LEU C 244 -1.45 -34.10 16.12
N SER C 245 -1.14 -33.39 17.21
CA SER C 245 -0.37 -32.12 17.12
C SER C 245 0.82 -32.16 18.07
N ASN C 246 2.01 -31.91 17.56
CA ASN C 246 3.24 -31.96 18.39
C ASN C 246 3.17 -30.85 19.44
N ASP C 247 2.63 -29.69 19.05
CA ASP C 247 2.55 -28.54 19.97
C ASP C 247 1.20 -27.83 19.82
N SER C 248 0.65 -27.31 20.91
CA SER C 248 -0.61 -26.52 20.88
C SER C 248 -1.82 -27.44 20.77
N THR C 249 -3.02 -26.86 20.77
CA THR C 249 -4.25 -27.65 20.50
C THR C 249 -5.21 -26.73 19.75
N LEU C 250 -5.81 -27.17 18.64
CA LEU C 250 -6.81 -26.30 17.98
C LEU C 250 -8.13 -26.49 18.72
N VAL C 251 -8.52 -25.48 19.50
CA VAL C 251 -9.72 -25.60 20.30
C VAL C 251 -10.95 -25.47 19.43
N HIS C 252 -10.92 -24.51 18.53
CA HIS C 252 -12.04 -24.32 17.65
C HIS C 252 -11.63 -23.77 16.32
N GLY C 253 -12.26 -24.30 15.27
CA GLY C 253 -12.03 -23.82 13.92
C GLY C 253 -11.94 -24.95 12.90
N LYS C 254 -11.71 -24.58 11.64
CA LYS C 254 -11.61 -25.58 10.58
C LYS C 254 -10.20 -25.61 10.10
N VAL C 255 -9.65 -26.81 10.03
CA VAL C 255 -8.28 -26.97 9.60
C VAL C 255 -8.10 -27.97 8.49
N VAL C 256 -7.20 -27.68 7.56
CA VAL C 256 -6.88 -28.67 6.57
C VAL C 256 -5.52 -29.17 6.99
N SER C 257 -5.40 -30.46 7.19
CA SER C 257 -4.15 -31.00 7.68
C SER C 257 -3.91 -32.42 7.24
N ASN C 258 -2.66 -32.85 7.36
CA ASN C 258 -2.26 -34.21 7.02
C ASN C 258 -2.26 -35.07 8.27
N GLN C 259 -3.23 -35.97 8.36
CA GLN C 259 -3.46 -36.79 9.55
C GLN C 259 -3.66 -38.26 9.19
N PRO C 260 -3.33 -39.22 10.07
CA PRO C 260 -3.47 -40.65 9.88
C PRO C 260 -4.91 -41.12 10.07
N LEU C 261 -5.78 -40.58 9.21
CA LEU C 261 -7.22 -40.79 9.16
C LEU C 261 -7.75 -41.74 8.10
N LEU C 262 -6.92 -42.25 7.21
CA LEU C 262 -7.44 -43.13 6.17
C LEU C 262 -7.31 -44.55 6.68
N VAL C 263 -8.40 -45.29 6.75
CA VAL C 263 -8.34 -46.59 7.38
C VAL C 263 -8.15 -47.74 6.42
N ASN C 264 -7.09 -48.50 6.65
CA ASN C 264 -6.79 -49.73 5.85
C ASN C 264 -7.54 -50.90 6.47
N CYS C 265 -7.60 -50.91 7.81
CA CYS C 265 -8.20 -52.01 8.55
C CYS C 265 -8.51 -51.65 9.99
N LEU C 266 -9.73 -51.91 10.39
CA LEU C 266 -10.12 -51.68 11.77
C LEU C 266 -10.48 -52.98 12.44
N LEU C 267 -9.79 -53.26 13.53
CA LEU C 267 -10.07 -54.47 14.29
C LEU C 267 -10.91 -54.11 15.50
N ALA C 268 -12.17 -54.49 15.48
CA ALA C 268 -13.07 -54.13 16.56
C ALA C 268 -12.97 -55.15 17.68
N ILE C 269 -13.02 -54.67 18.90
CA ILE C 269 -12.97 -55.48 20.10
C ILE C 269 -11.94 -56.58 19.88
N PRO C 270 -10.66 -56.25 19.72
CA PRO C 270 -9.63 -57.17 19.37
C PRO C 270 -9.30 -58.08 20.53
N LYS C 271 -8.82 -59.26 20.21
CA LYS C 271 -8.30 -60.20 21.18
C LYS C 271 -6.92 -60.52 20.67
N ILE C 272 -5.93 -60.20 21.47
CA ILE C 272 -4.56 -60.37 21.01
C ILE C 272 -3.86 -61.60 21.55
N TYR C 273 -3.91 -61.82 22.85
CA TYR C 273 -3.23 -62.96 23.45
C TYR C 273 -1.86 -63.22 22.84
N GLN C 277 0.14 -60.14 19.29
CA GLN C 277 0.18 -59.85 17.88
C GLN C 277 1.24 -58.86 17.49
N PHE C 278 1.96 -59.20 16.45
CA PHE C 278 3.00 -58.38 15.90
C PHE C 278 2.42 -57.54 14.78
N PHE C 279 2.48 -56.23 14.92
CA PHE C 279 1.95 -55.32 13.94
C PHE C 279 3.09 -54.67 13.19
N SER C 280 3.30 -55.09 11.96
CA SER C 280 4.42 -54.61 11.15
C SER C 280 4.05 -53.36 10.39
N PHE C 281 5.03 -52.49 10.13
CA PHE C 281 4.76 -51.32 9.29
C PHE C 281 5.20 -51.57 7.86
N ASN C 282 5.61 -52.80 7.57
CA ASN C 282 6.03 -53.18 6.23
C ASN C 282 4.97 -54.04 5.53
N GLN C 283 4.12 -54.70 6.31
CA GLN C 283 3.08 -55.59 5.80
C GLN C 283 1.73 -55.09 6.23
N THR C 284 0.67 -55.78 5.83
CA THR C 284 -0.67 -55.43 6.27
C THR C 284 -0.84 -55.98 7.68
N ILE C 285 -1.88 -55.56 8.40
CA ILE C 285 -2.04 -56.12 9.74
C ILE C 285 -2.95 -57.31 9.68
N ASP C 286 -2.56 -58.38 10.37
CA ASP C 286 -3.38 -59.56 10.41
C ASP C 286 -4.61 -59.33 11.26
N GLY C 287 -5.69 -60.02 10.95
CA GLY C 287 -6.88 -59.92 11.77
C GLY C 287 -8.10 -59.79 10.89
N VAL C 288 -9.26 -59.73 11.51
CA VAL C 288 -10.47 -59.61 10.75
C VAL C 288 -10.92 -58.18 10.82
N CYS C 289 -10.91 -57.53 9.66
CA CYS C 289 -11.21 -56.12 9.57
C CYS C 289 -12.71 -55.95 9.58
N ASN C 290 -13.17 -54.87 10.20
CA ASN C 290 -14.58 -54.58 10.25
C ASN C 290 -14.97 -53.74 9.04
N GLY C 291 -15.66 -54.37 8.12
CA GLY C 291 -16.06 -53.78 6.85
C GLY C 291 -14.99 -53.94 5.78
N ALA C 292 -14.77 -52.89 5.02
CA ALA C 292 -13.82 -52.96 3.92
C ALA C 292 -12.42 -53.03 4.46
N ALA C 293 -11.51 -53.51 3.64
CA ALA C 293 -10.13 -53.50 4.03
C ALA C 293 -9.30 -53.20 2.82
N VAL C 294 -8.19 -52.55 3.06
CA VAL C 294 -7.26 -52.17 2.03
C VAL C 294 -5.94 -52.87 2.24
N GLN C 295 -5.39 -53.47 1.20
CA GLN C 295 -4.14 -54.19 1.37
C GLN C 295 -2.92 -53.30 1.31
N ARG C 296 -2.74 -52.55 2.37
CA ARG C 296 -1.63 -51.62 2.54
C ARG C 296 -1.02 -51.73 3.92
N ALA C 297 0.28 -51.52 4.00
CA ALA C 297 0.92 -51.46 5.29
C ALA C 297 0.49 -50.15 5.95
N PRO C 298 0.39 -50.07 7.29
CA PRO C 298 0.11 -48.88 8.06
C PRO C 298 1.24 -47.92 8.06
N GLU C 299 0.90 -46.65 8.19
CA GLU C 299 1.86 -45.60 8.40
C GLU C 299 1.76 -45.30 9.86
N ALA C 300 0.61 -45.63 10.42
CA ALA C 300 0.35 -45.44 11.82
C ALA C 300 -0.61 -46.46 12.37
N LEU C 301 -0.46 -46.78 13.63
CA LEU C 301 -1.38 -47.65 14.35
C LEU C 301 -2.08 -46.86 15.42
N ARG C 302 -3.39 -46.79 15.30
CA ARG C 302 -4.20 -46.03 16.21
C ARG C 302 -4.90 -46.94 17.20
N PHE C 303 -4.62 -46.76 18.48
CA PHE C 303 -5.18 -47.57 19.53
C PHE C 303 -6.21 -46.82 20.37
N ASN C 304 -7.47 -47.26 20.28
CA ASN C 304 -8.60 -46.66 20.98
C ASN C 304 -8.85 -47.47 22.24
N ILE C 305 -8.50 -46.91 23.40
CA ILE C 305 -8.51 -47.60 24.69
C ILE C 305 -9.84 -47.70 25.42
N ASN C 306 -10.15 -48.91 25.89
CA ASN C 306 -11.35 -49.15 26.67
C ASN C 306 -11.02 -49.18 28.15
N ASP C 307 -9.98 -49.94 28.49
CA ASP C 307 -9.54 -50.07 29.87
C ASP C 307 -8.04 -50.23 29.93
N ILE C 308 -7.35 -49.15 30.26
CA ILE C 308 -5.90 -49.14 30.25
C ILE C 308 -5.26 -50.12 31.22
N SER C 309 -5.99 -50.57 32.25
CA SER C 309 -5.39 -51.48 33.22
C SER C 309 -5.01 -52.81 32.60
N VAL C 310 -5.57 -53.10 31.44
CA VAL C 310 -5.27 -54.32 30.72
C VAL C 310 -3.83 -54.35 30.28
N ILE C 311 -3.33 -53.20 29.86
CA ILE C 311 -1.97 -53.06 29.37
C ILE C 311 -1.04 -52.83 30.54
N LEU C 312 -1.47 -52.00 31.51
CA LEU C 312 -0.61 -51.68 32.64
C LEU C 312 -0.33 -52.96 33.44
N ALA C 313 -1.34 -53.82 33.58
CA ALA C 313 -1.19 -55.06 34.30
C ALA C 313 -0.16 -55.94 33.63
N SER C 316 1.46 -55.08 27.54
CA SER C 316 2.79 -54.77 27.08
C SER C 316 2.83 -54.26 25.65
N ILE C 317 3.44 -53.09 25.48
CA ILE C 317 3.63 -52.49 24.17
C ILE C 317 5.11 -52.31 23.86
N VAL C 318 5.57 -52.91 22.77
CA VAL C 318 6.98 -52.79 22.42
C VAL C 318 7.18 -52.18 21.05
N LEU C 319 7.99 -51.15 20.99
CA LEU C 319 8.28 -50.51 19.72
C LEU C 319 9.62 -51.05 19.24
N HIS C 320 9.60 -51.67 18.06
CA HIS C 320 10.80 -52.34 17.50
C HIS C 320 11.46 -51.43 16.46
N THR C 321 12.60 -50.83 16.81
CA THR C 321 13.24 -49.90 15.92
C THR C 321 14.01 -50.56 14.82
N ALA C 322 14.29 -49.75 13.80
CA ALA C 322 15.02 -50.12 12.60
C ALA C 322 16.44 -50.61 12.89
N LEU C 323 17.06 -50.08 13.92
CA LEU C 323 18.42 -50.47 14.22
C LEU C 323 18.50 -51.62 15.22
N GLY C 324 17.35 -52.18 15.62
CA GLY C 324 17.35 -53.29 16.56
C GLY C 324 17.16 -52.99 18.04
N THR C 325 16.79 -51.76 18.42
CA THR C 325 16.57 -51.49 19.84
C THR C 325 15.08 -51.67 20.15
N ASN C 326 14.79 -52.37 21.23
CA ASN C 326 13.42 -52.67 21.67
C ASN C 326 12.97 -51.74 22.79
N PHE C 327 11.99 -50.92 22.50
CA PHE C 327 11.49 -49.97 23.48
C PHE C 327 10.20 -50.45 24.10
N SER C 328 10.24 -50.75 25.39
CA SER C 328 9.07 -51.32 26.06
C SER C 328 8.45 -50.43 27.11
N PHE C 329 7.15 -50.25 27.05
CA PHE C 329 6.54 -49.39 28.05
C PHE C 329 6.19 -50.14 29.32
N VAL C 330 6.81 -49.71 30.41
CA VAL C 330 6.64 -50.36 31.69
C VAL C 330 5.99 -49.46 32.69
N CYS C 331 4.82 -49.81 33.15
CA CYS C 331 4.13 -48.95 34.10
C CYS C 331 3.88 -49.67 35.40
N SER C 332 4.04 -48.96 36.50
CA SER C 332 3.79 -49.59 37.79
C SER C 332 3.26 -48.69 38.87
N ASN C 333 2.37 -49.27 39.67
CA ASN C 333 1.74 -48.65 40.82
C ASN C 333 2.23 -49.28 42.11
N SER C 334 3.02 -48.52 42.84
CA SER C 334 3.59 -48.93 44.12
C SER C 334 4.38 -50.23 44.11
N SER C 335 5.16 -50.46 43.06
CA SER C 335 6.01 -51.63 42.96
C SER C 335 7.19 -51.34 42.06
N ASN C 336 8.40 -51.28 42.61
CA ASN C 336 9.53 -50.92 41.79
C ASN C 336 10.83 -51.71 42.00
N PRO C 337 10.85 -53.05 41.95
CA PRO C 337 12.02 -53.90 42.21
C PRO C 337 13.28 -53.53 41.43
N HIS C 338 13.07 -53.08 40.20
CA HIS C 338 14.14 -52.70 39.29
C HIS C 338 14.03 -51.27 38.80
N LEU C 339 13.03 -50.55 39.29
CA LEU C 339 12.79 -49.20 38.82
C LEU C 339 13.27 -48.16 39.81
N ALA C 340 13.16 -48.48 41.10
CA ALA C 340 13.58 -47.53 42.12
C ALA C 340 15.08 -47.39 42.05
N THR C 341 15.57 -46.17 42.22
CA THR C 341 17.01 -45.97 42.25
C THR C 341 17.72 -46.81 41.20
N PRO C 352 -1.38 -44.54 41.84
CA PRO C 352 -0.78 -43.81 40.74
C PRO C 352 0.23 -44.66 40.00
N TYR C 353 0.15 -44.66 38.69
CA TYR C 353 1.11 -45.39 37.89
C TYR C 353 2.16 -44.47 37.35
N TYR C 354 3.38 -44.96 37.33
CA TYR C 354 4.50 -44.26 36.78
C TYR C 354 5.02 -45.06 35.62
N CYS C 355 5.25 -44.40 34.50
CA CYS C 355 5.70 -45.14 33.34
C CYS C 355 7.12 -44.82 32.93
N PHE C 356 7.85 -45.91 32.71
CA PHE C 356 9.23 -45.93 32.34
C PHE C 356 9.39 -46.55 30.97
N LEU C 357 10.36 -46.08 30.23
CA LEU C 357 10.60 -46.66 28.95
C LEU C 357 11.81 -47.54 29.04
N LYS C 358 11.60 -48.83 28.83
CA LYS C 358 12.71 -49.74 28.93
C LYS C 358 13.40 -49.70 27.62
N VAL C 359 14.66 -49.35 27.63
CA VAL C 359 15.37 -49.29 26.39
C VAL C 359 16.27 -50.50 26.38
N ASP C 360 15.87 -51.50 25.59
CA ASP C 360 16.52 -52.83 25.59
C ASP C 360 17.31 -53.01 24.30
N THR C 361 18.64 -52.95 24.39
CA THR C 361 19.50 -53.15 23.23
C THR C 361 20.28 -54.42 23.44
N TYR C 362 21.04 -54.83 22.46
CA TYR C 362 21.66 -56.15 22.62
C TYR C 362 22.66 -56.25 23.76
N ASN C 363 23.33 -55.17 24.08
CA ASN C 363 24.31 -55.21 25.16
C ASN C 363 23.91 -54.37 26.40
N SER C 364 22.63 -53.97 26.51
CA SER C 364 22.24 -53.12 27.66
C SER C 364 20.74 -52.92 27.88
N THR C 365 20.30 -52.93 29.15
CA THR C 365 18.91 -52.60 29.45
C THR C 365 18.82 -51.54 30.51
N VAL C 366 18.16 -50.43 30.20
CA VAL C 366 18.00 -49.34 31.17
C VAL C 366 16.55 -48.88 31.25
N TYR C 367 16.18 -48.22 32.35
CA TYR C 367 14.84 -47.68 32.43
C TYR C 367 14.84 -46.17 32.53
N LYS C 368 14.25 -45.53 31.54
CA LYS C 368 14.18 -44.08 31.55
C LYS C 368 12.82 -43.65 32.05
N PHE C 369 12.75 -42.76 33.00
CA PHE C 369 11.42 -42.35 33.43
C PHE C 369 10.81 -41.42 32.41
N LEU C 370 9.57 -41.66 32.00
CA LEU C 370 8.96 -40.76 31.05
C LEU C 370 7.92 -39.84 31.66
N ALA C 371 6.97 -40.43 32.36
CA ALA C 371 5.87 -39.63 32.87
C ALA C 371 5.07 -40.30 33.94
N VAL C 372 4.37 -39.49 34.71
CA VAL C 372 3.37 -40.05 35.59
C VAL C 372 2.20 -40.30 34.66
N LEU C 373 1.58 -41.47 34.71
CA LEU C 373 0.51 -41.79 33.78
C LEU C 373 -0.69 -40.85 33.99
N PRO C 374 -1.22 -40.17 32.95
CA PRO C 374 -2.38 -39.31 33.06
C PRO C 374 -3.50 -40.18 33.57
N PRO C 375 -4.41 -39.70 34.43
CA PRO C 375 -5.53 -40.45 34.96
C PRO C 375 -6.35 -41.12 33.89
N THR C 376 -6.53 -40.45 32.76
CA THR C 376 -7.28 -41.02 31.68
C THR C 376 -6.54 -40.94 30.36
N VAL C 377 -6.42 -42.07 29.72
CA VAL C 377 -5.79 -42.14 28.43
C VAL C 377 -6.82 -42.74 27.51
N ARG C 378 -7.15 -42.04 26.44
CA ARG C 378 -8.14 -42.52 25.51
C ARG C 378 -7.52 -43.03 24.23
N GLU C 379 -6.45 -42.38 23.81
CA GLU C 379 -5.86 -42.79 22.55
C GLU C 379 -4.37 -42.73 22.48
N ILE C 380 -3.81 -43.78 21.92
CA ILE C 380 -2.38 -43.83 21.66
C ILE C 380 -2.12 -44.03 20.17
N VAL C 381 -1.32 -43.17 19.57
CA VAL C 381 -1.00 -43.36 18.16
C VAL C 381 0.47 -43.53 17.98
N ILE C 382 0.83 -44.64 17.36
CA ILE C 382 2.22 -44.95 17.11
C ILE C 382 2.48 -44.88 15.63
N THR C 383 3.39 -44.02 15.19
CA THR C 383 3.61 -43.94 13.76
C THR C 383 4.83 -44.74 13.37
N LYS C 384 4.98 -44.95 12.06
CA LYS C 384 6.15 -45.61 11.42
C LYS C 384 7.43 -44.82 11.71
N TYR C 385 7.32 -43.50 11.83
CA TYR C 385 8.51 -42.64 12.03
C TYR C 385 8.83 -42.58 13.51
N GLY C 386 8.02 -43.23 14.34
CA GLY C 386 8.32 -43.33 15.78
C GLY C 386 7.55 -42.40 16.68
N ASP C 387 6.82 -41.43 16.14
CA ASP C 387 6.16 -40.47 17.04
C ASP C 387 5.07 -41.20 17.82
N VAL C 388 5.02 -41.03 19.14
CA VAL C 388 3.97 -41.67 19.98
C VAL C 388 3.11 -40.56 20.57
N TYR C 389 1.82 -40.57 20.30
CA TYR C 389 0.93 -39.49 20.77
C TYR C 389 -0.07 -40.08 21.75
N VAL C 390 -0.15 -39.55 22.96
CA VAL C 390 -1.18 -40.01 23.93
C VAL C 390 -2.13 -38.83 24.14
N ASN C 391 -3.37 -38.92 23.68
CA ASN C 391 -4.36 -37.82 23.77
C ASN C 391 -3.95 -36.64 22.88
N GLY C 392 -3.22 -36.90 21.81
CA GLY C 392 -2.93 -35.92 20.75
C GLY C 392 -1.77 -34.98 21.03
N PHE C 393 -0.81 -35.33 21.90
CA PHE C 393 0.26 -34.35 22.25
C PHE C 393 1.66 -34.73 21.74
N GLY C 394 1.84 -35.81 20.99
CA GLY C 394 3.19 -36.08 20.44
C GLY C 394 4.25 -36.13 21.52
N TYR C 395 4.02 -36.88 22.59
CA TYR C 395 4.95 -36.86 23.75
C TYR C 395 6.34 -37.38 23.44
N LEU C 396 6.47 -38.52 22.77
CA LEU C 396 7.82 -39.11 22.58
C LEU C 396 8.09 -39.36 21.10
N HIS C 397 9.26 -38.93 20.63
CA HIS C 397 9.66 -39.22 19.23
C HIS C 397 10.89 -40.12 19.26
N LEU C 398 10.81 -41.32 18.66
CA LEU C 398 11.93 -42.29 18.68
C LEU C 398 12.51 -42.37 17.27
N GLY C 399 13.31 -43.40 16.96
CA GLY C 399 13.80 -43.53 15.59
C GLY C 399 12.76 -44.31 14.80
N LEU C 400 13.07 -44.64 13.56
CA LEU C 400 12.09 -45.31 12.71
C LEU C 400 11.76 -46.68 13.25
N LEU C 401 10.48 -47.06 13.12
CA LEU C 401 10.04 -48.35 13.61
C LEU C 401 9.75 -49.34 12.52
N ASP C 402 10.01 -50.60 12.80
CA ASP C 402 9.65 -51.65 11.87
C ASP C 402 8.34 -52.25 12.29
N ALA C 403 8.12 -52.30 13.60
CA ALA C 403 6.93 -52.96 14.12
C ALA C 403 6.60 -52.58 15.53
N VAL C 404 5.36 -52.86 15.91
CA VAL C 404 4.88 -52.74 17.28
C VAL C 404 4.34 -54.07 17.78
N THR C 405 4.81 -54.53 18.93
CA THR C 405 4.26 -55.77 19.48
C THR C 405 3.29 -55.48 20.60
N ILE C 406 2.11 -56.06 20.49
CA ILE C 406 1.10 -55.90 21.52
C ILE C 406 0.87 -57.21 22.24
N ASN C 407 0.93 -57.20 23.57
CA ASN C 407 0.72 -58.43 24.30
C ASN C 407 -0.02 -58.27 25.64
N PHE C 408 -1.23 -58.79 25.66
CA PHE C 408 -2.10 -58.77 26.82
C PHE C 408 -3.06 -59.92 26.68
N THR C 409 -3.72 -60.31 27.76
CA THR C 409 -4.72 -61.36 27.68
C THR C 409 -5.66 -61.15 26.50
N GLY C 419 -8.83 -54.93 25.88
CA GLY C 419 -8.48 -53.70 26.56
C GLY C 419 -8.70 -52.50 25.65
N PHE C 420 -8.82 -52.80 24.37
CA PHE C 420 -9.01 -51.77 23.37
C PHE C 420 -10.40 -51.87 22.77
N TRP C 421 -10.95 -50.75 22.36
CA TRP C 421 -12.19 -50.78 21.61
C TRP C 421 -11.86 -51.16 20.22
N THR C 422 -10.84 -50.50 19.70
CA THR C 422 -10.40 -50.75 18.33
C THR C 422 -8.90 -50.60 18.18
N ILE C 423 -8.35 -51.31 17.21
CA ILE C 423 -6.99 -51.08 16.76
C ILE C 423 -7.09 -50.82 15.28
N ALA C 424 -6.53 -49.74 14.79
CA ALA C 424 -6.66 -49.55 13.36
C ALA C 424 -5.37 -49.19 12.68
N SER C 425 -5.25 -49.73 11.49
CA SER C 425 -4.17 -49.45 10.59
C SER C 425 -4.57 -48.34 9.69
N THR C 426 -3.85 -47.21 9.78
CA THR C 426 -4.23 -46.08 8.96
C THR C 426 -3.06 -45.48 8.21
N ASN C 427 -3.39 -44.59 7.27
CA ASN C 427 -2.43 -43.87 6.44
C ASN C 427 -2.68 -42.37 6.51
N PHE C 428 -1.65 -41.60 6.22
CA PHE C 428 -1.75 -40.15 6.28
C PHE C 428 -2.31 -39.52 5.04
N VAL C 429 -3.39 -38.78 5.22
CA VAL C 429 -4.05 -38.09 4.13
C VAL C 429 -4.42 -36.68 4.47
N ASP C 430 -4.53 -35.83 3.45
CA ASP C 430 -5.00 -34.50 3.72
C ASP C 430 -6.49 -34.58 3.95
N ALA C 431 -6.95 -33.86 4.95
CA ALA C 431 -8.35 -33.83 5.23
C ALA C 431 -8.75 -32.52 5.85
N LEU C 432 -10.01 -32.17 5.70
CA LEU C 432 -10.59 -30.99 6.32
C LEU C 432 -11.35 -31.44 7.56
N ILE C 433 -10.92 -30.94 8.70
CA ILE C 433 -11.48 -31.34 9.98
C ILE C 433 -12.10 -30.19 10.74
N GLU C 434 -13.34 -30.35 11.22
CA GLU C 434 -13.90 -29.28 12.01
C GLU C 434 -13.63 -29.63 13.45
N VAL C 435 -13.12 -28.68 14.19
CA VAL C 435 -12.79 -28.92 15.57
C VAL C 435 -13.61 -28.05 16.51
N GLN C 436 -14.20 -28.70 17.50
CA GLN C 436 -14.99 -27.99 18.48
C GLN C 436 -14.69 -28.43 19.90
N GLY C 437 -14.05 -27.56 20.68
CA GLY C 437 -13.74 -27.90 22.05
C GLY C 437 -12.67 -28.95 22.05
N THR C 438 -11.84 -28.90 21.03
CA THR C 438 -10.75 -29.83 20.69
C THR C 438 -11.24 -31.16 20.10
N ALA C 439 -12.56 -31.40 20.10
CA ALA C 439 -13.11 -32.64 19.56
C ALA C 439 -13.20 -32.61 18.05
N ILE C 440 -13.10 -33.77 17.44
CA ILE C 440 -13.27 -33.93 16.00
C ILE C 440 -14.67 -34.21 15.55
N GLN C 441 -15.09 -33.50 14.50
CA GLN C 441 -16.35 -33.75 13.85
C GLN C 441 -16.23 -33.45 12.35
N ARG C 442 -17.12 -34.02 11.56
CA ARG C 442 -17.22 -33.68 10.14
C ARG C 442 -15.95 -33.82 9.33
N ILE C 443 -15.29 -34.95 9.33
CA ILE C 443 -14.10 -35.00 8.47
C ILE C 443 -14.41 -35.28 7.02
N LEU C 444 -13.86 -34.43 6.17
CA LEU C 444 -13.94 -34.51 4.72
C LEU C 444 -12.56 -34.89 4.18
N TYR C 445 -12.49 -35.90 3.33
CA TYR C 445 -11.20 -36.33 2.78
C TYR C 445 -10.94 -35.61 1.49
N CYS C 446 -9.72 -35.14 1.29
CA CYS C 446 -9.42 -34.37 0.09
C CYS C 446 -8.98 -35.26 -1.07
N ASP C 447 -9.81 -36.24 -1.44
CA ASP C 447 -9.45 -37.14 -2.55
C ASP C 447 -10.17 -36.82 -3.86
N ASP C 448 -11.49 -36.73 -3.79
CA ASP C 448 -12.33 -36.45 -4.95
C ASP C 448 -12.08 -35.02 -5.43
N PRO C 449 -12.02 -34.71 -6.74
CA PRO C 449 -11.87 -33.35 -7.23
C PRO C 449 -12.88 -32.35 -6.63
N VAL C 450 -14.10 -32.79 -6.27
CA VAL C 450 -15.03 -31.85 -5.67
C VAL C 450 -14.53 -31.52 -4.29
N SER C 451 -14.10 -32.57 -3.58
CA SER C 451 -13.57 -32.42 -2.25
C SER C 451 -12.27 -31.64 -2.29
N GLN C 452 -11.45 -31.82 -3.31
CA GLN C 452 -10.19 -31.10 -3.33
C GLN C 452 -10.48 -29.62 -3.40
N LEU C 453 -11.52 -29.23 -4.14
CA LEU C 453 -11.88 -27.82 -4.15
C LEU C 453 -12.35 -27.38 -2.76
N LYS C 454 -13.20 -28.18 -2.12
CA LYS C 454 -13.68 -27.81 -0.78
C LYS C 454 -12.52 -27.67 0.19
N CYS C 455 -11.48 -28.46 0.02
CA CYS C 455 -10.36 -28.36 0.98
C CYS C 455 -9.63 -27.05 0.76
N SER C 456 -9.55 -26.59 -0.50
CA SER C 456 -8.76 -25.38 -0.86
C SER C 456 -9.48 -24.13 -0.35
N GLN C 457 -10.80 -24.15 -0.35
CA GLN C 457 -11.59 -22.99 0.12
C GLN C 457 -11.83 -23.15 1.62
N VAL C 458 -11.33 -24.25 2.22
CA VAL C 458 -11.47 -24.52 3.68
C VAL C 458 -12.94 -24.49 4.09
N ALA C 459 -13.83 -25.03 3.25
CA ALA C 459 -15.26 -24.98 3.57
C ALA C 459 -15.95 -26.29 3.22
N PHE C 460 -16.78 -26.81 4.11
CA PHE C 460 -17.55 -28.03 3.78
C PHE C 460 -18.57 -27.68 2.71
N ASP C 461 -19.17 -26.49 2.77
CA ASP C 461 -20.16 -26.07 1.76
C ASP C 461 -19.68 -24.81 1.03
N LEU C 462 -19.65 -24.85 -0.31
CA LEU C 462 -19.17 -23.69 -1.11
C LEU C 462 -20.33 -23.17 -1.97
N ASP C 463 -20.56 -21.85 -2.02
CA ASP C 463 -21.71 -21.32 -2.71
C ASP C 463 -21.52 -21.41 -4.21
N ASP C 464 -22.52 -21.00 -4.95
CA ASP C 464 -22.43 -21.02 -6.41
C ASP C 464 -21.38 -20.05 -6.91
N GLY C 465 -20.58 -20.48 -7.87
CA GLY C 465 -19.57 -19.57 -8.40
C GLY C 465 -18.47 -20.24 -9.18
N PHE C 466 -17.54 -19.44 -9.68
CA PHE C 466 -16.44 -20.02 -10.40
C PHE C 466 -15.29 -20.12 -9.43
N TYR C 467 -14.61 -21.25 -9.46
CA TYR C 467 -13.48 -21.48 -8.58
C TYR C 467 -12.25 -21.90 -9.33
N THR C 468 -11.10 -21.54 -8.82
CA THR C 468 -9.88 -21.93 -9.50
C THR C 468 -9.44 -23.32 -9.07
N ILE C 469 -9.20 -24.18 -10.05
CA ILE C 469 -8.69 -25.52 -9.83
C ILE C 469 -7.54 -25.73 -10.78
N SER C 470 -6.69 -26.72 -10.57
CA SER C 470 -5.70 -27.01 -11.59
C SER C 470 -6.13 -28.26 -12.32
N SER C 471 -5.64 -28.42 -13.54
CA SER C 471 -5.89 -29.62 -14.30
C SER C 471 -5.02 -30.72 -13.76
N ARG C 472 -5.32 -31.95 -14.12
CA ARG C 472 -4.47 -33.06 -13.72
C ARG C 472 -3.34 -33.15 -14.73
N GLU C 478 5.99 -42.08 -12.03
CA GLU C 478 6.80 -42.74 -13.05
C GLU C 478 6.97 -41.86 -14.27
N GLN C 479 7.73 -40.79 -14.14
CA GLN C 479 7.92 -39.92 -15.28
C GLN C 479 9.16 -40.38 -16.05
N PRO C 480 9.20 -40.23 -17.37
CA PRO C 480 10.38 -40.42 -18.20
C PRO C 480 11.40 -39.41 -17.73
N ILE C 481 12.67 -39.72 -17.84
CA ILE C 481 13.69 -38.76 -17.45
C ILE C 481 14.40 -38.22 -18.67
N SER C 482 14.50 -36.90 -18.76
CA SER C 482 15.17 -36.23 -19.86
C SER C 482 16.40 -35.49 -19.32
N PHE C 483 17.42 -35.34 -20.16
CA PHE C 483 18.69 -34.70 -19.82
C PHE C 483 19.43 -34.04 -20.98
N VAL C 484 19.60 -32.73 -20.89
CA VAL C 484 20.24 -32.00 -21.99
C VAL C 484 21.46 -31.18 -21.58
N THR C 485 22.57 -31.42 -22.28
CA THR C 485 23.82 -30.69 -22.07
C THR C 485 24.37 -30.23 -23.38
N LEU C 486 25.42 -29.44 -23.33
CA LEU C 486 26.06 -29.08 -24.55
C LEU C 486 26.58 -30.43 -25.05
N PRO C 487 26.58 -30.71 -26.37
CA PRO C 487 26.92 -32.00 -26.95
C PRO C 487 28.24 -32.56 -26.52
N SER C 488 28.22 -33.84 -26.20
CA SER C 488 29.39 -34.57 -25.74
C SER C 488 29.20 -36.06 -25.92
N PHE C 489 30.27 -36.83 -25.88
CA PHE C 489 30.20 -38.27 -25.94
C PHE C 489 30.53 -38.84 -24.56
N ASN C 490 30.44 -40.16 -24.39
CA ASN C 490 30.80 -40.69 -23.08
C ASN C 490 32.24 -40.39 -22.73
N ASP C 491 32.42 -39.71 -21.63
CA ASP C 491 33.69 -39.25 -21.10
C ASP C 491 33.60 -39.24 -19.61
N HIS C 492 33.75 -40.39 -18.99
CA HIS C 492 33.39 -40.49 -17.59
C HIS C 492 34.48 -41.01 -16.67
N SER C 493 34.55 -40.39 -15.50
CA SER C 493 35.47 -40.82 -14.46
C SER C 493 34.79 -40.92 -13.11
N PHE C 494 35.35 -41.73 -12.24
CA PHE C 494 34.79 -41.84 -10.91
C PHE C 494 35.65 -41.17 -9.88
N VAL C 495 34.99 -40.66 -8.86
CA VAL C 495 35.64 -40.13 -7.71
C VAL C 495 35.34 -41.08 -6.59
N ASN C 496 36.27 -41.94 -6.27
CA ASN C 496 36.07 -42.98 -5.27
C ASN C 496 36.52 -42.52 -3.91
N ILE C 497 35.58 -42.30 -3.04
CA ILE C 497 35.94 -41.80 -1.75
C ILE C 497 35.85 -42.94 -0.80
N THR C 498 36.96 -43.30 -0.22
CA THR C 498 36.98 -44.41 0.72
C THR C 498 37.30 -43.97 2.10
N VAL C 499 36.42 -44.32 3.00
CA VAL C 499 36.63 -43.98 4.39
C VAL C 499 36.94 -45.22 5.15
N SER C 500 38.17 -45.33 5.62
CA SER C 500 38.58 -46.49 6.36
C SER C 500 38.60 -46.12 7.81
N ALA C 501 38.20 -47.04 8.67
CA ALA C 501 38.27 -46.76 10.08
C ALA C 501 38.20 -48.00 10.93
N SER C 502 38.69 -47.90 12.15
CA SER C 502 38.50 -48.97 13.10
C SER C 502 38.25 -48.41 14.49
N PHE C 503 37.35 -49.08 15.18
CA PHE C 503 36.92 -48.73 16.52
C PHE C 503 37.41 -49.74 17.56
N GLY C 508 32.06 -48.17 21.85
CA GLY C 508 32.84 -48.50 20.66
C GLY C 508 34.27 -48.05 20.86
N ALA C 509 34.47 -47.28 21.93
CA ALA C 509 35.76 -46.71 22.35
C ALA C 509 36.40 -45.83 21.26
N ASN C 510 35.55 -45.06 20.58
CA ASN C 510 35.92 -44.13 19.53
C ASN C 510 36.81 -44.79 18.51
N LEU C 511 37.74 -44.04 17.94
CA LEU C 511 38.58 -44.60 16.92
C LEU C 511 39.96 -44.93 17.39
N ILE C 512 40.46 -45.98 16.79
CA ILE C 512 41.82 -46.40 16.94
C ILE C 512 42.54 -45.72 15.80
N ALA C 513 41.88 -45.76 14.64
CA ALA C 513 42.43 -45.18 13.44
C ALA C 513 41.35 -44.86 12.43
N SER C 514 41.67 -43.93 11.53
CA SER C 514 40.86 -43.63 10.35
C SER C 514 41.72 -43.03 9.28
N ASP C 515 41.27 -43.15 8.04
CA ASP C 515 41.96 -42.56 6.89
C ASP C 515 41.04 -42.42 5.69
N THR C 516 40.92 -41.21 5.16
CA THR C 516 40.07 -41.02 3.99
C THR C 516 40.85 -40.60 2.78
N THR C 517 40.64 -41.31 1.69
CA THR C 517 41.31 -40.97 0.46
C THR C 517 40.33 -40.85 -0.70
N ILE C 518 40.73 -40.07 -1.71
CA ILE C 518 39.92 -39.88 -2.89
C ILE C 518 40.71 -40.39 -4.09
N ASN C 519 40.30 -41.52 -4.65
CA ASN C 519 41.09 -42.13 -5.70
C ASN C 519 42.54 -42.32 -5.27
N GLY C 520 42.77 -42.76 -4.04
CA GLY C 520 44.12 -43.00 -3.50
C GLY C 520 44.76 -41.75 -2.88
N PHE C 521 44.61 -40.65 -3.58
CA PHE C 521 45.15 -39.34 -3.27
C PHE C 521 44.42 -38.56 -2.18
N SER C 522 45.12 -37.61 -1.58
CA SER C 522 44.53 -36.73 -0.58
C SER C 522 43.51 -35.74 -1.15
N SER C 523 43.56 -35.53 -2.46
CA SER C 523 42.64 -34.63 -3.18
C SER C 523 42.46 -35.07 -4.61
N PHE C 524 41.35 -34.65 -5.22
CA PHE C 524 41.10 -34.97 -6.61
C PHE C 524 40.25 -33.94 -7.35
N CYS C 525 40.63 -33.59 -8.57
CA CYS C 525 39.83 -32.69 -9.40
C CYS C 525 39.33 -33.41 -10.63
N VAL C 526 38.12 -33.08 -11.05
CA VAL C 526 37.53 -33.70 -12.22
C VAL C 526 38.00 -33.05 -13.51
N ASP C 527 38.51 -33.85 -14.43
CA ASP C 527 38.99 -33.40 -15.72
C ASP C 527 38.27 -34.05 -16.91
N THR C 528 37.09 -34.61 -16.65
CA THR C 528 36.27 -35.27 -17.68
C THR C 528 34.94 -34.58 -17.77
N ARG C 529 34.22 -34.78 -18.88
CA ARG C 529 32.90 -34.15 -18.98
C ARG C 529 31.88 -34.74 -18.02
N GLN C 530 31.96 -36.03 -17.71
CA GLN C 530 30.99 -36.56 -16.75
C GLN C 530 31.74 -37.16 -15.58
N PHE C 531 31.14 -37.17 -14.40
CA PHE C 531 31.80 -37.86 -13.30
C PHE C 531 30.79 -38.40 -12.32
N THR C 532 31.20 -39.36 -11.54
CA THR C 532 30.32 -39.86 -10.49
C THR C 532 31.03 -39.97 -9.16
N ILE C 533 30.38 -39.55 -8.09
CA ILE C 533 30.94 -39.73 -6.75
C ILE C 533 30.37 -40.96 -6.09
N SER C 534 31.28 -41.78 -5.63
CA SER C 534 30.91 -43.04 -5.01
C SER C 534 31.58 -43.16 -3.67
N LEU C 535 30.77 -43.17 -2.62
CA LEU C 535 31.29 -43.23 -1.26
C LEU C 535 31.23 -44.63 -0.71
N PHE C 536 32.39 -45.12 -0.32
CA PHE C 536 32.55 -46.46 0.20
C PHE C 536 33.15 -46.48 1.59
N TYR C 537 32.53 -47.24 2.48
CA TYR C 537 33.04 -47.34 3.82
C TYR C 537 33.73 -48.66 4.05
N ASN C 538 34.82 -48.58 4.78
CA ASN C 538 35.61 -49.72 5.19
C ASN C 538 35.87 -49.62 6.68
N VAL C 539 34.81 -49.88 7.44
CA VAL C 539 34.84 -49.61 8.87
C VAL C 539 34.65 -50.85 9.74
N THR C 540 35.59 -51.06 10.67
CA THR C 540 35.60 -52.20 11.58
C THR C 540 35.25 -51.89 13.04
N ASN C 541 34.34 -52.69 13.59
CA ASN C 541 33.97 -52.60 15.00
C ASN C 541 33.55 -53.97 15.50
N VAL C 546 28.28 -50.26 12.83
CA VAL C 546 28.52 -48.82 12.88
C VAL C 546 27.53 -48.10 11.99
N SER C 547 26.77 -47.17 12.56
CA SER C 547 25.82 -46.40 11.77
C SER C 547 26.53 -45.19 11.17
N LYS C 548 26.19 -44.82 9.92
CA LYS C 548 26.84 -43.69 9.26
C LYS C 548 25.87 -42.61 8.76
N SER C 549 26.29 -41.34 8.84
CA SER C 549 25.48 -40.23 8.32
C SER C 549 26.30 -39.00 7.92
N GLN C 550 25.71 -38.10 7.12
CA GLN C 550 26.44 -36.89 6.74
C GLN C 550 25.73 -35.59 7.10
N ASP C 551 26.54 -34.63 7.54
CA ASP C 551 26.14 -33.28 7.88
C ASP C 551 26.70 -32.32 6.80
N SER C 552 25.84 -31.88 5.88
CA SER C 552 26.30 -31.09 4.73
C SER C 552 25.96 -29.61 4.73
N ASN C 553 26.99 -28.80 4.50
CA ASN C 553 26.86 -27.35 4.38
C ASN C 553 26.95 -26.92 2.92
N CYS C 554 26.82 -27.88 2.03
CA CYS C 554 26.91 -27.65 0.60
C CYS C 554 25.54 -27.51 -0.05
N PRO C 555 25.46 -26.94 -1.27
CA PRO C 555 24.30 -26.86 -2.14
C PRO C 555 23.79 -28.22 -2.63
N PHE C 556 24.55 -29.28 -2.36
CA PHE C 556 24.25 -30.64 -2.76
C PHE C 556 24.76 -31.64 -1.73
N THR C 557 24.25 -32.85 -1.80
CA THR C 557 24.71 -33.91 -0.91
C THR C 557 25.60 -34.87 -1.70
N LEU C 558 26.25 -35.80 -1.02
CA LEU C 558 27.12 -36.72 -1.76
C LEU C 558 26.33 -37.63 -2.68
N GLN C 559 25.07 -37.86 -2.38
CA GLN C 559 24.26 -38.69 -3.23
C GLN C 559 23.62 -37.86 -4.34
N SER C 560 23.19 -36.62 -4.02
CA SER C 560 22.48 -35.78 -4.98
C SER C 560 23.38 -35.19 -6.02
N VAL C 561 24.66 -35.13 -5.72
CA VAL C 561 25.66 -34.60 -6.65
C VAL C 561 25.72 -35.42 -7.90
N ASN C 562 25.24 -36.67 -7.85
CA ASN C 562 25.26 -37.55 -8.98
C ASN C 562 23.96 -37.51 -9.77
N ASP C 563 23.02 -36.63 -9.41
CA ASP C 563 21.77 -36.55 -10.15
C ASP C 563 21.82 -35.46 -11.23
N TYR C 564 22.81 -35.54 -12.10
CA TYR C 564 23.00 -34.63 -13.20
C TYR C 564 23.20 -33.16 -12.82
N LEU C 565 23.92 -32.88 -11.75
CA LEU C 565 24.15 -31.46 -11.46
C LEU C 565 25.31 -31.02 -12.32
N SER C 566 25.31 -29.78 -12.79
CA SER C 566 26.42 -29.34 -13.63
C SER C 566 27.28 -28.27 -12.98
N PHE C 567 28.58 -28.38 -13.25
CA PHE C 567 29.63 -27.51 -12.77
C PHE C 567 30.56 -27.06 -13.89
N SER C 568 31.26 -25.95 -13.71
CA SER C 568 32.31 -25.62 -14.68
C SER C 568 33.66 -26.07 -14.12
N LYS C 569 33.73 -26.17 -12.80
CA LYS C 569 34.91 -26.63 -12.07
C LYS C 569 34.46 -27.47 -10.91
N PHE C 570 35.17 -28.53 -10.59
CA PHE C 570 34.81 -29.30 -9.42
C PHE C 570 35.98 -30.10 -8.83
N CYS C 571 36.38 -29.74 -7.60
CA CYS C 571 37.46 -30.38 -6.86
C CYS C 571 37.04 -30.81 -5.46
N VAL C 572 37.50 -31.99 -5.05
CA VAL C 572 37.15 -32.51 -3.74
C VAL C 572 38.44 -32.78 -2.98
N SER C 573 38.52 -32.36 -1.73
CA SER C 573 39.72 -32.62 -0.94
C SER C 573 39.44 -32.94 0.49
N THR C 574 40.34 -33.68 1.14
CA THR C 574 40.15 -33.92 2.56
C THR C 574 40.78 -32.78 3.35
N SER C 575 41.54 -31.94 2.65
CA SER C 575 42.22 -30.78 3.20
C SER C 575 41.35 -29.57 2.93
N LEU C 576 41.64 -28.43 3.54
CA LEU C 576 40.81 -27.28 3.25
C LEU C 576 41.15 -26.60 1.95
N LEU C 577 40.14 -26.35 1.15
CA LEU C 577 40.29 -25.62 -0.10
C LEU C 577 39.72 -24.23 0.13
N ALA C 578 40.25 -23.25 -0.57
CA ALA C 578 39.72 -21.90 -0.47
C ALA C 578 38.33 -21.85 -1.06
N SER C 579 37.45 -21.02 -0.49
CA SER C 579 36.11 -20.86 -1.05
C SER C 579 35.40 -22.20 -1.29
N ALA C 580 35.40 -23.09 -0.29
CA ALA C 580 34.79 -24.41 -0.42
C ALA C 580 33.78 -24.70 0.67
N CYS C 581 32.79 -25.55 0.35
CA CYS C 581 31.78 -25.96 1.32
C CYS C 581 32.19 -27.30 1.92
N THR C 582 31.67 -27.63 3.09
CA THR C 582 32.09 -28.87 3.72
C THR C 582 31.00 -29.89 3.97
N ILE C 583 31.32 -31.16 3.66
CA ILE C 583 30.44 -32.26 4.03
C ILE C 583 31.15 -33.12 5.08
N ASP C 584 30.55 -33.20 6.27
CA ASP C 584 31.10 -33.93 7.41
C ASP C 584 30.53 -35.33 7.59
N LEU C 585 31.41 -36.32 7.52
CA LEU C 585 31.03 -37.72 7.59
C LEU C 585 31.25 -38.27 8.98
N PHE C 586 30.16 -38.71 9.61
CA PHE C 586 30.16 -39.19 10.99
C PHE C 586 29.79 -40.65 11.14
N GLY C 587 30.33 -41.27 12.20
CA GLY C 587 29.98 -42.64 12.54
C GLY C 587 29.51 -42.77 13.97
N TYR C 588 28.61 -43.72 14.19
CA TYR C 588 28.03 -44.03 15.49
C TYR C 588 28.17 -45.53 15.76
N PRO C 589 29.34 -45.98 16.24
CA PRO C 589 29.80 -47.35 16.32
C PRO C 589 29.15 -48.35 17.22
N GLU C 590 28.45 -47.92 18.25
CA GLU C 590 27.89 -48.88 19.19
C GLU C 590 28.81 -50.09 19.35
N SER C 593 28.57 -42.15 21.31
CA SER C 593 30.02 -42.23 21.27
C SER C 593 30.50 -42.11 19.84
N GLY C 594 29.84 -41.23 19.09
CA GLY C 594 30.14 -41.05 17.69
C GLY C 594 31.40 -40.26 17.44
N VAL C 595 31.91 -40.40 16.23
CA VAL C 595 33.12 -39.72 15.80
C VAL C 595 32.96 -39.09 14.44
N LYS C 596 33.81 -38.12 14.12
CA LYS C 596 33.85 -37.62 12.76
C LYS C 596 34.94 -38.38 12.04
N PHE C 597 34.56 -39.04 10.95
CA PHE C 597 35.50 -39.85 10.14
C PHE C 597 36.36 -38.90 9.30
N THR C 598 35.70 -37.94 8.65
CA THR C 598 36.33 -37.04 7.69
C THR C 598 35.52 -35.84 7.28
N SER C 599 36.22 -34.83 6.80
CA SER C 599 35.59 -33.64 6.26
C SER C 599 35.96 -33.50 4.81
N LEU C 600 34.98 -33.51 3.93
CA LEU C 600 35.25 -33.36 2.52
C LEU C 600 34.95 -31.95 2.08
N TYR C 601 35.94 -31.29 1.52
CA TYR C 601 35.79 -29.92 1.10
C TYR C 601 35.55 -29.87 -0.38
N PHE C 602 34.51 -29.15 -0.77
CA PHE C 602 34.14 -29.04 -2.16
C PHE C 602 34.29 -27.66 -2.74
N GLN C 603 35.18 -27.55 -3.70
CA GLN C 603 35.45 -26.29 -4.35
C GLN C 603 34.92 -26.39 -5.76
N PHE C 604 34.00 -25.53 -6.10
CA PHE C 604 33.39 -25.61 -7.40
C PHE C 604 32.81 -24.31 -7.87
N THR C 605 32.60 -24.24 -9.15
CA THR C 605 31.93 -23.12 -9.80
C THR C 605 30.89 -23.70 -10.73
N LYS C 606 29.87 -22.91 -11.06
CA LYS C 606 28.76 -23.35 -11.93
C LYS C 606 28.99 -23.22 -13.42
N GLY C 607 28.29 -24.04 -14.19
CA GLY C 607 28.35 -24.01 -15.65
C GLY C 607 27.94 -25.35 -16.22
N GLU C 608 28.16 -25.54 -17.52
CA GLU C 608 27.74 -26.74 -18.24
C GLU C 608 28.79 -27.83 -18.49
N LEU C 609 30.07 -27.51 -18.39
CA LEU C 609 31.08 -28.48 -18.80
C LEU C 609 31.16 -29.81 -18.05
N ILE C 610 31.03 -29.80 -16.73
CA ILE C 610 31.20 -31.04 -15.97
C ILE C 610 29.89 -31.50 -15.33
N THR C 611 29.42 -32.70 -15.65
CA THR C 611 28.15 -33.12 -15.09
C THR C 611 28.21 -34.37 -14.24
N GLY C 612 27.60 -34.26 -13.08
CA GLY C 612 27.55 -35.35 -12.12
C GLY C 612 26.48 -36.36 -12.49
N THR C 613 26.74 -37.18 -13.49
CA THR C 613 25.74 -38.16 -13.90
C THR C 613 25.77 -39.31 -12.89
N PRO C 614 24.72 -40.13 -12.77
CA PRO C 614 24.63 -41.28 -11.89
C PRO C 614 25.48 -42.47 -12.27
N LYS C 615 25.95 -42.48 -13.50
CA LYS C 615 26.70 -43.61 -14.00
C LYS C 615 27.39 -43.23 -15.31
N PRO C 616 28.34 -44.04 -15.81
CA PRO C 616 28.93 -43.99 -17.13
C PRO C 616 27.90 -44.29 -18.19
N PHE C 617 28.12 -43.80 -19.38
CA PHE C 617 27.26 -44.09 -20.50
C PHE C 617 27.95 -45.14 -21.34
N GLU C 618 27.20 -46.04 -21.96
CA GLU C 618 27.84 -47.06 -22.78
C GLU C 618 27.19 -47.13 -24.14
N GLY C 619 28.01 -47.10 -25.19
CA GLY C 619 27.48 -47.14 -26.55
C GLY C 619 26.88 -45.78 -26.90
N VAL C 620 27.38 -44.74 -26.25
CA VAL C 620 26.85 -43.42 -26.41
C VAL C 620 27.75 -42.43 -27.12
N THR C 621 27.24 -41.97 -28.26
CA THR C 621 27.91 -41.02 -29.12
C THR C 621 27.48 -39.61 -28.78
N ASP C 622 26.27 -39.52 -28.22
CA ASP C 622 25.67 -38.25 -27.74
C ASP C 622 24.98 -38.50 -26.39
N VAL C 623 25.62 -38.02 -25.32
CA VAL C 623 25.17 -38.18 -23.96
C VAL C 623 23.79 -37.64 -23.71
N SER C 624 23.43 -36.52 -24.32
CA SER C 624 22.12 -35.96 -24.08
C SER C 624 20.98 -36.82 -24.60
N PHE C 625 19.86 -36.80 -23.91
CA PHE C 625 18.68 -37.53 -24.34
C PHE C 625 17.40 -36.89 -23.85
N MET C 626 16.28 -37.15 -24.52
CA MET C 626 15.02 -36.64 -24.02
C MET C 626 13.84 -37.32 -24.66
N THR C 627 12.71 -37.30 -23.99
CA THR C 627 11.49 -37.83 -24.58
C THR C 627 10.52 -36.71 -24.85
N LEU C 628 10.07 -36.61 -26.08
CA LEU C 628 9.19 -35.53 -26.49
C LEU C 628 7.71 -35.87 -26.43
N ASP C 629 6.93 -34.79 -26.30
CA ASP C 629 5.47 -34.76 -26.32
C ASP C 629 4.79 -35.47 -25.17
N VAL C 630 5.51 -35.73 -24.10
CA VAL C 630 4.96 -36.35 -22.92
C VAL C 630 5.38 -35.56 -21.73
N CYS C 631 4.69 -35.72 -20.63
CA CYS C 631 5.20 -35.11 -19.42
C CYS C 631 6.45 -35.85 -19.01
N THR C 632 7.51 -35.12 -18.74
CA THR C 632 8.77 -35.70 -18.34
C THR C 632 9.45 -34.92 -17.24
N LYS C 633 10.28 -35.61 -16.48
CA LYS C 633 11.09 -34.95 -15.49
C LYS C 633 12.37 -34.60 -16.18
N TYR C 634 12.79 -33.37 -16.12
CA TYR C 634 13.98 -33.03 -16.85
C TYR C 634 15.00 -32.22 -16.13
N THR C 635 16.22 -32.38 -16.61
CA THR C 635 17.34 -31.51 -16.26
C THR C 635 17.92 -30.95 -17.56
N ILE C 636 17.59 -29.70 -17.89
CA ILE C 636 18.01 -29.11 -19.16
C ILE C 636 18.90 -27.93 -18.98
N TYR C 637 20.14 -28.05 -19.41
CA TYR C 637 21.11 -26.98 -19.28
C TYR C 637 21.12 -26.43 -17.86
N GLY C 638 21.04 -27.32 -16.88
CA GLY C 638 21.07 -26.95 -15.48
C GLY C 638 19.72 -26.65 -14.84
N PHE C 639 18.65 -26.56 -15.60
CA PHE C 639 17.33 -26.26 -15.05
C PHE C 639 16.55 -27.51 -14.71
N LYS C 640 16.07 -27.65 -13.48
CA LYS C 640 15.29 -28.84 -13.22
C LYS C 640 13.81 -28.55 -13.08
N GLY C 641 13.01 -29.52 -13.47
CA GLY C 641 11.57 -29.43 -13.29
C GLY C 641 10.80 -30.44 -14.11
N GLU C 642 9.48 -30.33 -14.12
CA GLU C 642 8.66 -31.23 -14.90
C GLU C 642 7.97 -30.43 -15.98
N GLY C 643 7.77 -31.04 -17.12
CA GLY C 643 7.10 -30.36 -18.20
C GLY C 643 7.03 -31.19 -19.45
N ILE C 644 6.44 -30.61 -20.48
CA ILE C 644 6.28 -31.28 -21.74
C ILE C 644 7.15 -30.59 -22.74
N ILE C 645 8.02 -31.34 -23.37
CA ILE C 645 8.95 -30.75 -24.31
C ILE C 645 8.45 -31.02 -25.71
N THR C 646 8.26 -29.97 -26.50
CA THR C 646 7.76 -30.13 -27.86
C THR C 646 8.72 -29.46 -28.82
N LEU C 647 8.61 -29.79 -30.08
CA LEU C 647 9.48 -29.18 -31.09
C LEU C 647 8.83 -28.00 -31.77
N THR C 648 9.51 -26.86 -31.79
CA THR C 648 8.97 -25.68 -32.45
C THR C 648 9.60 -25.43 -33.79
N ASN C 649 9.03 -24.51 -34.55
CA ASN C 649 9.58 -24.17 -35.85
C ASN C 649 10.39 -22.89 -35.79
N SER C 650 10.56 -22.38 -34.59
CA SER C 650 11.34 -21.17 -34.42
C SER C 650 12.80 -21.51 -34.58
N SER C 651 13.60 -20.49 -34.81
CA SER C 651 15.02 -20.66 -34.90
C SER C 651 15.72 -19.39 -34.48
N PHE C 652 16.72 -19.55 -33.64
CA PHE C 652 17.46 -18.41 -33.16
C PHE C 652 18.93 -18.65 -33.40
N LEU C 653 19.70 -17.58 -33.57
CA LEU C 653 21.12 -17.70 -33.82
C LEU C 653 21.98 -17.52 -32.59
N ALA C 654 21.39 -17.28 -31.44
CA ALA C 654 22.25 -16.99 -30.31
C ALA C 654 21.94 -17.73 -29.03
N GLY C 655 23.02 -18.08 -28.37
CA GLY C 655 23.01 -18.72 -27.07
C GLY C 655 22.57 -20.15 -27.14
N VAL C 656 22.14 -20.64 -25.99
CA VAL C 656 21.77 -22.00 -25.77
C VAL C 656 20.31 -22.16 -25.33
N TYR C 657 19.82 -21.24 -24.50
CA TYR C 657 18.47 -21.33 -23.95
C TYR C 657 17.79 -19.99 -23.73
N TYR C 658 16.46 -20.04 -23.64
CA TYR C 658 15.64 -18.86 -23.52
C TYR C 658 14.73 -19.00 -22.29
N THR C 659 14.58 -17.93 -21.51
CA THR C 659 13.77 -17.97 -20.29
C THR C 659 12.72 -16.87 -20.19
N SER C 660 11.80 -17.07 -19.26
CA SER C 660 10.73 -16.14 -18.91
C SER C 660 11.17 -15.07 -17.92
N ASP C 661 10.29 -14.08 -17.69
CA ASP C 661 10.54 -13.01 -16.71
C ASP C 661 10.61 -13.55 -15.28
N SER C 662 10.00 -14.71 -15.11
CA SER C 662 9.92 -15.47 -13.87
C SER C 662 11.12 -16.40 -13.69
N GLY C 663 12.02 -16.41 -14.67
CA GLY C 663 13.22 -17.23 -14.63
C GLY C 663 13.01 -18.69 -14.99
N GLN C 664 11.94 -19.00 -15.69
CA GLN C 664 11.69 -20.38 -16.00
C GLN C 664 12.18 -20.68 -17.39
N LEU C 665 12.53 -21.91 -17.66
CA LEU C 665 12.97 -22.21 -19.00
C LEU C 665 11.74 -22.23 -19.91
N LEU C 666 11.78 -21.51 -21.02
CA LEU C 666 10.66 -21.57 -21.95
C LEU C 666 11.03 -22.36 -23.15
N ALA C 667 12.29 -22.26 -23.54
CA ALA C 667 12.74 -22.94 -24.72
C ALA C 667 14.21 -23.20 -24.64
N PHE C 668 14.67 -24.16 -25.41
CA PHE C 668 16.10 -24.40 -25.46
C PHE C 668 16.51 -24.85 -26.83
N LYS C 669 17.78 -24.70 -27.13
CA LYS C 669 18.25 -25.11 -28.42
C LYS C 669 19.07 -26.38 -28.37
N ASN C 670 18.86 -27.19 -29.37
CA ASN C 670 19.68 -28.37 -29.59
C ASN C 670 20.86 -27.90 -30.43
N VAL C 671 22.01 -27.82 -29.82
CA VAL C 671 23.12 -27.17 -30.49
C VAL C 671 23.54 -27.85 -31.79
N THR C 672 23.55 -29.17 -31.81
CA THR C 672 23.96 -29.90 -33.00
C THR C 672 23.01 -29.72 -34.19
N SER C 673 21.70 -29.79 -33.96
CA SER C 673 20.77 -29.68 -35.09
C SER C 673 20.30 -28.26 -35.36
N GLY C 674 20.34 -27.41 -34.34
CA GLY C 674 19.86 -26.06 -34.43
C GLY C 674 18.37 -25.95 -34.10
N ALA C 675 17.74 -27.08 -33.80
CA ALA C 675 16.33 -27.12 -33.49
C ALA C 675 16.04 -26.46 -32.17
N VAL C 676 14.89 -25.81 -32.07
CA VAL C 676 14.49 -25.20 -30.82
C VAL C 676 13.32 -25.96 -30.28
N TYR C 677 13.40 -26.26 -29.00
CA TYR C 677 12.37 -26.96 -28.30
C TYR C 677 11.68 -26.03 -27.33
N SER C 678 10.39 -26.22 -27.15
CA SER C 678 9.55 -25.41 -26.26
C SER C 678 9.05 -26.24 -25.09
N VAL C 679 9.15 -25.71 -23.87
CA VAL C 679 8.77 -26.49 -22.69
C VAL C 679 7.59 -25.91 -21.93
N THR C 680 6.52 -26.69 -21.79
CA THR C 680 5.33 -26.20 -21.08
C THR C 680 5.16 -27.00 -19.78
N PRO C 681 4.37 -26.54 -18.81
CA PRO C 681 4.00 -27.25 -17.61
C PRO C 681 3.20 -28.49 -17.95
N CYS C 682 3.16 -29.47 -17.05
CA CYS C 682 2.36 -30.67 -17.28
C CYS C 682 0.91 -30.51 -16.85
N SER C 683 0.59 -29.39 -16.22
CA SER C 683 -0.76 -29.12 -15.75
C SER C 683 -1.02 -27.63 -15.87
N PHE C 684 -2.27 -27.27 -16.06
CA PHE C 684 -2.61 -25.88 -16.25
C PHE C 684 -3.72 -25.39 -15.34
N SER C 685 -3.73 -24.09 -15.06
CA SER C 685 -4.82 -23.51 -14.29
C SER C 685 -6.09 -23.51 -15.11
N GLU C 686 -7.23 -23.77 -14.46
CA GLU C 686 -8.53 -23.73 -15.14
C GLU C 686 -9.65 -23.29 -14.18
N GLN C 687 -10.76 -22.78 -14.71
CA GLN C 687 -11.87 -22.33 -13.87
C GLN C 687 -13.03 -23.30 -13.83
N ALA C 688 -13.45 -23.69 -12.66
CA ALA C 688 -14.54 -24.62 -12.56
C ALA C 688 -15.83 -23.94 -12.18
N ALA C 689 -16.90 -24.36 -12.82
CA ALA C 689 -18.24 -23.89 -12.52
C ALA C 689 -18.84 -24.78 -11.47
N TYR C 690 -19.02 -24.25 -10.28
CA TYR C 690 -19.56 -25.01 -9.18
C TYR C 690 -20.96 -24.50 -8.90
N VAL C 691 -21.93 -25.40 -8.99
CA VAL C 691 -23.33 -25.04 -8.77
C VAL C 691 -23.90 -26.08 -7.84
N ASP C 692 -24.71 -25.65 -6.89
CA ASP C 692 -25.29 -26.59 -5.94
C ASP C 692 -24.15 -27.31 -5.24
N ASP C 693 -24.06 -28.62 -5.37
CA ASP C 693 -23.01 -29.35 -4.67
C ASP C 693 -21.94 -30.01 -5.54
N ASP C 694 -21.83 -29.62 -6.82
CA ASP C 694 -20.97 -30.40 -7.75
C ASP C 694 -20.28 -29.49 -8.79
N ILE C 695 -19.34 -30.05 -9.55
CA ILE C 695 -18.74 -29.36 -10.66
C ILE C 695 -19.58 -29.60 -11.86
N VAL C 696 -20.09 -28.49 -12.39
CA VAL C 696 -21.08 -28.43 -13.49
C VAL C 696 -20.33 -28.32 -14.82
N GLY C 697 -19.08 -27.83 -14.77
CA GLY C 697 -18.23 -27.83 -15.94
C GLY C 697 -16.97 -27.06 -15.71
N VAL C 698 -16.07 -27.13 -16.68
CA VAL C 698 -14.78 -26.47 -16.59
C VAL C 698 -14.37 -25.65 -17.80
N ILE C 699 -13.87 -24.46 -17.54
CA ILE C 699 -13.34 -23.56 -18.55
C ILE C 699 -11.84 -23.70 -18.57
N SER C 700 -11.28 -24.18 -19.67
CA SER C 700 -9.86 -24.46 -19.70
C SER C 700 -9.11 -24.27 -20.99
N SER C 701 -7.81 -24.55 -20.92
CA SER C 701 -6.88 -24.45 -22.02
C SER C 701 -6.66 -25.80 -22.68
N LEU C 702 -7.20 -26.83 -22.06
CA LEU C 702 -7.08 -28.17 -22.61
C LEU C 702 -8.36 -28.64 -23.22
N SER C 703 -8.22 -29.35 -24.33
CA SER C 703 -9.31 -29.97 -25.08
C SER C 703 -9.70 -31.33 -24.52
N SER C 704 -8.90 -31.85 -23.62
CA SER C 704 -9.10 -33.16 -23.02
C SER C 704 -9.54 -33.09 -21.57
N SER C 705 -10.65 -33.75 -21.27
CA SER C 705 -11.22 -33.76 -19.92
C SER C 705 -11.98 -35.04 -19.72
N THR C 706 -12.57 -35.18 -18.53
CA THR C 706 -13.33 -36.35 -18.14
C THR C 706 -14.82 -36.15 -18.37
N PHE C 707 -15.18 -35.03 -18.96
CA PHE C 707 -16.57 -34.69 -19.25
C PHE C 707 -16.91 -35.27 -20.61
N ASN C 708 -18.19 -35.58 -20.87
CA ASN C 708 -18.47 -36.17 -22.18
C ASN C 708 -18.84 -35.18 -23.27
N SER C 709 -18.83 -33.88 -22.98
CA SER C 709 -19.12 -32.88 -24.02
C SER C 709 -18.18 -31.68 -23.97
N THR C 710 -17.46 -31.46 -25.07
CA THR C 710 -16.51 -30.35 -25.12
C THR C 710 -16.84 -29.39 -26.23
N ARG C 711 -16.87 -28.12 -25.89
CA ARG C 711 -17.11 -27.08 -26.87
C ARG C 711 -15.97 -26.10 -26.92
N GLU C 712 -15.67 -25.63 -28.11
CA GLU C 712 -14.60 -24.65 -28.25
C GLU C 712 -15.21 -23.28 -28.38
N LEU C 713 -14.85 -22.41 -27.46
CA LEU C 713 -15.35 -21.05 -27.39
C LEU C 713 -14.17 -20.21 -27.78
N PRO C 714 -14.31 -19.02 -28.31
CA PRO C 714 -13.17 -18.23 -28.62
C PRO C 714 -12.42 -17.94 -27.33
N GLY C 715 -11.16 -18.35 -27.32
CA GLY C 715 -10.24 -18.17 -26.21
C GLY C 715 -10.20 -19.30 -25.14
N PHE C 716 -11.16 -20.22 -25.16
CA PHE C 716 -11.16 -21.30 -24.15
C PHE C 716 -11.96 -22.52 -24.55
N PHE C 717 -11.75 -23.63 -23.86
CA PHE C 717 -12.59 -24.78 -24.09
C PHE C 717 -13.52 -24.91 -22.93
N TYR C 718 -14.71 -25.37 -23.18
CA TYR C 718 -15.62 -25.61 -22.09
C TYR C 718 -16.07 -27.04 -22.04
N HIS C 719 -15.80 -27.66 -20.88
CA HIS C 719 -16.16 -29.07 -20.60
C HIS C 719 -17.48 -29.09 -19.81
N SER C 720 -18.38 -29.98 -20.20
CA SER C 720 -19.60 -30.22 -19.43
C SER C 720 -20.20 -31.56 -19.79
N ASN C 721 -21.28 -31.90 -19.12
CA ASN C 721 -22.02 -33.08 -19.47
C ASN C 721 -23.32 -32.70 -20.19
N ASP C 722 -23.35 -31.45 -20.68
CA ASP C 722 -24.49 -30.88 -21.41
C ASP C 722 -23.99 -29.87 -22.44
N GLY C 723 -24.07 -30.25 -23.71
CA GLY C 723 -23.54 -29.45 -24.80
C GLY C 723 -24.55 -28.53 -25.48
N SER C 724 -25.75 -28.44 -24.94
CA SER C 724 -26.87 -27.66 -25.50
C SER C 724 -26.79 -26.16 -25.24
N ASN C 725 -27.74 -25.41 -25.81
CA ASN C 725 -27.82 -23.97 -25.60
C ASN C 725 -28.17 -23.64 -24.15
N CYS C 726 -27.54 -22.63 -23.60
CA CYS C 726 -27.88 -22.19 -22.25
C CYS C 726 -28.85 -21.03 -22.29
N THR C 727 -30.05 -21.24 -21.78
CA THR C 727 -31.06 -20.21 -21.80
C THR C 727 -31.34 -19.61 -20.43
N GLU C 728 -30.93 -20.29 -19.37
CA GLU C 728 -31.16 -19.82 -18.01
C GLU C 728 -29.89 -19.88 -17.15
N PRO C 729 -28.94 -18.97 -17.33
CA PRO C 729 -27.68 -18.97 -16.65
C PRO C 729 -27.85 -18.85 -15.16
N VAL C 730 -26.97 -19.52 -14.44
CA VAL C 730 -26.89 -19.46 -13.00
C VAL C 730 -25.65 -18.66 -12.66
N LEU C 731 -24.54 -18.99 -13.33
CA LEU C 731 -23.30 -18.27 -13.10
C LEU C 731 -23.05 -17.42 -14.32
N VAL C 732 -22.72 -16.16 -14.13
CA VAL C 732 -22.41 -15.29 -15.26
C VAL C 732 -21.18 -14.44 -15.05
N TYR C 733 -20.33 -14.38 -16.06
CA TYR C 733 -19.19 -13.47 -16.08
C TYR C 733 -19.17 -12.81 -17.45
N SER C 734 -19.13 -11.50 -17.50
CA SER C 734 -19.16 -10.82 -18.79
C SER C 734 -20.37 -11.31 -19.55
N ASN C 735 -20.19 -11.83 -20.76
CA ASN C 735 -21.32 -12.32 -21.52
C ASN C 735 -21.37 -13.83 -21.57
N ILE C 736 -20.67 -14.49 -20.66
CA ILE C 736 -20.66 -15.95 -20.63
C ILE C 736 -21.54 -16.48 -19.53
N GLY C 737 -22.51 -17.28 -19.90
CA GLY C 737 -23.39 -17.81 -18.89
C GLY C 737 -23.37 -19.33 -18.83
N VAL C 738 -23.43 -19.83 -17.60
CA VAL C 738 -23.47 -21.26 -17.35
C VAL C 738 -24.72 -21.65 -16.60
N CYS C 739 -25.47 -22.56 -17.18
CA CYS C 739 -26.72 -23.08 -16.66
C CYS C 739 -26.48 -24.14 -15.61
N LYS C 740 -27.47 -24.48 -14.80
CA LYS C 740 -27.24 -25.49 -13.76
C LYS C 740 -26.88 -26.86 -14.34
N SER C 741 -27.31 -27.15 -15.57
CA SER C 741 -27.00 -28.42 -16.20
C SER C 741 -25.60 -28.43 -16.74
N GLY C 742 -25.00 -27.26 -16.80
CA GLY C 742 -23.70 -27.04 -17.38
C GLY C 742 -23.72 -26.59 -18.78
N SER C 743 -24.88 -26.41 -19.36
CA SER C 743 -24.82 -25.93 -20.72
C SER C 743 -24.23 -24.54 -20.66
N ILE C 744 -23.55 -24.13 -21.74
CA ILE C 744 -22.94 -22.80 -21.81
C ILE C 744 -23.46 -22.03 -23.00
N GLY C 745 -23.63 -20.74 -22.81
CA GLY C 745 -24.08 -19.90 -23.91
C GLY C 745 -23.79 -18.45 -23.63
N TYR C 746 -24.26 -17.58 -24.50
CA TYR C 746 -23.99 -16.18 -24.33
C TYR C 746 -25.15 -15.49 -23.69
N VAL C 747 -24.84 -14.52 -22.88
CA VAL C 747 -25.84 -13.74 -22.19
C VAL C 747 -26.12 -12.49 -22.99
N PRO C 748 -27.38 -12.23 -23.41
CA PRO C 748 -27.78 -11.12 -24.22
C PRO C 748 -27.69 -9.85 -23.42
N SER C 749 -27.58 -8.73 -24.11
CA SER C 749 -27.53 -7.45 -23.45
C SER C 749 -28.81 -7.18 -22.70
N GLN C 750 -28.65 -6.55 -21.55
CA GLN C 750 -29.77 -6.18 -20.71
C GLN C 750 -30.52 -5.00 -21.27
N SER C 751 -31.84 -5.15 -21.39
CA SER C 751 -32.72 -4.10 -21.85
C SER C 751 -33.00 -3.14 -20.72
N GLY C 752 -33.57 -1.98 -21.01
CA GLY C 752 -33.86 -1.05 -19.93
C GLY C 752 -34.94 -0.06 -20.29
N GLN C 753 -35.10 0.94 -19.43
CA GLN C 753 -36.12 1.96 -19.58
C GLN C 753 -35.85 2.88 -20.74
N VAL C 754 -36.86 3.09 -21.58
CA VAL C 754 -36.75 4.02 -22.66
C VAL C 754 -37.24 5.38 -22.21
N LYS C 755 -36.43 6.39 -22.45
CA LYS C 755 -36.77 7.75 -22.09
C LYS C 755 -37.14 8.43 -23.39
N ILE C 756 -38.08 9.36 -23.35
CA ILE C 756 -38.53 10.04 -24.56
C ILE C 756 -37.94 11.44 -24.73
N ALA C 757 -37.40 11.68 -25.92
CA ALA C 757 -36.78 12.95 -26.29
C ALA C 757 -37.83 14.06 -26.33
N PRO C 758 -37.53 15.30 -25.94
CA PRO C 758 -38.43 16.40 -26.05
C PRO C 758 -38.57 16.72 -27.52
N THR C 759 -39.77 17.08 -27.93
CA THR C 759 -40.12 17.42 -29.30
C THR C 759 -40.91 18.70 -29.46
N VAL C 760 -40.56 19.51 -30.45
CA VAL C 760 -41.31 20.72 -30.73
C VAL C 760 -42.57 20.47 -31.59
N THR C 761 -42.53 19.51 -32.50
CA THR C 761 -43.66 19.23 -33.38
C THR C 761 -43.75 17.79 -33.84
N GLY C 762 -44.96 17.33 -34.14
CA GLY C 762 -45.13 16.00 -34.71
C GLY C 762 -45.51 14.89 -33.75
N ASN C 763 -45.20 13.68 -34.14
CA ASN C 763 -45.65 12.49 -33.41
C ASN C 763 -44.85 12.28 -32.14
N ILE C 764 -45.51 12.42 -31.00
CA ILE C 764 -44.84 12.25 -29.72
C ILE C 764 -45.58 11.28 -28.84
N SER C 765 -44.89 10.77 -27.84
CA SER C 765 -45.59 9.91 -26.89
C SER C 765 -45.47 10.50 -25.50
N ILE C 766 -46.58 10.51 -24.76
CA ILE C 766 -46.59 11.05 -23.40
C ILE C 766 -46.89 9.95 -22.37
N PRO C 767 -45.98 9.65 -21.43
CA PRO C 767 -46.11 8.61 -20.43
C PRO C 767 -47.34 8.68 -19.54
N THR C 768 -47.92 7.51 -19.25
CA THR C 768 -49.05 7.38 -18.37
C THR C 768 -49.10 6.05 -17.63
N ASN C 769 -50.17 5.86 -16.85
CA ASN C 769 -50.41 4.65 -16.10
C ASN C 769 -49.20 4.26 -15.25
N PHE C 770 -48.75 5.21 -14.47
CA PHE C 770 -47.60 5.06 -13.63
C PHE C 770 -47.86 4.20 -12.41
N SER C 771 -46.83 3.49 -11.99
CA SER C 771 -46.85 2.71 -10.77
C SER C 771 -45.54 2.87 -10.05
N MET C 772 -45.54 2.59 -8.76
CA MET C 772 -44.31 2.69 -7.99
C MET C 772 -43.48 1.44 -7.99
N SER C 773 -42.19 1.65 -7.99
CA SER C 773 -41.18 0.62 -7.90
C SER C 773 -40.16 1.11 -6.91
N ILE C 774 -39.68 0.24 -6.05
CA ILE C 774 -38.74 0.70 -5.05
C ILE C 774 -37.37 0.12 -5.22
N ARG C 775 -36.40 1.00 -5.36
CA ARG C 775 -35.01 0.61 -5.58
C ARG C 775 -34.23 0.61 -4.28
N THR C 776 -33.29 -0.31 -4.15
CA THR C 776 -32.56 -0.41 -2.90
C THR C 776 -31.09 -0.08 -3.04
N GLU C 777 -30.60 0.79 -2.16
CA GLU C 777 -29.19 1.17 -2.17
C GLU C 777 -28.53 1.22 -0.78
N TYR C 778 -27.33 0.68 -0.64
CA TYR C 778 -26.63 0.76 0.66
C TYR C 778 -25.32 1.51 0.63
N LEU C 779 -25.19 2.45 1.57
CA LEU C 779 -24.00 3.27 1.72
C LEU C 779 -23.44 3.20 3.14
N GLN C 780 -22.16 2.89 3.24
CA GLN C 780 -21.47 2.78 4.51
C GLN C 780 -21.20 4.15 5.08
N LEU C 781 -21.50 4.39 6.35
CA LEU C 781 -21.20 5.69 6.93
C LEU C 781 -19.96 5.68 7.77
N TYR C 782 -19.63 4.55 8.38
CA TYR C 782 -18.50 4.56 9.28
C TYR C 782 -17.74 3.25 9.26
N ASN C 783 -16.54 3.32 9.80
CA ASN C 783 -15.64 2.20 9.94
C ASN C 783 -15.19 2.12 11.37
N THR C 784 -15.54 1.05 12.10
CA THR C 784 -15.18 0.98 13.50
C THR C 784 -13.68 1.25 13.67
N PRO C 785 -13.28 2.30 14.41
CA PRO C 785 -11.91 2.68 14.70
C PRO C 785 -11.16 1.70 15.56
N VAL C 786 -9.85 1.70 15.39
CA VAL C 786 -8.92 0.88 16.14
C VAL C 786 -7.80 1.74 16.70
N SER C 787 -7.35 1.42 17.89
CA SER C 787 -6.24 2.11 18.52
C SER C 787 -5.27 1.10 19.06
N VAL C 788 -3.99 1.30 18.79
CA VAL C 788 -3.00 0.32 19.18
C VAL C 788 -1.95 0.92 20.07
N ASP C 789 -1.70 0.27 21.20
CA ASP C 789 -0.61 0.72 22.13
C ASP C 789 0.73 0.28 21.57
N CYS C 790 1.53 1.21 21.05
CA CYS C 790 2.74 0.84 20.34
C CYS C 790 3.65 0.01 21.21
N ALA C 791 3.90 0.46 22.43
CA ALA C 791 4.83 -0.28 23.26
C ALA C 791 4.35 -1.66 23.57
N THR C 792 3.07 -1.86 23.82
CA THR C 792 2.60 -3.19 24.14
C THR C 792 2.72 -4.12 22.95
N TYR C 793 2.39 -3.63 21.78
CA TYR C 793 2.48 -4.46 20.59
C TYR C 793 3.93 -4.89 20.36
N VAL C 794 4.83 -3.91 20.42
CA VAL C 794 6.23 -4.16 20.10
C VAL C 794 7.01 -4.87 21.23
N CYS C 795 6.88 -4.37 22.45
CA CYS C 795 7.52 -4.89 23.64
C CYS C 795 6.47 -5.30 24.66
N ASN C 796 6.02 -6.55 24.62
CA ASN C 796 4.84 -6.91 25.39
C ASN C 796 5.06 -7.16 26.87
N GLY C 797 5.38 -6.09 27.57
CA GLY C 797 5.62 -6.05 29.01
C GLY C 797 7.08 -6.12 29.43
N ASN C 798 7.98 -6.44 28.52
CA ASN C 798 9.38 -6.53 28.87
C ASN C 798 10.01 -5.16 28.97
N SER C 799 10.46 -4.82 30.17
CA SER C 799 11.03 -3.51 30.45
C SER C 799 12.37 -3.24 29.77
N ARG C 800 13.14 -4.28 29.44
CA ARG C 800 14.42 -4.03 28.81
C ARG C 800 14.13 -3.69 27.37
N CYS C 801 13.14 -4.36 26.82
CA CYS C 801 12.75 -4.09 25.46
C CYS C 801 12.28 -2.67 25.36
N LYS C 802 11.45 -2.22 26.32
CA LYS C 802 10.98 -0.85 26.25
C LYS C 802 12.15 0.13 26.28
N GLN C 803 13.19 -0.15 27.07
CA GLN C 803 14.32 0.78 27.06
C GLN C 803 14.95 0.81 25.66
N LEU C 804 15.00 -0.32 24.98
CA LEU C 804 15.56 -0.31 23.63
C LEU C 804 14.64 0.47 22.71
N LEU C 805 13.33 0.29 22.89
CA LEU C 805 12.31 0.90 22.05
C LEU C 805 12.38 2.40 22.10
N THR C 806 12.76 2.97 23.24
CA THR C 806 12.87 4.41 23.42
C THR C 806 13.58 5.10 22.26
N GLN C 807 14.62 4.52 21.67
CA GLN C 807 15.33 5.21 20.59
C GLN C 807 14.43 5.42 19.35
N TYR C 808 13.33 4.68 19.28
CA TYR C 808 12.37 4.71 18.20
C TYR C 808 11.06 5.37 18.66
N THR C 809 11.07 6.11 19.78
CA THR C 809 9.85 6.72 20.34
C THR C 809 9.10 7.49 19.26
N ALA C 810 9.81 8.20 18.41
CA ALA C 810 9.15 8.95 17.37
C ALA C 810 8.29 8.06 16.48
N ALA C 811 8.72 6.80 16.24
CA ALA C 811 7.92 5.92 15.41
C ALA C 811 6.64 5.60 16.13
N CYS C 812 6.74 5.37 17.43
CA CYS C 812 5.54 5.06 18.18
C CYS C 812 4.60 6.22 18.25
N LYS C 813 5.15 7.43 18.39
CA LYS C 813 4.30 8.59 18.44
C LYS C 813 3.57 8.75 17.13
N THR C 814 4.26 8.49 16.02
CA THR C 814 3.66 8.62 14.70
C THR C 814 2.52 7.63 14.51
N ILE C 815 2.75 6.39 14.91
CA ILE C 815 1.77 5.33 14.77
C ILE C 815 0.53 5.61 15.60
N GLU C 816 0.73 5.98 16.85
CA GLU C 816 -0.40 6.22 17.72
C GLU C 816 -1.15 7.46 17.34
N SER C 817 -0.44 8.51 16.95
CA SER C 817 -1.11 9.74 16.59
C SER C 817 -2.01 9.51 15.41
N ALA C 818 -1.52 8.80 14.39
CA ALA C 818 -2.37 8.61 13.24
C ALA C 818 -3.66 7.90 13.59
N LEU C 819 -3.59 6.89 14.46
CA LEU C 819 -4.80 6.18 14.81
C LEU C 819 -5.72 6.96 15.75
N GLN C 820 -5.15 7.69 16.73
CA GLN C 820 -6.01 8.40 17.66
C GLN C 820 -6.71 9.57 17.00
N LEU C 821 -6.02 10.26 16.11
CA LEU C 821 -6.60 11.41 15.46
C LEU C 821 -7.59 11.01 14.42
N SER C 822 -7.34 9.91 13.71
CA SER C 822 -8.27 9.51 12.71
C SER C 822 -9.55 9.07 13.37
N ALA C 823 -9.46 8.36 14.50
CA ALA C 823 -10.66 7.95 15.19
C ALA C 823 -11.45 9.15 15.66
N ARG C 824 -10.74 10.18 16.15
CA ARG C 824 -11.41 11.36 16.63
C ARG C 824 -12.16 12.03 15.50
N LEU C 825 -11.55 12.10 14.33
CA LEU C 825 -12.20 12.72 13.21
C LEU C 825 -13.43 11.97 12.76
N GLU C 826 -13.37 10.64 12.71
CA GLU C 826 -14.56 9.92 12.24
C GLU C 826 -15.68 10.15 13.23
N SER C 827 -15.36 10.20 14.52
CA SER C 827 -16.38 10.42 15.52
C SER C 827 -17.05 11.76 15.31
N VAL C 828 -16.26 12.80 15.07
CA VAL C 828 -16.84 14.10 14.87
C VAL C 828 -17.69 14.19 13.62
N GLU C 829 -17.20 13.69 12.51
CA GLU C 829 -17.99 13.87 11.31
C GLU C 829 -19.27 13.05 11.29
N VAL C 830 -19.26 11.84 11.82
CA VAL C 830 -20.48 11.07 11.80
C VAL C 830 -21.51 11.65 12.73
N ASN C 831 -21.11 12.02 13.94
CA ASN C 831 -22.08 12.55 14.87
C ASN C 831 -22.53 13.94 14.48
N SER C 832 -21.68 14.71 13.81
CA SER C 832 -22.07 16.04 13.36
C SER C 832 -23.12 15.93 12.28
N MET C 833 -22.92 15.00 11.34
CA MET C 833 -23.83 14.77 10.24
C MET C 833 -25.20 14.22 10.64
N LEU C 834 -25.22 13.22 11.51
CA LEU C 834 -26.46 12.57 11.87
C LEU C 834 -27.25 13.30 12.91
N THR C 835 -27.82 14.43 12.53
CA THR C 835 -28.60 15.20 13.50
C THR C 835 -30.00 14.61 13.55
N ILE C 836 -30.69 14.88 14.64
CA ILE C 836 -32.05 14.40 14.81
C ILE C 836 -33.06 15.49 15.14
N SER C 837 -34.16 15.50 14.41
CA SER C 837 -35.24 16.44 14.65
C SER C 837 -36.25 15.81 15.58
N ASP C 838 -36.60 16.49 16.66
CA ASP C 838 -37.51 15.88 17.61
C ASP C 838 -38.92 16.03 17.09
N GLU C 839 -39.20 17.11 16.40
CA GLU C 839 -40.53 17.29 15.91
C GLU C 839 -40.84 16.21 14.90
N ALA C 840 -39.85 15.89 14.07
CA ALA C 840 -40.01 14.85 13.07
C ALA C 840 -39.99 13.45 13.67
N LEU C 841 -39.18 13.23 14.68
CA LEU C 841 -39.05 11.90 15.23
C LEU C 841 -40.35 11.43 15.81
N GLN C 842 -41.08 12.35 16.42
CA GLN C 842 -42.33 12.06 17.06
C GLN C 842 -43.42 11.61 16.08
N LEU C 843 -43.26 11.91 14.79
CA LEU C 843 -44.28 11.61 13.80
C LEU C 843 -44.02 10.30 13.08
N ALA C 844 -42.96 9.59 13.48
CA ALA C 844 -42.57 8.36 12.79
C ALA C 844 -42.93 7.07 13.52
N THR C 845 -43.94 7.07 14.37
CA THR C 845 -44.25 5.84 15.07
C THR C 845 -45.40 5.15 14.36
N ILE C 846 -45.71 3.92 14.75
CA ILE C 846 -46.81 3.24 14.09
C ILE C 846 -48.10 4.00 14.28
N SER C 847 -48.33 4.51 15.49
CA SER C 847 -49.55 5.24 15.77
C SER C 847 -49.54 6.73 15.38
N SER C 848 -48.36 7.38 15.32
CA SER C 848 -48.35 8.79 14.96
C SER C 848 -48.22 9.02 13.46
N PHE C 849 -47.75 8.03 12.71
CA PHE C 849 -47.59 8.21 11.29
C PHE C 849 -48.90 7.84 10.60
N ASN C 850 -49.60 8.84 10.10
CA ASN C 850 -50.90 8.57 9.54
C ASN C 850 -50.85 8.21 8.07
N GLY C 851 -50.42 6.99 7.85
CA GLY C 851 -50.34 6.47 6.51
C GLY C 851 -51.78 6.34 6.06
N ASP C 852 -52.01 6.47 4.78
CA ASP C 852 -53.35 6.38 4.21
C ASP C 852 -53.24 5.66 2.90
N GLY C 853 -53.65 4.40 2.86
CA GLY C 853 -53.47 3.59 1.65
C GLY C 853 -52.09 2.95 1.66
N TYR C 854 -51.08 3.80 1.76
CA TYR C 854 -49.67 3.44 1.84
C TYR C 854 -49.49 2.78 3.20
N ASN C 855 -48.81 1.62 3.23
CA ASN C 855 -48.69 0.86 4.46
C ASN C 855 -47.62 1.35 5.45
N PHE C 856 -46.33 1.23 5.11
CA PHE C 856 -45.23 1.61 6.01
C PHE C 856 -45.04 0.84 7.33
N THR C 857 -45.78 -0.22 7.58
CA THR C 857 -45.62 -0.97 8.83
C THR C 857 -44.23 -1.53 9.00
N ASN C 858 -43.63 -2.00 7.91
CA ASN C 858 -42.33 -2.63 7.97
C ASN C 858 -41.19 -1.64 7.84
N VAL C 859 -41.52 -0.37 7.74
CA VAL C 859 -40.56 0.71 7.59
C VAL C 859 -40.39 1.50 8.89
N LEU C 860 -41.50 1.76 9.55
CA LEU C 860 -41.56 2.53 10.77
C LEU C 860 -41.06 1.73 11.95
N GLY C 861 -40.57 2.42 12.97
CA GLY C 861 -40.08 1.71 14.14
C GLY C 861 -41.23 1.25 14.99
N VAL C 862 -40.91 0.55 16.06
CA VAL C 862 -41.94 -0.01 16.91
C VAL C 862 -41.94 0.59 18.30
N SER C 863 -43.01 1.27 18.65
CA SER C 863 -43.05 1.82 19.99
C SER C 863 -43.26 0.63 20.90
N VAL C 864 -42.58 0.61 22.04
CA VAL C 864 -42.70 -0.45 23.03
C VAL C 864 -41.80 -0.16 24.22
N VAL C 873 -39.32 3.92 25.03
CA VAL C 873 -38.72 2.76 24.41
C VAL C 873 -39.28 2.51 23.02
N GLN C 874 -38.36 2.36 22.05
CA GLN C 874 -38.69 2.11 20.66
C GLN C 874 -37.67 1.15 20.03
N LYS C 875 -38.17 0.20 19.26
CA LYS C 875 -37.36 -0.81 18.59
C LYS C 875 -37.27 -0.66 17.08
N ARG C 876 -36.34 -1.41 16.50
CA ARG C 876 -36.08 -1.44 15.05
C ARG C 876 -37.29 -1.87 14.25
N SER C 877 -37.37 -1.37 13.01
CA SER C 877 -38.46 -1.69 12.11
C SER C 877 -38.28 -3.11 11.65
N PHE C 878 -39.30 -3.70 11.03
CA PHE C 878 -39.15 -5.06 10.56
C PHE C 878 -38.03 -5.20 9.54
N ILE C 879 -37.97 -4.30 8.55
CA ILE C 879 -36.89 -4.40 7.58
C ILE C 879 -35.54 -4.23 8.24
N GLU C 880 -35.40 -3.27 9.16
CA GLU C 880 -34.11 -3.09 9.80
C GLU C 880 -33.73 -4.33 10.56
N ASP C 881 -34.68 -4.97 11.22
CA ASP C 881 -34.39 -6.16 11.97
C ASP C 881 -33.94 -7.27 11.05
N LEU C 882 -34.58 -7.41 9.89
CA LEU C 882 -34.16 -8.48 9.00
C LEU C 882 -32.75 -8.27 8.54
N LEU C 883 -32.39 -7.03 8.21
CA LEU C 883 -31.06 -6.78 7.72
C LEU C 883 -29.99 -6.97 8.77
N PHE C 884 -30.23 -6.50 9.99
CA PHE C 884 -29.21 -6.68 11.00
C PHE C 884 -29.06 -8.13 11.41
N ASN C 885 -30.17 -8.86 11.55
CA ASN C 885 -30.07 -10.25 11.95
C ASN C 885 -29.48 -11.12 10.86
N LYS C 886 -29.76 -10.79 9.60
CA LYS C 886 -29.24 -11.54 8.48
C LYS C 886 -27.74 -11.41 8.33
N VAL C 887 -27.22 -10.20 8.53
CA VAL C 887 -25.81 -9.99 8.33
C VAL C 887 -24.94 -10.15 9.57
N VAL C 888 -25.34 -9.59 10.69
CA VAL C 888 -24.51 -9.62 11.87
C VAL C 888 -24.89 -10.80 12.77
N ASP C 896 -20.41 -3.13 20.20
CA ASP C 896 -19.28 -2.69 21.00
C ASP C 896 -18.75 -3.82 21.87
N GLU C 897 -17.43 -3.92 21.97
CA GLU C 897 -16.81 -4.97 22.75
C GLU C 897 -16.73 -4.64 24.22
N ASP C 898 -16.85 -5.68 25.03
CA ASP C 898 -16.71 -5.59 26.47
C ASP C 898 -15.31 -5.97 26.92
N TYR C 899 -14.55 -5.01 27.46
CA TYR C 899 -13.19 -5.34 27.85
C TYR C 899 -13.04 -5.56 29.35
N LYS C 900 -14.14 -5.47 30.10
CA LYS C 900 -14.06 -5.59 31.57
C LYS C 900 -13.78 -7.02 31.96
N ARG C 901 -14.07 -7.90 31.05
CA ARG C 901 -13.86 -9.30 31.22
C ARG C 901 -12.44 -9.73 30.91
N CYS C 902 -11.69 -8.96 30.13
CA CYS C 902 -10.42 -9.48 29.66
C CYS C 902 -9.40 -9.50 30.77
N SER C 903 -9.60 -8.69 31.78
CA SER C 903 -8.71 -8.60 32.90
C SER C 903 -9.04 -9.60 34.00
N ASN C 904 -10.11 -10.38 33.83
CA ASN C 904 -10.51 -11.29 34.89
C ASN C 904 -9.83 -12.64 34.90
N GLY C 905 -9.27 -13.08 33.79
CA GLY C 905 -8.80 -14.45 33.79
C GLY C 905 -10.09 -15.24 33.91
N ARG C 906 -10.09 -16.35 34.63
CA ARG C 906 -11.29 -17.21 34.84
C ARG C 906 -11.82 -17.93 33.61
N SER C 907 -11.89 -17.27 32.48
CA SER C 907 -12.25 -17.86 31.21
C SER C 907 -10.99 -17.98 30.37
N VAL C 908 -11.07 -18.73 29.30
CA VAL C 908 -9.96 -18.78 28.36
C VAL C 908 -10.24 -17.67 27.38
N ALA C 909 -9.26 -16.83 27.12
CA ALA C 909 -9.48 -15.69 26.24
C ALA C 909 -9.90 -16.09 24.84
N ASP C 910 -10.84 -15.32 24.31
CA ASP C 910 -11.33 -15.46 22.95
C ASP C 910 -10.46 -14.56 22.08
N LEU C 911 -10.84 -14.40 20.81
CA LEU C 911 -10.01 -13.59 19.92
C LEU C 911 -9.93 -12.13 20.33
N VAL C 912 -11.02 -11.57 20.83
CA VAL C 912 -11.00 -10.16 21.17
C VAL C 912 -10.08 -9.92 22.31
N CYS C 913 -10.18 -10.74 23.35
CA CYS C 913 -9.29 -10.52 24.46
C CYS C 913 -7.86 -10.80 24.05
N ALA C 914 -7.61 -11.81 23.23
CA ALA C 914 -6.23 -12.03 22.84
C ALA C 914 -5.68 -10.81 22.08
N GLN C 915 -6.48 -10.18 21.23
CA GLN C 915 -6.00 -8.99 20.52
C GLN C 915 -5.76 -7.86 21.51
N TYR C 916 -6.64 -7.74 22.51
CA TYR C 916 -6.50 -6.74 23.55
C TYR C 916 -5.22 -6.92 24.34
N TYR C 917 -4.90 -8.15 24.71
CA TYR C 917 -3.70 -8.44 25.47
C TYR C 917 -2.47 -7.99 24.69
N SER C 918 -2.52 -8.15 23.38
CA SER C 918 -1.44 -7.77 22.47
C SER C 918 -1.32 -6.25 22.29
N GLY C 919 -2.27 -5.48 22.81
CA GLY C 919 -2.24 -4.04 22.68
C GLY C 919 -3.15 -3.44 21.63
N VAL C 920 -4.03 -4.25 21.05
CA VAL C 920 -4.92 -3.75 20.02
C VAL C 920 -6.32 -3.59 20.55
N MET C 921 -6.82 -2.35 20.55
CA MET C 921 -8.13 -2.08 21.07
C MET C 921 -9.10 -1.72 19.97
N VAL C 922 -10.26 -2.32 20.00
CA VAL C 922 -11.27 -1.99 19.03
C VAL C 922 -12.23 -1.07 19.73
N LEU C 923 -12.45 0.09 19.17
CA LEU C 923 -13.22 1.10 19.85
C LEU C 923 -14.70 0.85 19.67
N PRO C 924 -15.55 1.42 20.53
CA PRO C 924 -16.97 1.46 20.41
C PRO C 924 -17.30 2.16 19.12
N GLY C 925 -18.41 1.83 18.50
CA GLY C 925 -18.74 2.49 17.26
C GLY C 925 -19.00 3.97 17.51
N VAL C 926 -18.73 4.79 16.49
CA VAL C 926 -18.95 6.22 16.56
C VAL C 926 -20.42 6.57 16.68
N VAL C 927 -21.26 5.69 16.21
CA VAL C 927 -22.68 5.88 16.31
C VAL C 927 -23.27 4.58 16.79
N ASP C 928 -24.16 4.62 17.75
CA ASP C 928 -24.81 3.39 18.19
C ASP C 928 -25.88 3.00 17.18
N ALA C 929 -26.23 1.73 17.14
CA ALA C 929 -27.28 1.26 16.23
C ALA C 929 -28.59 1.94 16.52
N GLU C 930 -28.85 2.25 17.80
CA GLU C 930 -30.08 2.91 18.16
C GLU C 930 -30.10 4.35 17.67
N LYS C 931 -28.93 4.95 17.44
CA LYS C 931 -28.91 6.31 16.99
C LYS C 931 -29.16 6.30 15.50
N LEU C 932 -28.65 5.28 14.80
CA LEU C 932 -28.93 5.20 13.38
C LEU C 932 -30.43 4.99 13.22
N HIS C 933 -31.03 4.20 14.10
CA HIS C 933 -32.46 4.00 14.05
C HIS C 933 -33.22 5.29 14.26
N MET C 934 -32.88 6.06 15.30
CA MET C 934 -33.62 7.29 15.51
C MET C 934 -33.40 8.26 14.37
N TYR C 935 -32.22 8.29 13.79
CA TYR C 935 -31.94 9.15 12.65
C TYR C 935 -32.85 8.81 11.49
N SER C 936 -32.94 7.53 11.16
CA SER C 936 -33.76 7.10 10.06
C SER C 936 -35.23 7.41 10.33
N ALA C 937 -35.66 7.19 11.58
CA ALA C 937 -37.05 7.47 11.94
C ALA C 937 -37.35 8.96 11.79
N SER C 938 -36.39 9.81 12.15
CA SER C 938 -36.54 11.25 12.00
C SER C 938 -36.71 11.63 10.55
N LEU C 939 -35.90 11.04 9.67
CA LEU C 939 -36.02 11.39 8.26
C LEU C 939 -37.37 11.00 7.68
N ILE C 940 -37.90 9.86 8.08
CA ILE C 940 -39.21 9.45 7.59
C ILE C 940 -40.32 10.27 8.21
N GLY C 941 -40.27 10.49 9.51
CA GLY C 941 -41.30 11.27 10.17
C GLY C 941 -41.37 12.67 9.60
N GLY C 942 -40.22 13.19 9.19
CA GLY C 942 -40.14 14.52 8.62
C GLY C 942 -40.92 14.67 7.32
N MET C 943 -41.27 13.57 6.66
CA MET C 943 -42.00 13.65 5.40
C MET C 943 -43.42 14.12 5.60
N VAL C 944 -43.90 14.04 6.83
CA VAL C 944 -45.24 14.42 7.13
C VAL C 944 -45.27 15.63 8.07
N LEU C 945 -44.14 16.29 8.21
CA LEU C 945 -44.08 17.48 9.04
C LEU C 945 -44.41 18.67 8.15
N GLY C 946 -45.70 18.84 7.90
CA GLY C 946 -46.19 19.89 6.99
C GLY C 946 -46.16 21.28 7.64
N GLY C 947 -46.00 21.29 8.95
CA GLY C 947 -45.94 22.52 9.71
C GLY C 947 -45.82 22.19 11.17
N PHE C 948 -45.83 23.23 12.00
CA PHE C 948 -45.68 23.06 13.43
C PHE C 948 -46.99 23.38 14.12
N THR C 949 -47.21 22.79 15.30
CA THR C 949 -48.38 23.04 16.18
C THR C 949 -49.69 22.44 15.66
N SER C 950 -49.64 21.75 14.53
CA SER C 950 -50.82 21.18 13.93
C SER C 950 -51.33 20.03 14.78
N ALA C 951 -52.60 19.69 14.57
CA ALA C 951 -53.29 18.61 15.28
C ALA C 951 -52.74 17.23 14.99
N ALA C 952 -52.26 17.01 13.77
CA ALA C 952 -51.80 15.70 13.37
C ALA C 952 -50.78 15.79 12.27
N ALA C 953 -50.04 14.69 12.10
CA ALA C 953 -49.09 14.56 11.03
C ALA C 953 -49.81 14.69 9.71
N LEU C 954 -49.16 15.24 8.72
CA LEU C 954 -49.73 15.38 7.42
C LEU C 954 -50.08 13.98 6.90
N PRO C 955 -51.31 13.70 6.48
CA PRO C 955 -51.66 12.42 5.95
C PRO C 955 -50.66 12.14 4.88
N PHE C 956 -50.17 10.93 4.85
CA PHE C 956 -49.12 10.62 3.90
C PHE C 956 -49.53 10.92 2.47
N SER C 957 -50.77 10.65 2.11
CA SER C 957 -51.20 10.84 0.74
C SER C 957 -51.14 12.32 0.32
N TYR C 958 -51.13 13.26 1.26
CA TYR C 958 -51.03 14.66 0.91
C TYR C 958 -49.58 14.97 0.64
N ALA C 959 -48.70 14.29 1.38
CA ALA C 959 -47.28 14.48 1.15
C ALA C 959 -46.95 14.00 -0.26
N VAL C 960 -47.63 12.91 -0.67
CA VAL C 960 -47.43 12.34 -1.99
C VAL C 960 -48.05 13.20 -3.06
N GLN C 961 -49.26 13.70 -2.84
CA GLN C 961 -49.85 14.52 -3.89
C GLN C 961 -48.98 15.72 -4.13
N ALA C 962 -48.40 16.32 -3.08
CA ALA C 962 -47.53 17.45 -3.33
C ALA C 962 -46.32 17.05 -4.16
N ARG C 963 -45.74 15.87 -3.89
CA ARG C 963 -44.59 15.43 -4.67
C ARG C 963 -44.99 15.16 -6.12
N LEU C 964 -46.19 14.63 -6.34
CA LEU C 964 -46.63 14.38 -7.71
C LEU C 964 -46.80 15.67 -8.45
N ASN C 965 -47.32 16.71 -7.78
CA ASN C 965 -47.54 17.98 -8.44
C ASN C 965 -46.23 18.57 -8.92
N TYR C 966 -45.14 18.33 -8.19
CA TYR C 966 -43.87 18.86 -8.63
C TYR C 966 -43.41 18.18 -9.90
N LEU C 967 -43.66 16.88 -10.05
CA LEU C 967 -43.22 16.28 -11.30
C LEU C 967 -44.05 16.78 -12.46
N ALA C 968 -45.35 16.87 -12.24
CA ALA C 968 -46.29 17.36 -13.24
C ALA C 968 -47.54 17.84 -12.55
N LEU C 969 -48.11 18.94 -13.00
CA LEU C 969 -49.34 19.35 -12.36
C LEU C 969 -50.35 18.27 -12.67
N GLN C 970 -51.07 17.80 -11.67
CA GLN C 970 -52.03 16.75 -11.93
C GLN C 970 -53.35 17.38 -12.29
N THR C 971 -54.02 16.82 -13.29
CA THR C 971 -55.34 17.34 -13.66
C THR C 971 -56.38 16.32 -13.28
N ASP C 972 -55.95 15.08 -13.08
CA ASP C 972 -56.82 14.05 -12.62
C ASP C 972 -56.75 14.14 -11.11
N VAL C 973 -57.79 14.71 -10.54
CA VAL C 973 -57.81 15.00 -9.15
C VAL C 973 -58.86 14.16 -8.46
N LEU C 974 -59.20 13.02 -9.07
CA LEU C 974 -60.25 12.18 -8.50
C LEU C 974 -59.83 11.45 -7.23
N GLN C 975 -58.53 11.47 -6.93
CA GLN C 975 -57.89 10.85 -5.77
C GLN C 975 -57.94 9.32 -5.83
N ARG C 976 -58.34 8.79 -6.98
CA ARG C 976 -58.35 7.34 -7.15
C ARG C 976 -56.95 6.91 -7.52
N ASN C 977 -56.23 7.81 -8.17
CA ASN C 977 -54.90 7.48 -8.61
C ASN C 977 -54.00 7.28 -7.43
N GLN C 978 -54.30 7.95 -6.33
CA GLN C 978 -53.51 7.81 -5.13
C GLN C 978 -53.68 6.41 -4.59
N GLN C 979 -54.86 5.81 -4.74
CA GLN C 979 -55.08 4.47 -4.24
C GLN C 979 -54.33 3.51 -5.10
N LEU C 980 -54.30 3.77 -6.40
CA LEU C 980 -53.61 2.87 -7.29
C LEU C 980 -52.12 2.93 -7.03
N LEU C 981 -51.61 4.13 -6.76
CA LEU C 981 -50.19 4.22 -6.46
C LEU C 981 -49.92 3.57 -5.12
N ALA C 982 -50.80 3.75 -4.12
CA ALA C 982 -50.58 3.15 -2.83
C ALA C 982 -50.53 1.65 -2.94
N GLU C 983 -51.37 1.07 -3.79
CA GLU C 983 -51.36 -0.36 -3.94
C GLU C 983 -50.06 -0.82 -4.57
N SER C 984 -49.54 -0.10 -5.56
CA SER C 984 -48.27 -0.53 -6.13
C SER C 984 -47.13 -0.35 -5.12
N PHE C 985 -47.25 0.66 -4.26
CA PHE C 985 -46.26 0.90 -3.21
C PHE C 985 -46.25 -0.26 -2.27
N ASN C 986 -47.43 -0.66 -1.83
CA ASN C 986 -47.52 -1.72 -0.86
C ASN C 986 -47.00 -3.01 -1.44
N SER C 987 -47.22 -3.25 -2.73
CA SER C 987 -46.67 -4.45 -3.34
C SER C 987 -45.17 -4.37 -3.37
N ALA C 988 -44.62 -3.18 -3.68
CA ALA C 988 -43.18 -3.02 -3.72
C ALA C 988 -42.54 -3.25 -2.35
N ILE C 989 -43.18 -2.77 -1.28
CA ILE C 989 -42.64 -3.02 0.05
C ILE C 989 -42.69 -4.48 0.35
N GLY C 990 -43.79 -5.14 0.00
CA GLY C 990 -43.88 -6.56 0.26
C GLY C 990 -42.78 -7.31 -0.49
N ASN C 991 -42.49 -6.93 -1.73
CA ASN C 991 -41.46 -7.63 -2.48
C ASN C 991 -40.07 -7.40 -1.90
N ILE C 992 -39.81 -6.21 -1.37
CA ILE C 992 -38.54 -5.93 -0.72
C ILE C 992 -38.42 -6.66 0.58
N THR C 993 -39.48 -6.64 1.36
CA THR C 993 -39.46 -7.28 2.63
C THR C 993 -39.15 -8.75 2.41
N SER C 994 -39.81 -9.36 1.42
CA SER C 994 -39.58 -10.75 1.08
C SER C 994 -38.20 -10.97 0.46
N ALA C 995 -37.69 -10.02 -0.33
CA ALA C 995 -36.37 -10.20 -0.90
C ALA C 995 -35.32 -10.37 0.19
N PHE C 996 -35.49 -9.70 1.31
CA PHE C 996 -34.51 -9.84 2.39
C PHE C 996 -34.52 -11.23 3.03
N GLU C 997 -35.59 -12.00 2.80
CA GLU C 997 -35.73 -13.35 3.36
C GLU C 997 -35.58 -14.40 2.26
N SER C 998 -34.42 -15.02 2.19
CA SER C 998 -34.09 -16.03 1.16
C SER C 998 -34.22 -15.56 -0.30
N VAL C 999 -33.57 -14.44 -0.64
CA VAL C 999 -33.67 -13.93 -2.02
C VAL C 999 -33.16 -14.96 -3.05
N LYS C 1000 -32.15 -15.73 -2.64
CA LYS C 1000 -31.47 -16.70 -3.49
C LYS C 1000 -32.33 -17.80 -4.04
N GLU C 1001 -33.51 -18.04 -3.47
CA GLU C 1001 -34.34 -19.12 -3.97
C GLU C 1001 -34.73 -18.94 -5.44
N ALA C 1002 -34.95 -17.70 -5.89
CA ALA C 1002 -35.36 -17.54 -7.28
C ALA C 1002 -34.96 -16.19 -7.87
N ILE C 1003 -33.68 -15.85 -7.82
CA ILE C 1003 -33.31 -14.53 -8.35
C ILE C 1003 -32.46 -14.60 -9.63
N SER C 1004 -32.94 -13.85 -10.63
CA SER C 1004 -32.33 -13.72 -11.95
C SER C 1004 -31.18 -12.72 -11.99
N GLN C 1005 -30.44 -12.74 -13.11
CA GLN C 1005 -29.31 -11.83 -13.33
C GLN C 1005 -29.73 -10.37 -13.37
N THR C 1006 -30.91 -10.10 -13.91
CA THR C 1006 -31.39 -8.73 -13.97
C THR C 1006 -31.70 -8.24 -12.56
N SER C 1007 -32.38 -9.10 -11.81
CA SER C 1007 -32.85 -8.78 -10.47
C SER C 1007 -31.76 -8.64 -9.43
N LYS C 1008 -30.58 -9.20 -9.66
CA LYS C 1008 -29.51 -9.07 -8.68
C LYS C 1008 -28.49 -8.00 -9.06
N GLY C 1009 -28.82 -7.17 -10.04
CA GLY C 1009 -27.91 -6.13 -10.50
C GLY C 1009 -28.02 -4.86 -9.67
N LEU C 1010 -27.64 -3.74 -10.26
CA LEU C 1010 -27.62 -2.49 -9.52
C LEU C 1010 -28.97 -2.03 -9.04
N ASN C 1011 -28.96 -1.43 -7.85
CA ASN C 1011 -30.10 -0.88 -7.12
C ASN C 1011 -31.17 -1.91 -6.80
N THR C 1012 -30.75 -3.10 -6.43
CA THR C 1012 -31.63 -4.19 -6.07
C THR C 1012 -31.34 -4.64 -4.66
N VAL C 1013 -32.23 -5.44 -4.08
CA VAL C 1013 -31.98 -5.91 -2.74
C VAL C 1013 -30.82 -6.84 -2.68
N ALA C 1014 -30.72 -7.78 -3.62
CA ALA C 1014 -29.62 -8.71 -3.56
C ALA C 1014 -28.28 -8.02 -3.67
N HIS C 1015 -28.18 -7.00 -4.51
CA HIS C 1015 -26.91 -6.30 -4.60
C HIS C 1015 -26.61 -5.56 -3.31
N ALA C 1016 -27.57 -4.79 -2.82
CA ALA C 1016 -27.34 -4.02 -1.62
C ALA C 1016 -27.06 -4.90 -0.43
N LEU C 1017 -27.74 -6.04 -0.34
CA LEU C 1017 -27.57 -6.95 0.76
C LEU C 1017 -26.20 -7.59 0.71
N THR C 1018 -25.74 -7.94 -0.50
CA THR C 1018 -24.42 -8.51 -0.66
C THR C 1018 -23.39 -7.53 -0.20
N LYS C 1019 -23.56 -6.26 -0.60
CA LYS C 1019 -22.62 -5.22 -0.21
C LYS C 1019 -22.55 -5.07 1.30
N VAL C 1020 -23.70 -5.15 1.98
CA VAL C 1020 -23.70 -5.01 3.43
C VAL C 1020 -22.89 -6.14 4.03
N GLN C 1021 -23.07 -7.37 3.54
CA GLN C 1021 -22.28 -8.46 4.08
C GLN C 1021 -20.80 -8.30 3.84
N GLU C 1022 -20.41 -7.81 2.67
CA GLU C 1022 -18.98 -7.65 2.41
C GLU C 1022 -18.37 -6.63 3.36
N VAL C 1023 -19.10 -5.55 3.64
CA VAL C 1023 -18.59 -4.54 4.55
C VAL C 1023 -18.39 -5.11 5.94
N VAL C 1024 -19.35 -5.88 6.42
CA VAL C 1024 -19.22 -6.47 7.73
C VAL C 1024 -18.16 -7.57 7.78
N ASN C 1025 -18.13 -8.47 6.80
CA ASN C 1025 -17.20 -9.60 6.83
C ASN C 1025 -15.74 -9.21 6.79
N SER C 1026 -15.40 -8.13 6.11
CA SER C 1026 -14.03 -7.69 6.00
C SER C 1026 -13.59 -6.75 7.11
N GLN C 1027 -14.48 -6.46 8.04
CA GLN C 1027 -14.17 -5.46 9.06
C GLN C 1027 -12.95 -5.76 9.91
N GLY C 1028 -12.70 -7.02 10.25
CA GLY C 1028 -11.57 -7.37 11.10
C GLY C 1028 -10.34 -7.84 10.32
N ALA C 1029 -10.37 -7.71 9.00
CA ALA C 1029 -9.31 -8.25 8.17
C ALA C 1029 -7.94 -7.69 8.48
N ALA C 1030 -7.85 -6.40 8.83
CA ALA C 1030 -6.54 -5.83 9.12
C ALA C 1030 -6.06 -6.20 10.52
N LEU C 1031 -7.00 -6.40 11.45
CA LEU C 1031 -6.65 -6.68 12.83
C LEU C 1031 -5.93 -7.98 12.96
N THR C 1032 -6.31 -8.92 12.13
CA THR C 1032 -5.70 -10.22 12.21
C THR C 1032 -4.38 -10.26 11.48
N GLN C 1033 -4.03 -9.24 10.69
CA GLN C 1033 -2.74 -9.36 10.03
C GLN C 1033 -1.76 -8.79 11.00
N LEU C 1034 -2.20 -7.78 11.75
CA LEU C 1034 -1.34 -7.16 12.70
C LEU C 1034 -1.04 -8.15 13.81
N THR C 1035 -2.07 -8.89 14.24
CA THR C 1035 -1.96 -9.89 15.29
C THR C 1035 -1.12 -11.08 14.86
N VAL C 1036 -1.33 -11.59 13.65
CA VAL C 1036 -0.56 -12.73 13.20
C VAL C 1036 0.90 -12.41 13.08
N GLN C 1037 1.26 -11.23 12.63
CA GLN C 1037 2.67 -10.90 12.48
C GLN C 1037 3.45 -10.98 13.80
N LEU C 1038 2.80 -10.97 14.95
CA LEU C 1038 3.49 -11.09 16.24
C LEU C 1038 4.14 -12.45 16.36
N GLN C 1039 3.62 -13.41 15.62
CA GLN C 1039 4.11 -14.77 15.56
C GLN C 1039 5.47 -14.83 14.92
N HIS C 1040 5.72 -13.90 14.00
CA HIS C 1040 6.88 -13.96 13.16
C HIS C 1040 8.17 -13.75 13.91
N ASN C 1041 9.11 -14.62 13.62
CA ASN C 1041 10.44 -14.56 14.18
C ASN C 1041 11.40 -13.84 13.24
N PHE C 1042 11.73 -12.61 13.56
CA PHE C 1042 12.56 -11.82 12.68
C PHE C 1042 14.03 -12.12 12.91
N GLN C 1043 14.43 -13.32 12.50
CA GLN C 1043 15.80 -13.82 12.64
C GLN C 1043 16.36 -13.78 14.05
N ALA C 1044 15.59 -14.21 15.02
CA ALA C 1044 15.99 -14.27 16.42
C ALA C 1044 15.90 -15.72 16.90
N ILE C 1045 16.35 -15.97 18.12
CA ILE C 1045 16.19 -17.31 18.69
C ILE C 1045 14.70 -17.64 18.83
N SER C 1046 13.92 -16.65 19.21
CA SER C 1046 12.49 -16.82 19.42
C SER C 1046 11.73 -15.58 19.05
N SER C 1047 10.45 -15.75 18.73
CA SER C 1047 9.57 -14.62 18.45
C SER C 1047 9.24 -13.86 19.73
N SER C 1048 9.49 -14.53 20.85
CA SER C 1048 9.25 -14.00 22.19
C SER C 1048 10.44 -13.30 22.82
N ILE C 1049 10.22 -12.08 23.21
CA ILE C 1049 11.24 -11.25 23.81
C ILE C 1049 11.71 -11.82 25.12
N ASP C 1050 10.77 -12.29 25.93
CA ASP C 1050 11.10 -12.88 27.20
C ASP C 1050 11.92 -14.13 27.03
N ASP C 1051 11.60 -14.91 25.99
CA ASP C 1051 12.38 -16.12 25.64
C ASP C 1051 13.84 -15.70 25.41
N ILE C 1052 14.05 -14.66 24.58
CA ILE C 1052 15.39 -14.28 24.19
C ILE C 1052 16.19 -13.82 25.40
N TYR C 1053 15.61 -12.95 26.22
CA TYR C 1053 16.37 -12.46 27.37
C TYR C 1053 16.65 -13.53 28.41
N SER C 1054 15.82 -14.55 28.48
CA SER C 1054 16.01 -15.62 29.43
C SER C 1054 16.95 -16.71 28.93
N ARG C 1055 17.41 -16.61 27.68
CA ARG C 1055 18.28 -17.65 27.14
C ARG C 1055 19.66 -17.11 26.81
N LEU C 1056 19.73 -15.95 26.18
CA LEU C 1056 20.99 -15.37 25.76
C LEU C 1056 21.48 -14.38 26.79
N ASP C 1057 22.74 -13.99 26.66
CA ASP C 1057 23.28 -12.97 27.53
C ASP C 1057 22.60 -11.67 27.14
N ILE C 1058 22.73 -10.66 27.96
CA ILE C 1058 22.06 -9.41 27.68
C ILE C 1058 22.47 -8.74 26.38
N LEU C 1059 23.74 -8.74 26.01
CA LEU C 1059 24.04 -7.96 24.83
C LEU C 1059 23.61 -8.69 23.58
N SER C 1060 23.74 -10.00 23.57
CA SER C 1060 23.30 -10.74 22.41
C SER C 1060 21.78 -10.64 22.34
N ALA C 1061 21.13 -10.67 23.50
CA ALA C 1061 19.70 -10.58 23.52
C ALA C 1061 19.23 -9.24 23.01
N ASP C 1062 19.87 -8.16 23.47
CA ASP C 1062 19.58 -6.79 22.95
C ASP C 1062 19.57 -6.82 21.42
N ALA C 1063 20.60 -7.42 20.81
CA ALA C 1063 20.72 -7.41 19.36
C ALA C 1063 19.54 -8.10 18.69
N GLN C 1064 19.05 -9.19 19.28
CA GLN C 1064 17.95 -9.90 18.65
C GLN C 1064 16.61 -9.27 18.95
N VAL C 1065 16.50 -8.65 20.10
CA VAL C 1065 15.27 -7.97 20.44
C VAL C 1065 15.15 -6.79 19.52
N ASP C 1066 16.24 -6.08 19.23
CA ASP C 1066 16.17 -4.97 18.31
C ASP C 1066 15.67 -5.46 16.93
N ARG C 1067 16.06 -6.66 16.50
CA ARG C 1067 15.54 -7.15 15.23
C ARG C 1067 14.02 -7.32 15.33
N LEU C 1068 13.54 -7.86 16.47
CA LEU C 1068 12.10 -8.03 16.63
C LEU C 1068 11.41 -6.67 16.69
N ILE C 1069 12.03 -5.67 17.30
CA ILE C 1069 11.42 -4.35 17.39
C ILE C 1069 11.24 -3.75 16.03
N THR C 1070 12.25 -3.83 15.18
CA THR C 1070 12.09 -3.25 13.86
C THR C 1070 10.97 -3.93 13.11
N GLY C 1071 10.91 -5.26 13.17
CA GLY C 1071 9.87 -6.00 12.47
C GLY C 1071 8.46 -5.66 12.98
N ARG C 1072 8.31 -5.52 14.28
CA ARG C 1072 7.03 -5.19 14.87
C ARG C 1072 6.62 -3.75 14.52
N LEU C 1073 7.57 -2.80 14.50
CA LEU C 1073 7.21 -1.44 14.11
C LEU C 1073 6.78 -1.40 12.65
N SER C 1074 7.41 -2.22 11.80
CA SER C 1074 7.01 -2.27 10.41
C SER C 1074 5.57 -2.76 10.29
N ALA C 1075 5.21 -3.80 11.06
CA ALA C 1075 3.85 -4.31 11.02
C ALA C 1075 2.85 -3.25 11.44
N LEU C 1076 3.20 -2.44 12.44
CA LEU C 1076 2.30 -1.38 12.86
C LEU C 1076 2.15 -0.33 11.78
N ASN C 1077 3.23 0.01 11.10
CA ASN C 1077 3.09 1.01 10.06
C ASN C 1077 2.23 0.50 8.91
N ALA C 1078 2.34 -0.79 8.58
CA ALA C 1078 1.50 -1.31 7.52
C ALA C 1078 0.04 -1.25 7.92
N PHE C 1079 -0.25 -1.56 9.18
CA PHE C 1079 -1.59 -1.52 9.69
C PHE C 1079 -2.16 -0.13 9.58
N VAL C 1080 -1.38 0.85 10.00
CA VAL C 1080 -1.86 2.21 9.95
C VAL C 1080 -2.13 2.61 8.52
N ALA C 1081 -1.23 2.31 7.60
CA ALA C 1081 -1.50 2.73 6.24
C ALA C 1081 -2.79 2.12 5.70
N GLN C 1082 -3.06 0.86 6.04
CA GLN C 1082 -4.28 0.21 5.57
C GLN C 1082 -5.50 0.84 6.20
N THR C 1083 -5.39 1.16 7.49
CA THR C 1083 -6.48 1.73 8.23
C THR C 1083 -6.81 3.12 7.74
N LEU C 1084 -5.80 3.92 7.48
CA LEU C 1084 -6.06 5.28 7.02
C LEU C 1084 -6.65 5.26 5.63
N THR C 1085 -6.22 4.32 4.79
CA THR C 1085 -6.75 4.20 3.46
C THR C 1085 -8.24 3.88 3.53
N LYS C 1086 -8.60 2.95 4.42
CA LYS C 1086 -9.99 2.57 4.55
C LYS C 1086 -10.84 3.74 5.03
N TYR C 1087 -10.33 4.57 5.94
CA TYR C 1087 -11.12 5.70 6.38
C TYR C 1087 -11.41 6.63 5.21
N THR C 1088 -10.43 6.86 4.34
CA THR C 1088 -10.68 7.72 3.19
C THR C 1088 -11.80 7.17 2.31
N GLU C 1089 -11.78 5.87 2.04
CA GLU C 1089 -12.82 5.29 1.18
C GLU C 1089 -14.20 5.44 1.82
N VAL C 1090 -14.27 5.25 3.13
CA VAL C 1090 -15.55 5.38 3.81
C VAL C 1090 -16.01 6.81 3.77
N GLN C 1091 -15.12 7.77 3.96
CA GLN C 1091 -15.53 9.16 3.89
C GLN C 1091 -16.16 9.46 2.54
N ALA C 1092 -15.61 8.92 1.47
CA ALA C 1092 -16.24 9.19 0.18
C ALA C 1092 -17.67 8.66 0.14
N SER C 1093 -17.90 7.48 0.73
CA SER C 1093 -19.26 6.92 0.79
C SER C 1093 -20.14 7.73 1.70
N ARG C 1094 -19.59 8.23 2.80
CA ARG C 1094 -20.36 9.03 3.71
C ARG C 1094 -20.79 10.33 3.07
N LYS C 1095 -19.91 10.97 2.29
CA LYS C 1095 -20.28 12.21 1.63
C LYS C 1095 -21.41 11.95 0.66
N LEU C 1096 -21.38 10.83 -0.04
CA LEU C 1096 -22.46 10.55 -0.95
C LEU C 1096 -23.74 10.29 -0.18
N ALA C 1097 -23.67 9.57 0.94
CA ALA C 1097 -24.86 9.31 1.70
C ALA C 1097 -25.48 10.61 2.19
N GLN C 1098 -24.65 11.59 2.57
CA GLN C 1098 -25.22 12.84 3.02
C GLN C 1098 -25.91 13.52 1.86
N GLN C 1099 -25.33 13.45 0.65
CA GLN C 1099 -25.98 14.07 -0.49
C GLN C 1099 -27.29 13.37 -0.80
N LYS C 1100 -27.35 12.05 -0.63
CA LYS C 1100 -28.59 11.35 -0.89
C LYS C 1100 -29.63 11.72 0.13
N VAL C 1101 -29.26 11.89 1.38
CA VAL C 1101 -30.29 12.28 2.29
C VAL C 1101 -30.80 13.67 1.97
N ASN C 1102 -29.91 14.62 1.74
CA ASN C 1102 -30.39 15.95 1.50
C ASN C 1102 -31.15 16.11 0.18
N GLU C 1103 -30.76 15.36 -0.85
CA GLU C 1103 -31.38 15.47 -2.15
C GLU C 1103 -32.47 14.45 -2.50
N CYS C 1104 -32.43 13.24 -1.95
CA CYS C 1104 -33.44 12.23 -2.28
C CYS C 1104 -34.46 12.05 -1.15
N VAL C 1105 -34.06 12.34 0.11
CA VAL C 1105 -34.97 12.09 1.23
C VAL C 1105 -35.67 13.36 1.70
N LYS C 1106 -34.91 14.40 1.95
CA LYS C 1106 -35.46 15.66 2.47
C LYS C 1106 -36.04 16.54 1.39
N SER C 1107 -35.75 16.21 0.15
CA SER C 1107 -36.17 16.99 -0.99
C SER C 1107 -36.39 16.06 -2.17
N GLN C 1108 -36.97 16.58 -3.23
CA GLN C 1108 -37.23 15.80 -4.42
C GLN C 1108 -36.27 16.22 -5.52
N SER C 1109 -35.33 15.34 -5.82
CA SER C 1109 -34.27 15.63 -6.76
C SER C 1109 -34.76 15.88 -8.16
N GLN C 1110 -34.14 16.85 -8.81
CA GLN C 1110 -34.44 17.21 -10.19
C GLN C 1110 -33.39 16.64 -11.13
N ARG C 1111 -32.47 15.85 -10.58
CA ARG C 1111 -31.39 15.27 -11.35
C ARG C 1111 -31.80 13.91 -11.84
N TYR C 1112 -31.98 13.76 -13.13
CA TYR C 1112 -32.46 12.50 -13.61
C TYR C 1112 -31.47 11.44 -13.28
N GLY C 1113 -31.98 10.35 -12.74
CA GLY C 1113 -31.15 9.21 -12.46
C GLY C 1113 -30.36 9.25 -11.16
N PHE C 1114 -30.43 10.33 -10.40
CA PHE C 1114 -29.64 10.36 -9.17
C PHE C 1114 -30.22 9.47 -8.10
N CYS C 1115 -31.52 9.60 -7.85
CA CYS C 1115 -32.15 8.82 -6.81
C CYS C 1115 -32.81 7.65 -7.50
N GLY C 1116 -32.49 6.44 -7.08
CA GLY C 1116 -33.10 5.25 -7.66
C GLY C 1116 -32.50 4.85 -9.00
N GLY C 1117 -32.67 5.71 -9.99
CA GLY C 1117 -32.14 5.50 -11.32
C GLY C 1117 -33.22 5.21 -12.36
N ASP C 1118 -33.12 5.85 -13.51
CA ASP C 1118 -34.07 5.62 -14.60
C ASP C 1118 -35.58 5.65 -14.30
N GLY C 1119 -36.06 6.72 -13.70
CA GLY C 1119 -37.48 6.87 -13.45
C GLY C 1119 -37.76 8.19 -12.76
N GLU C 1120 -39.02 8.45 -12.43
CA GLU C 1120 -39.35 9.73 -11.81
C GLU C 1120 -39.39 9.65 -10.29
N HIS C 1121 -38.55 10.39 -9.62
CA HIS C 1121 -38.48 10.27 -8.17
C HIS C 1121 -39.65 10.90 -7.44
N ILE C 1122 -40.21 10.18 -6.46
CA ILE C 1122 -41.27 10.75 -5.63
C ILE C 1122 -40.75 10.94 -4.22
N PHE C 1123 -40.21 9.88 -3.63
CA PHE C 1123 -39.82 9.97 -2.20
C PHE C 1123 -38.92 8.77 -1.86
N SER C 1124 -38.06 8.96 -0.87
CA SER C 1124 -37.22 7.89 -0.43
C SER C 1124 -37.29 7.76 1.06
N LEU C 1125 -37.08 6.55 1.51
CA LEU C 1125 -37.12 6.19 2.90
C LEU C 1125 -35.75 5.73 3.31
N VAL C 1126 -35.43 5.86 4.57
CA VAL C 1126 -34.14 5.41 5.04
C VAL C 1126 -34.31 4.42 6.18
N GLN C 1127 -33.50 3.38 6.17
CA GLN C 1127 -33.47 2.34 7.19
C GLN C 1127 -32.04 2.19 7.71
N ALA C 1128 -31.91 1.89 8.99
CA ALA C 1128 -30.58 1.66 9.55
C ALA C 1128 -30.02 0.35 9.02
N ALA C 1129 -28.71 0.29 8.84
CA ALA C 1129 -28.06 -0.91 8.35
C ALA C 1129 -26.73 -1.07 9.06
N PRO C 1130 -26.13 -2.25 9.11
CA PRO C 1130 -24.83 -2.40 9.69
C PRO C 1130 -23.87 -1.43 9.05
N GLN C 1131 -23.15 -0.70 9.89
CA GLN C 1131 -22.14 0.29 9.50
C GLN C 1131 -22.66 1.43 8.63
N GLY C 1132 -23.97 1.61 8.49
CA GLY C 1132 -24.43 2.67 7.60
C GLY C 1132 -25.93 2.70 7.38
N LEU C 1133 -26.34 3.25 6.24
CA LEU C 1133 -27.75 3.42 5.92
C LEU C 1133 -28.16 2.75 4.66
N LEU C 1134 -29.39 2.26 4.66
CA LEU C 1134 -29.97 1.70 3.47
C LEU C 1134 -31.11 2.57 3.02
N PHE C 1135 -31.10 2.87 1.74
CA PHE C 1135 -32.09 3.73 1.14
C PHE C 1135 -33.07 2.98 0.29
N LEU C 1136 -34.33 3.31 0.45
CA LEU C 1136 -35.38 2.75 -0.36
C LEU C 1136 -35.92 3.89 -1.22
N HIS C 1137 -35.68 3.83 -2.51
CA HIS C 1137 -36.07 4.93 -3.38
C HIS C 1137 -37.35 4.62 -4.12
N THR C 1138 -38.38 5.42 -3.90
CA THR C 1138 -39.66 5.16 -4.53
C THR C 1138 -39.75 6.01 -5.78
N VAL C 1139 -39.80 5.30 -6.90
CA VAL C 1139 -39.73 5.88 -8.22
C VAL C 1139 -40.89 5.48 -9.12
N LEU C 1140 -41.46 6.43 -9.86
CA LEU C 1140 -42.53 6.03 -10.76
C LEU C 1140 -42.01 5.57 -12.09
N VAL C 1141 -42.67 4.55 -12.59
CA VAL C 1141 -42.40 3.95 -13.87
C VAL C 1141 -43.70 3.94 -14.66
N PRO C 1142 -43.75 4.43 -15.91
CA PRO C 1142 -44.92 4.46 -16.76
C PRO C 1142 -45.21 3.06 -17.21
N SER C 1143 -46.46 2.78 -17.52
CA SER C 1143 -46.79 1.46 -18.04
C SER C 1143 -47.17 1.55 -19.51
N ASP C 1144 -47.67 2.71 -19.90
CA ASP C 1144 -48.20 2.95 -21.21
C ASP C 1144 -47.90 4.34 -21.66
N PHE C 1145 -47.97 4.57 -22.95
CA PHE C 1145 -47.78 5.92 -23.43
C PHE C 1145 -48.97 6.34 -24.25
N VAL C 1146 -49.29 7.63 -24.21
CA VAL C 1146 -50.38 8.15 -25.00
C VAL C 1146 -49.81 8.79 -26.24
N ASP C 1147 -50.29 8.37 -27.41
CA ASP C 1147 -49.75 8.88 -28.66
C ASP C 1147 -50.53 10.09 -29.15
N VAL C 1148 -49.86 11.24 -29.22
CA VAL C 1148 -50.51 12.48 -29.63
C VAL C 1148 -49.69 13.22 -30.68
N ILE C 1149 -50.31 14.21 -31.32
CA ILE C 1149 -49.58 15.05 -32.26
C ILE C 1149 -49.36 16.44 -31.68
N ALA C 1150 -48.08 16.79 -31.55
CA ALA C 1150 -47.65 18.04 -30.98
C ALA C 1150 -47.86 19.19 -31.94
N ILE C 1151 -48.30 20.30 -31.36
CA ILE C 1151 -48.51 21.54 -32.05
C ILE C 1151 -47.41 22.51 -31.70
N ALA C 1152 -46.63 22.92 -32.71
CA ALA C 1152 -45.49 23.80 -32.46
C ALA C 1152 -45.93 25.13 -31.90
N GLY C 1153 -47.09 25.59 -32.33
CA GLY C 1153 -47.64 26.86 -31.90
C GLY C 1153 -48.81 27.19 -32.80
N LEU C 1154 -49.45 28.29 -32.49
CA LEU C 1154 -50.60 28.74 -33.25
C LEU C 1154 -50.34 30.08 -33.91
N CYS C 1155 -50.93 30.34 -35.05
CA CYS C 1155 -50.92 31.71 -35.59
C CYS C 1155 -52.32 32.19 -35.79
N VAL C 1156 -52.58 33.42 -35.38
CA VAL C 1156 -53.92 33.94 -35.50
C VAL C 1156 -54.01 35.11 -36.46
N ASN C 1157 -54.77 34.87 -37.53
CA ASN C 1157 -55.06 35.82 -38.60
C ASN C 1157 -53.80 36.40 -39.22
N ASP C 1158 -52.73 35.63 -39.29
CA ASP C 1158 -51.45 36.07 -39.83
C ASP C 1158 -50.83 37.27 -39.11
N GLU C 1159 -51.38 37.67 -37.95
CA GLU C 1159 -50.82 38.79 -37.19
C GLU C 1159 -50.09 38.36 -35.94
N ILE C 1160 -50.62 37.35 -35.25
CA ILE C 1160 -50.01 36.95 -33.99
C ILE C 1160 -49.54 35.52 -33.92
N ALA C 1161 -48.27 35.33 -33.58
CA ALA C 1161 -47.76 33.98 -33.37
C ALA C 1161 -47.84 33.68 -31.87
N LEU C 1162 -48.52 32.62 -31.51
CA LEU C 1162 -48.67 32.24 -30.11
C LEU C 1162 -47.98 30.93 -29.78
N THR C 1163 -47.08 30.98 -28.83
CA THR C 1163 -46.38 29.78 -28.44
C THR C 1163 -46.52 29.60 -26.96
N LEU C 1164 -46.24 28.42 -26.45
CA LEU C 1164 -46.35 28.24 -25.01
C LEU C 1164 -45.17 28.88 -24.34
N ARG C 1165 -45.40 29.47 -23.18
CA ARG C 1165 -44.31 30.06 -22.40
C ARG C 1165 -43.35 29.05 -21.82
N GLU C 1166 -43.88 27.95 -21.30
CA GLU C 1166 -43.07 26.94 -20.62
C GLU C 1166 -42.65 25.78 -21.52
N PRO C 1167 -41.35 25.57 -21.79
CA PRO C 1167 -40.80 24.53 -22.66
C PRO C 1167 -41.16 23.10 -22.28
N GLY C 1168 -41.52 22.88 -21.02
CA GLY C 1168 -41.86 21.56 -20.53
C GLY C 1168 -43.35 21.22 -20.70
N LEU C 1169 -44.12 22.15 -21.25
CA LEU C 1169 -45.54 21.98 -21.44
C LEU C 1169 -45.79 21.75 -22.93
N VAL C 1170 -46.60 20.75 -23.26
CA VAL C 1170 -46.86 20.49 -24.67
C VAL C 1170 -48.30 20.61 -25.06
N LEU C 1171 -48.53 21.30 -26.19
CA LEU C 1171 -49.85 21.49 -26.79
C LEU C 1171 -50.09 20.40 -27.82
N PHE C 1172 -51.26 19.78 -27.77
CA PHE C 1172 -51.63 18.69 -28.68
C PHE C 1172 -53.13 18.63 -28.97
N THR C 1173 -53.50 17.91 -30.05
CA THR C 1173 -54.95 17.80 -30.41
C THR C 1173 -55.66 16.45 -30.24
N HIS C 1174 -54.91 15.39 -30.03
CA HIS C 1174 -55.48 14.05 -29.92
C HIS C 1174 -55.56 13.65 -28.47
N GLU C 1175 -56.50 12.78 -28.13
CA GLU C 1175 -56.57 12.29 -26.77
C GLU C 1175 -56.67 13.47 -25.80
N GLU C 1183 -59.55 18.25 -30.07
CA GLU C 1183 -59.61 19.38 -29.17
C GLU C 1183 -58.22 19.74 -28.69
N TYR C 1184 -57.95 21.00 -28.45
CA TYR C 1184 -56.62 21.37 -28.01
C TYR C 1184 -56.47 21.28 -26.51
N PHE C 1185 -55.43 20.58 -26.10
CA PHE C 1185 -55.08 20.34 -24.71
C PHE C 1185 -53.63 20.61 -24.46
N VAL C 1186 -53.31 20.90 -23.20
CA VAL C 1186 -51.93 20.98 -22.80
C VAL C 1186 -51.68 20.06 -21.63
N SER C 1187 -50.48 19.50 -21.58
CA SER C 1187 -50.08 18.65 -20.47
C SER C 1187 -48.58 18.70 -20.28
N SER C 1188 -48.10 18.33 -19.11
CA SER C 1188 -46.66 18.25 -18.94
C SER C 1188 -46.12 17.14 -19.77
N ARG C 1189 -44.94 17.34 -20.33
CA ARG C 1189 -44.34 16.29 -21.14
C ARG C 1189 -44.08 15.02 -20.33
N ARG C 1190 -43.96 15.15 -19.02
CA ARG C 1190 -43.71 14.01 -18.14
C ARG C 1190 -44.89 13.10 -17.88
N MET C 1191 -46.12 13.62 -17.90
CA MET C 1191 -47.25 12.77 -17.57
C MET C 1191 -48.47 13.16 -18.37
N PHE C 1192 -49.24 12.18 -18.81
CA PHE C 1192 -50.43 12.53 -19.55
C PHE C 1192 -51.58 12.95 -18.65
N GLU C 1193 -51.48 14.20 -18.24
CA GLU C 1193 -52.42 14.89 -17.35
C GLU C 1193 -52.93 16.15 -18.05
N PRO C 1194 -53.88 16.01 -19.00
CA PRO C 1194 -54.40 17.09 -19.82
C PRO C 1194 -55.35 18.02 -19.11
N ARG C 1195 -55.33 19.24 -19.58
CA ARG C 1195 -56.27 20.30 -19.27
C ARG C 1195 -56.38 21.15 -20.51
N LYS C 1196 -57.44 21.91 -20.66
CA LYS C 1196 -57.46 22.79 -21.80
C LYS C 1196 -56.55 23.97 -21.52
N PRO C 1197 -55.90 24.57 -22.53
CA PRO C 1197 -55.02 25.70 -22.41
C PRO C 1197 -55.76 26.93 -22.04
N THR C 1198 -55.06 27.85 -21.43
CA THR C 1198 -55.63 29.15 -21.14
C THR C 1198 -54.81 30.26 -21.74
N VAL C 1199 -55.29 31.46 -21.59
CA VAL C 1199 -54.63 32.61 -22.19
C VAL C 1199 -53.26 32.81 -21.58
N SER C 1200 -53.18 32.61 -20.28
CA SER C 1200 -51.98 32.79 -19.49
C SER C 1200 -50.88 31.77 -19.80
N ASP C 1201 -51.18 30.83 -20.70
CA ASP C 1201 -50.22 29.76 -21.08
C ASP C 1201 -49.33 30.24 -22.22
N PHE C 1202 -49.83 31.19 -23.03
CA PHE C 1202 -49.17 31.58 -24.26
C PHE C 1202 -48.53 32.96 -24.23
N VAL C 1203 -47.51 33.13 -25.05
CA VAL C 1203 -46.87 34.43 -25.23
C VAL C 1203 -46.84 34.77 -26.70
N GLN C 1204 -46.70 36.06 -27.00
CA GLN C 1204 -46.65 36.47 -28.38
C GLN C 1204 -45.24 36.54 -28.93
N ILE C 1205 -45.08 35.95 -30.08
CA ILE C 1205 -43.86 35.88 -30.83
C ILE C 1205 -44.06 36.70 -32.10
N GLU C 1206 -43.07 37.48 -32.46
CA GLU C 1206 -43.19 38.35 -33.63
C GLU C 1206 -43.40 37.61 -34.96
N SER C 1207 -42.81 36.44 -35.14
CA SER C 1207 -42.93 35.72 -36.40
C SER C 1207 -43.57 34.35 -36.31
N CYS C 1208 -44.21 33.95 -37.42
CA CYS C 1208 -44.78 32.62 -37.60
C CYS C 1208 -43.87 31.73 -38.39
N VAL C 1209 -44.04 30.44 -38.20
CA VAL C 1209 -43.31 29.43 -38.94
C VAL C 1209 -44.30 28.48 -39.60
N VAL C 1210 -43.79 27.69 -40.51
CA VAL C 1210 -44.56 26.71 -41.26
C VAL C 1210 -45.19 25.63 -40.39
N THR C 1211 -44.69 25.45 -39.18
CA THR C 1211 -45.20 24.44 -38.26
C THR C 1211 -46.30 24.96 -37.32
N TYR C 1212 -46.66 26.24 -37.41
CA TYR C 1212 -47.70 26.77 -36.54
C TYR C 1212 -49.07 26.54 -37.22
N VAL C 1213 -50.10 26.38 -36.42
CA VAL C 1213 -51.46 26.16 -36.94
C VAL C 1213 -52.11 27.43 -37.43
N ASN C 1214 -52.67 27.41 -38.63
CA ASN C 1214 -53.29 28.63 -39.14
C ASN C 1214 -54.74 28.78 -38.72
N LEU C 1215 -54.97 29.67 -37.75
CA LEU C 1215 -56.26 29.96 -37.17
C LEU C 1215 -56.68 31.38 -37.47
N THR C 1216 -57.98 31.63 -37.39
CA THR C 1216 -58.46 33.01 -37.40
C THR C 1216 -58.97 33.42 -36.04
N ARG C 1217 -59.34 34.68 -35.93
CA ARG C 1217 -59.80 35.21 -34.65
C ARG C 1217 -61.09 34.58 -34.14
N ASP C 1218 -61.91 34.09 -35.05
CA ASP C 1218 -63.18 33.47 -34.69
C ASP C 1218 -63.01 32.00 -34.31
N GLN C 1219 -61.80 31.48 -34.45
CA GLN C 1219 -61.54 30.10 -34.12
C GLN C 1219 -60.78 30.05 -32.83
N LEU C 1220 -59.97 31.09 -32.60
CA LEU C 1220 -59.13 31.20 -31.38
C LEU C 1220 -59.90 30.71 -30.15
N PRO C 1221 -61.12 31.25 -29.82
CA PRO C 1221 -61.88 30.95 -28.61
C PRO C 1221 -62.21 29.46 -28.46
N ASP C 1222 -62.14 28.69 -29.54
CA ASP C 1222 -62.43 27.26 -29.48
C ASP C 1222 -61.15 26.45 -29.31
N VAL C 1223 -60.02 27.16 -29.25
CA VAL C 1223 -58.70 26.59 -29.07
C VAL C 1223 -58.28 26.95 -27.66
N ILE C 1224 -58.47 28.21 -27.29
CA ILE C 1224 -58.20 28.72 -25.96
C ILE C 1224 -59.54 29.24 -25.42
N PRO C 1225 -60.29 28.47 -24.62
CA PRO C 1225 -61.62 28.81 -24.11
C PRO C 1225 -61.71 30.13 -23.36
N ASP C 1226 -60.61 30.57 -22.75
CA ASP C 1226 -60.65 31.81 -22.00
C ASP C 1226 -60.27 33.04 -22.81
N TYR C 1227 -60.06 32.86 -24.11
CA TYR C 1227 -59.70 34.01 -24.93
C TYR C 1227 -60.89 34.87 -25.23
N ILE C 1228 -60.73 36.16 -25.01
CA ILE C 1228 -61.78 37.12 -25.30
C ILE C 1228 -61.32 38.15 -26.31
N ASP C 1229 -62.08 38.31 -27.38
CA ASP C 1229 -61.81 39.35 -28.33
C ASP C 1229 -62.60 40.52 -27.81
N VAL C 1230 -61.91 41.46 -27.17
CA VAL C 1230 -62.61 42.50 -26.45
C VAL C 1230 -63.32 43.43 -27.40
N ASN C 1231 -62.74 43.68 -28.57
CA ASN C 1231 -63.40 44.59 -29.48
C ASN C 1231 -64.71 44.03 -29.97
N LYS C 1232 -64.76 42.74 -30.23
CA LYS C 1232 -66.05 42.22 -30.65
C LYS C 1232 -67.05 42.25 -29.53
N THR C 1233 -66.64 41.97 -28.30
CA THR C 1233 -67.65 42.01 -27.26
C THR C 1233 -68.19 43.40 -27.03
N LEU C 1234 -67.32 44.41 -27.17
CA LEU C 1234 -67.71 45.80 -26.98
C LEU C 1234 -68.56 46.35 -28.13
N ASP C 1235 -68.22 45.99 -29.37
CA ASP C 1235 -68.93 46.48 -30.54
C ASP C 1235 -70.24 45.76 -30.80
N GLU C 1236 -70.31 44.48 -30.45
CA GLU C 1236 -71.50 43.68 -30.69
C GLU C 1236 -72.13 43.29 -29.36
C1 NAG D . 30.51 -13.72 -17.47
C2 NAG D . 30.41 -12.24 -17.82
C3 NAG D . 31.71 -11.49 -17.55
C4 NAG D . 32.30 -11.83 -16.18
C5 NAG D . 32.37 -13.34 -16.03
C6 NAG D . 32.94 -13.72 -14.68
C7 NAG D . 28.88 -11.57 -19.59
C8 NAG D . 28.89 -10.08 -19.84
N2 NAG D . 30.04 -12.09 -19.21
O3 NAG D . 31.46 -10.07 -17.65
O4 NAG D . 33.62 -11.31 -16.02
O5 NAG D . 31.05 -13.88 -16.17
O6 NAG D . 32.31 -12.96 -13.65
O7 NAG D . 27.86 -12.23 -19.74
C1 NAG D . 33.71 -10.03 -15.37
C2 NAG D . 35.05 -10.02 -14.65
C3 NAG D . 35.32 -8.68 -13.99
C4 NAG D . 35.15 -7.54 -14.99
C5 NAG D . 33.83 -7.68 -15.73
C6 NAG D . 33.70 -6.61 -16.82
C7 NAG D . 36.28 -11.58 -13.29
C8 NAG D . 36.34 -12.12 -11.89
N2 NAG D . 35.12 -11.08 -13.67
O3 NAG D . 36.66 -8.68 -13.48
O4 NAG D . 35.16 -6.28 -14.31
O5 NAG D . 33.72 -8.97 -16.33
O6 NAG D . 34.86 -6.65 -17.66
O7 NAG D . 37.26 -11.60 -14.03
C1 BMA D . 36.49 -5.71 -14.39
C2 BMA D . 36.39 -4.19 -14.44
C3 BMA D . 37.78 -3.55 -14.58
C4 BMA D . 38.73 -4.13 -13.54
C5 BMA D . 38.71 -5.67 -13.58
C6 BMA D . 39.75 -6.26 -12.62
O2 BMA D . 35.76 -3.71 -13.25
O3 BMA D . 37.68 -2.12 -14.42
O4 BMA D . 40.06 -3.67 -13.80
O5 BMA D . 37.37 -6.11 -13.34
O6 BMA D . 39.19 -7.09 -11.59
C1 MAN D . 38.28 -1.54 -15.61
C2 MAN D . 38.09 -0.03 -15.66
C3 MAN D . 36.61 0.26 -15.71
C4 MAN D . 36.01 -0.41 -16.94
C5 MAN D . 36.37 -1.89 -16.99
C6 MAN D . 35.92 -2.53 -18.30
O2 MAN D . 38.67 0.44 -16.87
O3 MAN D . 36.40 1.68 -15.78
O4 MAN D . 34.58 -0.27 -16.92
O5 MAN D . 37.78 -2.09 -16.82
O6 MAN D . 36.16 -3.94 -18.27
C1 MAN D . 40.10 0.51 -16.74
C2 MAN D . 40.60 1.76 -17.44
C3 MAN D . 40.40 1.65 -18.95
C4 MAN D . 40.95 0.33 -19.48
C5 MAN D . 40.39 -0.83 -18.66
C6 MAN D . 40.92 -2.18 -19.13
O2 MAN D . 41.99 1.94 -17.16
O3 MAN D . 41.05 2.74 -19.61
O4 MAN D . 40.60 0.17 -20.85
O5 MAN D . 40.75 -0.64 -17.30
O6 MAN D . 41.62 -2.04 -20.37
C1 MAN D . 40.24 -7.90 -11.02
C2 MAN D . 39.64 -8.62 -9.82
C3 MAN D . 39.29 -7.62 -8.74
C4 MAN D . 40.48 -6.73 -8.40
C5 MAN D . 41.15 -6.14 -9.64
C6 MAN D . 42.45 -5.46 -9.22
O2 MAN D . 40.59 -9.57 -9.31
O3 MAN D . 38.86 -8.31 -7.56
O4 MAN D . 40.05 -5.66 -7.55
O5 MAN D . 41.40 -7.16 -10.61
O6 MAN D . 42.98 -4.55 -10.20
C1 NAG D . 40.38 -10.85 -9.93
C2 NAG D . 41.71 -11.54 -9.97
C3 NAG D . 41.59 -12.85 -10.64
C4 NAG D . 40.60 -13.71 -9.77
C5 NAG D . 39.21 -12.99 -9.70
C6 NAG D . 38.27 -13.81 -8.86
C7 NAG D . 43.88 -10.49 -10.18
C8 NAG D . 44.75 -9.53 -10.94
N2 NAG D . 42.66 -10.69 -10.65
O3 NAG D . 42.90 -13.47 -10.75
O4 NAG D . 40.44 -14.96 -10.32
O5 NAG D . 39.40 -11.71 -9.08
O6 NAG D . 38.64 -15.19 -8.91
O7 NAG D . 44.27 -11.07 -9.17
C1 MAN D . 41.90 -3.79 -10.78
C2 MAN D . 42.46 -2.83 -11.82
C3 MAN D . 43.29 -1.74 -11.16
C4 MAN D . 42.53 -1.08 -10.03
C5 MAN D . 41.97 -2.14 -9.08
C6 MAN D . 41.14 -1.51 -7.96
O2 MAN D . 41.38 -2.25 -12.56
O3 MAN D . 43.63 -0.74 -12.14
O4 MAN D . 43.40 -0.21 -9.30
O5 MAN D . 41.15 -3.05 -9.82
O6 MAN D . 40.68 -2.55 -7.08
C1 NAG E . 53.45 -20.29 -24.51
C2 NAG E . 54.74 -20.85 -23.91
C3 NAG E . 55.85 -19.80 -23.88
C4 NAG E . 56.00 -19.12 -25.23
C5 NAG E . 54.64 -18.68 -25.77
C6 NAG E . 54.75 -18.05 -27.16
C7 NAG E . 54.65 -22.65 -22.29
C8 NAG E . 53.83 -23.18 -21.16
N2 NAG E . 54.49 -21.36 -22.58
O3 NAG E . 57.08 -20.43 -23.52
O4 NAG E . 56.84 -17.97 -25.06
O5 NAG E . 53.74 -19.79 -25.82
O6 NAG E . 55.52 -18.90 -28.01
O7 NAG E . 55.41 -23.36 -22.93
C1 NAG E . 58.04 -18.14 -25.84
C2 NAG E . 58.53 -16.77 -26.32
C3 NAG E . 59.83 -16.91 -27.11
C4 NAG E . 60.83 -17.81 -26.39
C5 NAG E . 60.18 -19.11 -25.93
C6 NAG E . 61.15 -19.97 -25.14
C7 NAG E . 56.69 -15.23 -26.64
C8 NAG E . 55.94 -14.41 -27.65
N2 NAG E . 57.52 -16.13 -27.14
O3 NAG E . 60.41 -15.62 -27.30
O4 NAG E . 61.92 -18.11 -27.27
O5 NAG E . 59.06 -18.80 -25.10
O6 NAG E . 62.25 -20.33 -25.99
O7 NAG E . 56.53 -15.07 -25.45
C1 NAG F . 58.43 -4.40 9.39
C2 NAG F . 59.49 -4.12 10.45
C3 NAG F . 60.32 -2.86 10.22
C4 NAG F . 60.53 -2.51 8.75
C5 NAG F . 59.24 -2.73 7.97
C6 NAG F . 59.40 -2.36 6.50
C7 NAG F . 58.92 -4.93 12.68
C8 NAG F . 58.16 -4.66 13.94
N2 NAG F . 58.84 -3.99 11.74
O3 NAG F . 61.61 -3.02 10.84
O4 NAG F . 60.86 -1.12 8.68
O5 NAG F . 58.91 -4.11 8.08
O6 NAG F . 58.15 -1.86 6.02
O7 NAG F . 59.56 -5.96 12.52
C1 NAG F . 62.16 -0.98 8.07
C2 NAG F . 62.26 0.41 7.45
C3 NAG F . 63.64 0.62 6.82
C4 NAG F . 64.74 0.24 7.80
C5 NAG F . 64.49 -1.14 8.39
C6 NAG F . 65.55 -1.49 9.43
C7 NAG F . 60.10 1.23 6.73
C8 NAG F . 59.18 1.48 5.57
N2 NAG F . 61.22 0.59 6.46
O3 NAG F . 63.78 1.99 6.45
O4 NAG F . 66.00 0.24 7.12
O5 NAG F . 63.21 -1.16 9.02
O6 NAG F . 66.86 -1.31 8.85
O7 NAG F . 59.83 1.61 7.86
C1 NAG G . 62.65 -18.23 5.11
C2 NAG G . 63.50 -17.32 6.00
C3 NAG G . 64.77 -17.99 6.49
C4 NAG G . 64.48 -19.38 7.05
C5 NAG G . 63.64 -20.17 6.06
C6 NAG G . 63.31 -21.55 6.60
C7 NAG G . 63.33 -14.92 5.65
C8 NAG G . 63.23 -13.90 4.56
N2 NAG G . 63.85 -16.10 5.30
O3 NAG G . 65.36 -17.18 7.52
O4 NAG G . 65.74 -20.02 7.25
O5 NAG G . 62.43 -19.46 5.78
O6 NAG G . 62.66 -22.32 5.58
O7 NAG G . 62.97 -14.69 6.79
C1 NAG G . 65.90 -20.29 8.65
C2 NAG G . 66.91 -21.40 8.85
C3 NAG G . 67.13 -21.70 10.33
C4 NAG G . 67.37 -20.41 11.11
C5 NAG G . 66.34 -19.36 10.77
C6 NAG G . 66.63 -18.04 11.49
C7 NAG G . 66.99 -23.03 7.06
C8 NAG G . 66.08 -23.79 6.13
N2 NAG G . 66.44 -22.61 8.19
O3 NAG G . 68.25 -22.57 10.48
O4 NAG G . 67.33 -20.68 12.51
O5 NAG G . 66.33 -19.13 9.37
O6 NAG G . 67.92 -17.56 11.09
O7 NAG G . 68.16 -22.82 6.78
C1 NAG H . 42.70 21.71 12.30
C2 NAG H . 43.55 21.31 11.10
C3 NAG H . 45.04 21.50 11.35
C4 NAG H . 45.37 22.81 12.05
C5 NAG H . 44.42 23.05 13.21
C6 NAG H . 44.68 24.37 13.91
C7 NAG H . 43.70 19.38 9.62
C8 NAG H . 42.72 18.48 8.92
N2 NAG H . 43.27 19.93 10.76
O3 NAG H . 45.75 21.44 10.10
O4 NAG H . 46.71 22.75 12.56
O5 NAG H . 43.07 23.03 12.73
O6 NAG H . 44.61 25.44 12.95
O7 NAG H . 44.82 19.59 9.18
C1 NAG H . 47.61 23.69 11.94
C2 NAG H . 48.69 24.02 12.99
C3 NAG H . 49.81 24.88 12.43
C4 NAG H . 50.32 24.35 11.09
C5 NAG H . 49.14 24.06 10.17
C6 NAG H . 49.62 23.47 8.85
C7 NAG H . 47.81 24.08 15.26
C8 NAG H . 47.78 24.93 16.49
N2 NAG H . 48.07 24.71 14.12
O3 NAG H . 50.89 24.91 13.37
O4 NAG H . 51.17 25.35 10.51
O5 NAG H . 48.25 23.14 10.79
O6 NAG H . 50.39 22.29 9.09
O7 NAG H . 47.62 22.87 15.30
C1 BMA H . 52.52 24.85 10.53
C2 BMA H . 53.21 25.20 9.21
C3 BMA H . 54.64 24.67 9.20
C4 BMA H . 55.37 25.08 10.48
C5 BMA H . 54.55 24.74 11.72
C6 BMA H . 55.25 25.22 12.99
O2 BMA H . 53.23 26.62 9.04
O3 BMA H . 55.34 25.17 8.06
O4 BMA H . 56.63 24.40 10.54
O5 BMA H . 53.27 25.37 11.62
O6 BMA H . 54.52 24.77 14.13
C1 NAG I . 25.36 30.34 -27.70
C2 NAG I . 24.94 31.78 -28.01
C3 NAG I . 24.28 31.98 -29.38
C4 NAG I . 24.86 31.09 -30.47
C5 NAG I . 24.99 29.67 -29.93
C6 NAG I . 25.50 28.71 -31.00
C7 NAG I . 23.99 33.51 -26.62
C8 NAG I . 24.19 33.76 -25.14
N2 NAG I . 24.01 32.24 -27.00
O3 NAG I . 24.42 33.35 -29.77
O4 NAG I . 23.94 31.11 -31.57
O5 NAG I . 25.90 29.69 -28.85
O6 NAG I . 25.27 27.37 -30.58
O7 NAG I . 23.81 34.42 -27.41
C1 NAG I . 24.60 31.70 -32.71
C2 NAG I . 23.89 31.27 -33.98
C3 NAG I . 24.54 31.88 -35.21
C4 NAG I . 24.76 33.37 -35.02
C5 NAG I . 25.43 33.67 -33.68
C6 NAG I . 25.58 35.17 -33.46
C7 NAG I . 22.76 29.13 -34.14
C8 NAG I . 22.43 28.33 -32.91
N2 NAG I . 23.89 29.82 -34.08
O3 NAG I . 23.70 31.66 -36.35
O4 NAG I . 25.59 33.87 -36.08
O5 NAG I . 24.64 33.12 -32.63
O6 NAG I . 26.51 35.69 -34.42
O7 NAG I . 22.03 29.15 -35.12
C1 NAG J . 11.36 38.84 -19.92
C2 NAG J . 12.74 39.48 -19.76
C3 NAG J . 12.80 40.45 -18.58
C4 NAG J . 11.57 41.35 -18.51
C5 NAG J . 10.29 40.54 -18.68
C6 NAG J . 9.06 41.45 -18.66
C7 NAG J . 14.74 38.27 -20.43
C8 NAG J . 16.07 38.01 -19.79
N2 NAG J . 13.72 38.43 -19.57
O3 NAG J . 13.97 41.27 -18.72
O4 NAG J . 11.57 41.95 -17.22
O5 NAG J . 10.33 39.83 -19.91
O6 NAG J . 9.20 42.46 -19.67
O7 NAG J . 14.59 38.33 -21.64
C1 NAG J . 11.76 43.37 -17.39
C2 NAG J . 11.12 44.12 -16.23
C3 NAG J . 11.30 45.62 -16.40
C4 NAG J . 12.75 45.97 -16.74
C5 NAG J . 13.28 45.08 -17.84
C6 NAG J . 14.76 45.37 -18.11
C7 NAG J . 9.22 43.00 -15.22
C8 NAG J . 8.39 43.66 -14.16
N2 NAG J . 9.70 43.81 -16.16
O3 NAG J . 10.92 46.29 -15.19
O4 NAG J . 12.83 47.34 -17.13
O5 NAG J . 13.14 43.71 -17.48
O6 NAG J . 14.86 46.45 -19.04
O7 NAG J . 9.44 41.80 -15.22
C1 NAG K . -24.43 39.49 -33.59
C2 NAG K . -23.85 40.87 -33.29
C3 NAG K . -24.03 41.91 -34.40
C4 NAG K . -23.87 41.32 -35.80
C5 NAG K . -24.69 40.03 -35.90
C6 NAG K . -24.61 39.42 -37.29
C7 NAG K . -23.79 42.12 -31.20
C8 NAG K . -24.42 42.22 -29.85
N2 NAG K . -24.46 41.35 -32.07
O3 NAG K . -23.08 42.96 -34.22
O4 NAG K . -24.38 42.26 -36.76
O5 NAG K . -24.16 39.12 -34.94
O6 NAG K . -23.24 39.22 -37.66
O7 NAG K . -22.75 42.68 -31.49
C1 NAG K . -23.26 42.78 -37.51
C2 NAG K . -23.71 43.15 -38.92
C3 NAG K . -22.54 43.69 -39.73
C4 NAG K . -21.79 44.77 -38.96
C5 NAG K . -21.48 44.31 -37.54
C6 NAG K . -20.82 45.43 -36.74
C7 NAG K . -25.58 41.88 -39.77
C8 NAG K . -26.02 41.73 -41.20
N2 NAG K . -24.28 42.00 -39.58
O3 NAG K . -23.02 44.24 -40.96
O4 NAG K . -20.58 45.09 -39.63
O5 NAG K . -22.68 43.92 -36.88
O6 NAG K . -19.51 45.68 -37.27
O7 NAG K . -26.39 41.91 -38.86
C1 NAG L . -20.47 15.27 -43.25
C2 NAG L . -20.05 16.13 -44.42
C3 NAG L . -19.44 15.31 -45.55
C4 NAG L . -18.42 14.29 -45.03
C5 NAG L . -18.94 13.56 -43.80
C6 NAG L . -17.87 12.65 -43.20
C7 NAG L . -21.48 18.10 -44.49
C8 NAG L . -22.80 18.66 -44.94
N2 NAG L . -21.19 16.88 -44.93
O3 NAG L . -18.79 16.19 -46.48
O4 NAG L . -18.21 13.33 -46.07
O5 NAG L . -19.34 14.51 -42.82
O6 NAG L . -16.70 13.42 -42.88
O7 NAG L . -20.72 18.73 -43.77
C1 NAG L . -16.85 13.43 -46.52
C2 NAG L . -16.35 12.05 -46.97
C3 NAG L . -14.93 12.13 -47.51
C4 NAG L . -14.78 13.28 -48.50
C5 NAG L . -15.35 14.57 -47.94
C6 NAG L . -15.26 15.70 -48.95
C7 NAG L . -17.40 10.30 -45.66
C8 NAG L . -17.11 9.10 -44.81
N2 NAG L . -16.39 11.13 -45.85
O3 NAG L . -14.61 10.90 -48.16
O4 NAG L . -13.39 13.47 -48.81
O5 NAG L . -16.71 14.36 -47.59
O6 NAG L . -13.88 15.97 -49.24
O7 NAG L . -18.50 10.49 -46.15
C1 NAG M . -40.74 57.82 -9.70
C2 NAG M . -39.67 58.92 -9.77
C3 NAG M . -38.90 59.11 -8.45
C4 NAG M . -39.81 59.07 -7.23
C5 NAG M . -40.74 57.86 -7.33
C6 NAG M . -41.67 57.76 -6.13
C7 NAG M . -38.88 59.12 -12.05
C8 NAG M . -38.03 58.50 -13.11
N2 NAG M . -38.73 58.62 -10.83
O3 NAG M . -38.21 60.35 -8.49
O4 NAG M . -38.98 58.95 -6.08
O5 NAG M . -41.52 58.00 -8.51
O6 NAG M . -42.41 58.99 -5.98
O7 NAG M . -39.66 60.04 -12.29
C1 NAG M . -39.31 59.99 -5.13
C2 NAG M . -38.95 59.52 -3.72
C3 NAG M . -39.28 60.59 -2.70
C4 NAG M . -38.71 61.94 -3.12
C5 NAG M . -39.06 62.25 -4.57
C6 NAG M . -38.42 63.57 -5.01
C7 NAG M . -39.00 57.11 -3.37
C8 NAG M . -39.78 55.92 -3.82
N2 NAG M . -39.64 58.29 -3.42
O3 NAG M . -38.73 60.21 -1.43
O4 NAG M . -39.25 62.96 -2.27
O5 NAG M . -38.62 61.20 -5.42
O6 NAG M . -38.83 64.62 -4.13
O7 NAG M . -37.86 57.03 -2.95
C1 NAG N . 28.51 4.03 24.40
C2 NAG N . 27.21 4.30 25.16
C3 NAG N . 27.09 3.47 26.45
C4 NAG N . 27.46 2.00 26.20
C5 NAG N . 28.79 1.93 25.48
C6 NAG N . 29.20 0.48 25.22
C7 NAG N . 26.18 6.50 24.97
C8 NAG N . 24.93 6.63 25.79
N2 NAG N . 27.12 5.71 25.48
O3 NAG N . 25.76 3.58 26.94
O4 NAG N . 27.59 1.27 27.43
O5 NAG N . 28.69 2.63 24.24
O6 NAG N . 28.08 -0.23 24.68
O7 NAG N . 26.33 7.09 23.92
C1 NAG N . 26.40 0.57 27.84
C2 NAG N . 26.89 -0.64 28.63
C3 NAG N . 25.74 -1.45 29.22
C4 NAG N . 24.81 -0.53 30.01
C5 NAG N . 24.45 0.70 29.20
C6 NAG N . 23.61 1.68 30.02
C7 NAG N . 28.64 -2.29 28.33
C8 NAG N . 28.92 -3.55 27.56
N2 NAG N . 27.71 -1.50 27.79
O3 NAG N . 26.28 -2.46 30.07
O4 NAG N . 23.61 -1.23 30.35
O5 NAG N . 25.62 1.37 28.72
O6 NAG N . 24.30 1.96 31.26
O7 NAG N . 29.19 -2.03 29.37
C1 BMA N . 23.73 -1.74 31.70
C2 BMA N . 22.36 -1.75 32.37
C3 BMA N . 22.45 -2.24 33.81
C4 BMA N . 23.23 -3.55 33.88
C5 BMA N . 24.57 -3.40 33.16
C6 BMA N . 25.43 -4.67 33.31
O2 BMA N . 21.47 -2.60 31.63
O3 BMA N . 21.12 -2.43 34.35
O4 BMA N . 23.46 -3.89 35.26
O5 BMA N . 24.32 -3.04 31.79
O6 BMA N . 25.76 -5.32 32.08
C1 MAN N . 21.06 -1.64 35.56
C2 MAN N . 19.65 -1.61 36.15
C3 MAN N . 18.73 -0.96 35.14
C4 MAN N . 19.23 0.44 34.83
C5 MAN N . 20.70 0.43 34.43
C6 MAN N . 21.25 1.84 34.30
O2 MAN N . 19.69 -0.77 37.31
O3 MAN N . 17.40 -0.90 35.67
O4 MAN N . 18.45 1.00 33.77
O5 MAN N . 21.49 -0.30 35.38
O6 MAN N . 22.60 1.79 33.81
C1 MAN N . 20.25 -1.50 38.42
C2 MAN N . 19.48 -1.14 39.68
C3 MAN N . 19.71 0.31 40.06
C4 MAN N . 21.20 0.65 40.08
C5 MAN N . 21.84 0.21 38.77
C6 MAN N . 23.34 0.50 38.73
O2 MAN N . 19.92 -1.98 40.75
O3 MAN N . 19.15 0.58 41.36
O4 MAN N . 21.38 2.05 40.27
O5 MAN N . 21.64 -1.20 38.60
O6 MAN N . 23.72 1.33 39.84
C1 MAN N . 26.85 -6.23 32.29
C2 MAN N . 27.04 -7.02 31.01
C3 MAN N . 25.84 -7.92 30.78
C4 MAN N . 25.55 -8.77 32.00
C5 MAN N . 25.52 -7.96 33.31
C6 MAN N . 25.45 -8.93 34.49
O2 MAN N . 28.22 -7.82 31.11
O3 MAN N . 26.08 -8.76 29.65
O4 MAN N . 24.29 -9.43 31.85
O5 MAN N . 26.67 -7.13 33.40
O6 MAN N . 25.04 -8.32 35.72
C1 NAG N . 29.35 -7.09 30.57
C2 NAG N . 30.56 -7.56 31.32
C3 NAG N . 31.76 -6.83 30.86
C4 NAG N . 31.93 -7.15 29.34
C5 NAG N . 30.67 -6.69 28.55
C6 NAG N . 30.84 -7.01 27.09
C7 NAG N . 30.66 -8.33 33.60
C8 NAG N . 30.33 -8.08 35.04
N2 NAG N . 30.35 -7.39 32.74
O3 NAG N . 32.92 -7.22 31.64
O4 NAG N . 33.05 -6.50 28.83
O5 NAG N . 29.53 -7.40 29.07
O6 NAG N . 32.22 -7.03 26.75
O7 NAG N . 31.19 -9.39 33.25
C1 MAN N . 23.96 -7.39 35.46
C2 MAN N . 23.53 -6.73 36.76
C3 MAN N . 22.85 -7.74 37.68
C4 MAN N . 21.76 -8.50 36.93
C5 MAN N . 22.29 -9.06 35.63
C6 MAN N . 21.20 -9.77 34.84
O2 MAN N . 22.64 -5.65 36.48
O3 MAN N . 22.27 -7.06 38.80
O4 MAN N . 21.28 -9.58 37.75
O5 MAN N . 22.83 -7.99 34.84
O6 MAN N . 21.77 -10.32 33.63
C1 NAG O . 45.74 1.30 42.13
C2 NAG O . 46.72 0.26 42.65
C3 NAG O . 46.31 -0.29 44.00
C4 NAG O . 45.97 0.83 44.99
C5 NAG O . 45.06 1.85 44.33
C6 NAG O . 44.76 3.02 45.26
C7 NAG O . 48.03 -1.07 41.09
C8 NAG O . 47.95 -1.72 39.74
N2 NAG O . 46.87 -0.82 41.69
O3 NAG O . 47.37 -1.10 44.54
O4 NAG O . 45.32 0.25 46.12
O5 NAG O . 45.63 2.33 43.11
O6 NAG O . 45.99 3.52 45.80
O7 NAG O . 49.10 -0.77 41.60
C1 NAG O . 46.13 0.47 47.29
C2 NAG O . 45.23 0.61 48.51
C3 NAG O . 46.06 0.80 49.77
C4 NAG O . 47.19 -0.22 49.86
C5 NAG O . 47.97 -0.28 48.55
C6 NAG O . 49.06 -1.34 48.61
C7 NAG O . 43.08 1.58 47.92
C8 NAG O . 42.17 2.75 48.11
N2 NAG O . 44.33 1.73 48.35
O3 NAG O . 45.21 0.66 50.92
O4 NAG O . 48.08 0.16 50.91
O5 NAG O . 47.07 -0.58 47.49
O6 NAG O . 49.99 -1.01 49.63
O7 NAG O . 42.70 0.55 47.40
C1 NAG P . 29.01 -32.52 40.27
C2 NAG P . 29.10 -33.94 40.83
C3 NAG P . 28.41 -34.15 42.17
C4 NAG P . 28.41 -32.93 43.08
C5 NAG P . 28.14 -31.67 42.26
C6 NAG P . 28.10 -30.43 43.14
C7 NAG P . 29.23 -35.68 39.11
C8 NAG P . 28.45 -36.52 38.15
N2 NAG P . 28.50 -34.86 39.87
O3 NAG P . 29.04 -35.24 42.85
O4 NAG P . 27.36 -33.09 44.03
O5 NAG P . 29.17 -31.55 41.30
O6 NAG P . 27.16 -29.50 42.58
O7 NAG P . 30.44 -35.73 39.19
C1 NAG P . 27.91 -33.08 45.35
C2 NAG P . 26.83 -32.65 46.34
C3 NAG P . 27.36 -32.66 47.77
C4 NAG P . 28.05 -33.98 48.07
C5 NAG P . 29.05 -34.34 46.99
C6 NAG P . 29.70 -35.70 47.25
C7 NAG P . 25.22 -31.14 45.30
C8 NAG P . 24.77 -29.73 45.14
N2 NAG P . 26.35 -31.32 46.00
O3 NAG P . 26.28 -32.46 48.67
O4 NAG P . 28.72 -33.88 49.33
O5 NAG P . 28.40 -34.37 45.72
O6 NAG P . 30.21 -35.72 48.58
O7 NAG P . 24.60 -32.08 44.82
C1 NAG Q . 43.71 -29.54 38.72
C2 NAG Q . 43.17 -30.75 39.48
C3 NAG Q . 44.27 -31.69 39.96
C4 NAG Q . 45.27 -31.99 38.87
C5 NAG Q . 45.73 -30.69 38.22
C6 NAG Q . 46.72 -30.96 37.08
C7 NAG Q . 41.05 -30.51 40.62
C8 NAG Q . 40.27 -29.54 41.44
N2 NAG Q . 42.37 -30.33 40.60
O3 NAG Q . 43.68 -32.91 40.41
O4 NAG Q . 46.38 -32.65 39.47
O5 NAG Q . 44.61 -29.97 37.70
O6 NAG Q . 47.25 -29.71 36.60
O7 NAG Q . 40.51 -31.41 40.00
C1 NAG Q . 46.48 -33.98 38.92
C2 NAG Q . 47.89 -34.50 39.11
C3 NAG Q . 48.03 -35.92 38.56
C4 NAG Q . 46.89 -36.81 39.06
C5 NAG Q . 45.54 -36.13 38.88
C6 NAG Q . 44.42 -36.99 39.45
C7 NAG Q . 49.62 -32.80 39.11
C8 NAG Q . 50.01 -31.54 38.39
N2 NAG Q . 48.83 -33.63 38.43
O3 NAG Q . 49.29 -36.47 38.97
O4 NAG Q . 46.91 -38.05 38.34
O5 NAG Q . 45.54 -34.87 39.53
O6 NAG Q . 44.63 -37.19 40.85
O7 NAG Q . 50.01 -33.05 40.24
C1 NAG R . -1.50 -30.25 39.11
C2 NAG R . -0.58 -29.47 40.06
C3 NAG R . -0.10 -30.34 41.22
C4 NAG R . -1.21 -31.19 41.83
C5 NAG R . -2.02 -31.86 40.73
C6 NAG R . -3.17 -32.69 41.30
C7 NAG R . 1.41 -28.09 39.84
C8 NAG R . 1.85 -26.98 38.92
N2 NAG R . 0.56 -28.97 39.32
O3 NAG R . 0.46 -29.49 42.24
O4 NAG R . -0.61 -32.20 42.66
O5 NAG R . -2.54 -30.86 39.85
O6 NAG R . -3.99 -31.86 42.13
O7 NAG R . 1.79 -28.16 41.00
C1 NAG R . -0.94 -32.08 44.05
C2 NAG R . -0.91 -33.49 44.65
C3 NAG R . -1.07 -33.50 46.16
C4 NAG R . -0.17 -32.48 46.84
C5 NAG R . -0.31 -31.12 46.14
C6 NAG R . 0.61 -30.08 46.75
C7 NAG R . -1.68 -35.20 43.10
C8 NAG R . -2.63 -36.35 42.99
N2 NAG R . -1.95 -34.31 44.05
O3 NAG R . -0.74 -34.81 46.66
O4 NAG R . -0.58 -32.36 48.21
O5 NAG R . -0.01 -31.27 44.74
O6 NAG R . 1.97 -30.55 46.69
O7 NAG R . -0.72 -35.08 42.35
C1 BMA R . 0.47 -32.90 49.03
C2 BMA R . 0.67 -32.02 50.26
C3 BMA R . 1.79 -32.58 51.13
C4 BMA R . 1.58 -34.05 51.41
C5 BMA R . 1.32 -34.82 50.11
C6 BMA R . 1.02 -36.29 50.39
O2 BMA R . -0.54 -31.96 51.01
O3 BMA R . 1.84 -31.86 52.38
O4 BMA R . 2.74 -34.60 52.05
O5 BMA R . 0.19 -34.23 49.44
O6 BMA R . 0.92 -36.99 49.16
C1 NAG S . -11.03 12.73 45.24
C2 NAG S . -12.44 13.11 45.71
C3 NAG S . -12.71 14.60 45.83
C4 NAG S . -11.51 15.41 46.29
C5 NAG S . -10.28 14.96 45.51
C6 NAG S . -9.03 15.77 45.88
C7 NAG S . -14.60 12.12 45.24
C8 NAG S . -14.94 10.69 44.93
N2 NAG S . -13.41 12.53 44.80
O3 NAG S . -13.79 14.81 46.75
O4 NAG S . -11.78 16.79 46.02
O5 NAG S . -10.05 13.59 45.81
O6 NAG S . -8.02 15.57 44.89
O7 NAG S . -15.36 12.86 45.85
C1 NAG S . -11.82 17.50 47.26
C2 NAG S . -11.58 18.99 46.98
C3 NAG S . -11.64 19.79 48.27
C4 NAG S . -12.88 19.44 49.08
C5 NAG S . -13.03 17.93 49.22
C6 NAG S . -14.31 17.57 49.97
C7 NAG S . -10.19 19.73 45.14
C8 NAG S . -9.82 18.80 44.02
N2 NAG S . -10.28 19.17 46.34
O3 NAG S . -11.65 21.19 47.96
O4 NAG S . -12.78 20.02 50.39
O5 NAG S . -13.06 17.34 47.92
O6 NAG S . -14.21 18.02 51.32
O7 NAG S . -10.39 20.92 44.97
C1 NAG T . -26.00 10.96 35.17
C2 NAG T . -25.97 10.20 36.50
C3 NAG T . -26.97 9.06 36.56
C4 NAG T . -28.32 9.44 35.99
C5 NAG T . -28.17 10.17 34.66
C6 NAG T . -29.52 10.61 34.12
C7 NAG T . -23.89 10.05 37.77
C8 NAG T . -23.15 8.94 38.45
N2 NAG T . -24.62 9.69 36.72
O3 NAG T . -27.13 8.64 37.92
O4 NAG T . -29.05 8.24 35.76
O5 NAG T . -27.34 11.31 34.83
O6 NAG T . -30.20 11.41 35.09
O7 NAG T . -23.83 11.21 38.16
C1 NAG T . -30.18 8.23 36.64
C2 NAG T . -31.31 7.39 36.04
C3 NAG T . -32.52 7.38 36.96
C4 NAG T . -32.11 7.06 38.40
C5 NAG T . -30.91 7.90 38.84
C6 NAG T . -30.46 7.51 40.24
C7 NAG T . -31.33 7.33 33.62
C8 NAG T . -32.44 6.67 32.87
N2 NAG T . -31.69 7.93 34.75
O3 NAG T . -33.44 6.39 36.50
O4 NAG T . -33.21 7.30 39.27
O5 NAG T . -29.84 7.71 37.93
O6 NAG T . -31.24 8.24 41.21
O7 NAG T . -30.18 7.31 33.23
C1 NAG U . -40.81 38.19 12.65
C2 NAG U . -41.79 37.60 13.65
C3 NAG U . -42.63 38.62 14.42
C4 NAG U . -41.84 39.86 14.83
C5 NAG U . -41.06 40.36 13.62
C6 NAG U . -40.29 41.63 13.94
C7 NAG U . -43.18 35.60 13.46
C8 NAG U . -43.76 34.62 12.49
N2 NAG U . -42.69 36.71 12.92
O3 NAG U . -43.15 37.99 15.61
O4 NAG U . -42.76 40.88 15.26
O5 NAG U . -40.16 39.33 13.23
O6 NAG U . -39.44 41.41 15.06
O7 NAG U . -43.17 35.41 14.66
C1 NAG U . -42.59 41.06 16.67
C2 NAG U . -42.91 42.50 17.05
C3 NAG U . -42.73 42.73 18.55
C4 NAG U . -43.46 41.63 19.34
C5 NAG U . -43.12 40.25 18.81
C6 NAG U . -43.92 39.18 19.55
C7 NAG U . -42.52 44.14 15.31
C8 NAG U . -42.37 45.62 15.46
N2 NAG U . -42.05 43.42 16.32
O3 NAG U . -43.25 44.01 18.90
O4 NAG U . -43.08 41.73 20.72
O5 NAG U . -43.42 40.17 17.42
O6 NAG U . -43.47 39.10 20.91
O7 NAG U . -43.05 43.64 14.33
C1 NAG V . -16.30 46.81 8.08
C2 NAG V . -16.70 47.65 9.29
C3 NAG V . -15.53 48.46 9.83
C4 NAG V . -14.26 47.64 9.94
C5 NAG V . -14.03 46.78 8.71
C6 NAG V . -12.83 45.86 8.88
C7 NAG V . -19.07 48.18 9.13
C8 NAG V . -20.08 49.10 8.52
N2 NAG V . -17.79 48.53 8.94
O3 NAG V . -15.87 48.98 11.12
O4 NAG V . -13.15 48.55 10.06
O5 NAG V . -15.19 45.99 8.46
O6 NAG V . -13.03 45.02 10.04
O7 NAG V . -19.39 47.17 9.74
C1 NAG V . -12.56 48.39 11.36
C2 NAG V . -11.06 48.67 11.27
C3 NAG V . -10.41 48.57 12.64
C4 NAG V . -11.19 49.34 13.70
C5 NAG V . -12.67 48.99 13.63
C6 NAG V . -13.47 49.79 14.65
C7 NAG V . -10.18 48.03 9.10
C8 NAG V . -9.12 47.21 8.42
N2 NAG V . -10.42 47.73 10.37
O3 NAG V . -9.07 49.10 12.57
O4 NAG V . -10.69 49.03 15.00
O5 NAG V . -13.16 49.25 12.32
O6 NAG V . -13.04 49.47 15.97
O7 NAG V . -10.79 48.93 8.51
C1 NAG W . -67.87 22.15 -0.89
C2 NAG W . -68.34 21.70 0.49
C3 NAG W . -68.34 20.19 0.67
C4 NAG W . -68.90 19.44 -0.54
C5 NAG W . -68.26 20.00 -1.81
C6 NAG W . -68.76 19.29 -3.06
C7 NAG W . -67.82 23.43 2.11
C8 NAG W . -66.72 24.08 2.91
N2 NAG W . -67.49 22.29 1.51
O3 NAG W . -69.13 19.84 1.83
O4 NAG W . -68.60 18.06 -0.40
O5 NAG W . -68.54 21.38 -1.89
O6 NAG W . -70.19 19.39 -3.12
O7 NAG W . -68.93 23.92 2.03
C1 NAG W . -69.79 17.28 -0.53
C2 NAG W . -69.42 15.88 -1.02
C3 NAG W . -70.67 15.03 -1.18
C4 NAG W . -71.53 15.09 0.07
C5 NAG W . -71.76 16.53 0.51
C6 NAG W . -72.55 16.57 1.81
C7 NAG W . -67.40 15.72 -2.35
C8 NAG W . -66.63 16.54 -3.35
N2 NAG W . -68.70 15.96 -2.28
O3 NAG W . -70.27 13.67 -1.43
O4 NAG W . -72.80 14.47 -0.21
O5 NAG W . -70.51 17.17 0.69
O6 NAG W . -73.79 15.88 1.64
O7 NAG W . -66.86 14.88 -1.65
C1 NAG X . 5.81 -34.23 14.79
C2 NAG X . 4.87 -34.40 13.60
C3 NAG X . 5.35 -35.46 12.62
C4 NAG X . 6.84 -35.30 12.31
C5 NAG X . 7.62 -35.20 13.60
C6 NAG X . 9.11 -35.05 13.35
C7 NAG X . 2.49 -33.94 13.91
C8 NAG X . 1.69 -34.16 12.67
N2 NAG X . 3.54 -34.74 14.07
O3 NAG X . 4.58 -35.37 11.41
O4 NAG X . 7.36 -36.43 11.58
O5 NAG X . 7.14 -34.07 14.34
O6 NAG X . 9.31 -34.05 12.33
O7 NAG X . 2.20 -33.07 14.73
C1 NAG X . 7.37 -36.27 10.15
C2 NAG X . 8.55 -37.11 9.66
C3 NAG X . 8.64 -37.12 8.14
C4 NAG X . 7.30 -37.51 7.53
C5 NAG X . 6.17 -36.69 8.14
C6 NAG X . 4.82 -37.15 7.62
C7 NAG X . 10.84 -37.45 10.36
C8 NAG X . 12.18 -36.80 10.29
N2 NAG X . 9.80 -36.63 10.22
O3 NAG X . 9.66 -38.05 7.74
O4 NAG X . 7.32 -37.27 6.11
O5 NAG X . 6.19 -36.79 9.57
O6 NAG X . 4.70 -38.57 7.80
O7 NAG X . 10.70 -38.65 10.52
C1 BMA X . 7.62 -38.51 5.43
C2 BMA X . 6.91 -38.56 4.08
C3 BMA X . 7.17 -39.86 3.36
C4 BMA X . 8.65 -40.18 3.33
C5 BMA X . 9.25 -40.09 4.74
C6 BMA X . 10.73 -40.51 4.75
O2 BMA X . 7.35 -37.46 3.27
O3 BMA X . 6.65 -39.80 2.01
O4 BMA X . 8.86 -41.49 2.81
O5 BMA X . 9.01 -38.77 5.25
O6 BMA X . 11.63 -39.48 5.18
C1 MAN X . 5.75 -40.92 1.86
C2 MAN X . 5.00 -40.86 0.54
C3 MAN X . 4.16 -39.61 0.50
C4 MAN X . 3.20 -39.63 1.69
C5 MAN X . 3.93 -39.87 3.00
C6 MAN X . 2.96 -40.07 4.16
O2 MAN X . 4.11 -41.98 0.50
O3 MAN X . 3.42 -39.55 -0.72
O4 MAN X . 2.50 -38.37 1.77
O5 MAN X . 4.79 -41.02 2.90
O6 MAN X . 3.69 -40.18 5.39
C1 MAN X . 4.83 -43.18 0.17
C2 MAN X . 3.98 -44.03 -0.76
C3 MAN X . 2.75 -44.56 -0.04
C4 MAN X . 3.13 -45.22 1.28
C5 MAN X . 4.01 -44.26 2.10
C6 MAN X . 4.44 -44.87 3.43
O2 MAN X . 4.77 -45.13 -1.24
O3 MAN X . 2.07 -45.52 -0.87
O4 MAN X . 1.96 -45.55 2.02
O5 MAN X . 5.17 -43.94 1.33
O6 MAN X . 3.72 -46.09 3.69
C1 MAN X . 12.89 -40.07 5.53
C2 MAN X . 13.87 -38.94 5.81
C3 MAN X . 14.14 -38.17 4.52
C4 MAN X . 14.58 -39.11 3.41
C5 MAN X . 13.66 -40.32 3.27
C6 MAN X . 14.30 -41.31 2.29
O2 MAN X . 15.09 -39.47 6.33
O3 MAN X . 15.16 -37.20 4.76
O4 MAN X . 14.61 -38.40 2.17
O5 MAN X . 13.43 -40.95 4.53
O6 MAN X . 13.40 -42.30 1.77
C1 NAG X . 15.04 -39.49 7.77
C2 NAG X . 15.89 -40.64 8.21
C3 NAG X . 15.86 -40.77 9.68
C4 NAG X . 16.45 -39.44 10.26
C5 NAG X . 15.59 -38.24 9.79
C6 NAG X . 16.17 -36.96 10.35
C7 NAG X . 16.28 -42.72 7.02
C8 NAG X . 15.69 -43.90 6.32
N2 NAG X . 15.44 -41.85 7.57
O3 NAG X . 16.63 -41.93 10.10
O4 NAG X . 16.47 -39.48 11.64
O5 NAG X . 15.62 -38.18 8.37
O6 NAG X . 16.85 -37.22 11.56
O7 NAG X . 17.50 -42.54 7.08
C1 MAN X . 12.13 -41.67 1.47
C2 MAN X . 11.17 -42.72 0.93
C3 MAN X . 11.61 -43.20 -0.45
C4 MAN X . 11.89 -42.03 -1.38
C5 MAN X . 12.82 -41.03 -0.71
C6 MAN X . 13.06 -39.81 -1.60
O2 MAN X . 9.86 -42.15 0.84
O3 MAN X . 10.58 -44.03 -1.02
O4 MAN X . 12.50 -42.50 -2.59
O5 MAN X . 12.24 -40.60 0.52
O6 MAN X . 13.98 -38.93 -0.94
C1 NAG Y . 13.40 -57.31 20.12
C2 NAG Y . 14.70 -58.12 20.20
C3 NAG Y . 14.79 -59.15 19.08
C4 NAG Y . 13.51 -59.96 18.97
C5 NAG Y . 12.29 -59.05 18.98
C6 NAG Y . 10.99 -59.85 18.94
C7 NAG Y . 16.68 -57.17 21.22
C8 NAG Y . 17.42 -55.87 21.37
N2 NAG Y . 15.85 -57.24 20.18
O3 NAG Y . 15.90 -60.03 19.33
O4 NAG Y . 13.55 -60.69 17.73
O5 NAG Y . 12.31 -58.21 20.14
O6 NAG Y . 11.02 -60.88 19.93
O7 NAG Y . 16.83 -58.10 22.00
C1 NAG Y . 13.55 -62.10 18.01
C2 NAG Y . 12.84 -62.85 16.89
C3 NAG Y . 12.86 -64.35 17.14
C4 NAG Y . 14.26 -64.83 17.52
C5 NAG Y . 14.86 -63.96 18.61
C6 NAG Y . 16.28 -64.40 18.94
C7 NAG Y . 11.10 -61.47 15.88
C8 NAG Y . 9.63 -61.35 15.65
N2 NAG Y . 11.47 -62.40 16.78
O3 NAG Y . 12.43 -65.03 15.95
O4 NAG Y . 14.18 -66.18 17.98
O5 NAG Y . 14.87 -62.60 18.17
O6 NAG Y . 16.26 -65.74 19.44
O7 NAG Y . 11.91 -60.78 15.30
C1 NAG Z . 35.79 -46.58 -8.35
C2 NAG Z . 37.00 -47.03 -9.18
C3 NAG Z . 36.67 -47.96 -10.35
C4 NAG Z . 35.46 -48.85 -10.13
C5 NAG Z . 34.35 -48.08 -9.43
C6 NAG Z . 33.11 -48.93 -9.20
C7 NAG Z . 38.83 -45.42 -9.23
C8 NAG Z . 39.36 -44.18 -9.86
N2 NAG Z . 37.67 -45.86 -9.71
O3 NAG Z . 37.81 -48.78 -10.64
O4 NAG Z . 34.98 -49.26 -11.41
O5 NAG Z . 34.86 -47.65 -8.17
O6 NAG Z . 31.95 -48.10 -9.29
O7 NAG Z . 39.42 -46.00 -8.33
C1 NAG Z . 35.03 -50.69 -11.49
C2 NAG Z . 34.01 -51.17 -12.52
C3 NAG Z . 34.05 -52.69 -12.67
C4 NAG Z . 35.48 -53.17 -12.87
C5 NAG Z . 36.42 -52.58 -11.82
C6 NAG Z . 37.85 -53.01 -12.07
C7 NAG Z . 32.11 -49.66 -12.67
C8 NAG Z . 30.68 -49.42 -12.29
N2 NAG Z . 32.68 -50.74 -12.14
O3 NAG Z . 33.24 -53.08 -13.79
O4 NAG Z . 35.52 -54.60 -12.80
O5 NAG Z . 36.33 -51.16 -11.86
O6 NAG Z . 37.92 -54.43 -12.20
O7 NAG Z . 32.73 -48.91 -13.41
C1 NAG AA . 40.08 -51.47 5.25
C2 NAG AA . 40.79 -51.85 3.95
C3 NAG AA . 42.04 -52.69 4.17
C4 NAG AA . 42.92 -52.09 5.26
C5 NAG AA . 42.08 -51.77 6.49
C6 NAG AA . 42.93 -51.14 7.59
C7 NAG AA . 39.45 -52.01 1.94
C8 NAG AA . 38.11 -52.50 1.46
N2 NAG AA . 39.89 -52.57 3.07
O3 NAG AA . 42.78 -52.77 2.96
O4 NAG AA . 43.91 -53.06 5.59
O5 NAG AA . 41.03 -50.88 6.15
O6 NAG AA . 42.16 -50.99 8.79
O7 NAG AA . 40.08 -51.18 1.34
C1 NAG AA . 45.21 -52.52 5.24
C2 NAG AA . 46.28 -53.23 6.05
C3 NAG AA . 47.67 -52.72 5.69
C4 NAG AA . 47.86 -52.64 4.18
C5 NAG AA . 46.68 -51.96 3.51
C6 NAG AA . 46.84 -51.96 1.99
C7 NAG AA . 45.58 -54.07 8.21
C8 NAG AA . 44.75 -53.65 9.40
N2 NAG AA . 46.04 -53.08 7.46
O3 NAG AA . 48.67 -53.57 6.25
O4 NAG AA . 49.06 -51.92 3.89
O5 NAG AA . 45.48 -52.64 3.85
O6 NAG AA . 46.91 -53.31 1.52
O7 NAG AA . 45.80 -55.24 7.95
C1 NAG BA . 20.09 -33.00 -30.87
C2 NAG BA . 19.70 -34.28 -30.15
C3 NAG BA . 20.50 -35.50 -30.64
C4 NAG BA . 20.66 -35.54 -32.16
C5 NAG BA . 21.03 -34.16 -32.68
C6 NAG BA . 21.15 -34.14 -34.21
C7 NAG BA . 19.41 -35.01 -27.84
C8 NAG BA . 18.78 -34.43 -26.61
N2 NAG BA . 19.88 -34.12 -28.72
O3 NAG BA . 19.87 -36.70 -30.20
O4 NAG BA . 21.69 -36.47 -32.49
O5 NAG BA . 20.05 -33.21 -32.28
O6 NAG BA . 19.93 -34.61 -34.79
O7 NAG BA . 19.48 -36.21 -28.03
C1 NAG BA . 21.23 -37.60 -33.25
C2 NAG BA . 22.40 -38.07 -34.12
C3 NAG BA . 22.11 -39.39 -34.84
C4 NAG BA . 21.52 -40.44 -33.92
C5 NAG BA . 20.37 -39.82 -33.11
C6 NAG BA . 19.79 -40.83 -32.13
C7 NAG BA . 23.77 -36.24 -34.93
C8 NAG BA . 24.36 -35.67 -36.18
N2 NAG BA . 22.73 -37.04 -35.08
O3 NAG BA . 23.33 -39.89 -35.40
O4 NAG BA . 21.03 -41.52 -34.72
O5 NAG BA . 20.83 -38.68 -32.39
O6 NAG BA . 20.82 -41.31 -31.26
O7 NAG BA . 24.21 -35.97 -33.82
C1 BMA BA . 21.86 -42.67 -34.48
C2 BMA BA . 20.99 -43.91 -34.37
C3 BMA BA . 21.85 -45.14 -34.10
C4 BMA BA . 23.02 -45.21 -35.08
C5 BMA BA . 23.76 -43.88 -35.14
C6 BMA BA . 24.88 -43.92 -36.18
O2 BMA BA . 20.27 -44.09 -35.60
O3 BMA BA . 21.06 -46.32 -34.21
O4 BMA BA . 23.93 -46.24 -34.67
O5 BMA BA . 22.85 -42.84 -35.49
O6 BMA BA . 25.63 -42.70 -36.11
C1 NAG CA . -22.88 -37.28 -20.42
C2 NAG CA . -23.92 -37.14 -21.54
C3 NAG CA . -25.38 -37.22 -21.08
C4 NAG CA . -25.61 -38.19 -19.94
C5 NAG CA . -24.55 -37.97 -18.88
C6 NAG CA . -24.75 -38.87 -17.66
C7 NAG CA . -23.98 -35.75 -23.52
C8 NAG CA . -22.83 -35.25 -24.34
N2 NAG CA . -23.74 -35.88 -22.22
O3 NAG CA . -26.20 -37.62 -22.20
O4 NAG CA . -26.91 -37.91 -19.39
O5 NAG CA . -23.28 -38.25 -19.46
O6 NAG CA . -23.96 -38.37 -16.57
O7 NAG CA . -25.06 -36.03 -24.00
C1 NAG CA . -27.74 -39.07 -19.57
C2 NAG CA . -28.89 -39.01 -18.58
C3 NAG CA . -29.82 -40.20 -18.74
C4 NAG CA . -30.19 -40.40 -20.20
C5 NAG CA . -28.96 -40.37 -21.10
C6 NAG CA . -29.34 -40.50 -22.57
C7 NAG CA . -28.65 -37.97 -16.40
C8 NAG CA . -27.50 -37.04 -16.10
N2 NAG CA . -28.37 -38.98 -17.22
O3 NAG CA . -31.01 -40.00 -17.97
O4 NAG CA . -30.86 -41.66 -20.36
O5 NAG CA . -28.26 -39.15 -20.89
O6 NAG CA . -29.88 -41.80 -22.82
O7 NAG CA . -29.76 -37.79 -15.93
C1 NAG DA . -26.65 -21.81 -29.11
C2 NAG DA . -26.17 -22.98 -29.95
C3 NAG DA . -25.61 -22.54 -31.31
C4 NAG DA . -26.49 -21.48 -31.97
C5 NAG DA . -26.87 -20.39 -30.99
C6 NAG DA . -27.78 -19.36 -31.63
C7 NAG DA . -25.28 -24.98 -28.89
C8 NAG DA . -24.07 -25.84 -29.11
N2 NAG DA . -25.14 -23.70 -29.23
O3 NAG DA . -25.53 -23.69 -32.17
O4 NAG DA . -25.73 -20.90 -33.02
O5 NAG DA . -27.53 -20.97 -29.86
O6 NAG DA . -28.94 -20.02 -32.16
O7 NAG DA . -26.32 -25.43 -28.45
C1 NAG DA . -26.36 -21.24 -34.27
C2 NAG DA . -26.05 -20.18 -35.31
C3 NAG DA . -26.72 -20.51 -36.64
C4 NAG DA . -26.47 -21.96 -37.04
C5 NAG DA . -26.74 -22.91 -35.87
C6 NAG DA . -26.39 -24.34 -36.25
C7 NAG DA . -25.65 -17.96 -34.42
C8 NAG DA . -25.47 -16.77 -35.31
N2 NAG DA . -26.51 -18.89 -34.85
O3 NAG DA . -26.22 -19.65 -37.66
O4 NAG DA . -27.33 -22.31 -38.13
O5 NAG DA . -25.95 -22.51 -34.75
O6 NAG DA . -27.53 -24.95 -36.89
O7 NAG DA . -25.05 -18.08 -33.36
C1 NAG EA . -53.97 3.09 -19.02
C2 NAG EA . -54.04 2.64 -20.48
C3 NAG EA . -55.43 2.21 -20.96
C4 NAG EA . -56.22 1.44 -19.90
C5 NAG EA . -56.13 2.20 -18.58
C6 NAG EA . -56.94 1.50 -17.49
C7 NAG EA . -52.89 3.51 -22.44
C8 NAG EA . -52.15 4.69 -22.98
N2 NAG EA . -53.56 3.72 -21.31
O3 NAG EA . -55.29 1.40 -22.13
O4 NAG EA . -57.60 1.38 -20.31
O5 NAG EA . -54.76 2.24 -18.20
O6 NAG EA . -56.53 0.14 -17.36
O7 NAG EA . -52.88 2.42 -22.99
C1 NAG EA . -57.90 0.01 -20.65
C2 NAG EA . -59.36 -0.29 -20.36
C3 NAG EA . -59.69 -1.73 -20.71
C4 NAG EA . -59.19 -2.09 -22.10
C5 NAG EA . -57.73 -1.66 -22.29
C6 NAG EA . -57.27 -1.94 -23.72
C7 NAG EA . -60.36 1.03 -18.60
C8 NAG EA . -61.61 0.74 -17.83
N2 NAG EA . -59.65 -0.04 -18.97
O3 NAG EA . -61.11 -1.92 -20.65
O4 NAG EA . -59.30 -3.50 -22.30
O5 NAG EA . -57.60 -0.27 -22.01
O6 NAG EA . -57.20 -3.35 -23.93
O7 NAG EA . -60.01 2.17 -18.86
C1 NAG FA . -49.72 -3.46 6.16
C2 NAG FA . -50.82 -4.45 5.77
C3 NAG FA . -51.08 -5.47 6.88
C4 NAG FA . -49.80 -6.06 7.45
C5 NAG FA . -48.75 -4.98 7.70
C6 NAG FA . -47.42 -5.57 8.14
C7 NAG FA . -52.34 -3.35 4.23
C8 NAG FA . -53.52 -2.43 4.11
N2 NAG FA . -52.04 -3.73 5.47
O3 NAG FA . -51.88 -6.53 6.35
O4 NAG FA . -50.11 -6.68 8.70
O5 NAG FA . -48.56 -4.21 6.51
O6 NAG FA . -46.96 -6.49 7.14
O7 NAG FA . -51.70 -3.71 3.26
C1 NAG FA . -49.89 -8.09 8.59
C2 NAG FA . -49.44 -8.65 9.93
C3 NAG FA . -49.26 -10.16 9.86
C4 NAG FA . -50.45 -10.83 9.19
C5 NAG FA . -50.81 -10.14 7.88
C6 NAG FA . -52.03 -10.77 7.24
C7 NAG FA . -48.16 -7.00 11.18
C8 NAG FA . -46.86 -6.78 11.88
N2 NAG FA . -48.19 -8.03 10.34
O3 NAG FA . -49.11 -10.68 11.19
O4 NAG FA . -50.14 -12.21 8.93
O5 NAG FA . -51.07 -8.77 8.14
O6 NAG FA . -51.74 -12.13 6.90
O7 NAG FA . -49.13 -6.27 11.35
C1 NAG GA . -50.17 27.61 -42.62
C2 NAG GA . -50.19 26.58 -43.76
C3 NAG GA . -48.89 26.51 -44.55
C4 NAG GA . -48.32 27.90 -44.87
C5 NAG GA . -48.32 28.74 -43.60
C6 NAG GA . -47.75 30.13 -43.83
C7 NAG GA . -51.72 24.79 -43.16
C8 NAG GA . -51.90 23.58 -42.31
N2 NAG GA . -50.48 25.27 -43.21
O3 NAG GA . -49.12 25.82 -45.78
O4 NAG GA . -46.98 27.73 -45.34
O5 NAG GA . -49.66 28.85 -43.13
O6 NAG GA . -48.48 30.78 -44.89
O7 NAG GA . -52.63 25.30 -43.78
C1 NAG GA . -46.82 28.39 -46.59
C2 NAG GA . -45.35 28.77 -46.77
C3 NAG GA . -45.13 29.48 -48.10
C4 NAG GA . -45.77 28.71 -49.25
C5 NAG GA . -47.20 28.31 -48.92
C6 NAG GA . -47.81 27.45 -50.03
C7 NAG GA . -44.09 29.14 -44.74
C8 NAG GA . -44.32 29.68 -43.36
N2 NAG GA . -44.91 29.60 -45.68
O3 NAG GA . -43.73 29.63 -48.33
O4 NAG GA . -45.76 29.52 -50.43
O5 NAG GA . -47.23 27.58 -47.69
O6 NAG GA . -47.72 28.16 -51.27
O7 NAG GA . -43.21 28.33 -44.98
C1 NAG HA . 42.94 2.57 -51.73
C2 NAG HA . 43.52 1.18 -51.97
C3 NAG HA . 44.84 1.01 -51.22
C4 NAG HA . 45.76 2.20 -51.44
C5 NAG HA . 45.03 3.52 -51.21
C6 NAG HA . 45.92 4.71 -51.49
C7 NAG HA . 41.89 -0.55 -52.42
C8 NAG HA . 40.42 -0.65 -52.16
N2 NAG HA . 42.58 0.16 -51.54
O3 NAG HA . 45.49 -0.18 -51.68
O4 NAG HA . 46.87 2.12 -50.53
O5 NAG HA . 43.89 3.57 -52.07
O6 NAG HA . 45.97 5.55 -50.33
O7 NAG HA . 42.42 -1.08 -53.38
C1 NAG IA . 52.08 -3.92 -19.69
C2 NAG IA . 51.97 -2.41 -19.84
C3 NAG IA . 52.69 -1.70 -18.70
C4 NAG IA . 52.27 -2.27 -17.36
C5 NAG IA . 52.37 -3.79 -17.35
C6 NAG IA . 51.89 -4.37 -16.03
C7 NAG IA . 51.81 -1.27 -21.97
C8 NAG IA . 52.29 -1.26 -23.39
N2 NAG IA . 52.52 -1.99 -21.12
O3 NAG IA . 52.38 -0.29 -18.75
O4 NAG IA . 53.10 -1.73 -16.33
O5 NAG IA . 51.59 -4.33 -18.42
O6 NAG IA . 52.56 -3.71 -14.94
O7 NAG IA . 50.81 -0.65 -21.63
C1 NAG JA . 26.75 32.16 9.62
C2 NAG JA . 26.48 32.90 8.31
C3 NAG JA . 24.99 33.00 8.03
C4 NAG JA . 24.31 31.64 8.20
C5 NAG JA . 24.70 31.00 9.52
C6 NAG JA . 24.08 29.61 9.67
C7 NAG JA . 28.12 34.54 7.61
C8 NAG JA . 29.30 35.07 8.36
N2 NAG JA . 27.06 34.23 8.35
O3 NAG JA . 24.79 33.46 6.69
O4 NAG JA . 22.89 31.80 8.13
O5 NAG JA . 26.11 30.88 9.60
O6 NAG JA . 22.65 29.73 9.59
O7 NAG JA . 28.11 34.41 6.40
C1 NAG KA . -25.02 52.02 -19.61
C2 NAG KA . -23.71 52.21 -20.36
C3 NAG KA . -23.72 53.56 -21.06
C4 NAG KA . -24.96 53.68 -21.95
C5 NAG KA . -26.23 53.33 -21.17
C6 NAG KA . -27.44 53.33 -22.10
C7 NAG KA . -22.40 52.93 -18.44
C8 NAG KA . -21.41 54.03 -18.67
N2 NAG KA . -22.58 52.09 -19.47
O3 NAG KA . -22.54 53.69 -21.87
O4 NAG KA . -25.06 55.02 -22.45
O5 NAG KA . -26.10 52.06 -20.54
O6 NAG KA . -27.54 52.07 -22.78
O7 NAG KA . -23.01 52.80 -17.40
C1 NAG LA . -63.77 49.04 -12.81
C2 NAG LA . -62.83 49.52 -11.71
C3 NAG LA . -62.77 48.54 -10.54
C4 NAG LA . -64.17 48.10 -10.12
C5 NAG LA . -64.97 47.65 -11.32
C6 NAG LA . -66.38 47.23 -10.91
C7 NAG LA . -60.91 50.91 -12.25
C8 NAG LA . -59.82 51.08 -13.26
N2 NAG LA . -61.49 49.72 -12.22
O3 NAG LA . -62.11 49.16 -9.44
O4 NAG LA . -64.06 47.02 -9.18
O5 NAG LA . -65.05 48.72 -12.25
O6 NAG LA . -66.31 46.23 -9.89
O7 NAG LA . -61.25 51.81 -11.49
C1 PAM MA . 26.33 -22.11 -29.29
O1 PAM MA . 25.83 -21.24 -28.53
O2 PAM MA . 25.83 -22.31 -30.43
C2 PAM MA . 27.54 -22.92 -28.82
C3 PAM MA . 28.13 -22.30 -27.56
C4 PAM MA . 28.35 -23.39 -26.51
C5 PAM MA . 28.82 -24.66 -27.20
C6 PAM MA . 30.03 -24.35 -28.07
C7 PAM MA . 30.72 -25.66 -28.45
C8 PAM MA . 32.01 -25.37 -29.20
C9 PAM MA . 33.10 -24.92 -28.23
C10 PAM MA . 33.97 -23.81 -28.82
C11 PAM MA . 34.35 -24.07 -30.28
C12 PAM MA . 35.75 -23.50 -30.54
C13 PAM MA . 35.88 -23.16 -32.02
C14 PAM MA . 37.22 -22.48 -32.28
C15 PAM MA . 38.36 -23.45 -31.98
C16 PAM MA . 39.39 -23.38 -33.10
C1 PAM NA . 7.07 17.73 -17.28
O1 PAM NA . 7.26 16.53 -17.60
O2 PAM NA . 6.93 18.61 -18.17
C2 PAM NA . 7.00 18.11 -15.80
C3 PAM NA . 7.91 17.21 -14.99
C4 PAM NA . 8.10 17.82 -13.60
C5 PAM NA . 8.72 19.20 -13.76
C6 PAM NA . 10.19 19.13 -13.36
C7 PAM NA . 10.85 20.48 -13.64
C8 PAM NA . 10.08 21.57 -12.90
C9 PAM NA . 10.87 22.87 -12.98
C10 PAM NA . 11.29 23.39 -11.60
C11 PAM NA . 11.85 22.29 -10.70
C12 PAM NA . 12.96 22.87 -9.84
C13 PAM NA . 13.95 21.76 -9.50
C14 PAM NA . 15.26 22.36 -9.00
C15 PAM NA . 16.43 21.67 -9.68
C16 PAM NA . 17.71 21.94 -8.90
C1 NAG OA . 24.92 28.95 55.38
C2 NAG OA . 26.44 29.02 55.28
C3 NAG OA . 27.08 27.81 55.94
C4 NAG OA . 26.48 27.53 57.31
C5 NAG OA . 24.96 27.56 57.26
C6 NAG OA . 24.36 27.36 58.65
C7 NAG OA . 27.28 30.21 53.34
C8 NAG OA . 26.67 30.60 52.03
N2 NAG OA . 26.84 29.08 53.89
O3 NAG OA . 28.48 28.02 56.06
O4 NAG OA . 26.93 26.26 57.79
O5 NAG OA . 24.53 28.81 56.73
O6 NAG OA . 23.46 26.24 58.62
O7 NAG OA . 28.14 30.90 53.87
C1 NAG PA . 30.02 -3.52 46.92
C2 NAG PA . 28.67 -3.43 47.61
C3 NAG PA . 28.20 -4.81 48.06
C4 NAG PA . 28.31 -5.81 46.93
C5 NAG PA . 29.70 -5.77 46.30
C6 NAG PA . 29.79 -6.73 45.12
C7 NAG PA . 27.91 -1.50 48.85
C8 NAG PA . 28.33 -0.41 49.79
N2 NAG PA . 28.75 -2.52 48.74
O3 NAG PA . 26.84 -4.72 48.50
O4 NAG PA . 28.07 -7.13 47.44
O5 NAG PA . 29.97 -4.44 45.84
O6 NAG PA . 29.36 -8.04 45.53
O7 NAG PA . 26.86 -1.44 48.22
C1 NAG QA . -17.52 -21.82 32.55
C2 NAG QA . -18.10 -20.57 33.19
C3 NAG QA . -18.82 -19.70 32.17
C4 NAG QA . -17.96 -19.49 30.94
C5 NAG QA . -17.42 -20.81 30.41
C6 NAG QA . -16.50 -20.60 29.21
C7 NAG QA . -18.69 -20.71 35.54
C8 NAG QA . -18.73 -21.92 36.42
N2 NAG QA . -19.01 -20.93 34.26
O3 NAG QA . -19.13 -18.44 32.76
O4 NAG QA . -18.73 -18.86 29.92
O5 NAG QA . -16.69 -21.47 31.45
O6 NAG QA . -17.24 -19.94 28.16
O7 NAG QA . -18.40 -19.60 35.95
C1 NAG RA . -54.16 24.97 12.63
C2 NAG RA . -53.62 25.11 14.05
C3 NAG RA . -54.70 25.67 14.96
C4 NAG RA . -55.23 26.97 14.38
C5 NAG RA . -55.62 26.81 12.91
C6 NAG RA . -56.03 28.16 12.33
C7 NAG RA . -53.93 22.78 14.67
C8 NAG RA . -54.42 22.49 16.06
N2 NAG RA . -53.13 23.83 14.54
O3 NAG RA . -54.16 25.89 16.26
O4 NAG RA . -56.39 27.38 15.14
O5 NAG RA . -54.54 26.26 12.16
O6 NAG RA . -54.87 28.89 11.92
O7 NAG RA . -54.26 22.09 13.72
C1 NAG SA . -70.16 35.09 -21.99
C2 NAG SA . -70.31 33.66 -21.45
C3 NAG SA . -69.60 32.64 -22.33
C4 NAG SA . -69.91 32.86 -23.80
C5 NAG SA . -69.70 34.32 -24.19
C6 NAG SA . -70.04 34.56 -25.65
C7 NAG SA . -70.59 33.27 -19.07
C8 NAG SA . -70.08 33.72 -17.73
N2 NAG SA . -69.80 33.56 -20.10
O3 NAG SA . -70.00 31.32 -21.95
O4 NAG SA . -69.05 32.03 -24.60
O5 NAG SA . -70.53 35.13 -23.37
O6 NAG SA . -69.28 33.67 -26.47
O7 NAG SA . -71.64 32.67 -19.20
C1 PAM TA . 35.72 17.00 21.77
O1 PAM TA . 34.62 16.47 21.50
O2 PAM TA . 35.84 18.25 21.74
C2 PAM TA . 36.91 16.14 22.15
C3 PAM TA . 36.45 14.71 22.41
C4 PAM TA . 37.35 13.73 21.67
C5 PAM TA . 38.79 14.23 21.71
C6 PAM TA . 39.19 14.50 23.15
C7 PAM TA . 40.71 14.63 23.23
C8 PAM TA . 41.15 14.78 24.67
C9 PAM TA . 41.10 13.41 25.36
C10 PAM TA . 40.62 13.52 26.81
C11 PAM TA . 41.24 14.69 27.56
C12 PAM TA . 41.40 14.31 29.03
C13 PAM TA . 41.39 15.59 29.88
C14 PAM TA . 41.44 15.22 31.36
C15 PAM TA . 42.77 14.54 31.68
C16 PAM TA . 43.33 15.13 32.97
C1 PAM UA . -9.81 11.65 20.76
O1 PAM UA . -8.62 11.94 20.47
O2 PAM UA . -10.51 12.46 21.41
C2 PAM UA . -10.39 10.31 20.31
C3 PAM UA . -9.30 9.25 20.27
C4 PAM UA . -9.96 7.88 20.17
C5 PAM UA . -10.86 7.68 21.37
C6 PAM UA . -10.20 6.72 22.35
C7 PAM UA . -11.04 6.61 23.62
C8 PAM UA . -12.46 6.19 23.23
C9 PAM UA . -13.23 5.85 24.50
C10 PAM UA . -13.69 4.40 24.54
C11 PAM UA . -12.61 3.41 24.10
C12 PAM UA . -12.74 2.13 24.92
C13 PAM UA . -11.37 1.48 25.03
C14 PAM UA . -11.37 0.45 26.16
C15 PAM UA . -10.13 0.62 27.02
C16 PAM UA . -9.91 -0.64 27.85
C1 NAG VA . -22.30 -62.40 11.62
C2 NAG VA . -21.65 -62.94 12.88
C3 NAG VA . -20.40 -63.73 12.55
C4 NAG VA . -20.64 -64.72 11.42
C5 NAG VA . -21.34 -64.04 10.25
C6 NAG VA . -21.64 -65.03 9.14
C7 NAG VA . -22.03 -61.60 14.88
C8 NAG VA . -22.46 -60.19 15.09
N2 NAG VA . -21.32 -61.84 13.78
O3 NAG VA . -19.97 -64.44 13.72
O4 NAG VA . -19.38 -65.25 10.98
O5 NAG VA . -22.55 -63.46 10.71
O6 NAG VA . -21.06 -64.57 7.91
O7 NAG VA . -22.32 -62.49 15.66
C1 NAG WA . 9.79 -54.83 3.57
C2 NAG WA . 9.00 -54.90 2.28
C3 NAG WA . 9.93 -55.03 1.07
C4 NAG WA . 11.03 -53.99 1.14
C5 NAG WA . 11.71 -53.99 2.50
C6 NAG WA . 12.78 -52.90 2.58
C7 NAG WA . 6.77 -55.83 2.11
C8 NAG WA . 5.87 -56.94 2.58
N2 NAG WA . 8.07 -56.01 2.32
O3 NAG WA . 9.16 -54.87 -0.13
O4 NAG WA . 11.99 -54.27 0.12
O5 NAG WA . 10.74 -53.77 3.51
O6 NAG WA . 13.66 -53.02 1.45
O7 NAG WA . 6.34 -54.84 1.56
C1 NAG XA . 6.39 -20.91 -36.94
C2 NAG XA . 4.93 -21.34 -37.05
C3 NAG XA . 3.99 -20.16 -36.80
C4 NAG XA . 4.38 -19.42 -35.53
C5 NAG XA . 5.86 -19.08 -35.54
C6 NAG XA . 6.27 -18.39 -34.24
C7 NAG XA . 4.44 -23.21 -38.50
C8 NAG XA . 5.35 -23.93 -39.45
N2 NAG XA . 4.68 -21.92 -38.35
O3 NAG XA . 2.65 -20.66 -36.67
O4 NAG XA . 3.62 -18.21 -35.44
O5 NAG XA . 6.63 -20.28 -35.67
O6 NAG XA . 5.51 -17.17 -34.10
O7 NAG XA . 3.54 -23.78 -37.90
C1 NAG YA . -48.42 9.47 -35.80
C2 NAG YA . -48.50 7.96 -35.87
C3 NAG YA . -49.62 7.54 -36.82
C4 NAG YA . -50.92 8.21 -36.39
C5 NAG YA . -50.75 9.71 -36.19
C6 NAG YA . -52.02 10.34 -35.65
C7 NAG YA . -46.69 7.67 -37.47
C8 NAG YA . -46.87 6.62 -38.52
N2 NAG YA . -47.23 7.39 -36.29
O3 NAG YA . -49.77 6.12 -36.79
O4 NAG YA . -51.92 7.98 -37.40
O5 NAG YA . -49.66 9.98 -35.31
O6 NAG YA . -52.08 10.18 -34.23
O7 NAG YA . -46.08 8.71 -37.67
C1 NAG ZA . -59.45 46.92 -30.02
C2 NAG ZA . -58.35 46.58 -31.03
C3 NAG ZA . -57.00 47.14 -30.60
C4 NAG ZA . -57.11 48.60 -30.17
C5 NAG ZA . -58.24 48.76 -29.16
C6 NAG ZA . -58.39 50.22 -28.74
C7 NAG ZA . -58.47 44.55 -32.37
C8 NAG ZA . -58.84 43.10 -32.29
N2 NAG ZA . -58.22 45.15 -31.20
O3 NAG ZA . -56.08 47.05 -31.70
O4 NAG ZA . -55.88 49.01 -29.56
O5 NAG ZA . -59.45 48.32 -29.76
O6 NAG ZA . -57.14 50.69 -28.24
O7 NAG ZA . -58.42 45.15 -33.42
C1 PAM AB . -1.93 -35.65 27.67
O1 PAM AB . -1.92 -34.90 26.65
O2 PAM AB . -2.96 -35.74 28.37
C2 PAM AB . -0.68 -36.43 28.05
C3 PAM AB . 0.33 -36.38 26.90
C4 PAM AB . 1.70 -36.03 27.44
C5 PAM AB . 1.91 -36.68 28.80
C6 PAM AB . 1.64 -38.19 28.68
C7 PAM AB . 2.21 -38.88 29.90
C8 PAM AB . 2.07 -40.39 29.75
C9 PAM AB . 3.14 -40.91 28.79
C10 PAM AB . 2.63 -42.03 27.90
C11 PAM AB . 1.76 -43.04 28.65
C12 PAM AB . 1.94 -44.42 28.02
C13 PAM AB . 0.70 -45.26 28.28
C14 PAM AB . 0.83 -46.60 27.56
C15 PAM AB . 1.98 -47.40 28.16
C16 PAM AB . 1.53 -48.85 28.38
C1 PAM BB . -17.76 -15.49 -10.35
O1 PAM BB . -17.43 -15.74 -9.17
O2 PAM BB . -18.89 -15.84 -10.78
C2 PAM BB . -16.79 -14.76 -11.28
C3 PAM BB . -15.36 -15.11 -10.90
C4 PAM BB . -14.44 -14.66 -12.03
C5 PAM BB . -14.85 -15.36 -13.31
C6 PAM BB . -13.83 -16.47 -13.63
C7 PAM BB . -14.32 -17.26 -14.84
C8 PAM BB . -14.54 -16.30 -16.00
C9 PAM BB . -14.78 -17.11 -17.27
C10 PAM BB . -13.72 -16.86 -18.34
C11 PAM BB . -12.30 -16.85 -17.79
C12 PAM BB . -11.35 -17.45 -18.81
C13 PAM BB . -10.17 -18.09 -18.08
C14 PAM BB . -9.44 -19.05 -19.02
C15 PAM BB . -9.15 -20.36 -18.30
C16 PAM BB . -8.07 -21.12 -19.04
#